data_8AR8
#
_entry.id   8AR8
#
_cell.length_a   87.51
_cell.length_b   92.03
_cell.length_c   119.57
_cell.angle_alpha   99.35
_cell.angle_beta   106.73
_cell.angle_gamma   109.73
#
_symmetry.space_group_name_H-M   'P 1'
#
loop_
_entity.id
_entity.type
_entity.pdbx_description
1 polymer 'Glutamate dehydrogenase (NAD(P)(+))'
2 non-polymer "ADENOSINE-5'-DIPHOSPHATE"
3 water water
#
_entity_poly.entity_id   1
_entity_poly.type   'polypeptide(L)'
_entity_poly.pdbx_seq_one_letter_code
;MYRCLGEALLLSRIGPAALGSVAADSAVLLGRARGQAAAAVAAPQPGLVPPARRHYSEAAADREDDPNFFKMVEGFFDRG
ASIVEDKLVEDLKTRETEEQKRNRVRGILRIIKPCNHVLSLSFPIRRDDGSWEVIEGYRAQHSQHRTPCKGGIRYSTDVS
VDEVKALASLMTYKCAVVDVPFGGAKAGVKINPKNYTDNELEKITRRFTMELAKKGFIGPGVDVPAPDMSTGEREMSWIA
DTYASTIGHYDINAHACVTGKPISQGGIHGRISATGRGVFHGIENFINEASYMSILGMTPGFGDKTFAVQGFGNVGLHSM
RYLHRFGAKCVAVGESDGSIWNPDGIDPKELEDFKLQHGTILGFPKAKIYEGSILEVDCDILIPAASEKQLTKSNAPRVK
AKIIAEGANGPTTPEADKIFLERNIMVIPDLYLNAGGVTVSYFEWLKNLNHVSYGRLTFKYERDSNYHLLMSVQESLERK
FGKHGGTIPIVPTAEFQDRISGASEKDIVHSGLAYTMERSARQIMRTAMKYNLGLDLRTAAYVNAIEKVFRVYNEAGVTF
T
;
_entity_poly.pdbx_strand_id   A,B,C,D,E,F
#
loop_
_chem_comp.id
_chem_comp.type
_chem_comp.name
_chem_comp.formula
ADP non-polymer ADENOSINE-5'-DIPHOSPHATE 'C10 H15 N5 O10 P2'
#
# COMPACT_ATOMS: atom_id res chain seq x y z
N GLU A 64 5.35 -35.15 19.60
CA GLU A 64 4.57 -34.10 18.96
C GLU A 64 3.94 -34.56 17.62
N ASP A 65 4.33 -35.74 17.08
CA ASP A 65 3.74 -36.31 15.86
C ASP A 65 2.60 -37.30 16.19
N ASP A 66 2.54 -37.79 17.45
CA ASP A 66 1.58 -38.77 18.00
C ASP A 66 0.14 -38.26 18.03
N PRO A 67 -0.79 -38.99 17.40
CA PRO A 67 -2.21 -38.60 17.45
C PRO A 67 -2.80 -38.58 18.85
N ASN A 68 -2.28 -39.42 19.76
CA ASN A 68 -2.75 -39.45 21.15
C ASN A 68 -2.35 -38.17 21.89
N PHE A 69 -1.24 -37.53 21.50
CA PHE A 69 -0.84 -36.25 22.09
C PHE A 69 -1.83 -35.13 21.67
N PHE A 70 -2.39 -35.21 20.46
CA PHE A 70 -3.35 -34.21 19.99
C PHE A 70 -4.65 -34.32 20.76
N LYS A 71 -5.11 -35.56 21.02
CA LYS A 71 -6.29 -35.82 21.82
C LYS A 71 -6.10 -35.30 23.25
N MET A 72 -4.86 -35.43 23.78
CA MET A 72 -4.47 -34.95 25.09
C MET A 72 -4.67 -33.46 25.19
N VAL A 73 -4.14 -32.67 24.23
CA VAL A 73 -4.25 -31.21 24.23
C VAL A 73 -5.71 -30.79 24.17
N GLU A 74 -6.52 -31.48 23.38
CA GLU A 74 -7.95 -31.21 23.26
C GLU A 74 -8.65 -31.47 24.61
N GLY A 75 -8.28 -32.56 25.27
CA GLY A 75 -8.81 -32.93 26.57
C GLY A 75 -8.42 -31.95 27.66
N PHE A 76 -7.21 -31.39 27.58
CA PHE A 76 -6.75 -30.40 28.56
C PHE A 76 -7.56 -29.13 28.42
N PHE A 77 -7.88 -28.73 27.17
CA PHE A 77 -8.72 -27.56 26.95
C PHE A 77 -10.13 -27.82 27.50
N ASP A 78 -10.75 -28.96 27.15
CA ASP A 78 -12.10 -29.30 27.60
C ASP A 78 -12.20 -29.29 29.12
N ARG A 79 -11.18 -29.83 29.81
CA ARG A 79 -11.14 -29.88 31.25
C ARG A 79 -11.07 -28.45 31.83
N GLY A 80 -10.17 -27.63 31.30
CA GLY A 80 -10.00 -26.26 31.75
C GLY A 80 -11.19 -25.36 31.48
N ALA A 81 -11.82 -25.52 30.31
CA ALA A 81 -12.99 -24.73 29.90
C ALA A 81 -14.20 -25.00 30.77
N SER A 82 -14.38 -26.26 31.22
CA SER A 82 -15.51 -26.58 32.08
C SER A 82 -15.33 -26.03 33.51
N ILE A 83 -14.08 -25.87 33.95
CA ILE A 83 -13.76 -25.36 35.28
C ILE A 83 -13.96 -23.83 35.33
N VAL A 84 -13.51 -23.10 34.28
CA VAL A 84 -13.63 -21.65 34.25
C VAL A 84 -15.06 -21.18 33.99
N GLU A 85 -15.84 -21.97 33.23
CA GLU A 85 -17.21 -21.63 32.80
C GLU A 85 -18.08 -21.05 33.93
N ASP A 86 -18.15 -21.72 35.08
CA ASP A 86 -18.99 -21.27 36.19
C ASP A 86 -18.52 -19.95 36.79
N LYS A 87 -17.20 -19.75 36.91
CA LYS A 87 -16.67 -18.51 37.48
C LYS A 87 -16.72 -17.33 36.49
N LEU A 88 -16.71 -17.61 35.17
CA LEU A 88 -16.73 -16.55 34.16
C LEU A 88 -18.09 -15.84 34.09
N VAL A 89 -19.19 -16.58 34.30
CA VAL A 89 -20.53 -15.99 34.24
C VAL A 89 -20.73 -15.01 35.41
N GLU A 90 -20.17 -15.32 36.60
CA GLU A 90 -20.27 -14.46 37.78
C GLU A 90 -19.52 -13.15 37.56
N ASP A 91 -18.35 -13.20 36.92
CA ASP A 91 -17.54 -12.01 36.68
C ASP A 91 -18.06 -11.14 35.52
N LEU A 92 -19.08 -11.59 34.76
CA LEU A 92 -19.61 -10.79 33.67
C LEU A 92 -20.44 -9.62 34.22
N LYS A 93 -19.98 -8.39 34.00
CA LYS A 93 -20.69 -7.20 34.49
C LYS A 93 -21.54 -6.53 33.38
N THR A 94 -21.85 -7.25 32.29
CA THR A 94 -22.65 -6.69 31.20
C THR A 94 -24.15 -6.70 31.55
N ARG A 95 -24.93 -5.81 30.92
CA ARG A 95 -26.38 -5.76 31.19
C ARG A 95 -27.11 -6.78 30.32
N GLU A 96 -26.94 -8.05 30.67
CA GLU A 96 -27.57 -9.18 29.99
C GLU A 96 -28.29 -10.08 31.01
N THR A 97 -29.18 -10.96 30.52
CA THR A 97 -29.83 -11.93 31.38
C THR A 97 -28.81 -13.01 31.75
N GLU A 98 -29.04 -13.76 32.84
CA GLU A 98 -28.09 -14.80 33.27
C GLU A 98 -27.97 -15.93 32.23
N GLU A 99 -29.08 -16.23 31.51
CA GLU A 99 -29.06 -17.24 30.47
C GLU A 99 -28.20 -16.76 29.30
N GLN A 100 -28.37 -15.47 28.90
CA GLN A 100 -27.58 -14.87 27.82
C GLN A 100 -26.11 -14.67 28.21
N LYS A 101 -25.80 -14.59 29.52
CA LYS A 101 -24.44 -14.48 30.02
C LYS A 101 -23.72 -15.80 29.80
N ARG A 102 -24.41 -16.93 30.06
CA ARG A 102 -23.89 -18.28 29.86
C ARG A 102 -23.70 -18.58 28.37
N ASN A 103 -24.60 -18.05 27.52
CA ASN A 103 -24.47 -18.20 26.07
C ASN A 103 -23.21 -17.51 25.57
N ARG A 104 -22.86 -16.37 26.16
CA ARG A 104 -21.67 -15.60 25.79
C ARG A 104 -20.40 -16.35 26.19
N VAL A 105 -20.37 -16.90 27.42
CA VAL A 105 -19.23 -17.64 27.94
C VAL A 105 -19.00 -18.91 27.13
N ARG A 106 -20.04 -19.75 26.98
CA ARG A 106 -19.93 -20.99 26.22
C ARG A 106 -19.63 -20.72 24.75
N GLY A 107 -20.25 -19.68 24.21
CA GLY A 107 -20.02 -19.28 22.82
C GLY A 107 -18.59 -18.88 22.56
N ILE A 108 -17.99 -18.09 23.47
CA ILE A 108 -16.59 -17.66 23.33
C ILE A 108 -15.65 -18.86 23.51
N LEU A 109 -15.93 -19.76 24.46
CA LEU A 109 -15.10 -20.95 24.65
C LEU A 109 -15.16 -21.87 23.41
N ARG A 110 -16.31 -21.91 22.71
CA ARG A 110 -16.47 -22.68 21.48
C ARG A 110 -15.69 -22.07 20.31
N ILE A 111 -15.49 -20.75 20.31
CA ILE A 111 -14.71 -20.05 19.28
C ILE A 111 -13.22 -20.28 19.51
N ILE A 112 -12.78 -20.22 20.77
CA ILE A 112 -11.37 -20.39 21.15
C ILE A 112 -10.84 -21.78 20.80
N LYS A 113 -11.58 -22.84 21.12
CA LYS A 113 -11.13 -24.21 20.94
C LYS A 113 -10.58 -24.56 19.52
N PRO A 114 -11.32 -24.43 18.39
CA PRO A 114 -10.75 -24.84 17.10
C PRO A 114 -9.81 -23.81 16.47
N CYS A 115 -8.99 -24.26 15.53
CA CYS A 115 -8.10 -23.38 14.78
C CYS A 115 -8.94 -22.51 13.88
N ASN A 116 -8.66 -21.21 13.84
CA ASN A 116 -9.39 -20.30 12.99
C ASN A 116 -9.06 -20.53 11.51
N HIS A 117 -7.76 -20.71 11.19
CA HIS A 117 -7.33 -20.88 9.80
C HIS A 117 -6.30 -21.98 9.61
N VAL A 118 -6.45 -22.79 8.57
CA VAL A 118 -5.46 -23.81 8.21
C VAL A 118 -5.19 -23.67 6.73
N LEU A 119 -3.93 -23.50 6.33
CA LEU A 119 -3.59 -23.39 4.92
C LEU A 119 -2.83 -24.64 4.48
N SER A 120 -3.30 -25.31 3.42
CA SER A 120 -2.63 -26.47 2.83
C SER A 120 -2.00 -26.03 1.52
N LEU A 121 -0.75 -26.37 1.31
CA LEU A 121 0.02 -25.96 0.13
C LEU A 121 0.59 -27.13 -0.64
N SER A 122 0.72 -26.92 -1.95
CA SER A 122 1.36 -27.78 -2.91
C SER A 122 2.24 -26.87 -3.72
N PHE A 123 3.57 -27.04 -3.67
CA PHE A 123 4.45 -26.14 -4.40
C PHE A 123 5.60 -26.90 -5.07
N PRO A 124 6.00 -26.47 -6.29
CA PRO A 124 7.07 -27.17 -6.99
C PRO A 124 8.46 -26.78 -6.53
N ILE A 125 9.39 -27.72 -6.71
CA ILE A 125 10.80 -27.57 -6.40
C ILE A 125 11.60 -28.30 -7.47
N ARG A 126 12.65 -27.68 -8.01
CA ARG A 126 13.51 -28.35 -8.97
C ARG A 126 14.69 -28.91 -8.19
N ARG A 127 14.84 -30.23 -8.17
CA ARG A 127 15.95 -30.88 -7.47
C ARG A 127 17.29 -30.55 -8.13
N ASP A 128 18.40 -30.80 -7.43
CA ASP A 128 19.74 -30.54 -7.98
C ASP A 128 20.01 -31.42 -9.21
N ASP A 129 19.34 -32.57 -9.35
CA ASP A 129 19.52 -33.44 -10.53
C ASP A 129 18.68 -32.98 -11.76
N GLY A 130 17.83 -31.97 -11.59
CA GLY A 130 17.01 -31.45 -12.67
C GLY A 130 15.54 -31.82 -12.61
N SER A 131 15.23 -32.95 -11.94
CA SER A 131 13.86 -33.44 -11.84
C SER A 131 13.00 -32.55 -10.93
N TRP A 132 11.70 -32.46 -11.22
CA TRP A 132 10.78 -31.67 -10.40
C TRP A 132 10.14 -32.50 -9.30
N GLU A 133 9.80 -31.84 -8.20
CA GLU A 133 9.15 -32.50 -7.08
C GLU A 133 8.09 -31.59 -6.49
N VAL A 134 6.91 -32.14 -6.23
CA VAL A 134 5.83 -31.39 -5.64
C VAL A 134 5.90 -31.59 -4.13
N ILE A 135 6.07 -30.50 -3.38
CA ILE A 135 6.17 -30.54 -1.93
C ILE A 135 4.82 -30.16 -1.30
N GLU A 136 4.40 -30.93 -0.31
CA GLU A 136 3.15 -30.69 0.40
C GLU A 136 3.49 -30.07 1.77
N GLY A 137 2.79 -29.00 2.12
CA GLY A 137 3.01 -28.29 3.37
C GLY A 137 1.75 -27.71 3.96
N TYR A 138 1.76 -27.36 5.25
CA TYR A 138 0.58 -26.76 5.88
C TYR A 138 0.96 -25.81 6.99
N ARG A 139 0.10 -24.85 7.31
CA ARG A 139 0.29 -23.97 8.45
C ARG A 139 -1.04 -23.64 9.07
N ALA A 140 -1.20 -23.92 10.37
CA ALA A 140 -2.43 -23.61 11.07
C ALA A 140 -2.23 -22.44 12.00
N GLN A 141 -3.16 -21.52 12.02
CA GLN A 141 -3.19 -20.40 12.94
C GLN A 141 -4.37 -20.64 13.85
N HIS A 142 -4.10 -21.03 15.08
CA HIS A 142 -5.16 -21.37 16.03
C HIS A 142 -5.94 -20.14 16.46
N SER A 143 -5.24 -19.04 16.80
CA SER A 143 -5.94 -17.86 17.31
C SER A 143 -5.32 -16.54 16.83
N GLN A 144 -6.18 -15.53 16.65
CA GLN A 144 -5.77 -14.17 16.31
C GLN A 144 -6.20 -13.15 17.37
N HIS A 145 -6.64 -13.60 18.58
CA HIS A 145 -7.00 -12.69 19.68
C HIS A 145 -5.81 -11.73 20.00
N ARG A 146 -4.58 -12.22 19.75
CA ARG A 146 -3.30 -11.54 19.81
C ARG A 146 -2.63 -11.72 18.46
N THR A 147 -2.28 -10.64 17.79
CA THR A 147 -1.53 -10.74 16.53
C THR A 147 -0.15 -10.12 16.76
N PRO A 148 0.91 -10.67 16.13
CA PRO A 148 0.91 -11.78 15.16
C PRO A 148 0.74 -13.15 15.80
N CYS A 149 0.51 -14.17 14.96
CA CYS A 149 0.52 -15.56 15.44
C CYS A 149 2.01 -15.96 15.57
N LYS A 150 2.29 -17.02 16.31
CA LYS A 150 3.67 -17.45 16.56
C LYS A 150 3.73 -18.95 16.60
N GLY A 151 4.76 -19.54 16.01
CA GLY A 151 4.91 -20.99 16.01
C GLY A 151 5.94 -21.53 15.06
N GLY A 152 6.52 -22.66 15.43
CA GLY A 152 7.57 -23.30 14.67
C GLY A 152 7.16 -23.93 13.36
N ILE A 153 8.18 -24.37 12.60
CA ILE A 153 8.02 -25.05 11.32
C ILE A 153 8.73 -26.38 11.42
N ARG A 154 8.02 -27.47 11.17
CA ARG A 154 8.62 -28.80 11.21
C ARG A 154 8.83 -29.35 9.81
N TYR A 155 10.01 -29.88 9.53
CA TYR A 155 10.28 -30.57 8.27
C TYR A 155 10.33 -32.04 8.58
N SER A 156 9.24 -32.76 8.33
CA SER A 156 9.16 -34.18 8.65
C SER A 156 8.14 -34.90 7.80
N THR A 157 8.41 -36.16 7.40
CA THR A 157 7.41 -36.93 6.66
C THR A 157 6.26 -37.39 7.59
N ASP A 158 6.43 -37.26 8.92
CA ASP A 158 5.42 -37.63 9.91
C ASP A 158 4.47 -36.47 10.26
N VAL A 159 4.57 -35.31 9.58
CA VAL A 159 3.66 -34.20 9.85
C VAL A 159 2.27 -34.49 9.25
N SER A 160 1.25 -33.83 9.79
CA SER A 160 -0.13 -33.95 9.35
C SER A 160 -0.91 -32.67 9.70
N VAL A 161 -2.09 -32.45 9.08
CA VAL A 161 -2.91 -31.28 9.37
C VAL A 161 -3.35 -31.30 10.85
N ASP A 162 -3.70 -32.49 11.37
CA ASP A 162 -4.10 -32.66 12.76
C ASP A 162 -2.98 -32.30 13.72
N GLU A 163 -1.71 -32.58 13.34
CA GLU A 163 -0.56 -32.24 14.17
C GLU A 163 -0.38 -30.75 14.26
N VAL A 164 -0.41 -30.11 13.12
CA VAL A 164 -0.23 -28.70 12.95
C VAL A 164 -1.38 -27.93 13.66
N LYS A 165 -2.61 -28.48 13.68
CA LYS A 165 -3.72 -27.86 14.37
C LYS A 165 -3.58 -27.98 15.89
N ALA A 166 -3.23 -29.17 16.39
CA ALA A 166 -3.09 -29.39 17.82
C ALA A 166 -1.91 -28.61 18.40
N LEU A 167 -0.76 -28.61 17.71
CA LEU A 167 0.41 -27.89 18.19
C LEU A 167 0.20 -26.36 18.11
N ALA A 168 -0.63 -25.87 17.18
CA ALA A 168 -0.97 -24.45 17.11
C ALA A 168 -1.81 -24.06 18.32
N SER A 169 -2.76 -24.94 18.73
CA SER A 169 -3.60 -24.66 19.87
C SER A 169 -2.73 -24.68 21.14
N LEU A 170 -1.81 -25.65 21.26
CA LEU A 170 -0.89 -25.74 22.39
C LEU A 170 -0.07 -24.45 22.53
N MET A 171 0.39 -23.89 21.40
CA MET A 171 1.17 -22.65 21.40
C MET A 171 0.32 -21.46 21.88
N THR A 172 -0.98 -21.42 21.54
CA THR A 172 -1.86 -20.33 22.01
C THR A 172 -1.87 -20.27 23.54
N TYR A 173 -2.06 -21.44 24.17
CA TYR A 173 -2.15 -21.54 25.62
C TYR A 173 -0.79 -21.37 26.26
N LYS A 174 0.29 -21.86 25.62
CA LYS A 174 1.64 -21.69 26.13
C LYS A 174 2.01 -20.21 26.19
N CYS A 175 1.71 -19.44 25.13
CA CYS A 175 1.99 -18.00 25.09
C CYS A 175 1.19 -17.24 26.15
N ALA A 176 -0.05 -17.64 26.38
CA ALA A 176 -0.90 -16.99 27.36
C ALA A 176 -0.36 -17.18 28.78
N VAL A 177 0.16 -18.38 29.15
CA VAL A 177 0.67 -18.57 30.51
C VAL A 177 1.92 -17.70 30.73
N VAL A 178 2.74 -17.46 29.70
CA VAL A 178 3.95 -16.64 29.90
C VAL A 178 3.77 -15.18 29.43
N ASP A 179 2.51 -14.72 29.27
CA ASP A 179 2.13 -13.36 28.89
C ASP A 179 2.84 -12.85 27.64
N VAL A 180 3.01 -13.75 26.67
CA VAL A 180 3.60 -13.44 25.37
C VAL A 180 2.42 -13.14 24.45
N PRO A 181 2.35 -11.89 23.92
CA PRO A 181 1.17 -11.45 23.16
C PRO A 181 1.02 -11.98 21.73
N PHE A 182 1.00 -13.30 21.58
CA PHE A 182 0.83 -13.92 20.28
C PHE A 182 -0.20 -15.01 20.31
N GLY A 183 -0.94 -15.13 19.23
CA GLY A 183 -1.81 -16.28 19.03
C GLY A 183 -0.92 -17.47 18.64
N GLY A 184 -1.45 -18.67 18.71
CA GLY A 184 -0.69 -19.88 18.37
C GLY A 184 -0.72 -20.22 16.90
N ALA A 185 0.36 -20.80 16.42
CA ALA A 185 0.49 -21.22 15.03
C ALA A 185 1.50 -22.36 14.91
N LYS A 186 1.40 -23.15 13.82
CA LYS A 186 2.34 -24.26 13.61
C LYS A 186 2.36 -24.64 12.14
N ALA A 187 3.56 -24.86 11.58
CA ALA A 187 3.69 -25.26 10.18
C ALA A 187 4.41 -26.61 10.07
N GLY A 188 4.14 -27.31 8.98
CA GLY A 188 4.76 -28.59 8.69
C GLY A 188 4.96 -28.77 7.20
N VAL A 189 6.15 -29.22 6.80
CA VAL A 189 6.44 -29.50 5.40
C VAL A 189 6.74 -30.98 5.33
N LYS A 190 5.96 -31.74 4.55
CA LYS A 190 6.07 -33.19 4.52
C LYS A 190 7.27 -33.69 3.70
N ILE A 191 8.49 -33.51 4.24
CA ILE A 191 9.75 -33.97 3.64
C ILE A 191 10.71 -34.47 4.72
N ASN A 192 11.60 -35.41 4.39
CA ASN A 192 12.64 -35.85 5.32
C ASN A 192 13.88 -35.07 4.96
N PRO A 193 14.30 -34.12 5.81
CA PRO A 193 15.46 -33.26 5.47
C PRO A 193 16.75 -34.00 5.15
N LYS A 194 16.93 -35.22 5.65
CA LYS A 194 18.13 -36.00 5.37
C LYS A 194 18.24 -36.37 3.88
N ASN A 195 17.11 -36.42 3.15
CA ASN A 195 17.11 -36.76 1.73
C ASN A 195 17.38 -35.56 0.80
N TYR A 196 17.71 -34.38 1.35
CA TYR A 196 17.91 -33.19 0.53
C TYR A 196 19.23 -32.52 0.79
N THR A 197 19.78 -31.89 -0.24
CA THR A 197 21.01 -31.11 -0.11
C THR A 197 20.67 -29.75 0.54
N ASP A 198 21.69 -28.99 0.97
CA ASP A 198 21.44 -27.66 1.54
C ASP A 198 20.79 -26.73 0.52
N ASN A 199 21.15 -26.88 -0.77
CA ASN A 199 20.61 -26.08 -1.86
C ASN A 199 19.13 -26.39 -2.05
N GLU A 200 18.74 -27.67 -1.98
CA GLU A 200 17.36 -28.10 -2.10
C GLU A 200 16.54 -27.66 -0.88
N LEU A 201 17.14 -27.72 0.33
CA LEU A 201 16.45 -27.27 1.55
C LEU A 201 16.22 -25.76 1.52
N GLU A 202 17.12 -25.00 0.88
CA GLU A 202 16.97 -23.56 0.72
C GLU A 202 15.84 -23.26 -0.24
N LYS A 203 15.78 -24.01 -1.36
CA LYS A 203 14.72 -23.86 -2.36
C LYS A 203 13.34 -24.13 -1.73
N ILE A 204 13.23 -25.20 -0.93
CA ILE A 204 11.99 -25.57 -0.26
C ILE A 204 11.58 -24.47 0.72
N THR A 205 12.53 -23.98 1.52
CA THR A 205 12.29 -22.95 2.52
C THR A 205 11.84 -21.62 1.90
N ARG A 206 12.53 -21.18 0.83
CA ARG A 206 12.21 -19.92 0.19
C ARG A 206 10.86 -19.99 -0.54
N ARG A 207 10.54 -21.10 -1.21
CA ARG A 207 9.26 -21.22 -1.90
C ARG A 207 8.11 -21.34 -0.91
N PHE A 208 8.31 -22.09 0.19
CA PHE A 208 7.29 -22.22 1.24
C PHE A 208 7.01 -20.85 1.85
N THR A 209 8.07 -20.05 2.08
CA THR A 209 7.93 -18.68 2.61
C THR A 209 7.07 -17.82 1.68
N MET A 210 7.30 -17.94 0.36
CA MET A 210 6.57 -17.18 -0.65
C MET A 210 5.08 -17.53 -0.66
N GLU A 211 4.75 -18.82 -0.56
CA GLU A 211 3.36 -19.26 -0.58
C GLU A 211 2.64 -18.87 0.70
N LEU A 212 3.34 -18.87 1.85
CA LEU A 212 2.73 -18.45 3.11
C LEU A 212 2.47 -16.94 3.08
N ALA A 213 3.44 -16.15 2.61
CA ALA A 213 3.35 -14.68 2.59
C ALA A 213 2.20 -14.18 1.72
N LYS A 214 1.97 -14.82 0.58
CA LYS A 214 0.90 -14.42 -0.33
C LYS A 214 -0.50 -14.68 0.26
N LYS A 215 -0.61 -15.54 1.28
CA LYS A 215 -1.88 -15.89 1.89
C LYS A 215 -2.02 -15.44 3.35
N GLY A 216 -1.16 -14.55 3.83
CA GLY A 216 -1.25 -14.07 5.21
C GLY A 216 -0.83 -15.09 6.26
N PHE A 217 0.14 -15.94 5.94
CA PHE A 217 0.62 -16.94 6.89
C PHE A 217 2.09 -16.71 7.30
N ILE A 218 2.63 -15.51 7.02
CA ILE A 218 3.93 -15.02 7.45
C ILE A 218 3.97 -13.50 7.24
N GLY A 219 4.43 -12.80 8.26
CA GLY A 219 4.57 -11.35 8.29
C GLY A 219 4.85 -10.89 9.70
N PRO A 220 5.60 -9.79 9.88
CA PRO A 220 5.93 -9.33 11.24
C PRO A 220 4.71 -9.02 12.13
N GLY A 221 3.62 -8.60 11.54
CA GLY A 221 2.40 -8.32 12.29
C GLY A 221 1.27 -9.31 12.03
N VAL A 222 1.55 -10.38 11.28
CA VAL A 222 0.54 -11.37 10.90
C VAL A 222 0.86 -12.76 11.51
N ASP A 223 2.05 -13.31 11.24
CA ASP A 223 2.44 -14.64 11.69
C ASP A 223 3.96 -14.72 11.66
N VAL A 224 4.57 -14.99 12.80
CA VAL A 224 6.01 -15.02 12.94
C VAL A 224 6.48 -16.45 13.24
N PRO A 225 6.95 -17.18 12.22
CA PRO A 225 7.39 -18.55 12.44
C PRO A 225 8.70 -18.65 13.24
N ALA A 226 9.11 -19.88 13.52
CA ALA A 226 10.31 -20.17 14.32
C ALA A 226 10.86 -21.55 13.96
N PRO A 227 12.09 -21.89 14.38
CA PRO A 227 12.61 -23.22 14.10
C PRO A 227 12.01 -24.28 15.04
N ASP A 228 12.37 -25.53 14.78
CA ASP A 228 11.94 -26.73 15.48
C ASP A 228 13.16 -27.60 15.72
N MET A 229 12.98 -28.85 16.21
CA MET A 229 14.10 -29.78 16.34
C MET A 229 14.57 -30.22 14.93
N SER A 230 13.65 -30.21 13.93
CA SER A 230 13.92 -30.60 12.55
C SER A 230 14.43 -29.43 11.69
N THR A 231 14.26 -28.18 12.14
CA THR A 231 14.73 -27.00 11.41
C THR A 231 15.71 -26.16 12.29
N GLY A 232 16.49 -25.29 11.67
CA GLY A 232 17.47 -24.49 12.40
C GLY A 232 17.55 -23.04 11.98
N GLU A 233 18.56 -22.32 12.50
CA GLU A 233 18.77 -20.89 12.26
C GLU A 233 19.08 -20.54 10.80
N ARG A 234 19.71 -21.44 10.02
CA ARG A 234 19.98 -21.15 8.61
C ARG A 234 18.67 -21.07 7.82
N GLU A 235 17.73 -21.97 8.12
CA GLU A 235 16.43 -21.95 7.45
C GLU A 235 15.63 -20.71 7.83
N MET A 236 15.74 -20.26 9.07
CA MET A 236 15.04 -19.05 9.53
C MET A 236 15.60 -17.82 8.83
N SER A 237 16.90 -17.80 8.60
CA SER A 237 17.59 -16.73 7.89
C SER A 237 17.09 -16.64 6.44
N TRP A 238 16.85 -17.79 5.78
CA TRP A 238 16.34 -17.85 4.42
C TRP A 238 14.91 -17.36 4.36
N ILE A 239 14.10 -17.65 5.40
CA ILE A 239 12.71 -17.19 5.47
C ILE A 239 12.70 -15.65 5.54
N ALA A 240 13.50 -15.06 6.46
CA ALA A 240 13.57 -13.61 6.62
C ALA A 240 14.10 -12.96 5.36
N ASP A 241 15.11 -13.57 4.72
CA ASP A 241 15.70 -13.01 3.53
C ASP A 241 14.73 -13.04 2.35
N THR A 242 13.93 -14.10 2.23
CA THR A 242 12.96 -14.23 1.15
C THR A 242 11.83 -13.24 1.35
N TYR A 243 11.33 -13.13 2.58
CA TYR A 243 10.25 -12.20 2.88
C TYR A 243 10.70 -10.75 2.65
N ALA A 244 11.86 -10.35 3.19
CA ALA A 244 12.35 -8.98 3.05
C ALA A 244 12.72 -8.61 1.60
N SER A 245 13.02 -9.60 0.74
CA SER A 245 13.39 -9.35 -0.64
C SER A 245 12.21 -9.23 -1.57
N THR A 246 11.09 -9.90 -1.25
CA THR A 246 9.96 -9.94 -2.17
C THR A 246 8.70 -9.21 -1.52
N ILE A 247 7.76 -9.93 -0.88
CA ILE A 247 6.50 -9.45 -0.33
C ILE A 247 6.68 -8.31 0.70
N GLY A 248 7.61 -8.46 1.62
CA GLY A 248 7.84 -7.44 2.65
C GLY A 248 8.97 -6.48 2.36
N HIS A 249 9.24 -6.19 1.07
CA HIS A 249 10.33 -5.29 0.71
C HIS A 249 10.10 -3.86 1.25
N TYR A 250 8.87 -3.38 1.25
CA TYR A 250 8.57 -2.03 1.70
C TYR A 250 8.34 -1.93 3.24
N ASP A 251 8.50 -3.04 3.98
CA ASP A 251 8.29 -3.09 5.42
C ASP A 251 9.59 -2.87 6.19
N ILE A 252 9.64 -1.80 7.02
CA ILE A 252 10.81 -1.51 7.85
C ILE A 252 11.08 -2.67 8.87
N ASN A 253 10.04 -3.42 9.23
CA ASN A 253 10.13 -4.53 10.17
C ASN A 253 10.13 -5.89 9.47
N ALA A 254 10.51 -5.96 8.20
CA ALA A 254 10.51 -7.23 7.45
C ALA A 254 11.32 -8.33 8.13
N HIS A 255 12.44 -7.99 8.79
CA HIS A 255 13.26 -9.02 9.45
C HIS A 255 12.62 -9.54 10.74
N ALA A 256 11.51 -8.95 11.21
CA ALA A 256 10.78 -9.49 12.36
C ALA A 256 9.72 -10.52 11.92
N CYS A 257 9.72 -10.95 10.63
CA CYS A 257 8.74 -11.91 10.15
C CYS A 257 9.00 -13.32 10.69
N VAL A 258 10.18 -13.60 11.28
CA VAL A 258 10.54 -14.93 11.78
C VAL A 258 11.56 -14.80 12.93
N THR A 259 11.56 -15.77 13.88
CA THR A 259 12.52 -15.78 14.98
C THR A 259 13.43 -17.04 14.84
N GLY A 260 14.40 -17.19 15.73
CA GLY A 260 15.39 -18.25 15.64
C GLY A 260 16.46 -17.94 14.62
N LYS A 261 16.61 -16.68 14.22
CA LYS A 261 17.57 -16.24 13.22
C LYS A 261 18.99 -16.19 13.79
N PRO A 262 20.01 -16.31 12.92
CA PRO A 262 21.40 -16.13 13.41
C PRO A 262 21.62 -14.68 13.87
N ILE A 263 22.62 -14.44 14.74
CA ILE A 263 22.91 -13.09 15.25
C ILE A 263 23.17 -12.10 14.09
N SER A 264 23.88 -12.54 13.04
CA SER A 264 24.17 -11.68 11.90
C SER A 264 22.92 -11.26 11.11
N GLN A 265 21.78 -11.93 11.33
CA GLN A 265 20.55 -11.63 10.60
C GLN A 265 19.45 -11.02 11.47
N GLY A 266 19.76 -10.59 12.68
CA GLY A 266 18.77 -10.02 13.59
C GLY A 266 18.37 -10.93 14.73
N GLY A 267 19.12 -11.99 14.95
CA GLY A 267 18.85 -12.93 16.04
C GLY A 267 19.16 -12.33 17.40
N ILE A 268 18.71 -12.99 18.46
CA ILE A 268 18.91 -12.47 19.80
C ILE A 268 19.93 -13.31 20.59
N HIS A 269 20.75 -12.64 21.41
CA HIS A 269 21.70 -13.31 22.27
C HIS A 269 20.95 -13.93 23.43
N GLY A 270 21.26 -15.18 23.74
CA GLY A 270 20.58 -15.90 24.81
C GLY A 270 19.49 -16.83 24.32
N ARG A 271 19.43 -17.08 23.02
CA ARG A 271 18.44 -17.95 22.40
C ARG A 271 18.79 -19.44 22.52
N ILE A 272 20.09 -19.81 22.39
CA ILE A 272 20.47 -21.21 22.42
C ILE A 272 20.21 -21.86 23.78
N SER A 273 20.40 -21.12 24.87
CA SER A 273 20.20 -21.67 26.20
C SER A 273 18.82 -21.33 26.80
N ALA A 274 17.93 -20.68 26.03
CA ALA A 274 16.61 -20.22 26.46
C ALA A 274 15.70 -21.32 27.03
N THR A 275 15.57 -22.48 26.34
CA THR A 275 14.67 -23.51 26.86
C THR A 275 15.22 -24.11 28.14
N GLY A 276 16.52 -24.43 28.16
CA GLY A 276 17.21 -24.97 29.32
C GLY A 276 17.14 -24.04 30.53
N ARG A 277 17.33 -22.73 30.31
CA ARG A 277 17.22 -21.74 31.38
C ARG A 277 15.81 -21.69 31.92
N GLY A 278 14.81 -21.72 31.04
CA GLY A 278 13.41 -21.71 31.44
C GLY A 278 13.04 -22.94 32.24
N VAL A 279 13.66 -24.09 31.94
CA VAL A 279 13.45 -25.33 32.67
C VAL A 279 14.01 -25.13 34.08
N PHE A 280 15.22 -24.54 34.21
CA PHE A 280 15.81 -24.25 35.51
C PHE A 280 14.91 -23.28 36.29
N HIS A 281 14.52 -22.17 35.66
CA HIS A 281 13.71 -21.11 36.29
C HIS A 281 12.33 -21.59 36.72
N GLY A 282 11.77 -22.52 35.99
CA GLY A 282 10.45 -23.06 36.32
C GLY A 282 10.53 -23.97 37.53
N ILE A 283 11.59 -24.78 37.60
CA ILE A 283 11.79 -25.66 38.74
C ILE A 283 12.08 -24.81 39.99
N GLU A 284 13.09 -23.91 39.93
CA GLU A 284 13.52 -23.02 41.01
C GLU A 284 12.37 -22.25 41.65
N ASN A 285 11.42 -21.76 40.84
CA ASN A 285 10.30 -20.99 41.38
C ASN A 285 9.40 -21.84 42.27
N PHE A 286 9.26 -23.14 41.96
CA PHE A 286 8.43 -24.02 42.78
C PHE A 286 9.28 -24.62 43.91
N ILE A 287 10.55 -24.95 43.65
CA ILE A 287 11.46 -25.55 44.62
C ILE A 287 11.84 -24.56 45.75
N ASN A 288 11.71 -23.25 45.53
CA ASN A 288 11.98 -22.26 46.58
C ASN A 288 10.66 -21.72 47.22
N GLU A 289 9.53 -22.36 46.94
CA GLU A 289 8.25 -22.04 47.55
C GLU A 289 8.01 -23.08 48.65
N ALA A 290 8.18 -22.67 49.92
CA ALA A 290 8.07 -23.56 51.07
C ALA A 290 6.68 -24.19 51.25
N SER A 291 5.63 -23.53 50.76
CA SER A 291 4.27 -24.07 50.87
C SER A 291 4.13 -25.34 50.04
N TYR A 292 4.61 -25.31 48.79
CA TYR A 292 4.54 -26.47 47.90
C TYR A 292 5.53 -27.55 48.32
N MET A 293 6.70 -27.14 48.84
CA MET A 293 7.72 -28.10 49.25
C MET A 293 7.34 -28.83 50.55
N SER A 294 6.60 -28.17 51.47
CA SER A 294 6.17 -28.84 52.70
C SER A 294 5.19 -29.98 52.37
N ILE A 295 4.33 -29.77 51.36
CA ILE A 295 3.37 -30.78 50.90
C ILE A 295 4.11 -32.01 50.32
N LEU A 296 5.26 -31.81 49.70
CA LEU A 296 6.05 -32.91 49.15
C LEU A 296 7.06 -33.51 50.17
N GLY A 297 7.07 -32.99 51.41
CA GLY A 297 7.95 -33.44 52.47
C GLY A 297 9.40 -33.04 52.28
N MET A 298 9.64 -31.94 51.53
CA MET A 298 11.00 -31.50 51.25
C MET A 298 11.28 -30.08 51.75
N THR A 299 12.56 -29.75 51.88
CA THR A 299 13.02 -28.42 52.26
C THR A 299 13.17 -27.56 50.99
N PRO A 300 12.97 -26.22 51.07
CA PRO A 300 13.14 -25.40 49.85
C PRO A 300 14.61 -25.31 49.42
N GLY A 301 14.83 -25.01 48.15
CA GLY A 301 16.18 -24.86 47.61
C GLY A 301 16.73 -26.08 46.90
N PHE A 302 17.78 -25.89 46.09
CA PHE A 302 18.44 -26.97 45.33
C PHE A 302 19.51 -27.73 46.14
N GLY A 303 19.89 -27.23 47.31
CA GLY A 303 20.87 -27.89 48.16
C GLY A 303 20.31 -29.18 48.73
N ASP A 304 21.14 -30.24 48.71
CA ASP A 304 20.78 -31.59 49.18
C ASP A 304 19.64 -32.21 48.35
N LYS A 305 19.49 -31.80 47.09
CA LYS A 305 18.49 -32.35 46.19
C LYS A 305 19.16 -33.24 45.16
N THR A 306 18.48 -34.30 44.74
CA THR A 306 18.99 -35.18 43.70
C THR A 306 18.07 -35.10 42.49
N PHE A 307 18.64 -35.25 41.29
CA PHE A 307 17.83 -35.19 40.08
C PHE A 307 18.31 -36.15 39.01
N ALA A 308 17.40 -36.53 38.11
CA ALA A 308 17.66 -37.41 37.00
C ALA A 308 17.11 -36.79 35.73
N VAL A 309 17.85 -36.86 34.62
CA VAL A 309 17.40 -36.25 33.36
C VAL A 309 17.22 -37.31 32.29
N GLN A 310 16.02 -37.42 31.69
CA GLN A 310 15.78 -38.37 30.62
C GLN A 310 15.78 -37.65 29.27
N GLY A 311 16.84 -37.81 28.52
CA GLY A 311 17.00 -37.13 27.24
C GLY A 311 18.17 -36.19 27.34
N PHE A 312 19.30 -36.53 26.69
CA PHE A 312 20.51 -35.72 26.82
C PHE A 312 20.79 -34.85 25.58
N GLY A 313 19.79 -34.06 25.17
CA GLY A 313 19.93 -33.11 24.07
C GLY A 313 20.25 -31.72 24.57
N ASN A 314 20.12 -30.69 23.72
CA ASN A 314 20.46 -29.32 24.10
C ASN A 314 19.66 -28.80 25.30
N VAL A 315 18.48 -29.38 25.59
CA VAL A 315 17.68 -28.95 26.74
C VAL A 315 18.15 -29.71 27.98
N GLY A 316 18.26 -31.03 27.88
CA GLY A 316 18.68 -31.89 28.98
C GLY A 316 20.07 -31.59 29.50
N LEU A 317 20.98 -31.21 28.59
CA LEU A 317 22.34 -30.85 28.96
C LEU A 317 22.32 -29.52 29.72
N HIS A 318 21.63 -28.50 29.17
CA HIS A 318 21.53 -27.20 29.83
C HIS A 318 20.87 -27.33 31.21
N SER A 319 19.73 -28.05 31.28
CA SER A 319 19.01 -28.27 32.53
C SER A 319 19.88 -28.95 33.59
N MET A 320 20.67 -29.95 33.18
CA MET A 320 21.56 -30.68 34.08
C MET A 320 22.69 -29.78 34.59
N ARG A 321 23.20 -28.89 33.72
CA ARG A 321 24.27 -27.95 34.05
C ARG A 321 23.79 -26.92 35.08
N TYR A 322 22.64 -26.29 34.83
CA TYR A 322 22.12 -25.23 35.69
C TYR A 322 21.68 -25.74 37.06
N LEU A 323 21.19 -26.99 37.15
CA LEU A 323 20.78 -27.54 38.44
C LEU A 323 22.02 -27.87 39.28
N HIS A 324 23.06 -28.44 38.66
CA HIS A 324 24.34 -28.79 39.29
C HIS A 324 25.01 -27.55 39.89
N ARG A 325 24.99 -26.44 39.15
CA ARG A 325 25.56 -25.17 39.58
C ARG A 325 24.98 -24.68 40.92
N PHE A 326 23.72 -25.04 41.21
CA PHE A 326 23.06 -24.60 42.43
C PHE A 326 23.03 -25.65 43.54
N GLY A 327 23.88 -26.66 43.46
CA GLY A 327 23.98 -27.65 44.53
C GLY A 327 23.23 -28.94 44.32
N ALA A 328 22.39 -29.05 43.29
CA ALA A 328 21.63 -30.29 43.04
C ALA A 328 22.57 -31.33 42.45
N LYS A 329 22.46 -32.58 42.93
CA LYS A 329 23.31 -33.67 42.50
C LYS A 329 22.63 -34.55 41.45
N CYS A 330 23.25 -34.69 40.26
CA CYS A 330 22.67 -35.52 39.21
C CYS A 330 23.01 -36.97 39.49
N VAL A 331 21.99 -37.79 39.80
CA VAL A 331 22.20 -39.19 40.12
C VAL A 331 22.09 -40.08 38.86
N ALA A 332 21.36 -39.65 37.81
CA ALA A 332 21.20 -40.48 36.61
C ALA A 332 20.92 -39.67 35.36
N VAL A 333 21.43 -40.13 34.21
CA VAL A 333 21.19 -39.50 32.92
C VAL A 333 20.75 -40.57 31.92
N GLY A 334 19.59 -40.37 31.33
CA GLY A 334 19.04 -41.28 30.35
C GLY A 334 19.22 -40.76 28.94
N GLU A 335 19.40 -41.67 27.99
CA GLU A 335 19.60 -41.33 26.59
C GLU A 335 18.78 -42.28 25.71
N SER A 336 18.66 -41.97 24.40
CA SER A 336 17.93 -42.85 23.46
C SER A 336 18.55 -44.26 23.43
N ASP A 337 19.87 -44.35 23.62
CA ASP A 337 20.61 -45.60 23.67
C ASP A 337 21.16 -45.82 25.09
N GLY A 338 20.37 -46.47 25.95
CA GLY A 338 20.79 -46.76 27.32
C GLY A 338 20.86 -45.58 28.27
N SER A 339 21.21 -45.86 29.53
CA SER A 339 21.30 -44.82 30.57
C SER A 339 22.48 -45.06 31.51
N ILE A 340 22.93 -44.01 32.21
CA ILE A 340 24.02 -44.14 33.19
C ILE A 340 23.52 -43.72 34.59
N TRP A 341 24.17 -44.24 35.64
CA TRP A 341 23.74 -43.95 37.00
C TRP A 341 24.90 -43.94 38.01
N ASN A 342 24.87 -42.98 38.94
CA ASN A 342 25.85 -42.86 40.02
C ASN A 342 25.20 -42.13 41.18
N PRO A 343 24.95 -42.82 42.30
CA PRO A 343 24.31 -42.14 43.44
C PRO A 343 25.18 -41.06 44.08
N ASP A 344 26.51 -41.12 43.88
CA ASP A 344 27.41 -40.10 44.41
C ASP A 344 27.43 -38.82 43.54
N GLY A 345 26.92 -38.89 42.30
CA GLY A 345 26.87 -37.74 41.42
C GLY A 345 27.55 -37.91 40.09
N ILE A 346 27.05 -37.19 39.08
CA ILE A 346 27.60 -37.19 37.72
C ILE A 346 27.88 -35.73 37.34
N ASP A 347 29.13 -35.43 36.97
CA ASP A 347 29.51 -34.06 36.60
C ASP A 347 29.04 -33.75 35.18
N PRO A 348 28.32 -32.63 34.99
CA PRO A 348 27.81 -32.30 33.65
C PRO A 348 28.90 -31.94 32.66
N LYS A 349 29.98 -31.28 33.11
CA LYS A 349 31.06 -30.91 32.21
C LYS A 349 31.82 -32.16 31.76
N GLU A 350 32.06 -33.10 32.68
CA GLU A 350 32.75 -34.35 32.36
C GLU A 350 31.91 -35.23 31.43
N LEU A 351 30.58 -35.23 31.61
CA LEU A 351 29.68 -36.04 30.79
C LEU A 351 29.50 -35.42 29.40
N GLU A 352 29.47 -34.09 29.32
CA GLU A 352 29.33 -33.40 28.04
C GLU A 352 30.58 -33.59 27.18
N ASP A 353 31.77 -33.54 27.81
CA ASP A 353 33.03 -33.75 27.11
C ASP A 353 33.16 -35.18 26.63
N PHE A 354 32.65 -36.15 27.40
CA PHE A 354 32.67 -37.56 27.02
C PHE A 354 31.79 -37.81 25.79
N LYS A 355 30.58 -37.23 25.79
CA LYS A 355 29.63 -37.38 24.69
C LYS A 355 30.13 -36.70 23.41
N LEU A 356 30.86 -35.58 23.55
CA LEU A 356 31.39 -34.86 22.39
C LEU A 356 32.51 -35.62 21.69
N GLN A 357 33.22 -36.54 22.39
CA GLN A 357 34.30 -37.29 21.77
C GLN A 357 33.92 -38.77 21.47
N HIS A 358 32.77 -39.26 21.97
CA HIS A 358 32.36 -40.64 21.71
C HIS A 358 30.96 -40.79 21.09
N GLY A 359 30.21 -39.69 20.96
CA GLY A 359 28.87 -39.71 20.39
C GLY A 359 27.77 -40.19 21.32
N THR A 360 28.14 -40.81 22.44
CA THR A 360 27.18 -41.34 23.40
C THR A 360 27.69 -41.21 24.84
N ILE A 361 26.78 -41.31 25.82
CA ILE A 361 27.16 -41.28 27.22
C ILE A 361 27.53 -42.69 27.75
N LEU A 362 27.28 -43.76 26.96
CA LEU A 362 27.58 -45.14 27.34
C LEU A 362 29.09 -45.36 27.49
N GLY A 363 29.48 -45.94 28.61
CA GLY A 363 30.89 -46.20 28.90
C GLY A 363 31.55 -45.12 29.73
N PHE A 364 30.77 -44.17 30.29
CA PHE A 364 31.28 -43.09 31.12
C PHE A 364 31.95 -43.67 32.34
N PRO A 365 33.24 -43.34 32.58
CA PRO A 365 33.99 -43.98 33.67
C PRO A 365 33.43 -43.74 35.07
N LYS A 366 32.87 -42.56 35.35
CA LYS A 366 32.36 -42.26 36.68
C LYS A 366 30.84 -42.49 36.78
N ALA A 367 30.35 -43.62 36.21
CA ALA A 367 28.93 -44.00 36.23
C ALA A 367 28.73 -45.48 35.79
N LYS A 368 27.60 -46.09 36.20
CA LYS A 368 27.27 -47.47 35.87
C LYS A 368 26.18 -47.55 34.78
N ILE A 369 26.31 -48.48 33.83
CA ILE A 369 25.35 -48.62 32.73
C ILE A 369 24.08 -49.35 33.17
N TYR A 370 22.92 -48.85 32.69
CA TYR A 370 21.60 -49.43 32.93
C TYR A 370 20.83 -49.52 31.61
N GLU A 371 20.22 -50.68 31.32
CA GLU A 371 19.47 -50.90 30.08
C GLU A 371 18.03 -50.51 30.28
N GLY A 372 17.71 -49.26 29.96
CA GLY A 372 16.37 -48.73 30.12
C GLY A 372 16.38 -47.29 30.58
N SER A 373 15.20 -46.70 30.74
CA SER A 373 15.08 -45.31 31.15
C SER A 373 15.39 -45.10 32.65
N ILE A 374 15.68 -43.85 33.04
CA ILE A 374 15.96 -43.52 34.44
C ILE A 374 14.72 -43.00 35.19
N LEU A 375 13.51 -43.16 34.62
CA LEU A 375 12.26 -42.67 35.18
C LEU A 375 11.93 -43.24 36.57
N GLU A 376 12.41 -44.45 36.88
CA GLU A 376 12.14 -45.07 38.18
C GLU A 376 13.33 -44.98 39.15
N VAL A 377 14.37 -44.19 38.82
CA VAL A 377 15.56 -44.04 39.67
C VAL A 377 15.22 -43.21 40.90
N ASP A 378 15.77 -43.59 42.07
CA ASP A 378 15.54 -42.87 43.31
C ASP A 378 16.19 -41.48 43.23
N CYS A 379 15.35 -40.46 43.14
CA CYS A 379 15.78 -39.06 43.08
C CYS A 379 14.66 -38.15 43.62
N ASP A 380 14.92 -36.84 43.73
CA ASP A 380 13.89 -35.89 44.18
C ASP A 380 13.20 -35.26 42.98
N ILE A 381 13.97 -34.89 41.95
CA ILE A 381 13.44 -34.25 40.75
C ILE A 381 13.68 -35.12 39.52
N LEU A 382 12.62 -35.44 38.77
CA LEU A 382 12.75 -36.19 37.52
C LEU A 382 12.50 -35.22 36.37
N ILE A 383 13.43 -35.14 35.41
CA ILE A 383 13.28 -34.19 34.31
C ILE A 383 13.19 -34.89 32.96
N PRO A 384 11.97 -35.18 32.48
CA PRO A 384 11.83 -35.71 31.11
C PRO A 384 12.15 -34.58 30.13
N ALA A 385 13.31 -34.62 29.48
CA ALA A 385 13.72 -33.58 28.56
C ALA A 385 13.73 -34.03 27.08
N ALA A 386 13.01 -35.11 26.76
CA ALA A 386 12.93 -35.63 25.39
C ALA A 386 11.47 -35.79 24.97
N LEU A 391 6.09 -41.19 30.76
CA LEU A 391 5.33 -41.51 31.97
C LEU A 391 3.90 -41.91 31.61
N THR A 392 3.60 -43.19 31.79
CA THR A 392 2.32 -43.82 31.50
C THR A 392 1.71 -44.43 32.80
N LYS A 393 0.48 -44.98 32.72
CA LYS A 393 -0.20 -45.59 33.88
C LYS A 393 0.56 -46.81 34.43
N SER A 394 1.39 -47.46 33.60
CA SER A 394 2.13 -48.64 34.06
C SER A 394 3.36 -48.30 34.90
N ASN A 395 4.11 -47.23 34.55
CA ASN A 395 5.32 -46.88 35.31
C ASN A 395 5.13 -45.71 36.27
N ALA A 396 3.99 -44.99 36.21
CA ALA A 396 3.74 -43.86 37.14
C ALA A 396 3.77 -44.29 38.61
N PRO A 397 3.21 -45.47 39.04
CA PRO A 397 3.32 -45.84 40.47
C PRO A 397 4.74 -46.24 40.89
N ARG A 398 5.66 -46.48 39.94
CA ARG A 398 7.05 -46.83 40.27
C ARG A 398 7.99 -45.61 40.29
N VAL A 399 7.48 -44.40 40.01
CA VAL A 399 8.29 -43.19 40.03
C VAL A 399 8.64 -42.85 41.48
N LYS A 400 9.93 -42.64 41.76
CA LYS A 400 10.37 -42.32 43.12
C LYS A 400 10.61 -40.81 43.35
N ALA A 401 10.53 -39.99 42.30
CA ALA A 401 10.73 -38.55 42.43
C ALA A 401 9.49 -37.86 42.97
N LYS A 402 9.67 -36.75 43.69
CA LYS A 402 8.56 -35.96 44.23
C LYS A 402 8.16 -34.82 43.27
N ILE A 403 9.08 -34.39 42.38
CA ILE A 403 8.82 -33.35 41.40
C ILE A 403 9.11 -33.88 40.00
N ILE A 404 8.17 -33.71 39.08
CA ILE A 404 8.39 -34.10 37.69
C ILE A 404 8.36 -32.84 36.86
N ALA A 405 9.52 -32.45 36.35
CA ALA A 405 9.71 -31.23 35.59
C ALA A 405 9.68 -31.51 34.09
N GLU A 406 8.56 -31.24 33.42
CA GLU A 406 8.43 -31.50 31.99
C GLU A 406 9.23 -30.53 31.11
N GLY A 407 10.46 -30.93 30.77
CA GLY A 407 11.31 -30.13 29.90
C GLY A 407 11.09 -30.40 28.42
N ALA A 408 9.97 -31.05 28.08
CA ALA A 408 9.55 -31.40 26.73
C ALA A 408 8.02 -31.44 26.65
N ASN A 409 7.45 -31.39 25.43
CA ASN A 409 6.01 -31.42 25.28
C ASN A 409 5.46 -32.86 25.33
N GLY A 410 4.44 -33.04 26.17
CA GLY A 410 3.74 -34.30 26.37
C GLY A 410 4.48 -35.54 26.84
N PRO A 411 5.36 -35.45 27.86
CA PRO A 411 6.01 -36.68 28.34
C PRO A 411 5.16 -37.49 29.33
N THR A 412 4.04 -36.93 29.81
CA THR A 412 3.19 -37.61 30.79
C THR A 412 1.76 -37.76 30.27
N THR A 413 1.22 -38.97 30.30
CA THR A 413 -0.16 -39.23 29.84
C THR A 413 -1.17 -38.77 30.90
N PRO A 414 -2.45 -38.50 30.51
CA PRO A 414 -3.44 -38.08 31.53
C PRO A 414 -3.64 -39.11 32.64
N GLU A 415 -3.46 -40.40 32.33
CA GLU A 415 -3.60 -41.46 33.34
C GLU A 415 -2.46 -41.39 34.35
N ALA A 416 -1.24 -41.04 33.90
CA ALA A 416 -0.10 -40.90 34.78
C ALA A 416 -0.28 -39.66 35.66
N ASP A 417 -0.84 -38.57 35.11
CA ASP A 417 -1.13 -37.34 35.87
C ASP A 417 -2.03 -37.64 37.08
N LYS A 418 -3.06 -38.48 36.87
CA LYS A 418 -4.00 -38.89 37.91
C LYS A 418 -3.28 -39.67 39.01
N ILE A 419 -2.36 -40.58 38.64
CA ILE A 419 -1.59 -41.35 39.59
C ILE A 419 -0.67 -40.44 40.41
N PHE A 420 -0.01 -39.48 39.74
CA PHE A 420 0.89 -38.54 40.42
C PHE A 420 0.12 -37.68 41.41
N LEU A 421 -1.11 -37.26 41.07
CA LEU A 421 -1.94 -36.48 41.99
C LEU A 421 -2.33 -37.30 43.22
N GLU A 422 -2.61 -38.60 43.03
CA GLU A 422 -2.95 -39.49 44.14
C GLU A 422 -1.73 -39.76 45.04
N ARG A 423 -0.52 -39.76 44.45
CA ARG A 423 0.71 -40.02 45.19
C ARG A 423 1.40 -38.74 45.72
N ASN A 424 0.77 -37.56 45.55
CA ASN A 424 1.32 -36.27 45.96
C ASN A 424 2.68 -36.02 45.30
N ILE A 425 2.70 -36.15 43.98
CA ILE A 425 3.86 -35.88 43.17
C ILE A 425 3.53 -34.65 42.36
N MET A 426 4.36 -33.61 42.45
CA MET A 426 4.10 -32.36 41.74
C MET A 426 4.63 -32.40 40.33
N VAL A 427 3.74 -32.26 39.34
CA VAL A 427 4.16 -32.22 37.94
C VAL A 427 4.13 -30.77 37.46
N ILE A 428 5.31 -30.19 37.17
CA ILE A 428 5.41 -28.83 36.62
C ILE A 428 5.17 -28.99 35.12
N PRO A 429 4.04 -28.48 34.61
CA PRO A 429 3.65 -28.78 33.24
C PRO A 429 4.47 -28.09 32.14
N ASP A 430 4.52 -28.76 30.98
CA ASP A 430 5.20 -28.35 29.75
C ASP A 430 4.70 -27.00 29.24
N LEU A 431 3.40 -26.73 29.41
CA LEU A 431 2.76 -25.46 29.02
C LEU A 431 3.48 -24.26 29.64
N TYR A 432 4.03 -24.45 30.85
CA TYR A 432 4.77 -23.44 31.57
C TYR A 432 6.29 -23.66 31.44
N LEU A 433 6.78 -24.83 31.86
CA LEU A 433 8.19 -25.15 31.95
C LEU A 433 8.90 -25.15 30.60
N ASN A 434 8.20 -25.53 29.53
CA ASN A 434 8.81 -25.57 28.21
C ASN A 434 8.50 -24.29 27.42
N ALA A 435 8.39 -23.14 28.08
CA ALA A 435 8.09 -21.88 27.39
C ALA A 435 9.24 -20.85 27.42
N GLY A 436 10.43 -21.27 27.83
CA GLY A 436 11.58 -20.38 27.87
C GLY A 436 12.01 -19.91 26.50
N GLY A 437 12.00 -20.82 25.53
CA GLY A 437 12.33 -20.51 24.15
C GLY A 437 11.27 -19.64 23.51
N VAL A 438 10.00 -19.90 23.84
CA VAL A 438 8.87 -19.09 23.38
C VAL A 438 9.02 -17.66 23.91
N THR A 439 9.41 -17.52 25.18
CA THR A 439 9.63 -16.25 25.85
C THR A 439 10.74 -15.41 25.16
N VAL A 440 11.93 -16.01 24.85
CA VAL A 440 12.95 -15.22 24.17
C VAL A 440 12.60 -15.04 22.67
N SER A 441 11.67 -15.87 22.09
CA SER A 441 11.17 -15.65 20.73
C SER A 441 10.49 -14.31 20.63
N TYR A 442 9.74 -13.95 21.68
CA TYR A 442 9.03 -12.69 21.82
C TYR A 442 10.05 -11.55 21.90
N PHE A 443 11.11 -11.74 22.69
CA PHE A 443 12.17 -10.73 22.85
C PHE A 443 12.94 -10.53 21.53
N GLU A 444 13.14 -11.59 20.73
CA GLU A 444 13.82 -11.48 19.45
C GLU A 444 12.98 -10.66 18.48
N TRP A 445 11.66 -10.91 18.47
CA TRP A 445 10.71 -10.18 17.64
C TRP A 445 10.71 -8.69 18.05
N LEU A 446 10.73 -8.42 19.37
CA LEU A 446 10.80 -7.06 19.90
C LEU A 446 12.11 -6.40 19.52
N LYS A 447 13.24 -7.12 19.60
CA LYS A 447 14.56 -6.62 19.21
C LYS A 447 14.55 -6.18 17.75
N ASN A 448 13.92 -6.95 16.86
CA ASN A 448 13.84 -6.58 15.45
C ASN A 448 12.93 -5.38 15.23
N LEU A 449 11.89 -5.22 16.03
CA LEU A 449 11.00 -4.05 15.97
C LEU A 449 11.77 -2.80 16.47
N ASN A 450 12.55 -2.97 17.56
CA ASN A 450 13.35 -1.90 18.16
C ASN A 450 14.49 -1.46 17.26
N HIS A 451 15.03 -2.39 16.44
CA HIS A 451 16.15 -2.16 15.52
C HIS A 451 17.44 -1.82 16.27
N VAL A 452 17.60 -2.37 17.48
CA VAL A 452 18.73 -2.13 18.35
C VAL A 452 18.85 -3.29 19.36
N SER A 453 20.08 -3.60 19.77
CA SER A 453 20.30 -4.63 20.75
C SER A 453 19.91 -4.11 22.15
N TYR A 454 19.50 -5.01 23.05
CA TYR A 454 19.12 -4.62 24.41
C TYR A 454 20.29 -4.07 25.21
N GLY A 455 20.07 -2.91 25.84
CA GLY A 455 21.06 -2.27 26.69
C GLY A 455 22.09 -1.40 26.01
N ARG A 456 22.16 -1.45 24.67
CA ARG A 456 23.12 -0.70 23.85
C ARG A 456 23.35 0.76 24.31
N LEU A 457 22.27 1.50 24.61
CA LEU A 457 22.40 2.89 25.02
C LEU A 457 22.43 3.12 26.53
N THR A 458 22.11 2.10 27.35
CA THR A 458 22.01 2.31 28.80
C THR A 458 23.05 1.59 29.68
N PHE A 459 23.86 0.65 29.15
CA PHE A 459 24.86 -0.04 29.97
C PHE A 459 25.89 0.92 30.59
N LYS A 460 26.45 1.82 29.79
CA LYS A 460 27.45 2.80 30.23
C LYS A 460 26.81 3.79 31.20
N TYR A 461 25.54 4.18 30.95
CA TYR A 461 24.79 5.09 31.81
C TYR A 461 24.60 4.46 33.19
N GLU A 462 24.23 3.17 33.23
CA GLU A 462 23.99 2.45 34.47
C GLU A 462 25.29 2.30 35.26
N ARG A 463 26.38 2.00 34.57
CA ARG A 463 27.72 1.87 35.14
C ARG A 463 28.14 3.16 35.84
N ASP A 464 27.96 4.31 35.18
CA ASP A 464 28.34 5.60 35.77
C ASP A 464 27.49 5.94 36.97
N SER A 465 26.20 5.59 36.94
CA SER A 465 25.30 5.82 38.09
C SER A 465 25.73 4.99 39.30
N ASN A 466 26.12 3.73 39.05
CA ASN A 466 26.57 2.83 40.10
C ASN A 466 27.83 3.37 40.76
N TYR A 467 28.78 3.88 39.95
CA TYR A 467 30.02 4.43 40.48
C TYR A 467 29.74 5.72 41.26
N HIS A 468 28.82 6.54 40.78
CA HIS A 468 28.41 7.77 41.46
C HIS A 468 27.77 7.46 42.82
N LEU A 469 27.00 6.36 42.91
CA LEU A 469 26.36 5.94 44.15
C LEU A 469 27.41 5.49 45.16
N LEU A 470 28.40 4.71 44.70
CA LEU A 470 29.47 4.23 45.58
C LEU A 470 30.34 5.41 46.04
N MET A 471 30.60 6.38 45.16
CA MET A 471 31.36 7.58 45.49
C MET A 471 30.62 8.44 46.51
N SER A 472 29.28 8.49 46.42
CA SER A 472 28.44 9.25 47.33
C SER A 472 28.48 8.63 48.73
N VAL A 473 28.49 7.29 48.81
CA VAL A 473 28.55 6.59 50.09
C VAL A 473 29.92 6.85 50.73
N GLN A 474 30.99 6.75 49.92
CA GLN A 474 32.36 6.98 50.38
C GLN A 474 32.53 8.40 50.92
N GLU A 475 32.08 9.41 50.16
CA GLU A 475 32.22 10.80 50.58
C GLU A 475 31.42 11.11 51.83
N SER A 476 30.20 10.55 51.94
CA SER A 476 29.35 10.78 53.10
C SER A 476 29.98 10.19 54.35
N LEU A 477 30.57 8.99 54.24
CA LEU A 477 31.20 8.33 55.37
C LEU A 477 32.48 9.00 55.78
N GLU A 478 33.29 9.46 54.80
CA GLU A 478 34.53 10.18 55.12
C GLU A 478 34.22 11.50 55.85
N ARG A 479 33.10 12.14 55.49
CA ARG A 479 32.63 13.37 56.10
C ARG A 479 32.17 13.12 57.54
N LYS A 480 31.49 12.00 57.76
CA LYS A 480 30.96 11.63 59.07
C LYS A 480 32.05 11.15 60.05
N PHE A 481 33.01 10.35 59.57
CA PHE A 481 34.02 9.80 60.46
C PHE A 481 35.39 10.50 60.41
N GLY A 482 35.54 11.52 59.56
CA GLY A 482 36.78 12.29 59.47
C GLY A 482 37.96 11.55 58.85
N THR A 487 40.74 7.23 54.62
CA THR A 487 39.94 6.98 53.42
C THR A 487 39.14 5.71 53.60
N ILE A 488 37.85 5.73 53.24
CA ILE A 488 36.96 4.58 53.32
C ILE A 488 36.57 4.19 51.89
N PRO A 489 37.42 3.41 51.18
CA PRO A 489 37.10 3.08 49.78
C PRO A 489 35.85 2.23 49.60
N ILE A 490 34.90 2.71 48.81
CA ILE A 490 33.68 1.96 48.51
C ILE A 490 33.78 1.55 47.06
N VAL A 491 34.12 0.27 46.82
CA VAL A 491 34.32 -0.26 45.48
C VAL A 491 33.38 -1.45 45.19
N PRO A 492 33.12 -1.77 43.90
CA PRO A 492 32.27 -2.93 43.60
C PRO A 492 32.94 -4.25 43.96
N THR A 493 32.14 -5.29 44.27
CA THR A 493 32.69 -6.61 44.52
C THR A 493 33.29 -7.18 43.21
N ALA A 494 34.08 -8.26 43.29
CA ALA A 494 34.63 -8.89 42.08
C ALA A 494 33.50 -9.37 41.14
N GLU A 495 32.38 -9.83 41.71
CA GLU A 495 31.22 -10.29 40.96
C GLU A 495 30.51 -9.12 40.28
N PHE A 496 30.35 -8.00 41.00
CA PHE A 496 29.68 -6.81 40.45
C PHE A 496 30.54 -6.19 39.34
N GLN A 497 31.88 -6.14 39.51
CA GLN A 497 32.74 -5.58 38.48
C GLN A 497 32.71 -6.46 37.20
N ASP A 498 32.57 -7.79 37.35
CA ASP A 498 32.45 -8.70 36.21
C ASP A 498 31.15 -8.47 35.46
N ARG A 499 30.06 -8.21 36.21
CA ARG A 499 28.72 -7.93 35.68
C ARG A 499 28.72 -6.61 34.91
N ILE A 500 29.40 -5.60 35.43
CA ILE A 500 29.53 -4.29 34.78
C ILE A 500 30.42 -4.39 33.51
N SER A 501 31.58 -5.05 33.61
CA SER A 501 32.52 -5.15 32.51
C SER A 501 32.01 -6.00 31.34
N GLY A 502 31.36 -7.12 31.64
CA GLY A 502 30.87 -8.01 30.60
C GLY A 502 29.44 -7.79 30.16
N ALA A 503 28.83 -6.67 30.63
CA ALA A 503 27.44 -6.34 30.35
C ALA A 503 27.12 -6.34 28.86
N SER A 504 26.23 -7.25 28.46
CA SER A 504 25.80 -7.35 27.07
C SER A 504 24.31 -7.77 26.99
N GLU A 505 23.73 -7.83 25.78
CA GLU A 505 22.34 -8.16 25.53
C GLU A 505 21.85 -9.42 26.27
N LYS A 506 22.64 -10.51 26.27
CA LYS A 506 22.22 -11.76 26.91
C LYS A 506 21.82 -11.57 28.38
N ASP A 507 22.45 -10.63 29.09
CA ASP A 507 22.14 -10.38 30.51
C ASP A 507 20.73 -9.80 30.68
N ILE A 508 20.29 -8.96 29.73
CA ILE A 508 18.94 -8.39 29.79
C ILE A 508 17.91 -9.44 29.34
N VAL A 509 18.24 -10.29 28.36
CA VAL A 509 17.35 -11.35 27.90
C VAL A 509 17.17 -12.39 29.03
N HIS A 510 18.24 -12.72 29.74
CA HIS A 510 18.19 -13.64 30.87
C HIS A 510 17.36 -13.08 32.01
N SER A 511 17.48 -11.77 32.28
CA SER A 511 16.71 -11.09 33.32
C SER A 511 15.22 -11.16 32.99
N GLY A 512 14.89 -10.94 31.71
CA GLY A 512 13.53 -10.96 31.21
C GLY A 512 12.93 -12.36 31.22
N LEU A 513 13.76 -13.37 30.95
CA LEU A 513 13.29 -14.76 31.00
C LEU A 513 13.03 -15.15 32.45
N ALA A 514 13.95 -14.78 33.37
CA ALA A 514 13.77 -15.08 34.78
C ALA A 514 12.53 -14.37 35.34
N TYR A 515 12.30 -13.11 34.95
CA TYR A 515 11.14 -12.34 35.40
C TYR A 515 9.84 -12.95 34.91
N THR A 516 9.82 -13.41 33.66
CA THR A 516 8.61 -13.99 33.07
C THR A 516 8.27 -15.30 33.76
N MET A 517 9.26 -16.17 33.96
CA MET A 517 9.04 -17.46 34.62
C MET A 517 8.61 -17.29 36.07
N GLU A 518 9.12 -16.24 36.74
CA GLU A 518 8.76 -15.96 38.13
C GLU A 518 7.32 -15.42 38.20
N ARG A 519 6.96 -14.47 37.34
CA ARG A 519 5.62 -13.90 37.32
C ARG A 519 4.57 -14.94 36.95
N SER A 520 4.87 -15.81 35.96
CA SER A 520 3.97 -16.86 35.51
C SER A 520 3.83 -17.97 36.53
N ALA A 521 4.89 -18.27 37.30
CA ALA A 521 4.77 -19.29 38.35
C ALA A 521 3.80 -18.82 39.42
N ARG A 522 3.90 -17.55 39.83
CA ARG A 522 3.01 -17.00 40.84
C ARG A 522 1.57 -16.93 40.34
N GLN A 523 1.38 -16.65 39.04
CA GLN A 523 0.06 -16.62 38.42
C GLN A 523 -0.57 -18.02 38.45
N ILE A 524 0.22 -19.06 38.11
CA ILE A 524 -0.25 -20.44 38.12
C ILE A 524 -0.55 -20.88 39.56
N MET A 525 0.28 -20.49 40.53
CA MET A 525 0.06 -20.83 41.93
C MET A 525 -1.25 -20.20 42.42
N ARG A 526 -1.50 -18.94 42.05
CA ARG A 526 -2.72 -18.24 42.44
C ARG A 526 -3.96 -18.86 41.78
N THR A 527 -3.83 -19.34 40.52
CA THR A 527 -4.94 -19.98 39.83
C THR A 527 -5.25 -21.33 40.50
N ALA A 528 -4.21 -22.08 40.88
CA ALA A 528 -4.38 -23.36 41.55
C ALA A 528 -5.02 -23.20 42.93
N MET A 529 -4.71 -22.10 43.63
CA MET A 529 -5.30 -21.84 44.94
C MET A 529 -6.73 -21.34 44.80
N LYS A 530 -7.02 -20.55 43.76
CA LYS A 530 -8.36 -20.01 43.47
C LYS A 530 -9.36 -21.14 43.18
N TYR A 531 -8.94 -22.15 42.41
CA TYR A 531 -9.83 -23.26 42.07
C TYR A 531 -9.59 -24.53 42.88
N ASN A 532 -8.79 -24.46 43.96
CA ASN A 532 -8.47 -25.60 44.83
C ASN A 532 -7.99 -26.82 44.03
N LEU A 533 -6.98 -26.60 43.21
CA LEU A 533 -6.39 -27.63 42.36
C LEU A 533 -5.16 -28.32 43.00
N GLY A 534 -4.61 -27.76 44.07
CA GLY A 534 -3.46 -28.34 44.77
C GLY A 534 -2.22 -28.52 43.92
N LEU A 535 -1.78 -29.78 43.77
CA LEU A 535 -0.60 -30.08 42.94
C LEU A 535 -0.96 -30.29 41.45
N ASP A 536 -2.21 -30.04 41.05
CA ASP A 536 -2.60 -30.17 39.64
C ASP A 536 -2.23 -28.87 38.95
N LEU A 537 -0.94 -28.64 38.76
CA LEU A 537 -0.43 -27.44 38.12
C LEU A 537 -0.77 -27.40 36.63
N ARG A 538 -0.96 -28.57 35.98
CA ARG A 538 -1.28 -28.59 34.57
C ARG A 538 -2.65 -27.98 34.33
N THR A 539 -3.66 -28.38 35.11
CA THR A 539 -5.01 -27.83 34.98
C THR A 539 -4.99 -26.35 35.34
N ALA A 540 -4.23 -25.94 36.36
CA ALA A 540 -4.10 -24.52 36.73
C ALA A 540 -3.48 -23.71 35.57
N ALA A 541 -2.48 -24.26 34.87
CA ALA A 541 -1.85 -23.57 33.75
C ALA A 541 -2.82 -23.43 32.57
N TYR A 542 -3.61 -24.49 32.28
CA TYR A 542 -4.60 -24.43 31.20
C TYR A 542 -5.72 -23.46 31.55
N VAL A 543 -6.20 -23.49 32.79
CA VAL A 543 -7.25 -22.60 33.26
C VAL A 543 -6.74 -21.14 33.20
N ASN A 544 -5.49 -20.91 33.58
CA ASN A 544 -4.86 -19.59 33.55
C ASN A 544 -4.81 -19.07 32.11
N ALA A 545 -4.46 -19.95 31.16
CA ALA A 545 -4.39 -19.58 29.76
C ALA A 545 -5.78 -19.30 29.17
N ILE A 546 -6.78 -20.14 29.48
CA ILE A 546 -8.12 -19.97 28.96
C ILE A 546 -8.77 -18.71 29.54
N GLU A 547 -8.52 -18.38 30.82
CA GLU A 547 -9.05 -17.16 31.43
C GLU A 547 -8.53 -15.92 30.69
N LYS A 548 -7.24 -15.90 30.35
CA LYS A 548 -6.64 -14.79 29.65
C LYS A 548 -7.15 -14.66 28.22
N VAL A 549 -7.25 -15.77 27.47
CA VAL A 549 -7.74 -15.73 26.09
C VAL A 549 -9.21 -15.31 26.06
N PHE A 550 -10.01 -15.82 27.02
CA PHE A 550 -11.42 -15.47 27.13
C PHE A 550 -11.61 -13.97 27.35
N ARG A 551 -10.82 -13.38 28.26
CA ARG A 551 -10.93 -11.96 28.58
C ARG A 551 -10.65 -11.07 27.37
N VAL A 552 -9.72 -11.48 26.49
CA VAL A 552 -9.42 -10.69 25.30
C VAL A 552 -10.63 -10.66 24.35
N TYR A 553 -11.27 -11.83 24.10
CA TYR A 553 -12.47 -11.91 23.26
C TYR A 553 -13.65 -11.18 23.89
N ASN A 554 -13.87 -11.40 25.18
CA ASN A 554 -14.99 -10.81 25.91
C ASN A 554 -14.91 -9.28 25.95
N GLU A 555 -13.74 -8.71 26.27
CA GLU A 555 -13.61 -7.25 26.37
C GLU A 555 -13.42 -6.57 25.00
N ALA A 556 -13.30 -7.34 23.91
CA ALA A 556 -13.22 -6.76 22.56
C ALA A 556 -14.60 -6.67 21.88
N GLY A 557 -15.57 -7.44 22.34
CA GLY A 557 -16.90 -7.48 21.75
C GLY A 557 -17.00 -8.48 20.63
N ALA B 61 -25.00 19.37 30.15
CA ALA B 61 -23.87 20.03 29.55
C ALA B 61 -22.77 20.31 30.58
N ASP B 62 -21.52 20.37 30.09
CA ASP B 62 -20.27 20.63 30.81
C ASP B 62 -19.76 22.05 30.55
N ARG B 63 -18.70 22.48 31.24
CA ARG B 63 -18.04 23.74 30.91
C ARG B 63 -17.40 23.65 29.50
N GLU B 64 -16.98 22.44 29.08
CA GLU B 64 -16.39 22.20 27.78
C GLU B 64 -17.42 22.29 26.63
N ASP B 65 -18.73 22.35 26.93
CA ASP B 65 -19.79 22.53 25.93
C ASP B 65 -20.15 24.01 25.74
N ASP B 66 -19.80 24.86 26.71
CA ASP B 66 -20.11 26.29 26.79
C ASP B 66 -19.43 27.11 25.70
N PRO B 67 -20.20 27.87 24.90
CA PRO B 67 -19.58 28.74 23.89
C PRO B 67 -18.67 29.81 24.48
N ASN B 68 -18.92 30.25 25.73
CA ASN B 68 -18.06 31.24 26.38
C ASN B 68 -16.68 30.65 26.73
N PHE B 69 -16.60 29.32 26.96
CA PHE B 69 -15.32 28.67 27.19
C PHE B 69 -14.50 28.65 25.89
N PHE B 70 -15.15 28.54 24.71
CA PHE B 70 -14.46 28.55 23.42
C PHE B 70 -13.87 29.93 23.15
N LYS B 71 -14.64 30.99 23.48
CA LYS B 71 -14.16 32.37 23.34
C LYS B 71 -12.97 32.61 24.25
N MET B 72 -12.96 32.00 25.45
CA MET B 72 -11.89 32.06 26.41
C MET B 72 -10.61 31.49 25.81
N VAL B 73 -10.64 30.26 25.24
CA VAL B 73 -9.48 29.62 24.63
C VAL B 73 -8.95 30.47 23.47
N GLU B 74 -9.84 31.07 22.67
CA GLU B 74 -9.44 31.93 21.56
C GLU B 74 -8.74 33.18 22.09
N GLY B 75 -9.27 33.77 23.16
CA GLY B 75 -8.69 34.93 23.81
C GLY B 75 -7.35 34.63 24.44
N PHE B 76 -7.16 33.42 24.99
CA PHE B 76 -5.88 33.02 25.57
C PHE B 76 -4.82 32.92 24.48
N PHE B 77 -5.20 32.39 23.30
CA PHE B 77 -4.28 32.31 22.18
C PHE B 77 -3.92 33.73 21.71
N ASP B 78 -4.91 34.60 21.49
CA ASP B 78 -4.67 35.96 21.03
C ASP B 78 -3.74 36.73 21.97
N ARG B 79 -3.94 36.57 23.29
CA ARG B 79 -3.12 37.23 24.30
C ARG B 79 -1.68 36.72 24.22
N GLY B 80 -1.51 35.42 24.16
CA GLY B 80 -0.19 34.79 24.07
C GLY B 80 0.55 35.10 22.79
N ALA B 81 -0.16 35.12 21.65
CA ALA B 81 0.43 35.39 20.34
C ALA B 81 0.93 36.82 20.22
N SER B 82 0.24 37.79 20.85
CA SER B 82 0.69 39.18 20.81
C SER B 82 1.94 39.41 21.68
N ILE B 83 2.11 38.61 22.74
CA ILE B 83 3.25 38.70 23.64
C ILE B 83 4.52 38.11 22.99
N VAL B 84 4.39 36.94 22.33
CA VAL B 84 5.54 36.28 21.71
C VAL B 84 5.99 36.98 20.43
N GLU B 85 5.06 37.62 19.70
CA GLU B 85 5.31 38.27 18.41
C GLU B 85 6.58 39.13 18.37
N ASP B 86 6.75 40.04 19.33
CA ASP B 86 7.91 40.94 19.37
C ASP B 86 9.23 40.19 19.61
N LYS B 87 9.22 39.17 20.47
CA LYS B 87 10.44 38.41 20.74
C LYS B 87 10.79 37.42 19.63
N LEU B 88 9.79 36.96 18.86
CA LEU B 88 10.02 35.98 17.79
C LEU B 88 10.76 36.60 16.60
N VAL B 89 10.50 37.87 16.29
CA VAL B 89 11.14 38.54 15.16
C VAL B 89 12.65 38.74 15.45
N GLU B 90 13.02 39.00 16.72
CA GLU B 90 14.41 39.18 17.13
C GLU B 90 15.19 37.87 16.99
N ASP B 91 14.57 36.75 17.35
CA ASP B 91 15.23 35.44 17.28
C ASP B 91 15.32 34.87 15.85
N LEU B 92 14.67 35.50 14.85
CA LEU B 92 14.74 35.00 13.49
C LEU B 92 16.11 35.29 12.87
N LYS B 93 16.86 34.23 12.57
CA LYS B 93 18.20 34.36 11.99
C LYS B 93 18.19 34.14 10.45
N THR B 94 17.03 34.25 9.80
CA THR B 94 16.91 34.06 8.35
C THR B 94 17.39 35.30 7.59
N ARG B 95 17.79 35.13 6.32
CA ARG B 95 18.26 36.24 5.49
C ARG B 95 17.08 37.00 4.88
N GLU B 96 16.31 37.69 5.72
CA GLU B 96 15.14 38.48 5.32
C GLU B 96 15.22 39.90 5.91
N THR B 97 14.42 40.86 5.39
CA THR B 97 14.41 42.21 5.97
C THR B 97 13.62 42.22 7.29
N GLU B 98 13.81 43.24 8.14
CA GLU B 98 13.08 43.32 9.41
C GLU B 98 11.55 43.56 9.22
N GLU B 99 11.11 43.82 7.99
CA GLU B 99 9.70 44.00 7.64
C GLU B 99 9.13 42.65 7.16
N GLN B 100 9.93 41.86 6.42
CA GLN B 100 9.55 40.53 5.93
C GLN B 100 9.56 39.51 7.09
N LYS B 101 10.38 39.72 8.13
CA LYS B 101 10.42 38.82 9.29
C LYS B 101 9.12 38.93 10.09
N ARG B 102 8.49 40.12 10.15
CA ARG B 102 7.22 40.29 10.85
C ARG B 102 6.08 39.58 10.09
N ASN B 103 6.18 39.49 8.75
CA ASN B 103 5.20 38.79 7.93
C ASN B 103 5.25 37.28 8.19
N ARG B 104 6.46 36.73 8.41
CA ARG B 104 6.64 35.31 8.68
C ARG B 104 6.07 34.94 10.04
N VAL B 105 6.35 35.75 11.06
CA VAL B 105 5.89 35.51 12.43
C VAL B 105 4.36 35.63 12.50
N ARG B 106 3.79 36.75 12.02
CA ARG B 106 2.34 36.94 12.03
C ARG B 106 1.65 35.90 11.15
N GLY B 107 2.25 35.60 10.01
CA GLY B 107 1.72 34.60 9.09
C GLY B 107 1.62 33.23 9.72
N ILE B 108 2.68 32.80 10.44
CA ILE B 108 2.69 31.49 11.09
C ILE B 108 1.68 31.48 12.25
N LEU B 109 1.58 32.58 13.02
CA LEU B 109 0.61 32.66 14.12
C LEU B 109 -0.84 32.60 13.57
N ARG B 110 -1.08 33.14 12.37
CA ARG B 110 -2.38 33.08 11.70
C ARG B 110 -2.72 31.67 11.21
N ILE B 111 -1.73 30.86 10.88
CA ILE B 111 -1.91 29.48 10.44
C ILE B 111 -2.20 28.58 11.65
N ILE B 112 -1.49 28.81 12.75
CA ILE B 112 -1.63 28.02 13.98
C ILE B 112 -3.03 28.14 14.58
N LYS B 113 -3.55 29.37 14.70
CA LYS B 113 -4.82 29.64 15.37
C LYS B 113 -6.02 28.75 14.90
N PRO B 114 -6.45 28.71 13.61
CA PRO B 114 -7.64 27.91 13.28
C PRO B 114 -7.35 26.42 13.09
N CYS B 115 -8.40 25.60 13.17
CA CYS B 115 -8.29 24.17 12.93
C CYS B 115 -8.02 23.95 11.46
N ASN B 116 -7.07 23.06 11.17
CA ASN B 116 -6.74 22.76 9.79
C ASN B 116 -7.86 21.97 9.11
N HIS B 117 -8.39 20.95 9.80
CA HIS B 117 -9.40 20.07 9.22
C HIS B 117 -10.56 19.78 10.15
N VAL B 118 -11.78 19.80 9.63
CA VAL B 118 -12.97 19.44 10.40
C VAL B 118 -13.77 18.50 9.54
N LEU B 119 -14.10 17.32 10.04
CA LEU B 119 -14.92 16.36 9.28
C LEU B 119 -16.30 16.24 9.94
N SER B 120 -17.37 16.46 9.17
CA SER B 120 -18.75 16.30 9.63
C SER B 120 -19.31 15.03 9.00
N LEU B 121 -19.93 14.19 9.81
CA LEU B 121 -20.44 12.90 9.38
C LEU B 121 -21.92 12.72 9.65
N SER B 122 -22.54 11.92 8.80
CA SER B 122 -23.92 11.48 8.88
C SER B 122 -23.86 9.99 8.61
N PHE B 123 -24.21 9.14 9.58
CA PHE B 123 -24.09 7.70 9.37
C PHE B 123 -25.30 6.95 9.94
N PRO B 124 -25.74 5.89 9.27
CA PRO B 124 -26.90 5.15 9.76
C PRO B 124 -26.59 4.16 10.87
N ILE B 125 -27.59 3.87 11.69
CA ILE B 125 -27.55 2.91 12.77
C ILE B 125 -28.89 2.21 12.85
N ARG B 126 -28.90 0.88 12.99
CA ARG B 126 -30.16 0.15 13.15
C ARG B 126 -30.38 -0.05 14.64
N ARG B 127 -31.45 0.54 15.19
CA ARG B 127 -31.77 0.41 16.60
C ARG B 127 -32.15 -1.05 16.95
N ASP B 128 -32.16 -1.39 18.24
CA ASP B 128 -32.52 -2.74 18.67
C ASP B 128 -33.98 -3.08 18.32
N ASP B 129 -34.86 -2.07 18.14
CA ASP B 129 -36.25 -2.33 17.74
C ASP B 129 -36.42 -2.55 16.21
N GLY B 130 -35.35 -2.36 15.43
CA GLY B 130 -35.39 -2.54 13.99
C GLY B 130 -35.39 -1.26 13.18
N SER B 131 -35.84 -0.15 13.78
CA SER B 131 -35.91 1.13 13.10
C SER B 131 -34.51 1.73 12.86
N TRP B 132 -34.35 2.50 11.78
CA TRP B 132 -33.07 3.13 11.46
C TRP B 132 -32.99 4.53 12.04
N GLU B 133 -31.78 4.98 12.34
CA GLU B 133 -31.53 6.31 12.87
C GLU B 133 -30.28 6.90 12.26
N VAL B 134 -30.35 8.17 11.85
CA VAL B 134 -29.20 8.85 11.28
C VAL B 134 -28.48 9.60 12.39
N ILE B 135 -27.21 9.25 12.63
CA ILE B 135 -26.39 9.86 13.67
C ILE B 135 -25.48 10.92 13.07
N GLU B 136 -25.40 12.07 13.72
CA GLU B 136 -24.56 13.19 13.31
C GLU B 136 -23.33 13.23 14.21
N GLY B 137 -22.15 13.34 13.61
CA GLY B 137 -20.90 13.38 14.36
C GLY B 137 -19.85 14.25 13.69
N TYR B 138 -18.81 14.64 14.42
CA TYR B 138 -17.75 15.49 13.87
C TYR B 138 -16.41 15.21 14.53
N ARG B 139 -15.32 15.51 13.83
CA ARG B 139 -13.99 15.43 14.41
C ARG B 139 -13.12 16.52 13.81
N ALA B 140 -12.53 17.36 14.67
CA ALA B 140 -11.64 18.41 14.23
C ALA B 140 -10.21 18.09 14.57
N GLN B 141 -9.30 18.33 13.65
CA GLN B 141 -7.87 18.21 13.85
C GLN B 141 -7.33 19.60 13.76
N HIS B 142 -6.94 20.17 14.89
CA HIS B 142 -6.47 21.55 14.94
C HIS B 142 -5.13 21.71 14.28
N SER B 143 -4.17 20.82 14.57
CA SER B 143 -2.85 20.97 14.04
C SER B 143 -2.20 19.66 13.70
N GLN B 144 -1.39 19.66 12.63
CA GLN B 144 -0.60 18.52 12.20
C GLN B 144 0.90 18.81 12.29
N HIS B 145 1.33 19.91 12.99
CA HIS B 145 2.76 20.22 13.17
C HIS B 145 3.49 19.01 13.84
N ARG B 146 2.73 18.22 14.63
CA ARG B 146 3.08 16.97 15.26
C ARG B 146 2.01 15.95 14.86
N THR B 147 2.40 14.84 14.27
CA THR B 147 1.46 13.76 13.95
C THR B 147 1.84 12.52 14.80
N PRO B 148 0.85 11.73 15.26
CA PRO B 148 -0.59 11.85 15.00
C PRO B 148 -1.27 12.95 15.80
N CYS B 149 -2.53 13.23 15.46
CA CYS B 149 -3.36 14.10 16.27
C CYS B 149 -3.80 13.29 17.50
N LYS B 150 -4.29 13.97 18.53
CA LYS B 150 -4.72 13.30 19.75
C LYS B 150 -5.88 14.03 20.34
N GLY B 151 -6.88 13.30 20.81
CA GLY B 151 -8.03 13.94 21.41
C GLY B 151 -9.21 13.03 21.66
N GLY B 152 -9.97 13.34 22.69
CA GLY B 152 -11.12 12.55 23.09
C GLY B 152 -12.32 12.57 22.18
N ILE B 153 -13.29 11.72 22.49
CA ILE B 153 -14.56 11.61 21.78
C ILE B 153 -15.67 11.81 22.78
N ARG B 154 -16.54 12.78 22.52
CA ARG B 154 -17.66 13.07 23.41
C ARG B 154 -18.97 12.57 22.83
N TYR B 155 -19.77 11.85 23.62
CA TYR B 155 -21.11 11.45 23.20
C TYR B 155 -22.08 12.34 23.97
N SER B 156 -22.59 13.39 23.33
CA SER B 156 -23.49 14.33 24.01
C SER B 156 -24.38 15.07 23.01
N THR B 157 -25.63 15.35 23.37
CA THR B 157 -26.49 16.16 22.49
C THR B 157 -26.05 17.65 22.50
N ASP B 158 -25.19 18.05 23.46
CA ASP B 158 -24.70 19.41 23.57
C ASP B 158 -23.40 19.65 22.80
N VAL B 159 -22.92 18.66 21.99
CA VAL B 159 -21.73 18.86 21.18
C VAL B 159 -22.07 19.75 19.98
N SER B 160 -21.05 20.40 19.41
CA SER B 160 -21.17 21.27 18.26
C SER B 160 -19.83 21.34 17.52
N VAL B 161 -19.83 21.82 16.26
CA VAL B 161 -18.58 21.94 15.50
C VAL B 161 -17.64 22.93 16.20
N ASP B 162 -18.19 24.02 16.74
CA ASP B 162 -17.41 25.03 17.45
C ASP B 162 -16.75 24.45 18.70
N GLU B 163 -17.41 23.51 19.38
CA GLU B 163 -16.87 22.85 20.57
C GLU B 163 -15.67 22.01 20.20
N VAL B 164 -15.87 21.19 19.18
CA VAL B 164 -14.91 20.24 18.69
C VAL B 164 -13.67 21.02 18.15
N LYS B 165 -13.85 22.20 17.55
CA LYS B 165 -12.77 23.02 17.07
C LYS B 165 -11.99 23.65 18.21
N ALA B 166 -12.69 24.24 19.19
CA ALA B 166 -12.03 24.91 20.32
C ALA B 166 -11.30 23.92 21.22
N LEU B 167 -11.90 22.75 21.49
CA LEU B 167 -11.27 21.74 22.33
C LEU B 167 -10.09 21.07 21.61
N ALA B 168 -10.11 21.01 20.27
CA ALA B 168 -8.98 20.52 19.51
C ALA B 168 -7.82 21.49 19.64
N SER B 169 -8.08 22.80 19.58
CA SER B 169 -7.05 23.82 19.72
C SER B 169 -6.47 23.78 21.13
N LEU B 170 -7.34 23.64 22.14
CA LEU B 170 -6.89 23.51 23.55
C LEU B 170 -5.93 22.32 23.71
N MET B 171 -6.23 21.20 23.05
CA MET B 171 -5.41 19.99 23.11
C MET B 171 -4.05 20.19 22.43
N THR B 172 -3.96 21.05 21.39
CA THR B 172 -2.69 21.36 20.73
C THR B 172 -1.75 22.04 21.73
N TYR B 173 -2.28 23.04 22.46
CA TYR B 173 -1.49 23.83 23.41
C TYR B 173 -1.21 23.02 24.67
N LYS B 174 -2.16 22.18 25.11
CA LYS B 174 -1.95 21.34 26.29
C LYS B 174 -0.82 20.35 26.04
N CYS B 175 -0.79 19.71 24.86
CA CYS B 175 0.27 18.77 24.48
C CYS B 175 1.62 19.45 24.41
N ALA B 176 1.64 20.68 23.89
CA ALA B 176 2.89 21.42 23.78
C ALA B 176 3.49 21.76 25.15
N VAL B 177 2.67 22.17 26.16
CA VAL B 177 3.25 22.50 27.47
C VAL B 177 3.85 21.24 28.12
N VAL B 178 3.28 20.05 27.90
CA VAL B 178 3.84 18.83 28.53
C VAL B 178 4.71 18.01 27.57
N ASP B 179 5.19 18.63 26.47
CA ASP B 179 6.09 18.04 25.49
C ASP B 179 5.59 16.69 24.94
N VAL B 180 4.28 16.58 24.73
CA VAL B 180 3.64 15.40 24.15
C VAL B 180 3.56 15.68 22.64
N PRO B 181 4.22 14.85 21.82
CA PRO B 181 4.35 15.15 20.39
C PRO B 181 3.10 14.87 19.54
N PHE B 182 1.98 15.48 19.90
CA PHE B 182 0.75 15.33 19.13
C PHE B 182 0.09 16.66 18.85
N GLY B 183 -0.52 16.77 17.68
CA GLY B 183 -1.37 17.92 17.37
C GLY B 183 -2.73 17.69 18.03
N GLY B 184 -3.46 18.75 18.32
CA GLY B 184 -4.76 18.64 18.96
C GLY B 184 -5.88 18.15 18.07
N ALA B 185 -6.79 17.36 18.64
CA ALA B 185 -7.96 16.86 17.95
C ALA B 185 -9.12 16.65 18.92
N LYS B 186 -10.38 16.62 18.42
CA LYS B 186 -11.53 16.41 19.29
C LYS B 186 -12.71 15.92 18.46
N ALA B 187 -13.43 14.91 18.95
CA ALA B 187 -14.60 14.39 18.25
C ALA B 187 -15.85 14.51 19.13
N GLY B 188 -17.00 14.57 18.47
CA GLY B 188 -18.28 14.63 19.14
C GLY B 188 -19.35 13.92 18.34
N VAL B 189 -20.17 13.11 19.01
CA VAL B 189 -21.28 12.42 18.38
C VAL B 189 -22.51 12.95 19.05
N LYS B 190 -23.42 13.57 18.29
CA LYS B 190 -24.59 14.23 18.85
C LYS B 190 -25.70 13.25 19.28
N ILE B 191 -25.47 12.52 20.37
CA ILE B 191 -26.44 11.58 20.95
C ILE B 191 -26.36 11.63 22.48
N ASN B 192 -27.48 11.33 23.16
CA ASN B 192 -27.47 11.23 24.62
C ASN B 192 -27.31 9.76 24.93
N PRO B 193 -26.13 9.34 25.46
CA PRO B 193 -25.90 7.90 25.70
C PRO B 193 -26.93 7.22 26.59
N LYS B 194 -27.62 7.96 27.47
CA LYS B 194 -28.64 7.37 28.33
C LYS B 194 -29.81 6.80 27.52
N ASN B 195 -30.06 7.31 26.30
CA ASN B 195 -31.15 6.85 25.45
C ASN B 195 -30.81 5.61 24.62
N TYR B 196 -29.62 5.02 24.79
CA TYR B 196 -29.22 3.88 23.97
C TYR B 196 -28.78 2.70 24.82
N THR B 197 -29.01 1.50 24.28
CA THR B 197 -28.55 0.28 24.93
C THR B 197 -27.04 0.11 24.67
N ASP B 198 -26.37 -0.82 25.38
CA ASP B 198 -24.94 -1.06 25.14
C ASP B 198 -24.70 -1.56 23.70
N ASN B 199 -25.66 -2.33 23.16
CA ASN B 199 -25.57 -2.86 21.80
C ASN B 199 -25.64 -1.72 20.78
N GLU B 200 -26.52 -0.74 21.02
CA GLU B 200 -26.67 0.42 20.14
C GLU B 200 -25.45 1.34 20.27
N LEU B 201 -24.89 1.49 21.48
CA LEU B 201 -23.68 2.29 21.68
C LEU B 201 -22.47 1.66 20.97
N GLU B 202 -22.44 0.32 20.89
CA GLU B 202 -21.38 -0.40 20.19
C GLU B 202 -21.51 -0.16 18.69
N LYS B 203 -22.74 -0.25 18.16
CA LYS B 203 -23.02 -0.01 16.75
C LYS B 203 -22.59 1.41 16.35
N ILE B 204 -22.93 2.42 17.17
CA ILE B 204 -22.57 3.81 16.92
C ILE B 204 -21.06 3.96 16.92
N THR B 205 -20.38 3.39 17.92
CA THR B 205 -18.93 3.48 18.06
C THR B 205 -18.17 2.83 16.89
N ARG B 206 -18.59 1.62 16.49
CA ARG B 206 -17.94 0.91 15.41
C ARG B 206 -18.16 1.60 14.06
N ARG B 207 -19.38 2.11 13.79
CA ARG B 207 -19.65 2.80 12.52
C ARG B 207 -18.93 4.14 12.47
N PHE B 208 -18.90 4.89 13.58
CA PHE B 208 -18.20 6.16 13.65
C PHE B 208 -16.70 5.95 13.40
N THR B 209 -16.13 4.87 13.96
CA THR B 209 -14.72 4.51 13.74
C THR B 209 -14.45 4.28 12.26
N MET B 210 -15.35 3.57 11.57
CA MET B 210 -15.23 3.25 10.15
C MET B 210 -15.23 4.51 9.28
N GLU B 211 -16.12 5.46 9.57
CA GLU B 211 -16.24 6.69 8.81
C GLU B 211 -15.04 7.60 9.04
N LEU B 212 -14.49 7.61 10.26
CA LEU B 212 -13.30 8.41 10.54
C LEU B 212 -12.08 7.82 9.83
N ALA B 213 -11.92 6.50 9.86
CA ALA B 213 -10.78 5.79 9.27
C ALA B 213 -10.69 5.97 7.76
N LYS B 214 -11.83 5.96 7.08
CA LYS B 214 -11.85 6.13 5.62
C LYS B 214 -11.46 7.55 5.18
N LYS B 215 -11.50 8.53 6.09
CA LYS B 215 -11.18 9.92 5.76
C LYS B 215 -9.93 10.46 6.47
N GLY B 216 -9.12 9.60 7.07
CA GLY B 216 -7.91 10.05 7.75
C GLY B 216 -8.15 10.75 9.07
N PHE B 217 -9.17 10.31 9.81
CA PHE B 217 -9.47 10.91 11.11
C PHE B 217 -9.32 9.89 12.26
N ILE B 218 -8.64 8.76 12.00
CA ILE B 218 -8.25 7.74 12.98
C ILE B 218 -7.20 6.84 12.33
N GLY B 219 -6.16 6.55 13.09
CA GLY B 219 -5.05 5.71 12.68
C GLY B 219 -3.89 5.95 13.60
N PRO B 220 -3.04 4.94 13.83
CA PRO B 220 -1.91 5.10 14.78
C PRO B 220 -0.95 6.27 14.50
N GLY B 221 -0.70 6.58 13.23
CA GLY B 221 0.18 7.70 12.86
C GLY B 221 -0.55 8.90 12.28
N VAL B 222 -1.89 8.90 12.35
CA VAL B 222 -2.71 9.96 11.78
C VAL B 222 -3.52 10.70 12.88
N ASP B 223 -4.32 9.97 13.66
CA ASP B 223 -5.17 10.56 14.70
C ASP B 223 -5.53 9.49 15.70
N VAL B 224 -5.17 9.70 16.96
CA VAL B 224 -5.39 8.71 18.00
C VAL B 224 -6.39 9.22 19.01
N PRO B 225 -7.66 8.77 18.91
CA PRO B 225 -8.69 9.26 19.83
C PRO B 225 -8.53 8.71 21.26
N ALA B 226 -9.41 9.16 22.16
CA ALA B 226 -9.37 8.80 23.57
C ALA B 226 -10.77 8.94 24.18
N PRO B 227 -11.01 8.40 25.39
CA PRO B 227 -12.33 8.57 26.01
C PRO B 227 -12.48 9.98 26.63
N ASP B 228 -13.67 10.24 27.12
CA ASP B 228 -14.11 11.49 27.74
C ASP B 228 -14.87 11.16 29.03
N MET B 229 -15.52 12.16 29.67
CA MET B 229 -16.39 11.89 30.81
C MET B 229 -17.65 11.13 30.33
N SER B 230 -18.07 11.34 29.07
CA SER B 230 -19.25 10.71 28.44
C SER B 230 -18.93 9.35 27.80
N THR B 231 -17.65 9.03 27.56
CA THR B 231 -17.26 7.76 26.98
C THR B 231 -16.26 7.03 27.92
N GLY B 232 -16.09 5.72 27.73
CA GLY B 232 -15.21 4.90 28.57
C GLY B 232 -14.32 3.91 27.84
N GLU B 233 -13.65 3.03 28.59
CA GLU B 233 -12.71 2.03 28.06
C GLU B 233 -13.36 0.97 27.17
N ARG B 234 -14.65 0.63 27.38
CA ARG B 234 -15.32 -0.35 26.53
C ARG B 234 -15.49 0.21 25.12
N GLU B 235 -15.82 1.51 25.01
CA GLU B 235 -15.97 2.15 23.71
C GLU B 235 -14.63 2.24 22.99
N MET B 236 -13.56 2.50 23.72
CA MET B 236 -12.22 2.58 23.14
C MET B 236 -11.79 1.22 22.61
N SER B 237 -12.15 0.15 23.31
CA SER B 237 -11.88 -1.22 22.91
C SER B 237 -12.58 -1.56 21.60
N TRP B 238 -13.81 -1.07 21.42
CA TRP B 238 -14.58 -1.27 20.21
C TRP B 238 -13.96 -0.51 19.03
N ILE B 239 -13.44 0.70 19.28
CA ILE B 239 -12.77 1.50 18.26
C ILE B 239 -11.52 0.74 17.76
N ALA B 240 -10.67 0.27 18.69
CA ALA B 240 -9.45 -0.45 18.34
C ALA B 240 -9.78 -1.75 17.64
N ASP B 241 -10.82 -2.45 18.09
CA ASP B 241 -11.21 -3.72 17.48
C ASP B 241 -11.76 -3.53 16.07
N THR B 242 -12.51 -2.46 15.85
CA THR B 242 -13.07 -2.18 14.52
C THR B 242 -11.97 -1.78 13.57
N TYR B 243 -11.06 -0.91 14.02
CA TYR B 243 -9.98 -0.45 13.18
C TYR B 243 -9.04 -1.60 12.80
N ALA B 244 -8.62 -2.42 13.78
CA ALA B 244 -7.70 -3.53 13.53
C ALA B 244 -8.32 -4.65 12.70
N SER B 245 -9.67 -4.76 12.68
CA SER B 245 -10.36 -5.80 11.92
C SER B 245 -10.61 -5.42 10.48
N THR B 246 -10.76 -4.12 10.18
CA THR B 246 -11.13 -3.68 8.85
C THR B 246 -9.97 -2.84 8.19
N ILE B 247 -10.00 -1.49 8.22
CA ILE B 247 -9.05 -0.56 7.60
C ILE B 247 -7.58 -0.80 7.99
N GLY B 248 -7.31 -0.99 9.27
CA GLY B 248 -5.95 -1.20 9.74
C GLY B 248 -5.56 -2.64 9.95
N HIS B 249 -6.14 -3.57 9.19
CA HIS B 249 -5.82 -4.99 9.34
C HIS B 249 -4.34 -5.29 9.03
N TYR B 250 -3.76 -4.61 8.03
CA TYR B 250 -2.37 -4.86 7.65
C TYR B 250 -1.35 -4.04 8.49
N ASP B 251 -1.81 -3.28 9.48
CA ASP B 251 -0.96 -2.45 10.31
C ASP B 251 -0.54 -3.17 11.60
N ILE B 252 0.76 -3.35 11.80
CA ILE B 252 1.30 -3.96 13.02
C ILE B 252 0.96 -3.10 14.27
N ASN B 253 0.74 -1.80 14.09
CA ASN B 253 0.42 -0.86 15.16
C ASN B 253 -1.07 -0.49 15.20
N ALA B 254 -1.96 -1.32 14.63
CA ALA B 254 -3.39 -1.04 14.59
C ALA B 254 -3.99 -0.75 15.97
N HIS B 255 -3.54 -1.46 17.01
CA HIS B 255 -4.08 -1.25 18.36
C HIS B 255 -3.60 0.08 18.99
N ALA B 256 -2.61 0.75 18.43
CA ALA B 256 -2.19 2.07 18.92
C ALA B 256 -3.10 3.21 18.34
N CYS B 257 -4.17 2.87 17.55
CA CYS B 257 -5.05 3.84 16.92
C CYS B 257 -5.92 4.63 17.91
N VAL B 258 -6.00 4.18 19.18
CA VAL B 258 -6.83 4.80 20.21
C VAL B 258 -6.24 4.51 21.60
N THR B 259 -6.45 5.44 22.56
CA THR B 259 -5.97 5.24 23.94
C THR B 259 -7.20 5.14 24.89
N GLY B 260 -6.95 4.91 26.18
CA GLY B 260 -8.00 4.69 27.16
C GLY B 260 -8.58 3.28 27.07
N LYS B 261 -7.85 2.34 26.45
CA LYS B 261 -8.28 0.95 26.26
C LYS B 261 -8.18 0.13 27.53
N PRO B 262 -8.97 -0.95 27.67
CA PRO B 262 -8.78 -1.84 28.83
C PRO B 262 -7.41 -2.55 28.78
N ILE B 263 -6.89 -3.02 29.93
CA ILE B 263 -5.58 -3.68 29.98
C ILE B 263 -5.53 -4.89 29.01
N SER B 264 -6.62 -5.67 28.93
CA SER B 264 -6.65 -6.84 28.06
C SER B 264 -6.58 -6.48 26.55
N GLN B 265 -6.76 -5.20 26.19
CA GLN B 265 -6.75 -4.76 24.79
C GLN B 265 -5.55 -3.86 24.45
N GLY B 266 -4.55 -3.78 25.32
CA GLY B 266 -3.40 -2.92 25.08
C GLY B 266 -3.37 -1.64 25.90
N GLY B 267 -4.21 -1.56 26.92
CA GLY B 267 -4.26 -0.40 27.80
C GLY B 267 -3.04 -0.32 28.70
N ILE B 268 -2.83 0.85 29.31
CA ILE B 268 -1.66 1.02 30.15
C ILE B 268 -2.05 1.04 31.62
N HIS B 269 -1.16 0.55 32.48
CA HIS B 269 -1.37 0.59 33.91
C HIS B 269 -1.02 2.00 34.38
N GLY B 270 -1.83 2.58 35.24
CA GLY B 270 -1.62 3.94 35.73
C GLY B 270 -2.49 4.98 35.04
N ARG B 271 -3.40 4.54 34.18
CA ARG B 271 -4.30 5.43 33.45
C ARG B 271 -5.43 5.97 34.34
N ILE B 272 -5.98 5.15 35.25
CA ILE B 272 -7.12 5.59 36.06
C ILE B 272 -6.74 6.74 37.03
N SER B 273 -5.54 6.71 37.60
CA SER B 273 -5.10 7.75 38.53
C SER B 273 -4.27 8.86 37.85
N ALA B 274 -4.04 8.77 36.52
CA ALA B 274 -3.22 9.71 35.75
C ALA B 274 -3.55 11.19 36.00
N THR B 275 -4.81 11.60 35.91
CA THR B 275 -5.18 13.00 36.04
C THR B 275 -4.92 13.48 37.47
N GLY B 276 -5.34 12.68 38.46
CA GLY B 276 -5.14 12.98 39.87
C GLY B 276 -3.69 13.07 40.29
N ARG B 277 -2.83 12.22 39.74
CA ARG B 277 -1.40 12.26 40.05
C ARG B 277 -0.76 13.50 39.41
N GLY B 278 -1.22 13.89 38.22
CA GLY B 278 -0.74 15.08 37.53
C GLY B 278 -1.10 16.34 38.28
N VAL B 279 -2.30 16.37 38.90
CA VAL B 279 -2.73 17.51 39.71
C VAL B 279 -1.81 17.59 40.94
N PHE B 280 -1.56 16.45 41.60
CA PHE B 280 -0.66 16.39 42.74
C PHE B 280 0.75 16.89 42.38
N HIS B 281 1.37 16.35 41.31
CA HIS B 281 2.74 16.74 40.95
C HIS B 281 2.80 18.19 40.47
N GLY B 282 1.75 18.67 39.82
CA GLY B 282 1.70 20.05 39.36
C GLY B 282 1.68 21.02 40.51
N ILE B 283 0.85 20.73 41.53
CA ILE B 283 0.78 21.54 42.76
C ILE B 283 2.12 21.45 43.48
N GLU B 284 2.64 20.23 43.63
CA GLU B 284 3.91 19.91 44.29
C GLU B 284 5.09 20.70 43.73
N ASN B 285 5.16 20.86 42.41
CA ASN B 285 6.28 21.55 41.78
C ASN B 285 6.33 23.04 42.10
N PHE B 286 5.17 23.67 42.32
CA PHE B 286 5.11 25.09 42.66
C PHE B 286 5.18 25.28 44.17
N ILE B 287 4.55 24.38 44.94
CA ILE B 287 4.53 24.45 46.39
C ILE B 287 5.91 24.19 46.99
N ASN B 288 6.84 23.51 46.28
CA ASN B 288 8.19 23.29 46.78
C ASN B 288 9.13 24.48 46.46
N GLU B 289 8.75 25.34 45.50
CA GLU B 289 9.54 26.46 45.03
C GLU B 289 9.38 27.64 46.00
N ALA B 290 10.41 27.90 46.82
CA ALA B 290 10.38 28.94 47.85
C ALA B 290 10.21 30.35 47.31
N SER B 291 10.63 30.60 46.06
CA SER B 291 10.49 31.93 45.46
C SER B 291 9.01 32.27 45.26
N TYR B 292 8.23 31.34 44.69
CA TYR B 292 6.80 31.54 44.48
C TYR B 292 6.03 31.51 45.79
N MET B 293 6.45 30.67 46.74
CA MET B 293 5.77 30.57 48.02
C MET B 293 6.00 31.79 48.92
N SER B 294 7.18 32.43 48.84
CA SER B 294 7.42 33.63 49.64
C SER B 294 6.50 34.79 49.19
N ILE B 295 6.21 34.87 47.89
CA ILE B 295 5.30 35.87 47.32
C ILE B 295 3.87 35.66 47.86
N LEU B 296 3.47 34.40 48.10
CA LEU B 296 2.15 34.09 48.64
C LEU B 296 2.11 34.09 50.19
N GLY B 297 3.24 34.39 50.85
CA GLY B 297 3.34 34.41 52.30
C GLY B 297 3.31 33.04 52.95
N MET B 298 3.74 32.01 52.21
CA MET B 298 3.72 30.65 52.73
C MET B 298 5.10 29.98 52.73
N THR B 299 5.24 28.92 53.53
CA THR B 299 6.46 28.11 53.58
C THR B 299 6.37 27.04 52.48
N PRO B 300 7.51 26.56 51.95
CA PRO B 300 7.43 25.48 50.93
C PRO B 300 7.01 24.14 51.54
N GLY B 301 6.49 23.26 50.70
CA GLY B 301 6.07 21.94 51.15
C GLY B 301 4.61 21.79 51.47
N PHE B 302 4.14 20.54 51.56
CA PHE B 302 2.74 20.24 51.87
C PHE B 302 2.42 20.18 53.37
N GLY B 303 3.45 20.17 54.22
CA GLY B 303 3.24 20.15 55.67
C GLY B 303 2.62 21.44 56.15
N ASP B 304 1.63 21.33 57.04
CA ASP B 304 0.88 22.46 57.60
C ASP B 304 0.10 23.25 56.55
N LYS B 305 -0.27 22.58 55.44
CA LYS B 305 -1.08 23.18 54.38
C LYS B 305 -2.49 22.64 54.45
N THR B 306 -3.47 23.47 54.13
CA THR B 306 -4.86 23.04 54.11
C THR B 306 -5.38 23.14 52.68
N PHE B 307 -6.30 22.25 52.31
CA PHE B 307 -6.85 22.29 50.96
C PHE B 307 -8.33 21.92 50.93
N ALA B 308 -9.01 22.38 49.89
CA ALA B 308 -10.42 22.11 49.67
C ALA B 308 -10.60 21.65 48.23
N VAL B 309 -11.43 20.62 48.00
CA VAL B 309 -11.63 20.10 46.65
C VAL B 309 -13.09 20.26 46.21
N GLN B 310 -13.34 20.96 45.09
CA GLN B 310 -14.70 21.11 44.59
C GLN B 310 -14.93 20.16 43.43
N GLY B 311 -15.68 19.10 43.69
CA GLY B 311 -15.95 18.06 42.71
C GLY B 311 -15.33 16.79 43.24
N PHE B 312 -16.16 15.79 43.59
CA PHE B 312 -15.63 14.56 44.18
C PHE B 312 -15.75 13.40 43.22
N GLY B 313 -15.33 13.64 42.00
CA GLY B 313 -15.23 12.59 41.00
C GLY B 313 -13.88 11.92 41.16
N ASN B 314 -13.38 11.31 40.09
CA ASN B 314 -12.10 10.61 40.15
C ASN B 314 -10.93 11.57 40.34
N VAL B 315 -10.95 12.75 39.67
CA VAL B 315 -9.87 13.72 39.83
C VAL B 315 -9.85 14.24 41.26
N GLY B 316 -11.03 14.57 41.78
CA GLY B 316 -11.16 15.06 43.15
C GLY B 316 -10.73 14.06 44.20
N LEU B 317 -11.11 12.79 44.01
CA LEU B 317 -10.75 11.72 44.94
C LEU B 317 -9.24 11.42 44.93
N HIS B 318 -8.64 11.36 43.73
CA HIS B 318 -7.22 11.06 43.63
C HIS B 318 -6.41 12.23 44.16
N SER B 319 -6.73 13.48 43.76
CA SER B 319 -6.03 14.67 44.27
C SER B 319 -6.05 14.73 45.82
N MET B 320 -7.22 14.51 46.43
CA MET B 320 -7.39 14.52 47.87
C MET B 320 -6.55 13.43 48.53
N ARG B 321 -6.50 12.25 47.92
CA ARG B 321 -5.74 11.12 48.44
C ARG B 321 -4.21 11.37 48.44
N TYR B 322 -3.66 11.97 47.36
CA TYR B 322 -2.22 12.21 47.29
C TYR B 322 -1.79 13.41 48.11
N LEU B 323 -2.61 14.48 48.20
CA LEU B 323 -2.23 15.64 49.02
C LEU B 323 -2.22 15.24 50.49
N HIS B 324 -3.21 14.44 50.92
CA HIS B 324 -3.29 13.95 52.29
C HIS B 324 -2.07 13.11 52.65
N ARG B 325 -1.65 12.24 51.71
CA ARG B 325 -0.49 11.37 51.86
C ARG B 325 0.81 12.16 52.13
N PHE B 326 0.87 13.44 51.70
CA PHE B 326 2.08 14.24 51.88
C PHE B 326 1.96 15.29 53.00
N GLY B 327 0.98 15.16 53.88
CA GLY B 327 0.84 16.05 55.03
C GLY B 327 -0.21 17.14 54.91
N ALA B 328 -0.78 17.37 53.71
CA ALA B 328 -1.81 18.40 53.56
C ALA B 328 -3.11 17.94 54.17
N LYS B 329 -3.81 18.85 54.85
CA LYS B 329 -5.05 18.54 55.53
C LYS B 329 -6.26 19.00 54.73
N CYS B 330 -7.17 18.07 54.40
CA CYS B 330 -8.37 18.43 53.64
C CYS B 330 -9.40 19.00 54.59
N VAL B 331 -9.70 20.29 54.43
CA VAL B 331 -10.65 20.96 55.33
C VAL B 331 -12.08 20.93 54.76
N ALA B 332 -12.26 20.78 53.44
CA ALA B 332 -13.59 20.77 52.85
C ALA B 332 -13.67 20.01 51.53
N VAL B 333 -14.80 19.33 51.27
CA VAL B 333 -15.04 18.63 50.02
C VAL B 333 -16.41 19.02 49.49
N GLY B 334 -16.43 19.53 48.28
CA GLY B 334 -17.66 19.94 47.61
C GLY B 334 -18.11 18.92 46.59
N GLU B 335 -19.42 18.78 46.44
CA GLU B 335 -20.02 17.83 45.52
C GLU B 335 -21.18 18.50 44.75
N SER B 336 -21.71 17.85 43.70
CA SER B 336 -22.85 18.38 42.95
C SER B 336 -24.06 18.61 43.86
N ASP B 337 -24.22 17.75 44.87
CA ASP B 337 -25.29 17.85 45.87
C ASP B 337 -24.68 18.20 47.23
N GLY B 338 -24.56 19.48 47.52
CA GLY B 338 -24.02 19.95 48.79
C GLY B 338 -22.54 19.74 49.03
N SER B 339 -22.06 20.18 50.20
CA SER B 339 -20.64 20.08 50.56
C SER B 339 -20.45 19.75 52.04
N ILE B 340 -19.27 19.22 52.39
CA ILE B 340 -18.96 18.90 53.80
C ILE B 340 -17.71 19.70 54.24
N TRP B 341 -17.57 19.95 55.56
CA TRP B 341 -16.47 20.75 56.07
C TRP B 341 -16.05 20.32 57.48
N ASN B 342 -14.73 20.30 57.72
CA ASN B 342 -14.14 20.00 59.01
C ASN B 342 -12.76 20.64 59.08
N PRO B 343 -12.59 21.68 59.93
CA PRO B 343 -11.28 22.35 60.01
C PRO B 343 -10.18 21.47 60.59
N ASP B 344 -10.55 20.41 61.33
CA ASP B 344 -9.56 19.48 61.88
C ASP B 344 -9.08 18.44 60.83
N GLY B 345 -9.80 18.30 59.72
CA GLY B 345 -9.42 17.37 58.67
C GLY B 345 -10.46 16.34 58.30
N ILE B 346 -10.42 15.92 57.02
CA ILE B 346 -11.31 14.89 56.48
C ILE B 346 -10.45 13.79 55.87
N ASP B 347 -10.60 12.55 56.32
CA ASP B 347 -9.81 11.43 55.81
C ASP B 347 -10.34 10.97 54.47
N PRO B 348 -9.47 10.87 53.45
CA PRO B 348 -9.92 10.47 52.12
C PRO B 348 -10.40 9.02 52.05
N LYS B 349 -9.79 8.11 52.81
CA LYS B 349 -10.20 6.71 52.80
C LYS B 349 -11.57 6.56 53.47
N GLU B 350 -11.80 7.29 54.58
CA GLU B 350 -13.08 7.25 55.29
C GLU B 350 -14.20 7.88 54.44
N LEU B 351 -13.88 8.95 53.70
CA LEU B 351 -14.87 9.64 52.87
C LEU B 351 -15.20 8.83 51.62
N GLU B 352 -14.18 8.15 51.03
CA GLU B 352 -14.39 7.33 49.84
C GLU B 352 -15.26 6.11 50.18
N ASP B 353 -15.01 5.50 51.35
CA ASP B 353 -15.79 4.34 51.79
C ASP B 353 -17.24 4.73 52.09
N PHE B 354 -17.46 5.95 52.62
CA PHE B 354 -18.79 6.45 52.92
C PHE B 354 -19.58 6.67 51.62
N LYS B 355 -18.94 7.29 50.62
CA LYS B 355 -19.58 7.56 49.33
C LYS B 355 -19.88 6.27 48.55
N LEU B 356 -19.04 5.24 48.71
CA LEU B 356 -19.26 3.97 48.02
C LEU B 356 -20.46 3.20 48.58
N GLN B 357 -20.85 3.44 49.83
CA GLN B 357 -21.98 2.74 50.43
C GLN B 357 -23.25 3.60 50.52
N HIS B 358 -23.17 4.92 50.27
CA HIS B 358 -24.35 5.78 50.36
C HIS B 358 -24.62 6.62 49.09
N GLY B 359 -23.72 6.57 48.11
CA GLY B 359 -23.87 7.31 46.87
C GLY B 359 -23.51 8.79 46.94
N THR B 360 -23.39 9.33 48.16
CA THR B 360 -23.09 10.75 48.35
C THR B 360 -22.20 10.96 49.59
N ILE B 361 -21.56 12.14 49.68
CA ILE B 361 -20.75 12.48 50.85
C ILE B 361 -21.61 13.13 51.96
N LEU B 362 -22.88 13.47 51.69
CA LEU B 362 -23.78 14.09 52.64
C LEU B 362 -24.10 13.15 53.80
N GLY B 363 -23.95 13.66 55.01
CA GLY B 363 -24.18 12.88 56.21
C GLY B 363 -22.94 12.23 56.78
N PHE B 364 -21.75 12.61 56.29
CA PHE B 364 -20.47 12.05 56.77
C PHE B 364 -20.30 12.41 58.25
N PRO B 365 -20.09 11.39 59.10
CA PRO B 365 -20.06 11.64 60.55
C PRO B 365 -18.95 12.59 61.02
N LYS B 366 -17.77 12.54 60.40
CA LYS B 366 -16.66 13.37 60.83
C LYS B 366 -16.56 14.66 59.99
N ALA B 367 -17.71 15.32 59.72
CA ALA B 367 -17.78 16.58 58.95
C ALA B 367 -19.17 17.24 59.08
N LYS B 368 -19.24 18.56 58.84
CA LYS B 368 -20.48 19.34 58.92
C LYS B 368 -21.01 19.69 57.52
N ILE B 369 -22.34 19.62 57.32
CA ILE B 369 -22.97 19.91 56.04
C ILE B 369 -23.08 21.42 55.76
N TYR B 370 -22.80 21.81 54.51
CA TYR B 370 -22.93 23.19 54.02
C TYR B 370 -23.68 23.17 52.67
N GLU B 371 -24.64 24.08 52.47
CA GLU B 371 -25.48 24.10 51.27
C GLU B 371 -24.69 24.37 49.97
N GLY B 372 -23.93 25.46 49.88
CA GLY B 372 -23.22 25.79 48.65
C GLY B 372 -21.90 25.10 48.40
N SER B 373 -21.08 25.70 47.52
CA SER B 373 -19.73 25.23 47.15
C SER B 373 -18.71 25.56 48.25
N ILE B 374 -17.54 24.93 48.20
CA ILE B 374 -16.48 25.18 49.19
C ILE B 374 -15.44 26.20 48.68
N LEU B 375 -15.73 26.93 47.58
CA LEU B 375 -14.80 27.87 46.97
C LEU B 375 -14.38 29.03 47.89
N GLU B 376 -15.21 29.39 48.86
CA GLU B 376 -14.88 30.49 49.78
C GLU B 376 -14.43 29.99 51.17
N VAL B 377 -14.15 28.69 51.32
CA VAL B 377 -13.72 28.11 52.59
C VAL B 377 -12.27 28.52 52.87
N ASP B 378 -11.96 28.80 54.15
CA ASP B 378 -10.61 29.18 54.54
C ASP B 378 -9.67 28.00 54.38
N CYS B 379 -8.80 28.08 53.39
CA CYS B 379 -7.79 27.06 53.11
C CYS B 379 -6.57 27.70 52.40
N ASP B 380 -5.52 26.92 52.15
CA ASP B 380 -4.34 27.42 51.43
C ASP B 380 -4.46 27.10 49.95
N ILE B 381 -4.92 25.88 49.63
CA ILE B 381 -5.04 25.42 48.25
C ILE B 381 -6.50 25.11 47.91
N LEU B 382 -7.02 25.72 46.84
CA LEU B 382 -8.38 25.43 46.38
C LEU B 382 -8.28 24.64 45.11
N ILE B 383 -8.92 23.47 45.03
CA ILE B 383 -8.83 22.64 43.85
C ILE B 383 -10.17 22.44 43.16
N PRO B 384 -10.48 23.27 42.15
CA PRO B 384 -11.68 23.01 41.35
C PRO B 384 -11.43 21.76 40.50
N ALA B 385 -12.07 20.63 40.87
CA ALA B 385 -11.90 19.35 40.19
C ALA B 385 -13.18 18.89 39.47
N ALA B 386 -13.99 19.84 39.01
CA ALA B 386 -15.20 19.52 38.24
C ALA B 386 -15.31 20.45 37.02
N SER B 387 -15.74 19.91 35.86
CA SER B 387 -15.81 20.71 34.64
C SER B 387 -17.04 21.62 34.61
N GLU B 388 -16.95 22.74 35.31
CA GLU B 388 -18.00 23.74 35.37
C GLU B 388 -17.40 25.11 35.71
N LYS B 389 -18.10 26.18 35.35
CA LYS B 389 -17.66 27.54 35.68
C LYS B 389 -17.88 27.74 37.18
N GLN B 390 -16.79 27.88 37.94
CA GLN B 390 -16.88 27.99 39.38
C GLN B 390 -16.41 29.35 39.86
N LEU B 391 -15.23 29.79 39.41
CA LEU B 391 -14.67 31.06 39.85
C LEU B 391 -14.96 32.15 38.83
N THR B 392 -15.83 33.08 39.24
CA THR B 392 -16.29 34.22 38.45
C THR B 392 -15.91 35.54 39.14
N LYS B 393 -16.19 36.70 38.51
CA LYS B 393 -15.88 38.02 39.08
C LYS B 393 -16.65 38.30 40.38
N SER B 394 -17.77 37.61 40.63
CA SER B 394 -18.56 37.84 41.84
C SER B 394 -18.00 37.13 43.05
N ASN B 395 -17.47 35.89 42.89
CA ASN B 395 -16.94 35.16 44.05
C ASN B 395 -15.41 35.16 44.14
N ALA B 396 -14.70 35.65 43.11
CA ALA B 396 -13.23 35.70 43.15
C ALA B 396 -12.70 36.56 44.32
N PRO B 397 -13.30 37.74 44.68
CA PRO B 397 -12.77 38.48 45.84
C PRO B 397 -13.05 37.80 47.19
N ARG B 398 -13.95 36.81 47.23
CA ARG B 398 -14.25 36.08 48.47
C ARG B 398 -13.42 34.80 48.65
N VAL B 399 -12.55 34.46 47.69
CA VAL B 399 -11.70 33.28 47.78
C VAL B 399 -10.63 33.50 48.85
N LYS B 400 -10.50 32.56 49.79
CA LYS B 400 -9.52 32.70 50.86
C LYS B 400 -8.22 31.90 50.61
N ALA B 401 -8.18 31.08 49.55
CA ALA B 401 -7.00 30.30 49.22
C ALA B 401 -5.93 31.15 48.53
N LYS B 402 -4.65 30.79 48.72
CA LYS B 402 -3.55 31.48 48.07
C LYS B 402 -3.14 30.79 46.75
N ILE B 403 -3.48 29.50 46.59
CA ILE B 403 -3.19 28.74 45.38
C ILE B 403 -4.50 28.16 44.84
N ILE B 404 -4.77 28.37 43.55
CA ILE B 404 -5.94 27.78 42.92
C ILE B 404 -5.43 26.80 41.87
N ALA B 405 -5.62 25.51 42.14
CA ALA B 405 -5.14 24.43 41.31
C ALA B 405 -6.24 23.90 40.40
N GLU B 406 -6.25 24.30 39.12
CA GLU B 406 -7.29 23.87 38.19
C GLU B 406 -7.17 22.41 37.77
N GLY B 407 -7.92 21.52 38.43
CA GLY B 407 -7.94 20.10 38.09
C GLY B 407 -9.03 19.74 37.09
N ALA B 408 -9.45 20.72 36.30
CA ALA B 408 -10.48 20.59 35.27
C ALA B 408 -10.30 21.71 34.23
N ASN B 409 -10.95 21.59 33.07
CA ASN B 409 -10.83 22.62 32.05
C ASN B 409 -11.85 23.76 32.27
N GLY B 410 -11.32 24.98 32.26
CA GLY B 410 -12.06 26.23 32.39
C GLY B 410 -12.87 26.49 33.64
N PRO B 411 -12.34 26.24 34.86
CA PRO B 411 -13.13 26.56 36.05
C PRO B 411 -13.04 28.05 36.46
N THR B 412 -12.13 28.83 35.87
CA THR B 412 -11.96 30.24 36.23
C THR B 412 -12.15 31.14 35.01
N THR B 413 -13.01 32.15 35.12
CA THR B 413 -13.27 33.10 34.03
C THR B 413 -12.12 34.11 33.91
N PRO B 414 -11.91 34.75 32.73
CA PRO B 414 -10.83 35.74 32.61
C PRO B 414 -10.95 36.90 33.60
N GLU B 415 -12.18 37.26 33.99
CA GLU B 415 -12.41 38.33 34.97
C GLU B 415 -11.93 37.90 36.36
N ALA B 416 -12.13 36.62 36.71
CA ALA B 416 -11.66 36.09 37.99
C ALA B 416 -10.14 36.02 38.00
N ASP B 417 -9.51 35.65 36.87
CA ASP B 417 -8.04 35.61 36.73
C ASP B 417 -7.42 36.97 37.07
N LYS B 418 -8.04 38.05 36.58
CA LYS B 418 -7.59 39.42 36.81
C LYS B 418 -7.68 39.77 38.31
N ILE B 419 -8.76 39.36 38.98
CA ILE B 419 -8.95 39.60 40.41
C ILE B 419 -7.88 38.83 41.20
N PHE B 420 -7.62 37.56 40.83
CA PHE B 420 -6.62 36.75 41.51
C PHE B 420 -5.22 37.35 41.36
N LEU B 421 -4.90 37.92 40.19
CA LEU B 421 -3.60 38.56 39.98
C LEU B 421 -3.46 39.82 40.85
N GLU B 422 -4.56 40.56 41.03
CA GLU B 422 -4.58 41.75 41.88
C GLU B 422 -4.46 41.39 43.36
N ARG B 423 -5.01 40.22 43.76
CA ARG B 423 -4.98 39.75 45.14
C ARG B 423 -3.76 38.87 45.46
N ASN B 424 -2.83 38.69 44.53
CA ASN B 424 -1.64 37.85 44.69
C ASN B 424 -2.03 36.42 45.02
N ILE B 425 -2.90 35.85 44.19
CA ILE B 425 -3.36 34.48 44.29
C ILE B 425 -2.81 33.77 43.08
N MET B 426 -2.07 32.68 43.30
CA MET B 426 -1.45 31.95 42.20
C MET B 426 -2.41 30.93 41.60
N VAL B 427 -2.75 31.08 40.33
CA VAL B 427 -3.61 30.12 39.65
C VAL B 427 -2.75 29.20 38.78
N ILE B 428 -2.66 27.91 39.14
CA ILE B 428 -1.92 26.91 38.34
C ILE B 428 -2.90 26.49 37.25
N PRO B 429 -2.62 26.85 35.99
CA PRO B 429 -3.63 26.66 34.94
C PRO B 429 -3.86 25.23 34.48
N ASP B 430 -5.09 24.99 33.99
CA ASP B 430 -5.62 23.73 33.46
C ASP B 430 -4.78 23.20 32.29
N LEU B 431 -4.25 24.10 31.46
CA LEU B 431 -3.39 23.75 30.32
C LEU B 431 -2.18 22.89 30.78
N TYR B 432 -1.71 23.13 32.01
CA TYR B 432 -0.60 22.41 32.61
C TYR B 432 -1.12 21.36 33.62
N LEU B 433 -1.88 21.77 34.63
CA LEU B 433 -2.31 20.90 35.71
C LEU B 433 -3.27 19.78 35.29
N ASN B 434 -4.06 19.98 34.23
CA ASN B 434 -5.00 18.93 33.77
C ASN B 434 -4.39 18.11 32.62
N ALA B 435 -3.04 18.04 32.54
CA ALA B 435 -2.38 17.32 31.43
C ALA B 435 -1.79 15.98 31.86
N GLY B 436 -2.25 15.41 32.97
CA GLY B 436 -1.76 14.13 33.45
C GLY B 436 -2.25 12.97 32.63
N GLY B 437 -3.52 13.02 32.26
CA GLY B 437 -4.17 12.00 31.44
C GLY B 437 -3.65 12.02 30.02
N VAL B 438 -3.37 13.23 29.50
CA VAL B 438 -2.80 13.44 28.16
C VAL B 438 -1.40 12.83 28.11
N THR B 439 -0.61 13.03 29.17
CA THR B 439 0.75 12.51 29.26
C THR B 439 0.72 10.99 29.25
N VAL B 440 -0.11 10.37 30.10
CA VAL B 440 -0.19 8.92 30.18
C VAL B 440 -0.84 8.33 28.90
N SER B 441 -1.66 9.10 28.17
CA SER B 441 -2.23 8.64 26.91
C SER B 441 -1.11 8.50 25.86
N TYR B 442 -0.11 9.41 25.88
CA TYR B 442 1.09 9.36 25.05
C TYR B 442 1.84 8.06 25.37
N PHE B 443 1.97 7.73 26.68
CA PHE B 443 2.66 6.52 27.13
C PHE B 443 1.91 5.26 26.71
N GLU B 444 0.57 5.29 26.65
CA GLU B 444 -0.19 4.14 26.20
C GLU B 444 0.03 3.89 24.71
N TRP B 445 0.05 4.98 23.92
CA TRP B 445 0.33 4.93 22.49
C TRP B 445 1.74 4.37 22.26
N LEU B 446 2.73 4.82 23.06
CA LEU B 446 4.11 4.32 22.99
C LEU B 446 4.15 2.86 23.35
N LYS B 447 3.43 2.43 24.40
CA LYS B 447 3.36 1.04 24.83
C LYS B 447 2.85 0.14 23.69
N ASN B 448 1.82 0.60 22.93
CA ASN B 448 1.30 -0.17 21.80
C ASN B 448 2.28 -0.22 20.63
N LEU B 449 3.08 0.84 20.43
CA LEU B 449 4.11 0.87 19.42
C LEU B 449 5.24 -0.11 19.81
N ASN B 450 5.62 -0.09 21.11
CA ASN B 450 6.66 -0.94 21.66
C ASN B 450 6.27 -2.41 21.64
N HIS B 451 4.96 -2.72 21.78
CA HIS B 451 4.40 -4.07 21.83
C HIS B 451 4.89 -4.84 23.05
N VAL B 452 5.18 -4.13 24.14
CA VAL B 452 5.67 -4.69 25.40
C VAL B 452 5.30 -3.75 26.54
N SER B 453 5.06 -4.32 27.73
CA SER B 453 4.77 -3.51 28.91
C SER B 453 6.08 -2.88 29.42
N TYR B 454 5.98 -1.72 30.07
CA TYR B 454 7.16 -1.02 30.58
C TYR B 454 7.82 -1.80 31.72
N GLY B 455 9.14 -1.96 31.60
CA GLY B 455 9.93 -2.63 32.61
C GLY B 455 10.04 -4.14 32.51
N ARG B 456 9.22 -4.76 31.65
CA ARG B 456 9.18 -6.21 31.43
C ARG B 456 10.56 -6.90 31.41
N LEU B 457 11.53 -6.35 30.66
CA LEU B 457 12.86 -6.97 30.57
C LEU B 457 13.89 -6.40 31.53
N THR B 458 13.58 -5.30 32.25
CA THR B 458 14.59 -4.67 33.09
C THR B 458 14.34 -4.68 34.61
N PHE B 459 13.14 -5.05 35.08
CA PHE B 459 12.86 -5.04 36.53
C PHE B 459 13.80 -5.98 37.32
N LYS B 460 13.94 -7.22 36.86
CA LYS B 460 14.79 -8.21 37.51
C LYS B 460 16.27 -7.79 37.41
N TYR B 461 16.66 -7.21 36.26
CA TYR B 461 18.02 -6.70 36.05
C TYR B 461 18.34 -5.57 37.04
N GLU B 462 17.39 -4.64 37.24
CA GLU B 462 17.56 -3.52 38.15
C GLU B 462 17.65 -4.01 39.60
N ARG B 463 16.82 -4.99 39.96
CA ARG B 463 16.80 -5.59 41.29
C ARG B 463 18.15 -6.22 41.63
N ASP B 464 18.73 -6.98 40.68
CA ASP B 464 20.03 -7.62 40.90
C ASP B 464 21.14 -6.58 41.02
N SER B 465 21.08 -5.49 40.23
CA SER B 465 22.07 -4.42 40.32
C SER B 465 22.02 -3.71 41.67
N ASN B 466 20.80 -3.50 42.21
CA ASN B 466 20.59 -2.87 43.51
C ASN B 466 21.19 -3.72 44.61
N TYR B 467 20.98 -5.05 44.54
CA TYR B 467 21.52 -5.97 45.53
C TYR B 467 23.06 -6.01 45.45
N HIS B 468 23.60 -5.97 44.23
CA HIS B 468 25.04 -5.95 43.99
C HIS B 468 25.66 -4.67 44.53
N LEU B 469 24.94 -3.53 44.44
CA LEU B 469 25.40 -2.25 44.97
C LEU B 469 25.46 -2.28 46.49
N LEU B 470 24.41 -2.83 47.13
CA LEU B 470 24.37 -2.94 48.59
C LEU B 470 25.45 -3.92 49.08
N MET B 471 25.69 -5.01 48.34
CA MET B 471 26.72 -5.99 48.65
C MET B 471 28.11 -5.38 48.53
N SER B 472 28.30 -4.48 47.56
CA SER B 472 29.57 -3.79 47.35
C SER B 472 29.87 -2.83 48.49
N VAL B 473 28.84 -2.15 49.02
CA VAL B 473 29.00 -1.23 50.14
C VAL B 473 29.35 -2.05 51.39
N GLN B 474 28.64 -3.17 51.61
CA GLN B 474 28.88 -4.06 52.75
C GLN B 474 30.30 -4.62 52.74
N GLU B 475 30.75 -5.15 51.58
CA GLU B 475 32.09 -5.74 51.47
C GLU B 475 33.17 -4.70 51.65
N SER B 476 32.96 -3.50 51.10
CA SER B 476 33.94 -2.43 51.22
C SER B 476 34.10 -1.98 52.66
N LEU B 477 32.98 -1.87 53.39
CA LEU B 477 33.02 -1.45 54.79
C LEU B 477 33.59 -2.51 55.69
N GLU B 478 33.27 -3.79 55.44
CA GLU B 478 33.85 -4.88 56.24
C GLU B 478 35.37 -4.97 56.05
N ARG B 479 35.84 -4.66 54.83
CA ARG B 479 37.25 -4.64 54.48
C ARG B 479 37.95 -3.48 55.18
N LYS B 480 37.31 -2.31 55.23
CA LYS B 480 37.86 -1.11 55.83
C LYS B 480 37.87 -1.16 57.35
N PHE B 481 36.81 -1.67 57.99
CA PHE B 481 36.74 -1.66 59.45
C PHE B 481 37.03 -3.01 60.12
N GLY B 482 37.25 -4.07 59.34
CA GLY B 482 37.53 -5.38 59.92
C GLY B 482 36.32 -6.11 60.49
N LYS B 483 36.53 -7.31 61.08
CA LYS B 483 35.39 -8.09 61.58
C LYS B 483 35.26 -8.08 63.12
N HIS B 484 35.89 -7.12 63.82
CA HIS B 484 35.68 -6.98 65.26
C HIS B 484 34.29 -6.35 65.42
N GLY B 485 33.43 -6.98 66.21
CA GLY B 485 32.05 -6.53 66.30
C GLY B 485 31.15 -7.11 65.20
N GLY B 486 31.73 -7.89 64.30
CA GLY B 486 31.01 -8.59 63.25
C GLY B 486 30.81 -7.91 61.91
N THR B 487 29.95 -8.55 61.12
CA THR B 487 29.42 -8.25 59.80
C THR B 487 28.66 -6.90 59.84
N ILE B 488 28.70 -6.13 58.74
CA ILE B 488 27.96 -4.86 58.62
C ILE B 488 26.89 -5.06 57.55
N PRO B 489 25.73 -5.64 57.91
CA PRO B 489 24.70 -5.92 56.88
C PRO B 489 24.12 -4.67 56.23
N ILE B 490 24.20 -4.58 54.91
CA ILE B 490 23.61 -3.47 54.16
C ILE B 490 22.41 -4.05 53.41
N VAL B 491 21.22 -3.80 53.94
CA VAL B 491 19.98 -4.34 53.39
C VAL B 491 19.00 -3.22 53.00
N PRO B 492 18.06 -3.48 52.08
CA PRO B 492 17.11 -2.43 51.71
C PRO B 492 16.17 -2.06 52.86
N THR B 493 15.70 -0.80 52.88
CA THR B 493 14.71 -0.38 53.86
C THR B 493 13.39 -1.14 53.61
N ALA B 494 12.46 -1.11 54.56
CA ALA B 494 11.16 -1.77 54.39
C ALA B 494 10.42 -1.20 53.15
N GLU B 495 10.57 0.11 52.90
CA GLU B 495 9.96 0.82 51.78
C GLU B 495 10.60 0.43 50.47
N PHE B 496 11.94 0.32 50.43
CA PHE B 496 12.67 -0.08 49.23
C PHE B 496 12.37 -1.53 48.86
N GLN B 497 12.28 -2.40 49.87
CA GLN B 497 11.96 -3.81 49.63
C GLN B 497 10.57 -3.96 49.00
N ASP B 498 9.62 -3.16 49.47
CA ASP B 498 8.26 -3.18 48.94
C ASP B 498 8.20 -2.64 47.49
N ARG B 499 9.05 -1.66 47.17
CA ARG B 499 9.18 -1.08 45.83
C ARG B 499 9.74 -2.14 44.87
N ILE B 500 10.77 -2.88 45.31
CA ILE B 500 11.41 -3.94 44.54
C ILE B 500 10.43 -5.10 44.28
N SER B 501 9.74 -5.56 45.33
CA SER B 501 8.80 -6.69 45.22
C SER B 501 7.57 -6.37 44.38
N GLY B 502 7.01 -5.17 44.53
CA GLY B 502 5.82 -4.79 43.78
C GLY B 502 6.06 -4.06 42.47
N ALA B 503 7.33 -4.02 42.01
CA ALA B 503 7.73 -3.34 40.77
C ALA B 503 6.91 -3.80 39.57
N SER B 504 6.13 -2.88 39.00
CA SER B 504 5.30 -3.16 37.83
C SER B 504 5.23 -1.91 36.91
N GLU B 505 4.59 -2.04 35.73
CA GLU B 505 4.45 -0.99 34.73
C GLU B 505 4.00 0.37 35.31
N LYS B 506 3.00 0.39 36.21
CA LYS B 506 2.47 1.64 36.77
C LYS B 506 3.55 2.52 37.40
N ASP B 507 4.59 1.91 37.99
CA ASP B 507 5.68 2.64 38.63
C ASP B 507 6.52 3.42 37.60
N ILE B 508 6.71 2.86 36.41
CA ILE B 508 7.44 3.54 35.34
C ILE B 508 6.56 4.65 34.72
N VAL B 509 5.26 4.38 34.54
CA VAL B 509 4.32 5.38 34.01
C VAL B 509 4.19 6.57 34.99
N HIS B 510 4.18 6.31 36.29
CA HIS B 510 4.12 7.35 37.32
C HIS B 510 5.39 8.19 37.32
N SER B 511 6.54 7.54 37.13
CA SER B 511 7.82 8.24 37.07
C SER B 511 7.84 9.14 35.81
N GLY B 512 7.41 8.59 34.68
CA GLY B 512 7.31 9.33 33.44
C GLY B 512 6.40 10.54 33.54
N LEU B 513 5.27 10.41 34.26
CA LEU B 513 4.36 11.52 34.47
C LEU B 513 4.99 12.57 35.41
N ALA B 514 5.63 12.13 36.51
CA ALA B 514 6.26 13.03 37.46
C ALA B 514 7.40 13.82 36.81
N TYR B 515 8.16 13.19 35.93
CA TYR B 515 9.27 13.84 35.24
C TYR B 515 8.73 14.90 34.28
N THR B 516 7.66 14.58 33.57
CA THR B 516 7.03 15.50 32.63
C THR B 516 6.50 16.74 33.35
N MET B 517 5.78 16.54 34.46
CA MET B 517 5.20 17.65 35.20
C MET B 517 6.27 18.52 35.83
N GLU B 518 7.40 17.94 36.23
CA GLU B 518 8.51 18.67 36.82
C GLU B 518 9.22 19.50 35.74
N ARG B 519 9.49 18.90 34.59
CA ARG B 519 10.17 19.59 33.49
C ARG B 519 9.31 20.72 32.94
N SER B 520 7.99 20.50 32.81
CA SER B 520 7.04 21.49 32.31
C SER B 520 6.81 22.62 33.29
N ALA B 521 6.85 22.34 34.60
CA ALA B 521 6.71 23.40 35.59
C ALA B 521 7.87 24.36 35.51
N ARG B 522 9.10 23.83 35.37
CA ARG B 522 10.29 24.68 35.26
C ARG B 522 10.25 25.48 33.96
N GLN B 523 9.75 24.89 32.86
CA GLN B 523 9.61 25.58 31.58
C GLN B 523 8.64 26.75 31.70
N ILE B 524 7.50 26.53 32.38
CA ILE B 524 6.49 27.58 32.59
C ILE B 524 7.05 28.67 33.52
N MET B 525 7.82 28.30 34.57
CA MET B 525 8.43 29.28 35.48
C MET B 525 9.43 30.15 34.72
N ARG B 526 10.22 29.53 33.83
CA ARG B 526 11.21 30.26 33.03
C ARG B 526 10.53 31.17 32.02
N THR B 527 9.39 30.76 31.45
CA THR B 527 8.66 31.59 30.50
C THR B 527 8.03 32.79 31.23
N ALA B 528 7.51 32.57 32.45
CA ALA B 528 6.92 33.64 33.26
C ALA B 528 7.99 34.65 33.68
N MET B 529 9.21 34.19 33.95
CA MET B 529 10.30 35.09 34.34
C MET B 529 10.85 35.84 33.12
N LYS B 530 10.89 35.18 31.96
CA LYS B 530 11.37 35.76 30.69
C LYS B 530 10.48 36.94 30.26
N TYR B 531 9.15 36.79 30.40
CA TYR B 531 8.22 37.84 29.99
C TYR B 531 7.68 38.67 31.15
N ASN B 532 8.24 38.54 32.37
CA ASN B 532 7.83 39.26 33.57
C ASN B 532 6.31 39.16 33.80
N LEU B 533 5.81 37.91 33.84
CA LEU B 533 4.40 37.61 34.04
C LEU B 533 4.02 37.35 35.51
N GLY B 534 5.00 37.14 36.38
CA GLY B 534 4.75 36.91 37.81
C GLY B 534 3.90 35.70 38.12
N LEU B 535 2.75 35.93 38.78
CA LEU B 535 1.82 34.84 39.10
C LEU B 535 0.82 34.54 37.96
N ASP B 536 0.99 35.16 36.78
CA ASP B 536 0.13 34.88 35.64
C ASP B 536 0.68 33.66 34.95
N LEU B 537 0.54 32.49 35.58
CA LEU B 537 1.02 31.23 35.03
C LEU B 537 0.23 30.78 33.82
N ARG B 538 -1.04 31.21 33.68
CA ARG B 538 -1.86 30.82 32.54
C ARG B 538 -1.29 31.41 31.26
N THR B 539 -0.97 32.73 31.27
CA THR B 539 -0.38 33.37 30.10
C THR B 539 1.00 32.77 29.80
N ALA B 540 1.78 32.46 30.86
CA ALA B 540 3.08 31.82 30.70
C ALA B 540 2.94 30.46 30.02
N ALA B 541 1.91 29.67 30.38
CA ALA B 541 1.69 28.35 29.81
C ALA B 541 1.26 28.46 28.33
N TYR B 542 0.40 29.43 28.00
CA TYR B 542 -0.03 29.63 26.62
C TYR B 542 1.12 30.13 25.76
N VAL B 543 1.92 31.08 26.27
CA VAL B 543 3.09 31.61 25.57
C VAL B 543 4.10 30.48 25.34
N ASN B 544 4.29 29.61 26.33
CA ASN B 544 5.19 28.46 26.25
C ASN B 544 4.74 27.51 25.13
N ALA B 545 3.44 27.27 25.05
CA ALA B 545 2.87 26.39 24.04
C ALA B 545 2.97 27.00 22.64
N ILE B 546 2.68 28.30 22.49
CA ILE B 546 2.74 28.98 21.20
C ILE B 546 4.19 29.08 20.72
N GLU B 547 5.16 29.29 21.61
CA GLU B 547 6.58 29.34 21.22
C GLU B 547 7.01 28.01 20.63
N LYS B 548 6.60 26.89 21.24
CA LYS B 548 6.96 25.56 20.78
C LYS B 548 6.29 25.22 19.43
N VAL B 549 5.00 25.53 19.26
CA VAL B 549 4.29 25.24 18.01
C VAL B 549 4.87 26.11 16.89
N PHE B 550 5.16 27.39 17.18
CA PHE B 550 5.76 28.31 16.22
C PHE B 550 7.09 27.79 15.71
N ARG B 551 7.97 27.32 16.60
CA ARG B 551 9.29 26.83 16.22
C ARG B 551 9.21 25.61 15.29
N VAL B 552 8.22 24.74 15.46
CA VAL B 552 8.07 23.58 14.58
C VAL B 552 7.74 24.04 13.16
N TYR B 553 6.79 24.98 13.00
CA TYR B 553 6.42 25.54 11.67
C TYR B 553 7.58 26.33 11.05
N ASN B 554 8.22 27.19 11.85
CA ASN B 554 9.31 28.03 11.40
C ASN B 554 10.51 27.22 10.91
N GLU B 555 10.94 26.20 11.68
CA GLU B 555 12.10 25.42 11.29
C GLU B 555 11.78 24.34 10.24
N ALA B 556 10.50 24.16 9.86
CA ALA B 556 10.11 23.21 8.82
C ALA B 556 9.99 23.87 7.44
N GLY B 557 9.87 25.20 7.40
CA GLY B 557 9.72 25.94 6.15
C GLY B 557 8.27 26.04 5.71
N ALA C 61 37.21 22.46 -2.58
CA ALA C 61 37.19 21.00 -2.51
C ALA C 61 37.85 20.47 -1.23
N ASP C 62 37.40 19.29 -0.79
CA ASP C 62 37.83 18.54 0.40
C ASP C 62 38.71 17.34 0.03
N ARG C 63 39.27 16.62 1.04
CA ARG C 63 39.97 15.35 0.78
C ARG C 63 38.95 14.31 0.25
N GLU C 64 37.67 14.43 0.67
CA GLU C 64 36.59 13.55 0.23
C GLU C 64 36.19 13.79 -1.24
N ASP C 65 36.66 14.87 -1.89
CA ASP C 65 36.41 15.14 -3.32
C ASP C 65 37.56 14.60 -4.22
N ASP C 66 38.75 14.32 -3.61
CA ASP C 66 39.98 13.85 -4.24
C ASP C 66 39.86 12.44 -4.83
N PRO C 67 40.16 12.29 -6.14
CA PRO C 67 40.13 10.95 -6.75
C PRO C 67 41.13 9.97 -6.14
N ASN C 68 42.26 10.47 -5.61
CA ASN C 68 43.26 9.61 -4.96
C ASN C 68 42.73 9.02 -3.64
N PHE C 69 41.80 9.72 -2.97
CA PHE C 69 41.18 9.20 -1.76
C PHE C 69 40.24 8.03 -2.12
N PHE C 70 39.58 8.07 -3.29
CA PHE C 70 38.70 6.99 -3.73
C PHE C 70 39.52 5.73 -4.02
N LYS C 71 40.69 5.90 -4.66
CA LYS C 71 41.59 4.78 -4.94
C LYS C 71 42.11 4.17 -3.64
N MET C 72 42.33 5.01 -2.62
CA MET C 72 42.78 4.59 -1.28
C MET C 72 41.76 3.65 -0.66
N VAL C 73 40.46 4.04 -0.64
CA VAL C 73 39.38 3.24 -0.06
C VAL C 73 39.27 1.90 -0.78
N GLU C 74 39.40 1.91 -2.11
CA GLU C 74 39.36 0.68 -2.91
C GLU C 74 40.55 -0.25 -2.54
N GLY C 75 41.74 0.34 -2.39
CA GLY C 75 42.92 -0.40 -1.99
C GLY C 75 42.83 -0.97 -0.59
N PHE C 76 42.17 -0.26 0.34
CA PHE C 76 41.98 -0.76 1.69
C PHE C 76 41.07 -1.97 1.68
N PHE C 77 40.02 -1.95 0.84
CA PHE C 77 39.14 -3.09 0.70
C PHE C 77 39.90 -4.28 0.11
N ASP C 78 40.64 -4.08 -1.00
CA ASP C 78 41.40 -5.16 -1.63
C ASP C 78 42.37 -5.82 -0.67
N ARG C 79 43.05 -5.01 0.15
CA ARG C 79 44.02 -5.52 1.12
C ARG C 79 43.30 -6.38 2.16
N GLY C 80 42.20 -5.87 2.71
CA GLY C 80 41.42 -6.58 3.72
C GLY C 80 40.76 -7.85 3.22
N ALA C 81 40.23 -7.81 1.98
CA ALA C 81 39.55 -8.96 1.38
C ALA C 81 40.49 -10.12 1.11
N SER C 82 41.75 -9.83 0.74
CA SER C 82 42.70 -10.90 0.49
C SER C 82 43.16 -11.57 1.80
N ILE C 83 43.15 -10.83 2.91
CA ILE C 83 43.57 -11.34 4.21
C ILE C 83 42.47 -12.25 4.81
N VAL C 84 41.19 -11.85 4.72
CA VAL C 84 40.09 -12.62 5.28
C VAL C 84 39.77 -13.87 4.45
N GLU C 85 39.98 -13.81 3.13
CA GLU C 85 39.64 -14.88 2.20
C GLU C 85 40.03 -16.29 2.67
N ASP C 86 41.29 -16.49 3.08
CA ASP C 86 41.79 -17.79 3.50
C ASP C 86 41.11 -18.29 4.78
N LYS C 87 40.87 -17.39 5.74
CA LYS C 87 40.23 -17.77 7.00
C LYS C 87 38.72 -17.99 6.85
N LEU C 88 38.07 -17.34 5.86
CA LEU C 88 36.63 -17.46 5.66
C LEU C 88 36.22 -18.84 5.14
N VAL C 89 37.05 -19.45 4.28
CA VAL C 89 36.75 -20.77 3.72
C VAL C 89 36.81 -21.84 4.81
N GLU C 90 37.72 -21.70 5.78
CA GLU C 90 37.85 -22.65 6.90
C GLU C 90 36.62 -22.59 7.81
N ASP C 91 36.11 -21.39 8.05
CA ASP C 91 34.95 -21.20 8.93
C ASP C 91 33.61 -21.56 8.27
N LEU C 92 33.59 -21.88 6.95
CA LEU C 92 32.33 -22.24 6.29
C LEU C 92 31.90 -23.63 6.73
N LYS C 93 30.76 -23.72 7.43
CA LYS C 93 30.25 -25.00 7.91
C LYS C 93 29.13 -25.57 7.01
N THR C 94 29.02 -25.10 5.76
CA THR C 94 27.99 -25.58 4.83
C THR C 94 28.39 -26.94 4.23
N ARG C 95 27.39 -27.73 3.78
CA ARG C 95 27.67 -29.03 3.17
C ARG C 95 28.01 -28.87 1.69
N GLU C 96 29.17 -28.29 1.41
CA GLU C 96 29.67 -28.05 0.06
C GLU C 96 31.09 -28.60 -0.10
N THR C 97 31.53 -28.77 -1.36
CA THR C 97 32.90 -29.15 -1.64
C THR C 97 33.81 -27.93 -1.37
N GLU C 98 35.11 -28.14 -1.13
CA GLU C 98 36.01 -27.01 -0.85
C GLU C 98 36.06 -26.00 -2.02
N GLU C 99 35.83 -26.47 -3.25
CA GLU C 99 35.81 -25.64 -4.45
C GLU C 99 34.55 -24.75 -4.43
N GLN C 100 33.40 -25.30 -4.00
CA GLN C 100 32.16 -24.51 -3.90
C GLN C 100 32.29 -23.42 -2.82
N LYS C 101 33.00 -23.75 -1.72
CA LYS C 101 33.23 -22.83 -0.60
C LYS C 101 34.08 -21.63 -1.01
N ARG C 102 35.19 -21.85 -1.75
CA ARG C 102 36.05 -20.76 -2.21
C ARG C 102 35.32 -19.88 -3.22
N ASN C 103 34.51 -20.50 -4.10
CA ASN C 103 33.71 -19.75 -5.07
C ASN C 103 32.69 -18.86 -4.36
N ARG C 104 32.15 -19.33 -3.23
CA ARG C 104 31.18 -18.61 -2.43
C ARG C 104 31.85 -17.43 -1.74
N VAL C 105 33.03 -17.63 -1.13
CA VAL C 105 33.75 -16.57 -0.44
C VAL C 105 34.19 -15.48 -1.43
N ARG C 106 34.90 -15.87 -2.52
CA ARG C 106 35.35 -14.92 -3.51
C ARG C 106 34.18 -14.23 -4.19
N GLY C 107 33.13 -14.98 -4.48
CA GLY C 107 31.93 -14.46 -5.09
C GLY C 107 31.25 -13.40 -4.25
N ILE C 108 31.14 -13.64 -2.94
CA ILE C 108 30.52 -12.68 -2.02
C ILE C 108 31.43 -11.44 -1.86
N LEU C 109 32.75 -11.62 -1.79
CA LEU C 109 33.67 -10.47 -1.70
C LEU C 109 33.59 -9.60 -2.97
N ARG C 110 33.36 -10.23 -4.14
CA ARG C 110 33.19 -9.52 -5.40
C ARG C 110 31.88 -8.74 -5.46
N ILE C 111 30.84 -9.20 -4.77
CA ILE C 111 29.54 -8.54 -4.71
C ILE C 111 29.61 -7.33 -3.78
N ILE C 112 30.31 -7.48 -2.63
CA ILE C 112 30.45 -6.45 -1.62
C ILE C 112 31.17 -5.23 -2.17
N LYS C 113 32.29 -5.42 -2.86
CA LYS C 113 33.14 -4.32 -3.32
C LYS C 113 32.40 -3.19 -4.10
N PRO C 114 31.70 -3.42 -5.25
CA PRO C 114 31.08 -2.28 -5.95
C PRO C 114 29.75 -1.82 -5.37
N CYS C 115 29.34 -0.60 -5.72
CA CYS C 115 28.04 -0.06 -5.31
C CYS C 115 26.95 -0.81 -6.02
N ASN C 116 25.92 -1.23 -5.31
CA ASN C 116 24.81 -1.94 -5.93
C ASN C 116 23.98 -1.01 -6.82
N HIS C 117 23.67 0.21 -6.33
CA HIS C 117 22.82 1.14 -7.07
C HIS C 117 23.33 2.55 -7.07
N VAL C 118 23.26 3.22 -8.23
CA VAL C 118 23.62 4.63 -8.34
C VAL C 118 22.50 5.31 -9.10
N LEU C 119 21.90 6.37 -8.56
CA LEU C 119 20.85 7.10 -9.25
C LEU C 119 21.36 8.47 -9.65
N SER C 120 21.24 8.82 -10.93
CA SER C 120 21.61 10.13 -11.46
C SER C 120 20.34 10.88 -11.78
N LEU C 121 20.26 12.14 -11.36
CA LEU C 121 19.07 12.94 -11.52
C LEU C 121 19.32 14.25 -12.22
N SER C 122 18.30 14.70 -12.93
CA SER C 122 18.21 15.99 -13.59
C SER C 122 16.85 16.54 -13.19
N PHE C 123 16.80 17.67 -12.48
CA PHE C 123 15.51 18.19 -12.03
C PHE C 123 15.46 19.71 -12.16
N PRO C 124 14.28 20.24 -12.53
CA PRO C 124 14.18 21.69 -12.71
C PRO C 124 13.96 22.45 -11.41
N ILE C 125 14.36 23.71 -11.41
CA ILE C 125 14.22 24.64 -10.30
C ILE C 125 13.95 26.03 -10.89
N ARG C 126 12.97 26.75 -10.34
CA ARG C 126 12.72 28.11 -10.79
C ARG C 126 13.45 29.04 -9.82
N ARG C 127 14.41 29.81 -10.32
CA ARG C 127 15.17 30.74 -9.49
C ARG C 127 14.27 31.89 -8.99
N ASP C 128 14.72 32.63 -7.98
CA ASP C 128 13.95 33.76 -7.45
C ASP C 128 13.76 34.87 -8.50
N ASP C 129 14.65 34.95 -9.51
CA ASP C 129 14.48 35.95 -10.58
C ASP C 129 13.47 35.51 -11.69
N GLY C 130 12.98 34.27 -11.62
CA GLY C 130 12.02 33.76 -12.58
C GLY C 130 12.59 32.78 -13.58
N SER C 131 13.90 32.84 -13.83
CA SER C 131 14.57 31.95 -14.78
C SER C 131 14.65 30.51 -14.30
N TRP C 132 14.63 29.55 -15.22
CA TRP C 132 14.70 28.13 -14.85
C TRP C 132 16.13 27.63 -14.85
N GLU C 133 16.40 26.60 -14.04
CA GLU C 133 17.71 26.00 -13.97
C GLU C 133 17.60 24.50 -13.79
N VAL C 134 18.38 23.75 -14.55
CA VAL C 134 18.38 22.29 -14.44
C VAL C 134 19.49 21.90 -13.49
N ILE C 135 19.15 21.23 -12.39
CA ILE C 135 20.10 20.80 -11.37
C ILE C 135 20.46 19.33 -11.56
N GLU C 136 21.74 19.01 -11.47
CA GLU C 136 22.25 17.65 -11.60
C GLU C 136 22.60 17.12 -10.21
N GLY C 137 22.15 15.91 -9.90
CA GLY C 137 22.40 15.29 -8.61
C GLY C 137 22.53 13.79 -8.69
N TYR C 138 23.10 13.15 -7.66
CA TYR C 138 23.28 11.69 -7.65
C TYR C 138 23.23 11.12 -6.26
N ARG C 139 22.89 9.85 -6.13
CA ARG C 139 22.94 9.16 -4.86
C ARG C 139 23.32 7.71 -5.08
N ALA C 140 24.39 7.26 -4.42
CA ALA C 140 24.82 5.87 -4.53
C ALA C 140 24.51 5.13 -3.26
N GLN C 141 24.01 3.91 -3.38
CA GLN C 141 23.78 3.00 -2.28
C GLN C 141 24.75 1.87 -2.49
N HIS C 142 25.80 1.81 -1.67
CA HIS C 142 26.83 0.80 -1.83
C HIS C 142 26.32 -0.57 -1.47
N SER C 143 25.62 -0.70 -0.35
CA SER C 143 25.21 -2.00 0.13
C SER C 143 23.82 -1.96 0.78
N GLN C 144 23.05 -3.04 0.56
CA GLN C 144 21.74 -3.28 1.17
C GLN C 144 21.77 -4.49 2.10
N HIS C 145 22.96 -5.03 2.46
CA HIS C 145 23.05 -6.16 3.41
C HIS C 145 22.35 -5.79 4.76
N ARG C 146 22.37 -4.49 5.07
CA ARG C 146 21.68 -3.85 6.17
C ARG C 146 20.84 -2.74 5.57
N THR C 147 19.53 -2.76 5.82
CA THR C 147 18.65 -1.68 5.39
C THR C 147 18.12 -0.98 6.65
N PRO C 148 17.93 0.35 6.62
CA PRO C 148 18.13 1.25 5.47
C PRO C 148 19.59 1.57 5.18
N CYS C 149 19.84 2.21 4.04
CA CYS C 149 21.14 2.74 3.72
C CYS C 149 21.30 4.03 4.55
N LYS C 150 22.53 4.51 4.73
CA LYS C 150 22.78 5.72 5.51
C LYS C 150 23.92 6.48 4.91
N GLY C 151 23.79 7.81 4.85
CA GLY C 151 24.86 8.62 4.27
C GLY C 151 24.48 10.05 3.99
N GLY C 152 25.47 10.92 4.09
CA GLY C 152 25.27 12.34 3.88
C GLY C 152 24.96 12.81 2.47
N ILE C 153 24.63 14.11 2.37
CA ILE C 153 24.33 14.78 1.11
C ILE C 153 25.26 15.96 0.99
N ARG C 154 26.04 16.02 -0.09
CA ARG C 154 26.96 17.13 -0.30
C ARG C 154 26.44 18.08 -1.37
N TYR C 155 26.44 19.37 -1.10
CA TYR C 155 26.08 20.38 -2.10
C TYR C 155 27.38 21.03 -2.52
N SER C 156 27.94 20.61 -3.65
CA SER C 156 29.23 21.12 -4.10
C SER C 156 29.38 20.96 -5.59
N THR C 157 30.03 21.92 -6.26
CA THR C 157 30.32 21.77 -7.69
C THR C 157 31.45 20.73 -7.92
N ASP C 158 32.18 20.32 -6.86
CA ASP C 158 33.26 19.35 -6.93
C ASP C 158 32.78 17.89 -6.74
N VAL C 159 31.44 17.65 -6.62
CA VAL C 159 30.92 16.29 -6.48
C VAL C 159 30.98 15.58 -7.83
N SER C 160 31.00 14.25 -7.79
CA SER C 160 31.03 13.38 -8.96
C SER C 160 30.43 12.01 -8.61
N VAL C 161 30.07 11.20 -9.63
CA VAL C 161 29.52 9.87 -9.38
C VAL C 161 30.56 8.99 -8.66
N ASP C 162 31.85 9.12 -9.04
CA ASP C 162 32.93 8.36 -8.42
C ASP C 162 33.11 8.72 -6.96
N GLU C 163 32.88 9.99 -6.59
CA GLU C 163 32.98 10.43 -5.21
C GLU C 163 31.88 9.80 -4.37
N VAL C 164 30.67 9.90 -4.87
CA VAL C 164 29.46 9.41 -4.25
C VAL C 164 29.54 7.87 -4.11
N LYS C 165 30.17 7.16 -5.05
CA LYS C 165 30.34 5.72 -4.97
C LYS C 165 31.40 5.33 -3.93
N ALA C 166 32.55 6.01 -3.90
CA ALA C 166 33.60 5.69 -2.95
C ALA C 166 33.22 6.03 -1.53
N LEU C 167 32.57 7.18 -1.31
CA LEU C 167 32.15 7.58 0.02
C LEU C 167 31.00 6.71 0.53
N ALA C 168 30.17 6.15 -0.37
CA ALA C 168 29.13 5.22 0.02
C ALA C 168 29.76 3.92 0.51
N SER C 169 30.82 3.44 -0.17
CA SER C 169 31.52 2.22 0.23
C SER C 169 32.19 2.44 1.58
N LEU C 170 32.85 3.60 1.76
CA LEU C 170 33.49 3.94 3.03
C LEU C 170 32.49 3.89 4.20
N MET C 171 31.26 4.40 3.96
CA MET C 171 30.19 4.41 4.96
C MET C 171 29.74 2.98 5.30
N THR C 172 29.78 2.04 4.34
CA THR C 172 29.41 0.65 4.62
C THR C 172 30.35 0.06 5.66
N TYR C 173 31.67 0.23 5.44
CA TYR C 173 32.70 -0.31 6.31
C TYR C 173 32.75 0.44 7.64
N LYS C 174 32.54 1.76 7.62
CA LYS C 174 32.52 2.55 8.85
C LYS C 174 31.38 2.09 9.77
N CYS C 175 30.17 1.95 9.23
CA CYS C 175 29.03 1.47 10.01
C CYS C 175 29.31 0.06 10.58
N ALA C 176 29.92 -0.83 9.78
CA ALA C 176 30.20 -2.20 10.24
C ALA C 176 31.17 -2.23 11.42
N VAL C 177 32.24 -1.39 11.44
CA VAL C 177 33.16 -1.42 12.58
C VAL C 177 32.46 -0.95 13.86
N VAL C 178 31.48 0.00 13.78
CA VAL C 178 30.80 0.46 14.99
C VAL C 178 29.44 -0.22 15.21
N ASP C 179 29.19 -1.36 14.54
CA ASP C 179 27.97 -2.15 14.68
C ASP C 179 26.69 -1.33 14.46
N VAL C 180 26.72 -0.42 13.49
CA VAL C 180 25.56 0.39 13.14
C VAL C 180 24.89 -0.34 11.97
N PRO C 181 23.63 -0.76 12.13
CA PRO C 181 23.00 -1.63 11.13
C PRO C 181 22.51 -0.96 9.85
N PHE C 182 23.40 -0.26 9.15
CA PHE C 182 23.06 0.39 7.90
C PHE C 182 24.07 0.09 6.83
N GLY C 183 23.59 -0.07 5.61
CA GLY C 183 24.49 -0.13 4.46
C GLY C 183 24.90 1.31 4.17
N GLY C 184 26.00 1.47 3.47
CA GLY C 184 26.51 2.81 3.14
C GLY C 184 25.85 3.43 1.94
N ALA C 185 25.72 4.75 1.98
CA ALA C 185 25.13 5.55 0.92
C ALA C 185 25.73 6.96 0.91
N LYS C 186 25.65 7.68 -0.22
CA LYS C 186 26.17 9.04 -0.32
C LYS C 186 25.50 9.78 -1.47
N ALA C 187 25.10 11.05 -1.25
CA ALA C 187 24.48 11.85 -2.28
C ALA C 187 25.28 13.13 -2.55
N GLY C 188 25.14 13.65 -3.76
CA GLY C 188 25.79 14.88 -4.16
C GLY C 188 24.92 15.66 -5.11
N VAL C 189 24.79 16.97 -4.89
CA VAL C 189 24.06 17.85 -5.79
C VAL C 189 25.09 18.82 -6.33
N LYS C 190 25.28 18.85 -7.63
CA LYS C 190 26.33 19.67 -8.26
C LYS C 190 25.98 21.16 -8.33
N ILE C 191 25.98 21.84 -7.19
CA ILE C 191 25.73 23.28 -7.08
C ILE C 191 26.63 23.91 -6.02
N ASN C 192 26.96 25.19 -6.17
CA ASN C 192 27.72 25.91 -5.15
C ASN C 192 26.69 26.64 -4.30
N PRO C 193 26.46 26.20 -3.05
CA PRO C 193 25.40 26.80 -2.22
C PRO C 193 25.52 28.31 -2.00
N LYS C 194 26.74 28.87 -2.11
CA LYS C 194 26.95 30.31 -1.94
C LYS C 194 26.23 31.11 -3.04
N ASN C 195 25.98 30.50 -4.22
CA ASN C 195 25.30 31.18 -5.33
C ASN C 195 23.77 31.13 -5.25
N TYR C 196 23.20 30.60 -4.16
CA TYR C 196 21.75 30.49 -4.06
C TYR C 196 21.20 31.12 -2.80
N THR C 197 19.98 31.64 -2.88
CA THR C 197 19.30 32.19 -1.73
C THR C 197 18.76 31.02 -0.88
N ASP C 198 18.31 31.29 0.36
CA ASP C 198 17.74 30.24 1.21
C ASP C 198 16.48 29.64 0.57
N ASN C 199 15.70 30.47 -0.14
CA ASN C 199 14.49 30.04 -0.81
C ASN C 199 14.82 29.08 -1.97
N GLU C 200 15.89 29.37 -2.71
CA GLU C 200 16.34 28.53 -3.81
C GLU C 200 16.94 27.23 -3.28
N LEU C 201 17.68 27.29 -2.16
CA LEU C 201 18.25 26.10 -1.53
C LEU C 201 17.14 25.17 -1.00
N GLU C 202 16.01 25.75 -0.55
CA GLU C 202 14.87 24.99 -0.09
C GLU C 202 14.20 24.30 -1.27
N LYS C 203 14.02 25.02 -2.40
CA LYS C 203 13.45 24.46 -3.61
C LYS C 203 14.28 23.28 -4.14
N ILE C 204 15.61 23.42 -4.15
CA ILE C 204 16.53 22.37 -4.60
C ILE C 204 16.40 21.15 -3.67
N THR C 205 16.40 21.39 -2.35
CA THR C 205 16.32 20.34 -1.35
C THR C 205 15.01 19.55 -1.43
N ARG C 206 13.88 20.26 -1.55
CA ARG C 206 12.57 19.64 -1.60
C ARG C 206 12.37 18.85 -2.90
N ARG C 207 12.82 19.38 -4.04
CA ARG C 207 12.67 18.68 -5.31
C ARG C 207 13.59 17.45 -5.37
N PHE C 208 14.83 17.58 -4.85
CA PHE C 208 15.78 16.47 -4.81
C PHE C 208 15.21 15.35 -3.93
N THR C 209 14.59 15.70 -2.80
CA THR C 209 13.95 14.74 -1.91
C THR C 209 12.84 13.97 -2.64
N MET C 210 12.02 14.68 -3.44
CA MET C 210 10.92 14.09 -4.20
C MET C 210 11.42 13.09 -5.23
N GLU C 211 12.49 13.43 -5.95
CA GLU C 211 13.03 12.56 -6.97
C GLU C 211 13.70 11.32 -6.37
N LEU C 212 14.32 11.46 -5.20
CA LEU C 212 14.95 10.31 -4.54
C LEU C 212 13.87 9.37 -4.01
N ALA C 213 12.80 9.92 -3.41
CA ALA C 213 11.72 9.14 -2.81
C ALA C 213 10.96 8.30 -3.83
N LYS C 214 10.73 8.85 -5.02
CA LYS C 214 10.02 8.12 -6.06
C LYS C 214 10.82 6.93 -6.62
N LYS C 215 12.14 6.89 -6.40
CA LYS C 215 13.01 5.83 -6.90
C LYS C 215 13.66 4.97 -5.80
N GLY C 216 13.18 5.04 -4.57
CA GLY C 216 13.74 4.25 -3.48
C GLY C 216 15.10 4.69 -2.99
N PHE C 217 15.37 5.99 -3.02
CA PHE C 217 16.65 6.53 -2.55
C PHE C 217 16.51 7.44 -1.31
N ILE C 218 15.35 7.39 -0.64
CA ILE C 218 15.06 8.03 0.63
C ILE C 218 13.79 7.40 1.19
N GLY C 219 13.85 7.05 2.48
CA GLY C 219 12.75 6.43 3.21
C GLY C 219 13.28 5.90 4.53
N PRO C 220 12.45 5.88 5.59
CA PRO C 220 12.94 5.41 6.91
C PRO C 220 13.47 3.97 6.92
N GLY C 221 12.95 3.12 6.05
CA GLY C 221 13.44 1.75 5.96
C GLY C 221 14.21 1.45 4.67
N VAL C 222 14.48 2.47 3.86
CA VAL C 222 15.14 2.31 2.58
C VAL C 222 16.51 3.01 2.55
N ASP C 223 16.54 4.33 2.82
CA ASP C 223 17.76 5.13 2.77
C ASP C 223 17.55 6.38 3.58
N VAL C 224 18.40 6.58 4.59
CA VAL C 224 18.24 7.69 5.51
C VAL C 224 19.43 8.65 5.36
N PRO C 225 19.24 9.76 4.64
CA PRO C 225 20.33 10.69 4.42
C PRO C 225 20.70 11.49 5.69
N ALA C 226 21.73 12.33 5.56
CA ALA C 226 22.26 13.13 6.65
C ALA C 226 22.97 14.37 6.12
N PRO C 227 23.29 15.36 6.98
CA PRO C 227 24.01 16.53 6.48
C PRO C 227 25.50 16.24 6.30
N ASP C 228 26.20 17.23 5.77
CA ASP C 228 27.62 17.21 5.46
C ASP C 228 28.24 18.54 5.95
N MET C 229 29.51 18.81 5.63
CA MET C 229 30.09 20.13 5.93
C MET C 229 29.42 21.21 5.05
N SER C 230 28.95 20.84 3.84
CA SER C 230 28.28 21.74 2.89
C SER C 230 26.77 21.89 3.14
N THR C 231 26.17 20.96 3.91
CA THR C 231 24.74 21.04 4.22
C THR C 231 24.53 21.08 5.76
N GLY C 232 23.35 21.52 6.19
CA GLY C 232 23.05 21.64 7.61
C GLY C 232 21.69 21.14 8.03
N GLU C 233 21.32 21.40 9.29
CA GLU C 233 20.08 20.95 9.91
C GLU C 233 18.82 21.54 9.27
N ARG C 234 18.88 22.76 8.69
CA ARG C 234 17.69 23.34 8.06
C ARG C 234 17.35 22.57 6.79
N GLU C 235 18.36 22.13 6.03
CA GLU C 235 18.13 21.33 4.83
C GLU C 235 17.58 19.96 5.18
N MET C 236 18.05 19.36 6.28
CA MET C 236 17.55 18.07 6.73
C MET C 236 16.08 18.16 7.14
N SER C 237 15.70 19.28 7.76
CA SER C 237 14.33 19.57 8.16
C SER C 237 13.41 19.65 6.95
N TRP C 238 13.88 20.24 5.86
CA TRP C 238 13.14 20.36 4.60
C TRP C 238 12.96 19.01 3.94
N ILE C 239 13.98 18.15 4.01
CA ILE C 239 13.92 16.79 3.49
C ILE C 239 12.81 16.00 4.22
N ALA C 240 12.84 16.00 5.56
CA ALA C 240 11.85 15.29 6.37
C ALA C 240 10.46 15.85 6.16
N ASP C 241 10.34 17.19 6.03
CA ASP C 241 9.06 17.83 5.85
C ASP C 241 8.47 17.50 4.49
N THR C 242 9.30 17.43 3.45
CA THR C 242 8.83 17.11 2.10
C THR C 242 8.42 15.65 2.04
N TYR C 243 9.23 14.76 2.61
CA TYR C 243 8.92 13.33 2.59
C TYR C 243 7.62 13.05 3.36
N ALA C 244 7.48 13.59 4.58
CA ALA C 244 6.29 13.35 5.41
C ALA C 244 5.02 13.98 4.83
N SER C 245 5.15 15.02 4.00
CA SER C 245 3.99 15.70 3.40
C SER C 245 3.50 15.02 2.13
N THR C 246 4.39 14.35 1.39
CA THR C 246 4.01 13.80 0.10
C THR C 246 4.10 12.23 0.11
N ILE C 247 5.20 11.61 -0.36
CA ILE C 247 5.42 10.17 -0.51
C ILE C 247 5.22 9.37 0.79
N GLY C 248 5.77 9.86 1.89
CA GLY C 248 5.65 9.16 3.16
C GLY C 248 4.56 9.68 4.08
N HIS C 249 3.47 10.20 3.52
CA HIS C 249 2.38 10.75 4.34
C HIS C 249 1.71 9.64 5.20
N TYR C 250 1.58 8.42 4.66
CA TYR C 250 0.93 7.35 5.40
C TYR C 250 1.90 6.56 6.32
N ASP C 251 3.16 7.02 6.44
CA ASP C 251 4.17 6.35 7.24
C ASP C 251 4.27 6.97 8.62
N ILE C 252 4.02 6.18 9.68
CA ILE C 252 4.15 6.64 11.06
C ILE C 252 5.62 7.05 11.38
N ASN C 253 6.59 6.49 10.65
CA ASN C 253 8.01 6.75 10.82
C ASN C 253 8.57 7.71 9.77
N ALA C 254 7.73 8.52 9.12
CA ALA C 254 8.17 9.42 8.05
C ALA C 254 9.30 10.35 8.47
N HIS C 255 9.29 10.84 9.71
CA HIS C 255 10.34 11.75 10.16
C HIS C 255 11.67 11.04 10.41
N ALA C 256 11.72 9.70 10.34
CA ALA C 256 12.98 8.94 10.44
C ALA C 256 13.61 8.76 9.03
N CYS C 257 13.14 9.48 8.00
CA CYS C 257 13.71 9.36 6.66
C CYS C 257 15.07 10.05 6.55
N VAL C 258 15.45 10.91 7.52
CA VAL C 258 16.69 11.68 7.47
C VAL C 258 17.17 12.00 8.90
N THR C 259 18.50 12.12 9.09
CA THR C 259 19.06 12.49 10.38
C THR C 259 19.78 13.88 10.27
N GLY C 260 20.31 14.40 11.36
CA GLY C 260 20.88 15.73 11.41
C GLY C 260 19.81 16.81 11.50
N LYS C 261 18.59 16.45 11.88
CA LYS C 261 17.45 17.36 11.96
C LYS C 261 17.54 18.27 13.18
N PRO C 262 16.92 19.46 13.14
CA PRO C 262 16.86 20.29 14.37
C PRO C 262 16.04 19.58 15.46
N ILE C 263 16.26 19.94 16.75
CA ILE C 263 15.54 19.31 17.86
C ILE C 263 14.01 19.48 17.69
N SER C 264 13.54 20.64 17.20
CA SER C 264 12.12 20.86 17.01
C SER C 264 11.50 19.97 15.93
N GLN C 265 12.31 19.29 15.11
CA GLN C 265 11.82 18.43 14.03
C GLN C 265 12.11 16.95 14.25
N GLY C 266 12.52 16.54 15.45
CA GLY C 266 12.85 15.15 15.72
C GLY C 266 14.33 14.85 15.82
N GLY C 267 15.15 15.89 15.93
CA GLY C 267 16.59 15.73 16.08
C GLY C 267 16.97 15.18 17.45
N ILE C 268 18.22 14.73 17.58
CA ILE C 268 18.68 14.15 18.83
C ILE C 268 19.67 15.05 19.55
N HIS C 269 19.59 15.06 20.89
CA HIS C 269 20.49 15.82 21.72
C HIS C 269 21.82 15.09 21.77
N GLY C 270 22.91 15.81 21.61
CA GLY C 270 24.24 15.21 21.60
C GLY C 270 24.77 14.98 20.19
N ARG C 271 24.15 15.60 19.18
CA ARG C 271 24.55 15.44 17.79
C ARG C 271 25.73 16.37 17.43
N ILE C 272 25.73 17.61 17.96
CA ILE C 272 26.77 18.61 17.67
C ILE C 272 28.17 18.14 18.12
N SER C 273 28.25 17.49 19.28
CA SER C 273 29.53 17.04 19.81
C SER C 273 29.81 15.55 19.60
N ALA C 274 29.00 14.85 18.79
CA ALA C 274 29.12 13.41 18.59
C ALA C 274 30.48 12.95 18.05
N THR C 275 31.02 13.67 17.04
CA THR C 275 32.27 13.26 16.42
C THR C 275 33.45 13.50 17.36
N GLY C 276 33.51 14.66 17.99
CA GLY C 276 34.56 14.99 18.94
C GLY C 276 34.59 14.07 20.15
N ARG C 277 33.40 13.67 20.64
CA ARG C 277 33.31 12.72 21.76
C ARG C 277 33.78 11.32 21.34
N GLY C 278 33.49 10.94 20.09
CA GLY C 278 33.88 9.66 19.51
C GLY C 278 35.38 9.58 19.31
N VAL C 279 36.01 10.71 18.92
CA VAL C 279 37.46 10.82 18.78
C VAL C 279 38.10 10.65 20.17
N PHE C 280 37.54 11.28 21.22
CA PHE C 280 38.07 11.15 22.58
C PHE C 280 37.98 9.70 23.05
N HIS C 281 36.80 9.07 22.95
CA HIS C 281 36.59 7.70 23.40
C HIS C 281 37.51 6.74 22.67
N GLY C 282 37.70 6.95 21.37
CA GLY C 282 38.57 6.11 20.58
C GLY C 282 40.02 6.21 21.03
N ILE C 283 40.51 7.42 21.28
CA ILE C 283 41.90 7.59 21.77
C ILE C 283 42.03 6.94 23.15
N GLU C 284 41.02 7.15 24.02
CA GLU C 284 40.90 6.65 25.38
C GLU C 284 40.96 5.13 25.46
N ASN C 285 40.28 4.43 24.56
CA ASN C 285 40.25 2.97 24.58
C ASN C 285 41.62 2.36 24.28
N PHE C 286 42.46 3.06 23.52
CA PHE C 286 43.79 2.57 23.19
C PHE C 286 44.82 3.11 24.18
N ILE C 287 44.66 4.37 24.62
CA ILE C 287 45.60 5.01 25.55
C ILE C 287 45.50 4.40 26.95
N ASN C 288 44.40 3.73 27.32
CA ASN C 288 44.32 3.07 28.63
C ASN C 288 44.76 1.58 28.57
N GLU C 289 45.07 1.06 27.37
CA GLU C 289 45.49 -0.31 27.16
C GLU C 289 47.02 -0.38 27.29
N ALA C 290 47.52 -0.91 28.41
CA ALA C 290 48.95 -0.95 28.71
C ALA C 290 49.77 -1.78 27.72
N SER C 291 49.16 -2.77 27.06
CA SER C 291 49.86 -3.59 26.08
C SER C 291 50.29 -2.75 24.88
N TYR C 292 49.35 -1.95 24.34
CA TYR C 292 49.64 -1.09 23.20
C TYR C 292 50.54 0.09 23.60
N MET C 293 50.37 0.60 24.83
CA MET C 293 51.15 1.74 25.29
C MET C 293 52.60 1.35 25.61
N SER C 294 52.85 0.11 26.07
CA SER C 294 54.23 -0.32 26.33
C SER C 294 55.03 -0.39 25.03
N ILE C 295 54.38 -0.79 23.92
CA ILE C 295 55.00 -0.86 22.60
C ILE C 295 55.41 0.55 22.13
N LEU C 296 54.63 1.58 22.49
CA LEU C 296 54.93 2.96 22.13
C LEU C 296 55.85 3.69 23.15
N GLY C 297 56.29 2.98 24.20
CA GLY C 297 57.15 3.52 25.24
C GLY C 297 56.44 4.52 26.14
N MET C 298 55.12 4.40 26.28
CA MET C 298 54.34 5.33 27.09
C MET C 298 53.57 4.63 28.21
N THR C 299 53.18 5.41 29.23
CA THR C 299 52.37 4.95 30.33
C THR C 299 50.89 5.07 29.94
N PRO C 300 50.00 4.22 30.48
CA PRO C 300 48.57 4.36 30.13
C PRO C 300 47.94 5.61 30.74
N GLY C 301 46.84 6.06 30.14
CA GLY C 301 46.13 7.23 30.65
C GLY C 301 46.47 8.53 29.97
N PHE C 302 45.61 9.55 30.15
CA PHE C 302 45.78 10.88 29.57
C PHE C 302 46.69 11.81 30.41
N GLY C 303 46.92 11.47 31.67
CA GLY C 303 47.77 12.27 32.53
C GLY C 303 49.20 12.31 32.03
N ASP C 304 49.81 13.49 32.07
CA ASP C 304 51.19 13.73 31.58
C ASP C 304 51.33 13.50 30.06
N LYS C 305 50.23 13.61 29.31
CA LYS C 305 50.26 13.45 27.85
C LYS C 305 50.13 14.80 27.18
N THR C 306 50.77 14.97 26.03
CA THR C 306 50.64 16.20 25.26
C THR C 306 49.99 15.90 23.92
N PHE C 307 49.23 16.85 23.37
CA PHE C 307 48.58 16.61 22.09
C PHE C 307 48.52 17.87 21.23
N ALA C 308 48.40 17.67 19.93
CA ALA C 308 48.31 18.74 18.96
C ALA C 308 47.14 18.45 18.03
N VAL C 309 46.34 19.46 17.69
CA VAL C 309 45.19 19.27 16.83
C VAL C 309 45.34 20.05 15.52
N GLN C 310 45.27 19.39 14.37
CA GLN C 310 45.36 20.08 13.09
C GLN C 310 43.96 20.23 12.51
N GLY C 311 43.39 21.40 12.65
CA GLY C 311 42.05 21.71 12.18
C GLY C 311 41.23 22.13 13.38
N PHE C 312 40.82 23.40 13.44
CA PHE C 312 40.07 23.88 14.58
C PHE C 312 38.60 24.11 14.22
N GLY C 313 38.01 23.07 13.65
CA GLY C 313 36.58 23.07 13.36
C GLY C 313 35.83 22.50 14.54
N ASN C 314 34.63 21.96 14.29
CA ASN C 314 33.82 21.40 15.36
C ASN C 314 34.46 20.15 15.97
N VAL C 315 35.09 19.32 15.14
CA VAL C 315 35.74 18.11 15.62
C VAL C 315 37.06 18.43 16.34
N GLY C 316 37.80 19.40 15.80
CA GLY C 316 39.04 19.86 16.42
C GLY C 316 38.81 20.50 17.77
N LEU C 317 37.77 21.35 17.88
CA LEU C 317 37.44 22.01 19.15
C LEU C 317 36.93 21.01 20.20
N HIS C 318 36.04 20.08 19.80
CA HIS C 318 35.49 19.12 20.76
C HIS C 318 36.56 18.14 21.26
N SER C 319 37.42 17.60 20.37
CA SER C 319 38.50 16.69 20.81
C SER C 319 39.43 17.40 21.80
N MET C 320 39.85 18.63 21.46
CA MET C 320 40.72 19.44 22.28
C MET C 320 40.15 19.65 23.67
N ARG C 321 38.84 19.83 23.76
CA ARG C 321 38.15 20.05 25.02
C ARG C 321 38.10 18.78 25.91
N TYR C 322 37.76 17.62 25.33
CA TYR C 322 37.61 16.39 26.12
C TYR C 322 38.96 15.80 26.54
N LEU C 323 40.01 15.93 25.69
CA LEU C 323 41.33 15.46 26.10
C LEU C 323 41.85 16.34 27.24
N HIS C 324 41.64 17.68 27.15
CA HIS C 324 42.05 18.64 28.17
C HIS C 324 41.37 18.33 29.49
N ARG C 325 40.09 18.02 29.44
CA ARG C 325 39.24 17.67 30.59
C ARG C 325 39.82 16.48 31.38
N PHE C 326 40.54 15.58 30.69
CA PHE C 326 41.11 14.38 31.28
C PHE C 326 42.60 14.47 31.62
N GLY C 327 43.18 15.67 31.59
CA GLY C 327 44.58 15.83 31.96
C GLY C 327 45.58 16.00 30.84
N ALA C 328 45.17 15.77 29.58
CA ALA C 328 46.09 15.95 28.45
C ALA C 328 46.30 17.44 28.17
N LYS C 329 47.54 17.83 27.90
CA LYS C 329 47.90 19.21 27.66
C LYS C 329 48.02 19.52 26.16
N CYS C 330 47.24 20.49 25.65
CA CYS C 330 47.30 20.86 24.24
C CYS C 330 48.48 21.78 24.01
N VAL C 331 49.48 21.30 23.27
CA VAL C 331 50.69 22.08 23.03
C VAL C 331 50.59 22.91 21.73
N ALA C 332 49.75 22.49 20.76
CA ALA C 332 49.65 23.22 19.50
C ALA C 332 48.31 23.03 18.81
N VAL C 333 47.82 24.09 18.15
CA VAL C 333 46.57 24.04 17.37
C VAL C 333 46.85 24.61 15.98
N GLY C 334 46.56 23.82 14.97
CA GLY C 334 46.72 24.21 13.59
C GLY C 334 45.39 24.57 12.96
N GLU C 335 45.42 25.50 12.03
CA GLU C 335 44.22 25.94 11.33
C GLU C 335 44.54 26.10 9.83
N SER C 336 43.52 26.29 8.98
CA SER C 336 43.74 26.51 7.54
C SER C 336 44.64 27.73 7.29
N ASP C 337 44.52 28.75 8.16
CA ASP C 337 45.34 29.95 8.11
C ASP C 337 46.28 30.01 9.30
N GLY C 338 47.46 29.45 9.16
CA GLY C 338 48.47 29.44 10.22
C GLY C 338 48.19 28.56 11.43
N SER C 339 49.13 28.54 12.38
CA SER C 339 49.04 27.72 13.58
C SER C 339 49.52 28.47 14.83
N ILE C 340 49.14 27.99 16.03
CA ILE C 340 49.60 28.56 17.29
C ILE C 340 50.28 27.45 18.13
N TRP C 341 51.19 27.83 19.03
CA TRP C 341 51.95 26.87 19.82
C TRP C 341 52.33 27.41 21.19
N ASN C 342 52.21 26.56 22.22
CA ASN C 342 52.59 26.88 23.59
C ASN C 342 52.92 25.58 24.30
N PRO C 343 54.19 25.35 24.64
CA PRO C 343 54.56 24.10 25.33
C PRO C 343 53.98 23.99 26.74
N ASP C 344 53.62 25.11 27.37
CA ASP C 344 52.99 25.10 28.69
C ASP C 344 51.49 24.76 28.64
N GLY C 345 50.87 24.84 27.45
CA GLY C 345 49.47 24.49 27.31
C GLY C 345 48.60 25.59 26.72
N ILE C 346 47.53 25.17 26.02
CA ILE C 346 46.56 26.08 25.43
C ILE C 346 45.18 25.70 25.96
N ASP C 347 44.46 26.64 26.58
CA ASP C 347 43.14 26.36 27.12
C ASP C 347 42.09 26.34 26.01
N PRO C 348 41.29 25.27 25.94
CA PRO C 348 40.30 25.16 24.87
C PRO C 348 39.17 26.18 24.97
N LYS C 349 38.75 26.53 26.20
CA LYS C 349 37.68 27.51 26.40
C LYS C 349 38.18 28.90 26.01
N GLU C 350 39.42 29.25 26.35
CA GLU C 350 40.00 30.55 26.01
C GLU C 350 40.23 30.68 24.51
N LEU C 351 40.61 29.57 23.85
CA LEU C 351 40.87 29.57 22.41
C LEU C 351 39.56 29.60 21.61
N GLU C 352 38.52 28.91 22.10
CA GLU C 352 37.23 28.90 21.44
C GLU C 352 36.58 30.28 21.50
N ASP C 353 36.69 30.95 22.66
CA ASP C 353 36.14 32.29 22.84
C ASP C 353 36.87 33.32 21.97
N PHE C 354 38.19 33.14 21.78
CA PHE C 354 38.99 34.03 20.93
C PHE C 354 38.57 33.88 19.47
N LYS C 355 38.39 32.64 18.99
CA LYS C 355 38.01 32.36 17.62
C LYS C 355 36.58 32.84 17.33
N LEU C 356 35.68 32.79 18.33
CA LEU C 356 34.30 33.22 18.14
C LEU C 356 34.18 34.74 17.99
N GLN C 357 35.16 35.52 18.50
CA GLN C 357 35.10 36.98 18.40
C GLN C 357 36.07 37.55 17.35
N HIS C 358 37.00 36.74 16.80
CA HIS C 358 37.93 37.24 15.79
C HIS C 358 37.94 36.43 14.48
N GLY C 359 37.21 35.33 14.42
CA GLY C 359 37.13 34.49 13.23
C GLY C 359 38.31 33.55 13.02
N THR C 360 39.41 33.77 13.73
CA THR C 360 40.61 32.96 13.60
C THR C 360 41.34 32.79 14.94
N ILE C 361 42.23 31.80 15.03
CA ILE C 361 43.03 31.59 16.24
C ILE C 361 44.33 32.44 16.22
N LEU C 362 44.65 33.09 15.07
CA LEU C 362 45.86 33.91 14.92
C LEU C 362 45.81 35.13 15.81
N GLY C 363 46.88 35.34 16.57
CA GLY C 363 46.99 36.45 17.49
C GLY C 363 46.56 36.13 18.91
N PHE C 364 46.37 34.82 19.23
CA PHE C 364 45.98 34.38 20.56
C PHE C 364 47.06 34.77 21.57
N PRO C 365 46.68 35.52 22.62
CA PRO C 365 47.70 36.05 23.56
C PRO C 365 48.53 35.00 24.28
N LYS C 366 47.93 33.86 24.65
CA LYS C 366 48.66 32.83 25.40
C LYS C 366 49.22 31.72 24.47
N ALA C 367 49.79 32.12 23.32
CA ALA C 367 50.39 31.21 22.34
C ALA C 367 51.26 31.97 21.31
N LYS C 368 52.21 31.27 20.67
CA LYS C 368 53.11 31.85 19.67
C LYS C 368 52.71 31.44 18.26
N ILE C 369 52.92 32.34 17.29
CA ILE C 369 52.63 32.09 15.88
C ILE C 369 53.57 31.01 15.34
N TYR C 370 53.07 29.79 15.26
CA TYR C 370 53.80 28.66 14.69
C TYR C 370 53.61 28.70 13.18
N GLU C 371 54.69 28.64 12.39
CA GLU C 371 54.55 28.70 10.94
C GLU C 371 54.22 27.31 10.39
N GLY C 372 53.27 27.25 9.47
CA GLY C 372 52.84 26.00 8.83
C GLY C 372 51.98 25.12 9.70
N SER C 373 51.85 23.85 9.34
CA SER C 373 51.04 22.91 10.10
C SER C 373 51.75 22.48 11.40
N ILE C 374 51.01 21.93 12.36
CA ILE C 374 51.59 21.47 13.61
C ILE C 374 51.90 19.95 13.60
N LEU C 375 51.87 19.30 12.43
CA LEU C 375 52.09 17.86 12.27
C LEU C 375 53.45 17.38 12.77
N GLU C 376 54.47 18.25 12.75
CA GLU C 376 55.80 17.88 13.21
C GLU C 376 56.14 18.43 14.61
N VAL C 377 55.15 18.97 15.35
CA VAL C 377 55.35 19.51 16.69
C VAL C 377 55.59 18.37 17.67
N ASP C 378 56.50 18.57 18.63
CA ASP C 378 56.78 17.57 19.64
C ASP C 378 55.57 17.40 20.56
N CYS C 379 54.90 16.26 20.43
CA CYS C 379 53.75 15.90 21.25
C CYS C 379 53.62 14.37 21.33
N ASP C 380 52.68 13.85 22.14
CA ASP C 380 52.45 12.41 22.24
C ASP C 380 51.35 11.98 21.28
N ILE C 381 50.27 12.78 21.21
CA ILE C 381 49.12 12.48 20.35
C ILE C 381 48.94 13.54 19.28
N LEU C 382 48.89 13.15 18.01
CA LEU C 382 48.64 14.09 16.91
C LEU C 382 47.24 13.83 16.41
N ILE C 383 46.39 14.86 16.34
CA ILE C 383 45.01 14.68 15.89
C ILE C 383 44.70 15.46 14.62
N PRO C 384 44.83 14.82 13.45
CA PRO C 384 44.39 15.48 12.22
C PRO C 384 42.85 15.53 12.22
N ALA C 385 42.25 16.70 12.44
CA ALA C 385 40.80 16.83 12.50
C ALA C 385 40.20 17.59 11.31
N ALA C 386 40.96 17.78 10.23
CA ALA C 386 40.48 18.49 9.06
C ALA C 386 40.53 17.57 7.84
N SER C 387 39.49 17.63 6.98
CA SER C 387 39.41 16.77 5.80
C SER C 387 40.34 17.24 4.68
N GLU C 388 41.63 16.91 4.82
CA GLU C 388 42.64 17.22 3.81
C GLU C 388 43.82 16.24 3.94
N LYS C 389 44.59 16.08 2.87
CA LYS C 389 45.77 15.22 2.91
C LYS C 389 46.84 15.93 3.71
N GLN C 390 47.21 15.37 4.86
CA GLN C 390 48.17 16.00 5.74
C GLN C 390 49.43 15.17 5.90
N LEU C 391 49.29 13.89 6.20
CA LEU C 391 50.43 13.01 6.43
C LEU C 391 50.75 12.22 5.18
N THR C 392 51.89 12.56 4.57
CA THR C 392 52.42 11.99 3.34
C THR C 392 53.80 11.34 3.59
N LYS C 393 54.39 10.67 2.59
CA LYS C 393 55.70 10.04 2.70
C LYS C 393 56.83 11.04 3.00
N SER C 394 56.65 12.33 2.66
CA SER C 394 57.69 13.32 2.88
C SER C 394 57.73 13.81 4.35
N ASN C 395 56.56 13.99 5.01
CA ASN C 395 56.57 14.49 6.39
C ASN C 395 56.33 13.39 7.44
N ALA C 396 55.96 12.16 7.03
CA ALA C 396 55.75 11.07 8.00
C ALA C 396 57.01 10.77 8.84
N PRO C 397 58.26 10.78 8.29
CA PRO C 397 59.44 10.52 9.15
C PRO C 397 59.75 11.67 10.12
N ARG C 398 59.15 12.86 9.92
CA ARG C 398 59.35 14.01 10.81
C ARG C 398 58.28 14.12 11.92
N VAL C 399 57.30 13.22 11.95
CA VAL C 399 56.26 13.24 12.96
C VAL C 399 56.86 12.82 14.29
N LYS C 400 56.64 13.62 15.35
CA LYS C 400 57.19 13.31 16.66
C LYS C 400 56.18 12.65 17.60
N ALA C 401 54.90 12.55 17.19
CA ALA C 401 53.89 11.92 18.02
C ALA C 401 53.95 10.40 17.94
N LYS C 402 53.56 9.72 19.02
CA LYS C 402 53.52 8.25 19.04
C LYS C 402 52.13 7.71 18.66
N ILE C 403 51.08 8.54 18.80
CA ILE C 403 49.72 8.17 18.44
C ILE C 403 49.17 9.17 17.43
N ILE C 404 48.63 8.69 16.31
CA ILE C 404 48.00 9.57 15.32
C ILE C 404 46.54 9.20 15.28
N ALA C 405 45.70 10.11 15.79
CA ALA C 405 44.27 9.92 15.91
C ALA C 405 43.53 10.61 14.76
N GLU C 406 43.11 9.84 13.75
CA GLU C 406 42.42 10.41 12.60
C GLU C 406 41.00 10.88 12.90
N GLY C 407 40.83 12.17 13.19
CA GLY C 407 39.51 12.75 13.47
C GLY C 407 38.87 13.37 12.23
N ALA C 408 39.16 12.79 11.07
CA ALA C 408 38.71 13.20 9.74
C ALA C 408 38.92 12.04 8.76
N ASN C 409 38.30 12.09 7.56
CA ASN C 409 38.48 11.02 6.57
C ASN C 409 39.69 11.28 5.68
N GLY C 410 40.54 10.26 5.57
CA GLY C 410 41.73 10.25 4.74
C GLY C 410 42.84 11.26 4.98
N PRO C 411 43.27 11.53 6.24
CA PRO C 411 44.37 12.48 6.43
C PRO C 411 45.76 11.84 6.25
N THR C 412 45.85 10.51 6.17
CA THR C 412 47.13 9.81 6.03
C THR C 412 47.16 8.97 4.75
N THR C 413 48.19 9.14 3.94
CA THR C 413 48.34 8.36 2.71
C THR C 413 48.84 6.94 3.01
N PRO C 414 48.62 5.95 2.12
CA PRO C 414 49.14 4.60 2.39
C PRO C 414 50.66 4.55 2.59
N GLU C 415 51.41 5.44 1.92
CA GLU C 415 52.85 5.50 2.07
C GLU C 415 53.23 5.98 3.46
N ALA C 416 52.48 6.93 4.04
CA ALA C 416 52.72 7.42 5.39
C ALA C 416 52.39 6.35 6.41
N ASP C 417 51.32 5.56 6.17
CA ASP C 417 50.94 4.43 7.04
C ASP C 417 52.11 3.44 7.20
N LYS C 418 52.79 3.13 6.09
CA LYS C 418 53.92 2.22 6.04
C LYS C 418 55.08 2.78 6.87
N ILE C 419 55.36 4.08 6.77
CA ILE C 419 56.41 4.73 7.54
C ILE C 419 56.07 4.69 9.03
N PHE C 420 54.82 4.97 9.40
CA PHE C 420 54.40 4.93 10.79
C PHE C 420 54.53 3.51 11.39
N LEU C 421 54.24 2.47 10.60
CA LEU C 421 54.39 1.10 11.07
C LEU C 421 55.88 0.75 11.30
N GLU C 422 56.76 1.27 10.45
CA GLU C 422 58.20 1.06 10.58
C GLU C 422 58.76 1.82 11.78
N ARG C 423 58.16 2.98 12.13
CA ARG C 423 58.60 3.82 13.23
C ARG C 423 57.89 3.51 14.56
N ASN C 424 57.02 2.49 14.59
CA ASN C 424 56.23 2.10 15.76
C ASN C 424 55.38 3.26 16.24
N ILE C 425 54.59 3.82 15.32
CA ILE C 425 53.66 4.90 15.59
C ILE C 425 52.28 4.31 15.37
N MET C 426 51.41 4.42 16.35
CA MET C 426 50.08 3.84 16.25
C MET C 426 49.11 4.79 15.59
N VAL C 427 48.53 4.39 14.45
CA VAL C 427 47.53 5.21 13.78
C VAL C 427 46.14 4.64 14.05
N ILE C 428 45.31 5.38 14.79
CA ILE C 428 43.92 4.98 15.08
C ILE C 428 43.13 5.43 13.86
N PRO C 429 42.63 4.48 13.06
CA PRO C 429 42.06 4.85 11.75
C PRO C 429 40.70 5.54 11.79
N ASP C 430 40.43 6.38 10.76
CA ASP C 430 39.23 7.17 10.51
C ASP C 430 37.99 6.31 10.46
N LEU C 431 38.11 5.10 9.91
CA LEU C 431 37.02 4.12 9.81
C LEU C 431 36.40 3.86 11.20
N TYR C 432 37.22 3.92 12.25
CA TYR C 432 36.81 3.72 13.63
C TYR C 432 36.65 5.07 14.36
N LEU C 433 37.72 5.87 14.45
CA LEU C 433 37.76 7.08 15.25
C LEU C 433 36.81 8.19 14.78
N ASN C 434 36.50 8.23 13.49
CA ASN C 434 35.59 9.24 12.95
C ASN C 434 34.20 8.63 12.75
N ALA C 435 33.74 7.78 13.69
CA ALA C 435 32.42 7.15 13.57
C ALA C 435 31.41 7.57 14.65
N GLY C 436 31.75 8.60 15.43
CA GLY C 436 30.89 9.11 16.49
C GLY C 436 29.63 9.77 15.98
N GLY C 437 29.78 10.59 14.95
CA GLY C 437 28.63 11.24 14.32
C GLY C 437 27.70 10.22 13.69
N VAL C 438 28.28 9.18 13.06
CA VAL C 438 27.56 8.05 12.46
C VAL C 438 26.80 7.26 13.54
N THR C 439 27.44 7.05 14.69
CA THR C 439 26.83 6.33 15.79
C THR C 439 25.62 7.12 16.32
N VAL C 440 25.74 8.45 16.49
CA VAL C 440 24.61 9.25 16.99
C VAL C 440 23.54 9.46 15.87
N SER C 441 23.91 9.27 14.60
CA SER C 441 22.95 9.27 13.48
C SER C 441 21.96 8.12 13.65
N TYR C 442 22.47 6.95 14.04
CA TYR C 442 21.74 5.72 14.29
C TYR C 442 20.79 5.94 15.45
N PHE C 443 21.26 6.60 16.52
CA PHE C 443 20.44 6.88 17.69
C PHE C 443 19.33 7.90 17.35
N GLU C 444 19.57 8.84 16.44
CA GLU C 444 18.53 9.79 16.04
C GLU C 444 17.43 9.05 15.27
N TRP C 445 17.82 8.14 14.38
CA TRP C 445 16.89 7.32 13.60
C TRP C 445 16.07 6.45 14.57
N LEU C 446 16.72 5.87 15.58
CA LEU C 446 16.06 5.05 16.61
C LEU C 446 15.10 5.91 17.41
N LYS C 447 15.49 7.12 17.79
CA LYS C 447 14.64 8.05 18.53
C LYS C 447 13.38 8.36 17.76
N ASN C 448 13.48 8.55 16.42
CA ASN C 448 12.29 8.82 15.60
C ASN C 448 11.40 7.58 15.46
N LEU C 449 11.98 6.39 15.46
CA LEU C 449 11.22 5.14 15.43
C LEU C 449 10.50 4.94 16.78
N ASN C 450 11.20 5.23 17.89
CA ASN C 450 10.69 5.12 19.25
C ASN C 450 9.58 6.11 19.52
N HIS C 451 9.63 7.29 18.88
CA HIS C 451 8.66 8.38 19.04
C HIS C 451 8.68 8.94 20.45
N VAL C 452 9.85 8.91 21.10
CA VAL C 452 10.06 9.38 22.46
C VAL C 452 11.53 9.73 22.66
N SER C 453 11.81 10.73 23.50
CA SER C 453 13.19 11.08 23.83
C SER C 453 13.77 10.04 24.78
N TYR C 454 15.08 9.81 24.73
CA TYR C 454 15.72 8.82 25.61
C TYR C 454 15.65 9.21 27.07
N GLY C 455 15.22 8.26 27.91
CA GLY C 455 15.14 8.45 29.35
C GLY C 455 13.87 9.07 29.89
N ARG C 456 13.03 9.62 29.00
CA ARG C 456 11.76 10.28 29.34
C ARG C 456 10.96 9.55 30.44
N LEU C 457 10.82 8.21 30.35
CA LEU C 457 10.04 7.47 31.34
C LEU C 457 10.86 6.86 32.48
N THR C 458 12.20 6.87 32.40
CA THR C 458 13.01 6.22 33.43
C THR C 458 13.90 7.13 34.30
N PHE C 459 14.10 8.41 33.96
CA PHE C 459 14.97 9.30 34.76
C PHE C 459 14.48 9.44 36.20
N LYS C 460 13.21 9.74 36.40
CA LYS C 460 12.63 9.91 37.72
C LYS C 460 12.64 8.58 38.49
N TYR C 461 12.40 7.45 37.79
CA TYR C 461 12.44 6.12 38.38
C TYR C 461 13.86 5.80 38.90
N GLU C 462 14.88 6.13 38.10
CA GLU C 462 16.27 5.88 38.46
C GLU C 462 16.67 6.75 39.65
N ARG C 463 16.24 8.01 39.67
CA ARG C 463 16.50 8.96 40.74
C ARG C 463 15.94 8.45 42.07
N ASP C 464 14.69 7.95 42.07
CA ASP C 464 14.09 7.42 43.29
C ASP C 464 14.80 6.17 43.79
N SER C 465 15.24 5.30 42.87
CA SER C 465 15.97 4.10 43.25
C SER C 465 17.31 4.44 43.88
N ASN C 466 18.00 5.47 43.34
CA ASN C 466 19.28 5.93 43.86
C ASN C 466 19.12 6.46 45.27
N TYR C 467 18.06 7.24 45.52
CA TYR C 467 17.80 7.79 46.84
C TYR C 467 17.45 6.68 47.83
N HIS C 468 16.67 5.69 47.39
CA HIS C 468 16.31 4.54 48.20
C HIS C 468 17.52 3.71 48.56
N LEU C 469 18.51 3.61 47.65
CA LEU C 469 19.75 2.88 47.89
C LEU C 469 20.60 3.60 48.93
N LEU C 470 20.71 4.93 48.83
CA LEU C 470 21.47 5.72 49.79
C LEU C 470 20.80 5.69 51.16
N MET C 471 19.45 5.71 51.20
CA MET C 471 18.69 5.63 52.44
C MET C 471 18.87 4.25 53.09
N SER C 472 19.00 3.21 52.29
CA SER C 472 19.21 1.85 52.78
C SER C 472 20.59 1.71 53.42
N VAL C 473 21.61 2.35 52.84
CA VAL C 473 22.96 2.33 53.39
C VAL C 473 22.96 3.10 54.73
N GLN C 474 22.31 4.28 54.76
CA GLN C 474 22.21 5.10 55.95
C GLN C 474 21.51 4.36 57.09
N GLU C 475 20.34 3.75 56.82
CA GLU C 475 19.60 3.02 57.84
C GLU C 475 20.35 1.82 58.34
N SER C 476 21.03 1.08 57.45
CA SER C 476 21.79 -0.09 57.84
C SER C 476 22.94 0.29 58.77
N LEU C 477 23.65 1.39 58.47
CA LEU C 477 24.77 1.84 59.27
C LEU C 477 24.31 2.40 60.61
N GLU C 478 23.21 3.15 60.63
CA GLU C 478 22.68 3.67 61.89
C GLU C 478 22.23 2.52 62.81
N ARG C 479 21.71 1.43 62.23
CA ARG C 479 21.30 0.24 62.95
C ARG C 479 22.51 -0.50 63.52
N LYS C 480 23.60 -0.57 62.74
CA LYS C 480 24.82 -1.26 63.13
C LYS C 480 25.62 -0.51 64.20
N PHE C 481 25.72 0.82 64.09
CA PHE C 481 26.52 1.61 65.02
C PHE C 481 25.71 2.33 66.10
N GLY C 482 24.39 2.21 66.10
CA GLY C 482 23.53 2.82 67.11
C GLY C 482 23.29 4.31 66.94
N LYS C 483 22.37 4.86 67.73
CA LYS C 483 22.04 6.28 67.65
C LYS C 483 21.97 6.89 69.05
N THR C 487 23.40 10.30 63.73
CA THR C 487 22.93 10.17 62.34
C THR C 487 24.12 10.10 61.40
N ILE C 488 24.08 9.16 60.42
CA ILE C 488 25.11 8.99 59.42
C ILE C 488 24.50 9.36 58.07
N PRO C 489 24.44 10.67 57.72
CA PRO C 489 23.81 11.05 56.45
C PRO C 489 24.52 10.53 55.22
N ILE C 490 23.81 9.78 54.37
CA ILE C 490 24.36 9.28 53.11
C ILE C 490 23.66 10.05 52.01
N VAL C 491 24.35 11.05 51.46
CA VAL C 491 23.80 11.94 50.44
C VAL C 491 24.63 11.88 49.16
N PRO C 492 24.06 12.25 47.99
CA PRO C 492 24.85 12.23 46.75
C PRO C 492 25.95 13.27 46.76
N THR C 493 27.06 13.00 46.05
CA THR C 493 28.13 13.99 45.91
C THR C 493 27.61 15.20 45.12
N ALA C 494 28.34 16.32 45.11
CA ALA C 494 27.93 17.50 44.32
C ALA C 494 27.81 17.15 42.83
N GLU C 495 28.69 16.27 42.34
CA GLU C 495 28.72 15.81 40.94
C GLU C 495 27.55 14.91 40.64
N PHE C 496 27.20 13.98 41.56
CA PHE C 496 26.07 13.07 41.36
C PHE C 496 24.75 13.85 41.40
N GLN C 497 24.65 14.83 42.31
CA GLN C 497 23.45 15.64 42.41
C GLN C 497 23.22 16.42 41.12
N ASP C 498 24.28 16.94 40.53
CA ASP C 498 24.21 17.68 39.27
C ASP C 498 23.80 16.77 38.10
N ARG C 499 24.27 15.52 38.11
CA ARG C 499 23.92 14.50 37.13
C ARG C 499 22.42 14.16 37.24
N ILE C 500 21.91 14.01 38.47
CA ILE C 500 20.51 13.71 38.72
C ILE C 500 19.60 14.87 38.31
N SER C 501 19.97 16.10 38.68
CA SER C 501 19.17 17.29 38.38
C SER C 501 19.13 17.64 36.89
N GLY C 502 20.26 17.51 36.21
CA GLY C 502 20.34 17.83 34.80
C GLY C 502 20.18 16.65 33.87
N ALA C 503 19.70 15.50 34.39
CA ALA C 503 19.50 14.28 33.59
C ALA C 503 18.63 14.51 32.39
N SER C 504 19.21 14.36 31.20
CA SER C 504 18.48 14.55 29.97
C SER C 504 18.97 13.55 28.88
N GLU C 505 18.33 13.55 27.71
CA GLU C 505 18.62 12.66 26.60
C GLU C 505 20.11 12.59 26.23
N LYS C 506 20.83 13.73 26.20
CA LYS C 506 22.25 13.76 25.81
C LYS C 506 23.10 12.81 26.65
N ASP C 507 22.74 12.59 27.93
CA ASP C 507 23.49 11.71 28.83
C ASP C 507 23.37 10.23 28.37
N ILE C 508 22.21 9.85 27.85
CA ILE C 508 22.00 8.48 27.37
C ILE C 508 22.65 8.31 25.99
N VAL C 509 22.61 9.34 25.14
CA VAL C 509 23.26 9.30 23.83
C VAL C 509 24.77 9.20 23.99
N HIS C 510 25.33 9.96 24.95
CA HIS C 510 26.76 9.90 25.25
C HIS C 510 27.16 8.52 25.74
N SER C 511 26.32 7.91 26.56
CA SER C 511 26.53 6.57 27.09
C SER C 511 26.51 5.54 25.95
N GLY C 512 25.54 5.66 25.05
CA GLY C 512 25.41 4.76 23.91
C GLY C 512 26.61 4.84 23.00
N LEU C 513 27.15 6.05 22.81
CA LEU C 513 28.33 6.28 22.01
C LEU C 513 29.59 5.71 22.70
N ALA C 514 29.77 5.95 24.02
CA ALA C 514 30.93 5.46 24.76
C ALA C 514 31.00 3.94 24.77
N TYR C 515 29.85 3.27 24.85
CA TYR C 515 29.78 1.81 24.84
C TYR C 515 30.15 1.26 23.46
N THR C 516 29.71 1.94 22.40
CA THR C 516 30.00 1.54 21.04
C THR C 516 31.50 1.68 20.73
N MET C 517 32.12 2.82 21.10
CA MET C 517 33.54 3.02 20.83
C MET C 517 34.39 2.03 21.62
N GLU C 518 33.95 1.64 22.83
CA GLU C 518 34.66 0.68 23.66
C GLU C 518 34.56 -0.74 23.10
N ARG C 519 33.36 -1.15 22.71
CA ARG C 519 33.14 -2.48 22.16
C ARG C 519 33.87 -2.65 20.82
N SER C 520 33.85 -1.60 19.97
CA SER C 520 34.51 -1.63 18.67
C SER C 520 36.03 -1.59 18.79
N ALA C 521 36.57 -0.89 19.81
CA ALA C 521 38.02 -0.88 20.02
C ALA C 521 38.51 -2.27 20.38
N ARG C 522 37.79 -2.98 21.25
CA ARG C 522 38.16 -4.34 21.63
C ARG C 522 38.05 -5.29 20.44
N GLN C 523 37.04 -5.10 19.58
CA GLN C 523 36.84 -5.90 18.38
C GLN C 523 38.02 -5.71 17.42
N ILE C 524 38.47 -4.46 17.23
CA ILE C 524 39.59 -4.14 16.37
C ILE C 524 40.89 -4.70 16.96
N MET C 525 41.08 -4.61 18.30
CA MET C 525 42.27 -5.15 18.96
C MET C 525 42.32 -6.67 18.77
N ARG C 526 41.18 -7.35 18.90
CA ARG C 526 41.10 -8.80 18.73
C ARG C 526 41.36 -9.21 17.28
N THR C 527 40.81 -8.48 16.30
CA THR C 527 41.03 -8.77 14.89
C THR C 527 42.53 -8.56 14.56
N ALA C 528 43.17 -7.53 15.15
CA ALA C 528 44.59 -7.27 14.92
C ALA C 528 45.47 -8.36 15.52
N MET C 529 45.15 -8.86 16.72
CA MET C 529 45.95 -9.90 17.34
C MET C 529 45.80 -11.26 16.63
N LYS C 530 44.65 -11.51 16.02
CA LYS C 530 44.34 -12.74 15.27
C LYS C 530 45.22 -12.82 14.02
N TYR C 531 45.33 -11.71 13.28
CA TYR C 531 46.14 -11.67 12.07
C TYR C 531 47.55 -11.13 12.31
N ASN C 532 47.98 -10.99 13.59
CA ASN C 532 49.30 -10.51 13.99
C ASN C 532 49.67 -9.20 13.29
N LEU C 533 48.71 -8.29 13.19
CA LEU C 533 48.86 -7.00 12.53
C LEU C 533 49.59 -5.94 13.37
N GLY C 534 49.69 -6.16 14.69
CA GLY C 534 50.36 -5.22 15.58
C GLY C 534 49.73 -3.85 15.63
N LEU C 535 50.49 -2.80 15.23
CA LEU C 535 49.98 -1.43 15.22
C LEU C 535 49.24 -1.06 13.92
N ASP C 536 49.02 -2.04 13.01
CA ASP C 536 48.29 -1.78 11.77
C ASP C 536 46.81 -1.88 12.08
N LEU C 537 46.29 -0.89 12.82
CA LEU C 537 44.88 -0.85 13.21
C LEU C 537 43.96 -0.57 12.02
N ARG C 538 44.45 0.10 10.96
CA ARG C 538 43.63 0.38 9.80
C ARG C 538 43.24 -0.91 9.10
N THR C 539 44.21 -1.81 8.86
CA THR C 539 43.93 -3.09 8.22
C THR C 539 43.01 -3.92 9.12
N ALA C 540 43.22 -3.90 10.44
CA ALA C 540 42.36 -4.63 11.37
C ALA C 540 40.91 -4.10 11.30
N ALA C 541 40.75 -2.77 11.18
CA ALA C 541 39.41 -2.20 11.12
C ALA C 541 38.72 -2.58 9.79
N TYR C 542 39.46 -2.58 8.68
CA TYR C 542 38.88 -2.96 7.38
C TYR C 542 38.54 -4.45 7.36
N VAL C 543 39.44 -5.30 7.89
CA VAL C 543 39.22 -6.74 7.97
C VAL C 543 38.00 -7.02 8.87
N ASN C 544 37.87 -6.28 9.98
CA ASN C 544 36.75 -6.41 10.91
C ASN C 544 35.44 -6.07 10.19
N ALA C 545 35.44 -5.00 9.40
CA ALA C 545 34.26 -4.57 8.64
C ALA C 545 33.90 -5.58 7.55
N ILE C 546 34.88 -6.09 6.79
CA ILE C 546 34.63 -7.05 5.73
C ILE C 546 34.13 -8.39 6.29
N GLU C 547 34.66 -8.82 7.44
CA GLU C 547 34.20 -10.07 8.09
C GLU C 547 32.72 -9.98 8.44
N LYS C 548 32.28 -8.83 8.97
CA LYS C 548 30.90 -8.62 9.36
C LYS C 548 29.97 -8.54 8.15
N VAL C 549 30.35 -7.80 7.10
CA VAL C 549 29.52 -7.68 5.90
C VAL C 549 29.42 -9.04 5.21
N PHE C 550 30.54 -9.79 5.15
CA PHE C 550 30.56 -11.13 4.54
C PHE C 550 29.59 -12.07 5.25
N ARG C 551 29.59 -12.09 6.58
CA ARG C 551 28.76 -12.99 7.35
C ARG C 551 27.26 -12.73 7.11
N VAL C 552 26.86 -11.44 6.91
CA VAL C 552 25.46 -11.13 6.63
C VAL C 552 25.04 -11.73 5.29
N TYR C 553 25.85 -11.57 4.23
CA TYR C 553 25.55 -12.15 2.91
C TYR C 553 25.56 -13.67 2.95
N ASN C 554 26.60 -14.25 3.59
CA ASN C 554 26.76 -15.69 3.67
C ASN C 554 25.61 -16.37 4.41
N GLU C 555 25.20 -15.83 5.58
CA GLU C 555 24.14 -16.47 6.36
C GLU C 555 22.74 -16.13 5.82
N ALA C 556 22.60 -15.23 4.84
CA ALA C 556 21.31 -14.90 4.24
C ALA C 556 21.02 -15.75 2.99
N GLY C 557 22.04 -16.31 2.35
CA GLY C 557 21.88 -17.10 1.14
C GLY C 557 21.97 -16.24 -0.10
N ASP D 66 -27.72 30.85 -3.86
CA ASP D 66 -29.01 31.21 -3.28
C ASP D 66 -29.51 30.17 -2.27
N PRO D 67 -29.74 30.59 -1.01
CA PRO D 67 -30.27 29.64 -0.02
C PRO D 67 -31.64 29.08 -0.37
N ASN D 68 -32.46 29.84 -1.13
CA ASN D 68 -33.77 29.37 -1.56
C ASN D 68 -33.66 28.22 -2.58
N PHE D 69 -32.56 28.18 -3.35
CA PHE D 69 -32.33 27.08 -4.28
C PHE D 69 -32.00 25.79 -3.49
N PHE D 70 -31.31 25.90 -2.34
CA PHE D 70 -30.99 24.74 -1.50
C PHE D 70 -32.25 24.15 -0.91
N LYS D 71 -33.17 25.02 -0.44
CA LYS D 71 -34.45 24.58 0.11
C LYS D 71 -35.28 23.88 -0.97
N MET D 72 -35.19 24.37 -2.23
CA MET D 72 -35.85 23.80 -3.39
C MET D 72 -35.43 22.36 -3.59
N VAL D 73 -34.10 22.09 -3.64
CA VAL D 73 -33.55 20.76 -3.84
C VAL D 73 -34.00 19.81 -2.73
N GLU D 74 -34.02 20.30 -1.48
CA GLU D 74 -34.46 19.51 -0.33
C GLU D 74 -35.96 19.16 -0.49
N GLY D 75 -36.76 20.13 -0.91
CA GLY D 75 -38.18 19.93 -1.14
C GLY D 75 -38.47 18.97 -2.27
N PHE D 76 -37.63 18.97 -3.31
CA PHE D 76 -37.79 18.04 -4.43
C PHE D 76 -37.53 16.62 -3.97
N PHE D 77 -36.52 16.43 -3.10
CA PHE D 77 -36.25 15.12 -2.54
C PHE D 77 -37.42 14.66 -1.67
N ASP D 78 -37.90 15.50 -0.73
CA ASP D 78 -39.00 15.16 0.16
C ASP D 78 -40.25 14.75 -0.62
N ARG D 79 -40.55 15.47 -1.70
CA ARG D 79 -41.71 15.18 -2.52
C ARG D 79 -41.56 13.81 -3.19
N GLY D 80 -40.40 13.56 -3.79
CA GLY D 80 -40.10 12.30 -4.46
C GLY D 80 -40.07 11.10 -3.54
N ALA D 81 -39.48 11.26 -2.34
CA ALA D 81 -39.35 10.19 -1.36
C ALA D 81 -40.69 9.75 -0.81
N SER D 82 -41.64 10.67 -0.65
CA SER D 82 -42.96 10.31 -0.14
C SER D 82 -43.79 9.54 -1.19
N ILE D 83 -43.54 9.80 -2.48
CA ILE D 83 -44.24 9.17 -3.58
C ILE D 83 -43.74 7.73 -3.77
N VAL D 84 -42.41 7.51 -3.73
CA VAL D 84 -41.83 6.17 -3.94
C VAL D 84 -42.04 5.25 -2.74
N GLU D 85 -42.09 5.79 -1.52
CA GLU D 85 -42.17 5.04 -0.27
C GLU D 85 -43.20 3.90 -0.30
N ASP D 86 -44.45 4.19 -0.70
CA ASP D 86 -45.51 3.18 -0.71
C ASP D 86 -45.26 2.08 -1.73
N LYS D 87 -44.73 2.42 -2.91
CA LYS D 87 -44.46 1.42 -3.94
C LYS D 87 -43.21 0.59 -3.64
N LEU D 88 -42.24 1.13 -2.87
CA LEU D 88 -41.00 0.42 -2.55
C LEU D 88 -41.22 -0.75 -1.58
N VAL D 89 -42.16 -0.60 -0.63
CA VAL D 89 -42.43 -1.66 0.34
C VAL D 89 -43.08 -2.88 -0.36
N GLU D 90 -43.92 -2.63 -1.39
CA GLU D 90 -44.57 -3.70 -2.15
C GLU D 90 -43.54 -4.51 -2.94
N ASP D 91 -42.56 -3.82 -3.54
CA ASP D 91 -41.53 -4.47 -4.34
C ASP D 91 -40.45 -5.19 -3.50
N LEU D 92 -40.46 -5.04 -2.16
CA LEU D 92 -39.45 -5.73 -1.33
C LEU D 92 -39.75 -7.22 -1.27
N LYS D 93 -38.85 -8.03 -1.82
CA LYS D 93 -39.01 -9.48 -1.84
C LYS D 93 -38.22 -10.19 -0.73
N THR D 94 -37.77 -9.44 0.30
CA THR D 94 -36.99 -10.01 1.40
C THR D 94 -37.90 -10.75 2.40
N ARG D 95 -37.35 -11.74 3.12
CA ARG D 95 -38.11 -12.49 4.10
C ARG D 95 -38.14 -11.74 5.44
N GLU D 96 -38.89 -10.65 5.46
CA GLU D 96 -39.08 -9.80 6.64
C GLU D 96 -40.56 -9.54 6.90
N THR D 97 -40.89 -9.07 8.11
CA THR D 97 -42.26 -8.66 8.41
C THR D 97 -42.56 -7.34 7.66
N GLU D 98 -43.84 -7.03 7.43
CA GLU D 98 -44.18 -5.78 6.72
C GLU D 98 -43.71 -4.53 7.50
N GLU D 99 -43.65 -4.63 8.85
CA GLU D 99 -43.17 -3.52 9.67
C GLU D 99 -41.66 -3.33 9.51
N GLN D 100 -40.90 -4.41 9.25
CA GLN D 100 -39.47 -4.31 9.04
C GLN D 100 -39.16 -3.82 7.61
N LYS D 101 -40.03 -4.11 6.64
CA LYS D 101 -39.87 -3.64 5.27
C LYS D 101 -40.03 -2.14 5.23
N ARG D 102 -41.04 -1.58 5.95
CA ARG D 102 -41.26 -0.14 6.01
C ARG D 102 -40.12 0.56 6.74
N ASN D 103 -39.61 -0.05 7.81
CA ASN D 103 -38.46 0.50 8.53
C ASN D 103 -37.22 0.55 7.64
N ARG D 104 -37.06 -0.44 6.77
CA ARG D 104 -35.95 -0.52 5.84
C ARG D 104 -36.08 0.56 4.76
N VAL D 105 -37.28 0.74 4.18
CA VAL D 105 -37.50 1.75 3.14
C VAL D 105 -37.32 3.16 3.71
N ARG D 106 -38.01 3.48 4.82
CA ARG D 106 -37.90 4.80 5.43
C ARG D 106 -36.49 5.06 5.93
N GLY D 107 -35.87 4.03 6.50
CA GLY D 107 -34.51 4.12 6.99
C GLY D 107 -33.53 4.44 5.89
N ILE D 108 -33.66 3.78 4.72
CA ILE D 108 -32.76 4.02 3.60
C ILE D 108 -33.01 5.41 3.00
N LEU D 109 -34.27 5.85 2.92
CA LEU D 109 -34.57 7.20 2.42
C LEU D 109 -34.01 8.30 3.36
N ARG D 110 -33.97 8.01 4.67
CA ARG D 110 -33.40 8.92 5.66
C ARG D 110 -31.88 9.00 5.56
N ILE D 111 -31.22 7.91 5.12
CA ILE D 111 -29.77 7.85 4.92
C ILE D 111 -29.38 8.62 3.65
N ILE D 112 -30.16 8.44 2.59
CA ILE D 112 -29.92 9.06 1.29
C ILE D 112 -29.96 10.59 1.38
N LYS D 113 -30.98 11.16 2.02
CA LYS D 113 -31.20 12.60 2.06
C LYS D 113 -29.96 13.44 2.49
N PRO D 114 -29.35 13.29 3.70
CA PRO D 114 -28.22 14.19 4.06
C PRO D 114 -26.88 13.78 3.45
N CYS D 115 -25.94 14.73 3.41
CA CYS D 115 -24.59 14.45 2.95
C CYS D 115 -23.91 13.54 3.95
N ASN D 116 -23.25 12.49 3.48
CA ASN D 116 -22.53 11.59 4.37
C ASN D 116 -21.32 12.28 4.99
N HIS D 117 -20.53 12.99 4.19
CA HIS D 117 -19.29 13.62 4.67
C HIS D 117 -19.11 15.05 4.19
N VAL D 118 -18.66 15.92 5.08
CA VAL D 118 -18.33 17.29 4.72
C VAL D 118 -16.98 17.59 5.33
N LEU D 119 -16.01 18.04 4.52
CA LEU D 119 -14.68 18.38 5.04
C LEU D 119 -14.48 19.88 4.95
N SER D 120 -14.14 20.52 6.05
CA SER D 120 -13.84 21.95 6.12
C SER D 120 -12.32 22.10 6.28
N LEU D 121 -11.72 22.97 5.49
CA LEU D 121 -10.27 23.15 5.46
C LEU D 121 -9.85 24.58 5.70
N SER D 122 -8.69 24.71 6.29
CA SER D 122 -7.97 25.94 6.53
C SER D 122 -6.56 25.67 6.08
N PHE D 123 -6.04 26.36 5.06
CA PHE D 123 -4.71 26.08 4.57
C PHE D 123 -3.96 27.35 4.22
N PRO D 124 -2.66 27.40 4.49
CA PRO D 124 -1.90 28.61 4.20
C PRO D 124 -1.47 28.74 2.75
N ILE D 125 -1.25 29.99 2.33
CA ILE D 125 -0.79 30.36 1.00
C ILE D 125 0.12 31.57 1.14
N ARG D 126 1.29 31.56 0.49
CA ARG D 126 2.15 32.74 0.50
C ARG D 126 1.85 33.54 -0.76
N ARG D 127 1.36 34.78 -0.60
CA ARG D 127 1.04 35.63 -1.74
C ARG D 127 2.32 36.04 -2.50
N ASP D 128 2.17 36.55 -3.73
CA ASP D 128 3.31 36.99 -4.53
C ASP D 128 4.05 38.17 -3.87
N ASP D 129 3.38 38.95 -3.00
CA ASP D 129 4.04 40.04 -2.29
C ASP D 129 4.82 39.59 -1.02
N GLY D 130 4.70 38.31 -0.65
CA GLY D 130 5.40 37.75 0.49
C GLY D 130 4.54 37.49 1.70
N SER D 131 3.41 38.21 1.82
CA SER D 131 2.50 38.06 2.95
C SER D 131 1.75 36.72 2.93
N TRP D 132 1.41 36.19 4.11
CA TRP D 132 0.69 34.92 4.20
C TRP D 132 -0.80 35.13 4.24
N GLU D 133 -1.56 34.14 3.76
CA GLU D 133 -3.01 34.21 3.78
C GLU D 133 -3.58 32.85 4.09
N VAL D 134 -4.57 32.81 4.99
CA VAL D 134 -5.23 31.56 5.34
C VAL D 134 -6.47 31.43 4.47
N ILE D 135 -6.54 30.37 3.67
CA ILE D 135 -7.66 30.13 2.77
C ILE D 135 -8.62 29.11 3.39
N GLU D 136 -9.91 29.40 3.32
CA GLU D 136 -10.96 28.55 3.84
C GLU D 136 -11.64 27.83 2.67
N GLY D 137 -11.81 26.52 2.79
CA GLY D 137 -12.41 25.72 1.73
C GLY D 137 -13.22 24.56 2.27
N TYR D 138 -14.10 23.98 1.45
CA TYR D 138 -14.91 22.83 1.89
C TYR D 138 -15.23 21.90 0.75
N ARG D 139 -15.50 20.64 1.05
CA ARG D 139 -15.96 19.68 0.06
C ARG D 139 -16.94 18.72 0.69
N ALA D 140 -18.14 18.62 0.13
CA ALA D 140 -19.14 17.70 0.63
C ALA D 140 -19.31 16.55 -0.31
N GLN D 141 -19.38 15.34 0.22
CA GLN D 141 -19.67 14.12 -0.53
C GLN D 141 -21.03 13.67 -0.06
N HIS D 142 -22.05 13.84 -0.89
CA HIS D 142 -23.41 13.52 -0.52
C HIS D 142 -23.61 12.02 -0.39
N SER D 143 -23.13 11.22 -1.36
CA SER D 143 -23.37 9.78 -1.31
C SER D 143 -22.21 8.94 -1.84
N GLN D 144 -22.01 7.78 -1.23
CA GLN D 144 -21.00 6.81 -1.66
C GLN D 144 -21.63 5.50 -2.16
N HIS D 145 -22.95 5.48 -2.43
CA HIS D 145 -23.62 4.28 -2.98
C HIS D 145 -22.94 3.85 -4.30
N ARG D 146 -22.39 4.84 -5.02
CA ARG D 146 -21.58 4.74 -6.21
C ARG D 146 -20.29 5.47 -5.93
N THR D 147 -19.15 4.78 -6.07
CA THR D 147 -17.85 5.43 -5.92
C THR D 147 -17.16 5.39 -7.29
N PRO D 148 -16.40 6.44 -7.65
CA PRO D 148 -16.08 7.64 -6.86
C PRO D 148 -17.22 8.66 -6.79
N CYS D 149 -17.07 9.66 -5.93
CA CYS D 149 -17.96 10.81 -5.89
C CYS D 149 -17.59 11.71 -7.08
N LYS D 150 -18.47 12.62 -7.49
CA LYS D 150 -18.22 13.49 -8.64
C LYS D 150 -18.82 14.85 -8.39
N GLY D 151 -18.10 15.91 -8.73
CA GLY D 151 -18.62 17.24 -8.54
C GLY D 151 -17.62 18.36 -8.69
N GLY D 152 -18.10 19.50 -9.13
CA GLY D 152 -17.27 20.67 -9.38
C GLY D 152 -16.66 21.35 -8.17
N ILE D 153 -15.78 22.31 -8.45
CA ILE D 153 -15.10 23.13 -7.47
C ILE D 153 -15.38 24.58 -7.79
N ARG D 154 -15.97 25.32 -6.85
CA ARG D 154 -16.26 26.73 -7.05
C ARG D 154 -15.29 27.61 -6.31
N TYR D 155 -14.73 28.63 -6.98
CA TYR D 155 -13.89 29.62 -6.32
C TYR D 155 -14.71 30.88 -6.20
N SER D 156 -15.32 31.13 -5.03
CA SER D 156 -16.18 32.29 -4.85
C SER D 156 -16.27 32.70 -3.40
N THR D 157 -16.34 34.01 -3.11
CA THR D 157 -16.54 34.47 -1.73
C THR D 157 -18.00 34.18 -1.26
N ASP D 158 -18.92 33.84 -2.18
CA ASP D 158 -20.30 33.54 -1.86
C ASP D 158 -20.55 32.04 -1.56
N VAL D 159 -19.48 31.20 -1.53
CA VAL D 159 -19.66 29.79 -1.21
C VAL D 159 -19.92 29.62 0.29
N SER D 160 -20.55 28.51 0.65
CA SER D 160 -20.88 28.17 2.03
C SER D 160 -21.00 26.66 2.16
N VAL D 161 -20.97 26.12 3.40
CA VAL D 161 -21.11 24.69 3.63
C VAL D 161 -22.49 24.22 3.14
N ASP D 162 -23.55 25.02 3.37
CA ASP D 162 -24.90 24.70 2.93
C ASP D 162 -25.00 24.62 1.41
N GLU D 163 -24.25 25.46 0.70
CA GLU D 163 -24.25 25.44 -0.76
C GLU D 163 -23.64 24.16 -1.28
N VAL D 164 -22.47 23.84 -0.74
CA VAL D 164 -21.67 22.69 -1.09
C VAL D 164 -22.46 21.40 -0.75
N LYS D 165 -23.25 21.39 0.32
CA LYS D 165 -24.07 20.23 0.69
C LYS D 165 -25.25 20.05 -0.26
N ALA D 166 -25.97 21.15 -0.57
CA ALA D 166 -27.14 21.08 -1.45
C ALA D 166 -26.76 20.74 -2.89
N LEU D 167 -25.67 21.33 -3.40
CA LEU D 167 -25.22 21.06 -4.76
C LEU D 167 -24.64 19.63 -4.88
N ALA D 168 -24.08 19.08 -3.79
CA ALA D 168 -23.61 17.71 -3.79
C ALA D 168 -24.80 16.76 -3.90
N SER D 169 -25.90 17.05 -3.18
CA SER D 169 -27.10 16.22 -3.23
C SER D 169 -27.72 16.30 -4.61
N LEU D 170 -27.79 17.51 -5.21
CA LEU D 170 -28.30 17.69 -6.57
C LEU D 170 -27.51 16.83 -7.58
N MET D 171 -26.18 16.76 -7.42
CA MET D 171 -25.30 15.99 -8.28
C MET D 171 -25.57 14.47 -8.13
N THR D 172 -25.92 13.99 -6.94
CA THR D 172 -26.24 12.57 -6.74
C THR D 172 -27.45 12.19 -7.61
N TYR D 173 -28.52 13.01 -7.56
CA TYR D 173 -29.75 12.75 -8.28
C TYR D 173 -29.55 12.98 -9.78
N LYS D 174 -28.76 13.99 -10.16
CA LYS D 174 -28.50 14.25 -11.58
C LYS D 174 -27.77 13.07 -12.21
N CYS D 175 -26.74 12.53 -11.55
CA CYS D 175 -25.99 11.37 -12.05
C CYS D 175 -26.88 10.15 -12.16
N ALA D 176 -27.78 9.95 -11.19
CA ALA D 176 -28.68 8.80 -11.21
C ALA D 176 -29.64 8.85 -12.40
N VAL D 177 -30.21 10.02 -12.75
CA VAL D 177 -31.14 10.07 -13.90
C VAL D 177 -30.39 9.74 -15.21
N VAL D 178 -29.09 10.10 -15.34
CA VAL D 178 -28.38 9.82 -16.58
C VAL D 178 -27.48 8.56 -16.48
N ASP D 179 -27.73 7.69 -15.49
CA ASP D 179 -27.03 6.42 -15.28
C ASP D 179 -25.50 6.57 -15.26
N VAL D 180 -25.02 7.67 -14.66
CA VAL D 180 -23.60 7.97 -14.47
C VAL D 180 -23.27 7.41 -13.08
N PRO D 181 -22.39 6.39 -12.99
CA PRO D 181 -22.16 5.70 -11.71
C PRO D 181 -21.30 6.43 -10.67
N PHE D 182 -21.72 7.62 -10.27
CA PHE D 182 -21.03 8.39 -9.26
C PHE D 182 -21.99 8.95 -8.23
N GLY D 183 -21.55 9.05 -6.99
CA GLY D 183 -22.30 9.77 -5.98
C GLY D 183 -22.02 11.26 -6.19
N GLY D 184 -22.87 12.11 -5.66
CA GLY D 184 -22.68 13.56 -5.78
C GLY D 184 -21.69 14.13 -4.81
N ALA D 185 -20.97 15.16 -5.23
CA ALA D 185 -19.98 15.88 -4.44
C ALA D 185 -19.88 17.34 -4.92
N LYS D 186 -19.38 18.24 -4.07
CA LYS D 186 -19.23 19.65 -4.44
C LYS D 186 -18.21 20.32 -3.54
N ALA D 187 -17.31 21.11 -4.11
CA ALA D 187 -16.30 21.82 -3.34
C ALA D 187 -16.41 23.34 -3.54
N GLY D 188 -15.95 24.09 -2.57
CA GLY D 188 -15.94 25.53 -2.62
C GLY D 188 -14.73 26.09 -1.90
N VAL D 189 -14.04 27.06 -2.50
CA VAL D 189 -12.93 27.74 -1.88
C VAL D 189 -13.34 29.19 -1.75
N LYS D 190 -13.41 29.70 -0.52
CA LYS D 190 -13.92 31.05 -0.25
C LYS D 190 -12.93 32.17 -0.62
N ILE D 191 -12.74 32.40 -1.93
CA ILE D 191 -11.87 33.45 -2.47
C ILE D 191 -12.48 34.04 -3.74
N ASN D 192 -12.18 35.31 -4.04
CA ASN D 192 -12.62 35.93 -5.29
C ASN D 192 -11.45 35.80 -6.25
N PRO D 193 -11.56 34.94 -7.28
CA PRO D 193 -10.40 34.72 -8.18
C PRO D 193 -9.85 35.95 -8.86
N LYS D 194 -10.66 37.01 -9.02
CA LYS D 194 -10.20 38.24 -9.65
C LYS D 194 -9.11 38.94 -8.81
N ASN D 195 -9.07 38.69 -7.48
CA ASN D 195 -8.08 39.29 -6.59
C ASN D 195 -6.75 38.53 -6.53
N TYR D 196 -6.57 37.48 -7.35
CA TYR D 196 -5.35 36.68 -7.30
C TYR D 196 -4.70 36.56 -8.66
N THR D 197 -3.37 36.48 -8.65
CA THR D 197 -2.61 36.26 -9.88
C THR D 197 -2.72 34.77 -10.27
N ASP D 198 -2.31 34.40 -11.50
CA ASP D 198 -2.34 33.00 -11.92
C ASP D 198 -1.42 32.14 -11.03
N ASN D 199 -0.31 32.71 -10.56
CA ASN D 199 0.64 32.02 -9.69
C ASN D 199 0.01 31.74 -8.32
N GLU D 200 -0.75 32.70 -7.79
CA GLU D 200 -1.44 32.52 -6.51
C GLU D 200 -2.61 31.54 -6.66
N LEU D 201 -3.32 31.58 -7.80
CA LEU D 201 -4.41 30.63 -8.05
C LEU D 201 -3.89 29.20 -8.19
N GLU D 202 -2.66 29.04 -8.71
CA GLU D 202 -2.02 27.74 -8.83
C GLU D 202 -1.64 27.22 -7.45
N LYS D 203 -1.07 28.09 -6.60
CA LYS D 203 -0.71 27.75 -5.22
C LYS D 203 -1.95 27.29 -4.44
N ILE D 204 -3.07 28.03 -4.54
CA ILE D 204 -4.31 27.70 -3.87
C ILE D 204 -4.83 26.34 -4.36
N THR D 205 -4.84 26.12 -5.68
CA THR D 205 -5.32 24.89 -6.29
C THR D 205 -4.49 23.66 -5.87
N ARG D 206 -3.16 23.78 -5.90
CA ARG D 206 -2.28 22.68 -5.57
C ARG D 206 -2.36 22.33 -4.07
N ARG D 207 -2.44 23.36 -3.18
CA ARG D 207 -2.52 23.09 -1.75
C ARG D 207 -3.87 22.51 -1.39
N PHE D 208 -4.96 23.01 -2.00
CA PHE D 208 -6.30 22.50 -1.77
C PHE D 208 -6.38 21.03 -2.19
N THR D 209 -5.76 20.68 -3.33
CA THR D 209 -5.67 19.30 -3.82
C THR D 209 -4.99 18.39 -2.80
N MET D 210 -3.88 18.86 -2.21
CA MET D 210 -3.11 18.11 -1.22
C MET D 210 -3.93 17.82 0.04
N GLU D 211 -4.67 18.81 0.54
CA GLU D 211 -5.46 18.66 1.75
C GLU D 211 -6.66 17.75 1.51
N LEU D 212 -7.25 17.79 0.31
CA LEU D 212 -8.36 16.90 -0.01
C LEU D 212 -7.87 15.45 -0.13
N ALA D 213 -6.72 15.24 -0.78
CA ALA D 213 -6.17 13.90 -1.03
C ALA D 213 -5.81 13.18 0.24
N LYS D 214 -5.25 13.91 1.22
CA LYS D 214 -4.86 13.30 2.49
C LYS D 214 -6.08 12.84 3.33
N LYS D 215 -7.29 13.36 3.03
CA LYS D 215 -8.48 13.01 3.78
C LYS D 215 -9.54 12.24 2.97
N GLY D 216 -9.18 11.70 1.82
CA GLY D 216 -10.13 10.95 1.00
C GLY D 216 -11.17 11.79 0.28
N PHE D 217 -10.81 13.02 -0.11
CA PHE D 217 -11.74 13.89 -0.81
C PHE D 217 -11.29 14.20 -2.27
N ILE D 218 -10.35 13.40 -2.80
CA ILE D 218 -9.90 13.41 -4.19
C ILE D 218 -9.10 12.13 -4.44
N GLY D 219 -9.41 11.48 -5.54
CA GLY D 219 -8.77 10.24 -5.97
C GLY D 219 -9.58 9.62 -7.09
N PRO D 220 -8.93 8.89 -8.00
CA PRO D 220 -9.69 8.31 -9.14
C PRO D 220 -10.83 7.37 -8.75
N GLY D 221 -10.69 6.67 -7.63
CA GLY D 221 -11.73 5.77 -7.15
C GLY D 221 -12.44 6.27 -5.89
N VAL D 222 -12.15 7.50 -5.47
CA VAL D 222 -12.71 8.06 -4.25
C VAL D 222 -13.60 9.29 -4.54
N ASP D 223 -13.07 10.32 -5.21
CA ASP D 223 -13.78 11.55 -5.49
C ASP D 223 -13.11 12.24 -6.65
N VAL D 224 -13.84 12.49 -7.74
CA VAL D 224 -13.28 13.06 -8.94
C VAL D 224 -13.89 14.45 -9.19
N PRO D 225 -13.14 15.51 -8.82
CA PRO D 225 -13.67 16.87 -9.00
C PRO D 225 -13.74 17.31 -10.47
N ALA D 226 -14.25 18.51 -10.69
CA ALA D 226 -14.46 19.07 -12.02
C ALA D 226 -14.48 20.59 -11.96
N PRO D 227 -14.39 21.29 -13.10
CA PRO D 227 -14.46 22.75 -13.06
C PRO D 227 -15.91 23.25 -12.91
N ASP D 228 -16.04 24.56 -12.76
CA ASP D 228 -17.29 25.29 -12.57
C ASP D 228 -17.29 26.51 -13.49
N MET D 229 -18.27 27.43 -13.34
CA MET D 229 -18.24 28.68 -14.10
C MET D 229 -17.08 29.57 -13.57
N SER D 230 -16.69 29.42 -12.28
CA SER D 230 -15.63 30.17 -11.63
C SER D 230 -14.23 29.55 -11.83
N THR D 231 -14.17 28.26 -12.22
CA THR D 231 -12.89 27.57 -12.43
C THR D 231 -12.82 27.02 -13.87
N GLY D 232 -11.61 26.70 -14.33
CA GLY D 232 -11.42 26.21 -15.69
C GLY D 232 -10.46 25.04 -15.83
N GLU D 233 -10.11 24.70 -17.08
CA GLU D 233 -9.25 23.56 -17.43
C GLU D 233 -7.81 23.69 -16.91
N ARG D 234 -7.27 24.91 -16.78
CA ARG D 234 -5.91 25.09 -16.25
C ARG D 234 -5.85 24.65 -14.79
N GLU D 235 -6.89 25.00 -14.00
CA GLU D 235 -6.94 24.61 -12.60
C GLU D 235 -7.09 23.10 -12.46
N MET D 236 -7.87 22.47 -13.34
CA MET D 236 -8.05 21.01 -13.31
C MET D 236 -6.74 20.31 -13.63
N SER D 237 -5.95 20.87 -14.55
CA SER D 237 -4.64 20.36 -14.92
C SER D 237 -3.67 20.38 -13.72
N TRP D 238 -3.74 21.45 -12.91
CA TRP D 238 -2.91 21.59 -11.71
C TRP D 238 -3.32 20.59 -10.64
N ILE D 239 -4.62 20.31 -10.52
CA ILE D 239 -5.14 19.31 -9.58
C ILE D 239 -4.56 17.92 -9.95
N ALA D 240 -4.70 17.51 -11.21
CA ALA D 240 -4.21 16.23 -11.69
C ALA D 240 -2.70 16.13 -11.56
N ASP D 241 -1.99 17.22 -11.86
CA ASP D 241 -0.54 17.24 -11.77
C ASP D 241 -0.06 17.12 -10.33
N THR D 242 -0.76 17.78 -9.39
CA THR D 242 -0.38 17.72 -7.99
C THR D 242 -0.67 16.34 -7.41
N TYR D 243 -1.82 15.77 -7.75
CA TYR D 243 -2.19 14.45 -7.25
C TYR D 243 -1.24 13.40 -7.79
N ALA D 244 -0.96 13.40 -9.10
CA ALA D 244 -0.08 12.40 -9.72
C ALA D 244 1.38 12.53 -9.29
N SER D 245 1.80 13.72 -8.83
CA SER D 245 3.17 13.95 -8.39
C SER D 245 3.41 13.57 -6.95
N THR D 246 2.39 13.65 -6.10
CA THR D 246 2.58 13.42 -4.67
C THR D 246 1.79 12.14 -4.20
N ILE D 247 0.56 12.26 -3.63
CA ILE D 247 -0.26 11.21 -3.05
C ILE D 247 -0.53 10.04 -4.02
N GLY D 248 -0.90 10.34 -5.26
CA GLY D 248 -1.21 9.31 -6.24
C GLY D 248 -0.07 8.97 -7.19
N HIS D 249 1.17 9.10 -6.74
CA HIS D 249 2.32 8.81 -7.60
C HIS D 249 2.37 7.32 -8.04
N TYR D 250 2.00 6.40 -7.15
CA TYR D 250 2.03 4.98 -7.46
C TYR D 250 0.73 4.48 -8.14
N ASP D 251 -0.21 5.37 -8.46
CA ASP D 251 -1.48 5.01 -9.09
C ASP D 251 -1.40 5.14 -10.61
N ILE D 252 -1.61 4.03 -11.33
CA ILE D 252 -1.62 4.04 -12.80
C ILE D 252 -2.78 4.95 -13.33
N ASN D 253 -3.83 5.14 -12.54
CA ASN D 253 -4.99 5.95 -12.91
C ASN D 253 -4.99 7.33 -12.25
N ALA D 254 -3.82 7.84 -11.81
CA ALA D 254 -3.75 9.13 -11.11
C ALA D 254 -4.36 10.29 -11.88
N HIS D 255 -4.24 10.30 -13.21
CA HIS D 255 -4.80 11.39 -14.01
C HIS D 255 -6.33 11.33 -14.13
N ALA D 256 -6.99 10.25 -13.63
CA ALA D 256 -8.46 10.17 -13.59
C ALA D 256 -9.03 10.78 -12.30
N CYS D 257 -8.19 11.38 -11.42
CA CYS D 257 -8.66 11.98 -10.17
C CYS D 257 -9.50 13.24 -10.40
N VAL D 258 -9.53 13.82 -11.63
CA VAL D 258 -10.25 15.05 -11.92
C VAL D 258 -10.63 15.11 -13.41
N THR D 259 -11.79 15.75 -13.73
CA THR D 259 -12.22 15.90 -15.12
C THR D 259 -12.21 17.43 -15.50
N GLY D 260 -12.54 17.76 -16.74
CA GLY D 260 -12.46 19.11 -17.26
C GLY D 260 -11.03 19.51 -17.59
N LYS D 261 -10.12 18.52 -17.75
CA LYS D 261 -8.71 18.74 -18.04
C LYS D 261 -8.50 19.16 -19.50
N PRO D 262 -7.39 19.87 -19.80
CA PRO D 262 -7.08 20.15 -21.21
C PRO D 262 -6.76 18.85 -21.97
N ILE D 263 -6.89 18.83 -23.31
CA ILE D 263 -6.63 17.64 -24.11
C ILE D 263 -5.17 17.12 -23.88
N SER D 264 -4.20 18.05 -23.75
CA SER D 264 -2.82 17.65 -23.53
C SER D 264 -2.58 16.95 -22.17
N GLN D 265 -3.55 17.02 -21.26
CA GLN D 265 -3.42 16.42 -19.93
C GLN D 265 -4.38 15.25 -19.68
N GLY D 266 -5.01 14.73 -20.73
CA GLY D 266 -5.95 13.63 -20.56
C GLY D 266 -7.41 14.01 -20.67
N GLY D 267 -7.68 15.23 -21.16
CA GLY D 267 -9.03 15.70 -21.36
C GLY D 267 -9.74 14.99 -22.51
N ILE D 268 -11.05 15.16 -22.60
CA ILE D 268 -11.81 14.47 -23.64
C ILE D 268 -12.33 15.45 -24.70
N HIS D 269 -12.34 15.01 -25.95
CA HIS D 269 -12.88 15.80 -27.04
C HIS D 269 -14.39 15.77 -26.94
N GLY D 270 -15.01 16.92 -27.13
CA GLY D 270 -16.46 17.03 -27.04
C GLY D 270 -16.92 17.53 -25.69
N ARG D 271 -16.02 18.08 -24.87
CA ARG D 271 -16.33 18.58 -23.55
C ARG D 271 -16.91 20.01 -23.62
N ILE D 272 -16.37 20.87 -24.49
CA ILE D 272 -16.81 22.26 -24.56
C ILE D 272 -18.28 22.43 -24.99
N SER D 273 -18.80 21.53 -25.86
CA SER D 273 -20.19 21.65 -26.30
C SER D 273 -21.13 20.60 -25.68
N ALA D 274 -20.70 19.90 -24.61
CA ALA D 274 -21.46 18.82 -23.99
C ALA D 274 -22.83 19.23 -23.41
N THR D 275 -22.90 20.35 -22.66
CA THR D 275 -24.15 20.78 -22.05
C THR D 275 -25.15 21.27 -23.09
N GLY D 276 -24.69 22.01 -24.08
CA GLY D 276 -25.54 22.47 -25.17
C GLY D 276 -26.07 21.33 -26.00
N ARG D 277 -25.27 20.29 -26.23
CA ARG D 277 -25.71 19.10 -26.97
C ARG D 277 -26.73 18.30 -26.17
N GLY D 278 -26.56 18.26 -24.85
CA GLY D 278 -27.47 17.60 -23.93
C GLY D 278 -28.80 18.33 -23.91
N VAL D 279 -28.78 19.68 -23.96
CA VAL D 279 -30.02 20.47 -24.01
C VAL D 279 -30.75 20.14 -25.32
N PHE D 280 -30.01 20.06 -26.43
CA PHE D 280 -30.59 19.71 -27.72
C PHE D 280 -31.23 18.31 -27.68
N HIS D 281 -30.47 17.29 -27.28
CA HIS D 281 -30.94 15.92 -27.30
C HIS D 281 -32.10 15.70 -26.34
N GLY D 282 -32.06 16.36 -25.19
CA GLY D 282 -33.13 16.28 -24.19
C GLY D 282 -34.42 16.87 -24.71
N ILE D 283 -34.35 18.03 -25.38
CA ILE D 283 -35.52 18.67 -26.00
C ILE D 283 -36.07 17.75 -27.09
N GLU D 284 -35.16 17.25 -27.94
CA GLU D 284 -35.44 16.38 -29.08
C GLU D 284 -36.23 15.12 -28.68
N ASN D 285 -35.84 14.44 -27.61
CA ASN D 285 -36.50 13.20 -27.20
C ASN D 285 -37.97 13.41 -26.81
N PHE D 286 -38.30 14.60 -26.29
CA PHE D 286 -39.67 14.91 -25.92
C PHE D 286 -40.41 15.50 -27.10
N ILE D 287 -39.76 16.35 -27.91
CA ILE D 287 -40.38 16.99 -29.05
C ILE D 287 -40.67 15.96 -30.17
N ASN D 288 -39.97 14.81 -30.21
CA ASN D 288 -40.27 13.77 -31.22
C ASN D 288 -41.31 12.73 -30.73
N GLU D 289 -41.81 12.90 -29.49
CA GLU D 289 -42.78 11.99 -28.90
C GLU D 289 -44.16 12.59 -29.11
N ALA D 290 -44.94 12.02 -30.05
CA ALA D 290 -46.25 12.53 -30.43
C ALA D 290 -47.27 12.53 -29.28
N SER D 291 -47.11 11.64 -28.29
CA SER D 291 -48.03 11.58 -27.16
C SER D 291 -47.93 12.86 -26.33
N TYR D 292 -46.71 13.27 -26.00
CA TYR D 292 -46.47 14.49 -25.22
C TYR D 292 -46.77 15.74 -26.03
N MET D 293 -46.49 15.71 -27.35
CA MET D 293 -46.72 16.86 -28.21
C MET D 293 -48.21 17.08 -28.49
N SER D 294 -49.03 16.01 -28.56
CA SER D 294 -50.48 16.19 -28.78
C SER D 294 -51.12 16.90 -27.58
N ILE D 295 -50.62 16.62 -26.35
CA ILE D 295 -51.10 17.26 -25.13
C ILE D 295 -50.80 18.77 -25.15
N LEU D 296 -49.68 19.18 -25.77
CA LEU D 296 -49.31 20.59 -25.88
C LEU D 296 -49.88 21.27 -27.14
N GLY D 297 -50.67 20.54 -27.95
CA GLY D 297 -51.28 21.05 -29.17
C GLY D 297 -50.30 21.28 -30.29
N MET D 298 -49.18 20.53 -30.29
CA MET D 298 -48.15 20.70 -31.30
C MET D 298 -47.87 19.42 -32.09
N THR D 299 -47.27 19.59 -33.27
CA THR D 299 -46.84 18.47 -34.11
C THR D 299 -45.44 18.04 -33.67
N PRO D 300 -45.06 16.76 -33.85
CA PRO D 300 -43.70 16.34 -33.45
C PRO D 300 -42.63 16.91 -34.37
N GLY D 301 -41.40 17.01 -33.87
CA GLY D 301 -40.28 17.51 -34.66
C GLY D 301 -39.96 18.98 -34.47
N PHE D 302 -38.77 19.39 -34.92
CA PHE D 302 -38.30 20.77 -34.81
C PHE D 302 -38.75 21.67 -35.98
N GLY D 303 -39.30 21.10 -37.05
CA GLY D 303 -39.78 21.87 -38.19
C GLY D 303 -40.99 22.70 -37.80
N ASP D 304 -40.99 23.96 -38.23
CA ASP D 304 -42.05 24.95 -37.95
C ASP D 304 -42.18 25.24 -36.44
N LYS D 305 -41.09 25.11 -35.69
CA LYS D 305 -41.05 25.42 -34.27
C LYS D 305 -40.28 26.71 -34.05
N THR D 306 -40.67 27.49 -33.07
CA THR D 306 -39.95 28.73 -32.73
C THR D 306 -39.38 28.61 -31.32
N PHE D 307 -38.23 29.23 -31.08
CA PHE D 307 -37.62 29.17 -29.76
C PHE D 307 -36.94 30.47 -29.35
N ALA D 308 -36.81 30.66 -28.06
CA ALA D 308 -36.16 31.83 -27.48
C ALA D 308 -35.15 31.36 -26.44
N VAL D 309 -33.96 31.98 -26.39
CA VAL D 309 -32.94 31.57 -25.44
C VAL D 309 -32.60 32.71 -24.49
N GLN D 310 -32.71 32.48 -23.17
CA GLN D 310 -32.36 33.50 -22.18
C GLN D 310 -30.99 33.17 -21.57
N GLY D 311 -29.97 33.91 -21.97
CA GLY D 311 -28.61 33.67 -21.51
C GLY D 311 -27.77 33.26 -22.70
N PHE D 312 -26.90 34.16 -23.19
CA PHE D 312 -26.12 33.86 -24.39
C PHE D 312 -24.67 33.51 -24.08
N GLY D 313 -24.48 32.56 -23.18
CA GLY D 313 -23.15 32.06 -22.84
C GLY D 313 -22.82 30.86 -23.72
N ASN D 314 -22.05 29.89 -23.20
CA ASN D 314 -21.71 28.70 -23.99
C ASN D 314 -22.92 27.78 -24.19
N VAL D 315 -23.81 27.67 -23.18
CA VAL D 315 -24.98 26.78 -23.29
C VAL D 315 -26.06 27.42 -24.17
N GLY D 316 -26.26 28.72 -24.06
CA GLY D 316 -27.25 29.42 -24.85
C GLY D 316 -26.96 29.38 -26.32
N LEU D 317 -25.69 29.65 -26.67
CA LEU D 317 -25.18 29.65 -28.04
C LEU D 317 -25.28 28.24 -28.66
N HIS D 318 -24.76 27.21 -27.96
CA HIS D 318 -24.79 25.85 -28.48
C HIS D 318 -26.21 25.38 -28.70
N SER D 319 -27.13 25.61 -27.75
CA SER D 319 -28.54 25.23 -27.92
C SER D 319 -29.16 25.90 -29.15
N MET D 320 -28.85 27.19 -29.35
CA MET D 320 -29.34 28.00 -30.47
C MET D 320 -28.81 27.48 -31.79
N ARG D 321 -27.55 27.03 -31.81
CA ARG D 321 -26.92 26.47 -33.00
C ARG D 321 -27.61 25.16 -33.41
N TYR D 322 -27.74 24.20 -32.47
CA TYR D 322 -28.30 22.87 -32.75
C TYR D 322 -29.79 22.90 -33.06
N LEU D 323 -30.58 23.76 -32.39
CA LEU D 323 -32.00 23.84 -32.69
C LEU D 323 -32.22 24.41 -34.09
N HIS D 324 -31.41 25.42 -34.46
CA HIS D 324 -31.47 26.07 -35.77
C HIS D 324 -31.12 25.07 -36.87
N ARG D 325 -30.10 24.25 -36.62
CA ARG D 325 -29.61 23.21 -37.53
C ARG D 325 -30.72 22.19 -37.86
N PHE D 326 -31.71 22.01 -36.98
CA PHE D 326 -32.78 21.04 -37.21
C PHE D 326 -34.12 21.67 -37.64
N GLY D 327 -34.10 22.93 -38.06
CA GLY D 327 -35.31 23.58 -38.57
C GLY D 327 -36.02 24.53 -37.63
N ALA D 328 -35.64 24.57 -36.34
CA ALA D 328 -36.28 25.48 -35.39
C ALA D 328 -35.79 26.90 -35.63
N LYS D 329 -36.71 27.86 -35.57
CA LYS D 329 -36.41 29.27 -35.83
C LYS D 329 -36.24 30.05 -34.52
N CYS D 330 -35.08 30.69 -34.32
CA CYS D 330 -34.86 31.48 -33.11
C CYS D 330 -35.51 32.83 -33.26
N VAL D 331 -36.53 33.11 -32.47
CA VAL D 331 -37.26 34.37 -32.55
C VAL D 331 -36.68 35.43 -31.58
N ALA D 332 -36.00 35.02 -30.49
CA ALA D 332 -35.47 36.00 -29.53
C ALA D 332 -34.27 35.46 -28.76
N VAL D 333 -33.32 36.34 -28.43
CA VAL D 333 -32.15 36.01 -27.62
C VAL D 333 -32.00 37.04 -26.53
N GLY D 334 -31.98 36.57 -25.28
CA GLY D 334 -31.83 37.41 -24.11
C GLY D 334 -30.42 37.35 -23.57
N GLU D 335 -29.96 38.47 -23.04
CA GLU D 335 -28.62 38.58 -22.47
C GLU D 335 -28.67 39.34 -21.13
N SER D 336 -27.55 39.34 -20.36
CA SER D 336 -27.49 40.07 -19.09
C SER D 336 -27.79 41.57 -19.31
N ASP D 337 -27.36 42.12 -20.46
CA ASP D 337 -27.63 43.49 -20.86
C ASP D 337 -28.57 43.54 -22.05
N GLY D 338 -29.86 43.61 -21.76
CA GLY D 338 -30.87 43.69 -22.81
C GLY D 338 -31.11 42.43 -23.62
N SER D 339 -32.07 42.51 -24.55
CA SER D 339 -32.43 41.38 -25.40
C SER D 339 -32.74 41.80 -26.84
N ILE D 340 -32.65 40.86 -27.80
CA ILE D 340 -32.99 41.15 -29.20
C ILE D 340 -34.15 40.25 -29.66
N TRP D 341 -34.90 40.70 -30.68
CA TRP D 341 -36.06 39.95 -31.15
C TRP D 341 -36.32 40.14 -32.65
N ASN D 342 -36.68 39.05 -33.33
CA ASN D 342 -37.03 39.04 -34.74
C ASN D 342 -37.95 37.86 -35.00
N PRO D 343 -39.23 38.11 -35.31
CA PRO D 343 -40.15 36.98 -35.54
C PRO D 343 -39.82 36.19 -36.82
N ASP D 344 -39.09 36.79 -37.76
CA ASP D 344 -38.68 36.09 -38.97
C ASP D 344 -37.46 35.17 -38.74
N GLY D 345 -36.74 35.35 -37.64
CA GLY D 345 -35.60 34.50 -37.32
C GLY D 345 -34.30 35.24 -37.08
N ILE D 346 -33.43 34.65 -36.24
CA ILE D 346 -32.11 35.18 -35.92
C ILE D 346 -31.09 34.08 -36.21
N ASP D 347 -30.10 34.36 -37.08
CA ASP D 347 -29.09 33.37 -37.43
C ASP D 347 -28.04 33.27 -36.33
N PRO D 348 -27.77 32.04 -35.84
CA PRO D 348 -26.80 31.88 -34.74
C PRO D 348 -25.36 32.22 -35.15
N LYS D 349 -24.97 31.94 -36.39
CA LYS D 349 -23.61 32.24 -36.85
C LYS D 349 -23.43 33.76 -36.98
N GLU D 350 -24.46 34.46 -37.49
CA GLU D 350 -24.41 35.91 -37.64
C GLU D 350 -24.40 36.61 -36.28
N LEU D 351 -25.15 36.07 -35.31
CA LEU D 351 -25.23 36.64 -33.97
C LEU D 351 -23.95 36.38 -33.17
N GLU D 352 -23.34 35.19 -33.35
CA GLU D 352 -22.11 34.86 -32.66
C GLU D 352 -20.96 35.72 -33.16
N ASP D 353 -20.90 35.96 -34.47
CA ASP D 353 -19.87 36.80 -35.07
C ASP D 353 -20.01 38.26 -34.62
N PHE D 354 -21.25 38.73 -34.45
CA PHE D 354 -21.53 40.09 -33.99
C PHE D 354 -21.06 40.27 -32.55
N LYS D 355 -21.36 39.30 -31.68
CA LYS D 355 -20.98 39.35 -30.26
C LYS D 355 -19.46 39.24 -30.08
N LEU D 356 -18.78 38.49 -30.96
CA LEU D 356 -17.34 38.34 -30.86
C LEU D 356 -16.59 39.64 -31.23
N GLN D 357 -17.20 40.53 -32.02
CA GLN D 357 -16.55 41.78 -32.42
C GLN D 357 -17.08 43.01 -31.67
N HIS D 358 -18.19 42.88 -30.91
CA HIS D 358 -18.73 44.04 -30.18
C HIS D 358 -18.94 43.78 -28.68
N GLY D 359 -18.72 42.56 -28.21
CA GLY D 359 -18.87 42.20 -26.80
C GLY D 359 -20.30 41.97 -26.34
N THR D 360 -21.28 42.39 -27.15
CA THR D 360 -22.69 42.25 -26.80
C THR D 360 -23.55 41.99 -28.05
N ILE D 361 -24.77 41.48 -27.85
CA ILE D 361 -25.70 41.26 -28.94
C ILE D 361 -26.52 42.54 -29.28
N LEU D 362 -26.45 43.59 -28.44
CA LEU D 362 -27.18 44.84 -28.63
C LEU D 362 -26.71 45.58 -29.88
N GLY D 363 -27.66 45.96 -30.71
CA GLY D 363 -27.38 46.66 -31.96
C GLY D 363 -27.28 45.74 -33.17
N PHE D 364 -27.68 44.45 -33.02
CA PHE D 364 -27.66 43.49 -34.11
C PHE D 364 -28.56 43.96 -35.23
N PRO D 365 -28.03 44.08 -36.46
CA PRO D 365 -28.82 44.67 -37.56
C PRO D 365 -30.08 43.91 -37.94
N LYS D 366 -30.06 42.58 -37.88
CA LYS D 366 -31.22 41.78 -38.25
C LYS D 366 -32.08 41.39 -37.03
N ALA D 367 -32.31 42.34 -36.10
CA ALA D 367 -33.13 42.14 -34.89
C ALA D 367 -33.47 43.49 -34.21
N LYS D 368 -34.54 43.52 -33.40
CA LYS D 368 -34.99 44.71 -32.68
C LYS D 368 -34.64 44.63 -31.19
N ILE D 369 -34.23 45.74 -30.58
CA ILE D 369 -33.86 45.78 -29.17
C ILE D 369 -35.07 45.83 -28.25
N TYR D 370 -35.02 45.06 -27.14
CA TYR D 370 -36.04 45.04 -26.09
C TYR D 370 -35.36 45.15 -24.72
N GLU D 371 -35.87 46.03 -23.84
CA GLU D 371 -35.27 46.23 -22.52
C GLU D 371 -35.95 45.31 -21.51
N GLY D 372 -35.37 44.14 -21.33
CA GLY D 372 -35.92 43.12 -20.45
C GLY D 372 -35.69 41.73 -20.98
N SER D 373 -36.10 40.71 -20.23
CA SER D 373 -35.89 39.32 -20.62
C SER D 373 -36.85 38.89 -21.75
N ILE D 374 -36.52 37.79 -22.42
CA ILE D 374 -37.36 37.26 -23.50
C ILE D 374 -38.31 36.14 -23.02
N LEU D 375 -38.46 35.97 -21.70
CA LEU D 375 -39.28 34.90 -21.10
C LEU D 375 -40.76 34.97 -21.52
N GLU D 376 -41.27 36.16 -21.84
CA GLU D 376 -42.67 36.31 -22.23
C GLU D 376 -42.86 36.47 -23.75
N VAL D 377 -41.82 36.22 -24.55
CA VAL D 377 -41.88 36.34 -26.01
C VAL D 377 -42.68 35.18 -26.59
N ASP D 378 -43.50 35.45 -27.62
CA ASP D 378 -44.29 34.42 -28.27
C ASP D 378 -43.38 33.44 -29.01
N CYS D 379 -43.28 32.23 -28.48
CA CYS D 379 -42.49 31.15 -29.06
C CYS D 379 -43.06 29.78 -28.63
N ASP D 380 -42.51 28.69 -29.16
CA ASP D 380 -42.96 27.35 -28.78
C ASP D 380 -42.07 26.81 -27.66
N ILE D 381 -40.75 27.00 -27.78
CA ILE D 381 -39.78 26.51 -26.80
C ILE D 381 -39.05 27.67 -26.12
N LEU D 382 -39.06 27.71 -24.80
CA LEU D 382 -38.31 28.73 -24.05
C LEU D 382 -37.13 28.05 -23.40
N ILE D 383 -35.91 28.56 -23.61
CA ILE D 383 -34.73 27.93 -23.04
C ILE D 383 -33.99 28.84 -22.08
N PRO D 384 -34.28 28.74 -20.77
CA PRO D 384 -33.49 29.49 -19.79
C PRO D 384 -32.11 28.83 -19.71
N ALA D 385 -31.11 29.49 -20.28
CA ALA D 385 -29.76 28.95 -20.34
C ALA D 385 -28.77 29.73 -19.47
N ALA D 386 -29.25 30.43 -18.43
CA ALA D 386 -28.39 31.18 -17.52
C ALA D 386 -28.74 30.82 -16.07
N SER D 387 -27.72 30.65 -15.22
CA SER D 387 -27.95 30.25 -13.82
C SER D 387 -28.45 31.41 -12.96
N GLU D 388 -29.76 31.69 -13.07
CA GLU D 388 -30.42 32.73 -12.29
C GLU D 388 -31.91 32.43 -12.18
N LYS D 389 -32.58 32.97 -11.15
CA LYS D 389 -34.02 32.77 -11.00
C LYS D 389 -34.72 33.60 -12.05
N GLN D 390 -35.39 32.94 -12.99
CA GLN D 390 -36.04 33.65 -14.09
C GLN D 390 -37.55 33.47 -14.06
N LEU D 391 -38.02 32.22 -13.92
CA LEU D 391 -39.45 31.95 -13.92
C LEU D 391 -39.97 31.84 -12.49
N THR D 392 -40.78 32.82 -12.11
CA THR D 392 -41.39 32.97 -10.79
C THR D 392 -42.94 32.97 -10.92
N LYS D 393 -43.67 33.00 -9.79
CA LYS D 393 -45.13 33.03 -9.79
C LYS D 393 -45.73 34.28 -10.46
N SER D 394 -44.95 35.38 -10.54
CA SER D 394 -45.44 36.61 -11.15
C SER D 394 -45.39 36.57 -12.69
N ASN D 395 -44.34 36.00 -13.30
CA ASN D 395 -44.24 35.97 -14.75
C ASN D 395 -44.61 34.62 -15.38
N ALA D 396 -44.79 33.55 -14.58
CA ALA D 396 -45.18 32.24 -15.12
C ALA D 396 -46.52 32.30 -15.90
N PRO D 397 -47.59 33.03 -15.47
CA PRO D 397 -48.82 33.07 -16.29
C PRO D 397 -48.65 33.87 -17.59
N ARG D 398 -47.58 34.66 -17.73
CA ARG D 398 -47.34 35.43 -18.95
C ARG D 398 -46.43 34.69 -19.96
N VAL D 399 -45.94 33.49 -19.63
CA VAL D 399 -45.10 32.71 -20.52
C VAL D 399 -45.95 32.21 -21.69
N LYS D 400 -45.50 32.44 -22.93
CA LYS D 400 -46.26 32.01 -24.10
C LYS D 400 -45.74 30.70 -24.71
N ALA D 401 -44.62 30.17 -24.22
CA ALA D 401 -44.06 28.92 -24.73
C ALA D 401 -44.79 27.70 -24.17
N LYS D 402 -44.83 26.62 -24.95
CA LYS D 402 -45.45 25.37 -24.51
C LYS D 402 -44.42 24.41 -23.88
N ILE D 403 -43.13 24.58 -24.19
CA ILE D 403 -42.05 23.77 -23.64
C ILE D 403 -41.02 24.68 -22.98
N ILE D 404 -40.64 24.40 -21.74
CA ILE D 404 -39.62 25.15 -21.06
C ILE D 404 -38.45 24.21 -20.80
N ALA D 405 -37.37 24.43 -21.53
CA ALA D 405 -36.17 23.60 -21.48
C ALA D 405 -35.12 24.19 -20.55
N GLU D 406 -34.99 23.69 -19.32
CA GLU D 406 -34.03 24.21 -18.36
C GLU D 406 -32.58 23.86 -18.69
N GLY D 407 -31.90 24.76 -19.40
CA GLY D 407 -30.49 24.57 -19.73
C GLY D 407 -29.54 25.10 -18.65
N ALA D 408 -30.01 25.23 -17.44
CA ALA D 408 -29.28 25.72 -16.28
C ALA D 408 -29.91 25.17 -14.99
N ASN D 409 -29.22 25.28 -13.84
CA ASN D 409 -29.77 24.79 -12.58
C ASN D 409 -30.65 25.84 -11.90
N GLY D 410 -31.85 25.42 -11.53
CA GLY D 410 -32.85 26.23 -10.83
C GLY D 410 -33.39 27.49 -11.46
N PRO D 411 -33.73 27.52 -12.77
CA PRO D 411 -34.30 28.76 -13.33
C PRO D 411 -35.81 28.92 -13.06
N THR D 412 -36.49 27.87 -12.53
CA THR D 412 -37.92 27.93 -12.28
C THR D 412 -38.22 27.62 -10.82
N THR D 413 -38.99 28.50 -10.15
CA THR D 413 -39.36 28.30 -8.75
C THR D 413 -40.47 27.24 -8.64
N PRO D 414 -40.65 26.59 -7.45
CA PRO D 414 -41.73 25.62 -7.32
C PRO D 414 -43.13 26.20 -7.59
N GLU D 415 -43.32 27.50 -7.30
CA GLU D 415 -44.61 28.15 -7.55
C GLU D 415 -44.85 28.30 -9.06
N ALA D 416 -43.79 28.56 -9.84
CA ALA D 416 -43.91 28.66 -11.28
C ALA D 416 -44.20 27.28 -11.88
N ASP D 417 -43.57 26.22 -11.35
CA ASP D 417 -43.82 24.83 -11.77
C ASP D 417 -45.31 24.48 -11.67
N LYS D 418 -45.96 24.88 -10.56
CA LYS D 418 -47.38 24.64 -10.31
C LYS D 418 -48.23 25.35 -11.36
N ILE D 419 -47.89 26.60 -11.71
CA ILE D 419 -48.59 27.38 -12.72
C ILE D 419 -48.43 26.72 -14.08
N PHE D 420 -47.23 26.27 -14.43
CA PHE D 420 -46.97 25.60 -15.71
C PHE D 420 -47.77 24.31 -15.82
N LEU D 421 -47.91 23.55 -14.73
CA LEU D 421 -48.70 22.31 -14.74
C LEU D 421 -50.19 22.62 -14.96
N GLU D 422 -50.68 23.71 -14.38
CA GLU D 422 -52.06 24.13 -14.56
C GLU D 422 -52.32 24.64 -15.99
N ARG D 423 -51.31 25.24 -16.62
CA ARG D 423 -51.41 25.80 -17.97
C ARG D 423 -51.03 24.81 -19.07
N ASN D 424 -50.72 23.54 -18.72
CA ASN D 424 -50.29 22.50 -19.65
C ASN D 424 -49.05 22.93 -20.41
N ILE D 425 -48.03 23.34 -19.65
CA ILE D 425 -46.74 23.73 -20.17
C ILE D 425 -45.77 22.68 -19.68
N MET D 426 -45.04 22.05 -20.60
CA MET D 426 -44.11 21.01 -20.22
C MET D 426 -42.75 21.57 -19.85
N VAL D 427 -42.32 21.35 -18.60
CA VAL D 427 -41.00 21.80 -18.17
C VAL D 427 -40.05 20.61 -18.15
N ILE D 428 -39.04 20.62 -19.03
CA ILE D 428 -38.01 19.57 -19.07
C ILE D 428 -37.00 19.98 -18.00
N PRO D 429 -36.91 19.21 -16.90
CA PRO D 429 -36.13 19.66 -15.75
C PRO D 429 -34.63 19.61 -15.91
N ASP D 430 -33.94 20.51 -15.17
CA ASP D 430 -32.49 20.69 -15.11
C ASP D 430 -31.77 19.41 -14.71
N LEU D 431 -32.38 18.62 -13.80
CA LEU D 431 -31.85 17.34 -13.33
C LEU D 431 -31.55 16.40 -14.50
N TYR D 432 -32.32 16.50 -15.58
CA TYR D 432 -32.16 15.73 -16.79
C TYR D 432 -31.46 16.55 -17.90
N LEU D 433 -32.03 17.70 -18.26
CA LEU D 433 -31.58 18.50 -19.40
C LEU D 433 -30.21 19.18 -19.22
N ASN D 434 -29.76 19.35 -17.97
CA ASN D 434 -28.47 19.98 -17.71
C ASN D 434 -27.41 18.92 -17.34
N ALA D 435 -27.56 17.66 -17.80
CA ALA D 435 -26.62 16.60 -17.43
C ALA D 435 -25.67 16.18 -18.58
N GLY D 436 -25.59 16.97 -19.64
CA GLY D 436 -24.69 16.67 -20.74
C GLY D 436 -23.24 16.75 -20.33
N GLY D 437 -22.89 17.76 -19.53
CA GLY D 437 -21.55 17.95 -19.03
C GLY D 437 -21.16 16.87 -18.05
N VAL D 438 -22.11 16.43 -17.22
CA VAL D 438 -21.90 15.36 -16.26
C VAL D 438 -21.67 14.04 -16.98
N THR D 439 -22.45 13.77 -18.02
CA THR D 439 -22.33 12.57 -18.83
C THR D 439 -20.95 12.51 -19.50
N VAL D 440 -20.50 13.63 -20.09
CA VAL D 440 -19.20 13.66 -20.74
C VAL D 440 -18.05 13.62 -19.70
N SER D 441 -18.27 14.11 -18.45
CA SER D 441 -17.27 13.99 -17.37
C SER D 441 -17.00 12.51 -17.07
N TYR D 442 -18.04 11.68 -17.11
CA TYR D 442 -17.95 10.25 -16.89
C TYR D 442 -17.09 9.64 -17.99
N PHE D 443 -17.30 10.05 -19.25
CA PHE D 443 -16.54 9.54 -20.38
C PHE D 443 -15.08 9.98 -20.31
N GLU D 444 -14.79 11.17 -19.76
CA GLU D 444 -13.41 11.63 -19.60
C GLU D 444 -12.69 10.77 -18.56
N TRP D 445 -13.38 10.46 -17.46
CA TRP D 445 -12.86 9.61 -16.38
C TRP D 445 -12.60 8.20 -16.95
N LEU D 446 -13.52 7.69 -17.77
CA LEU D 446 -13.37 6.39 -18.43
C LEU D 446 -12.19 6.41 -19.38
N LYS D 447 -12.04 7.49 -20.17
CA LYS D 447 -10.92 7.65 -21.11
C LYS D 447 -9.59 7.58 -20.38
N ASN D 448 -9.49 8.20 -19.19
CA ASN D 448 -8.25 8.15 -18.40
C ASN D 448 -7.99 6.76 -17.81
N LEU D 449 -9.05 6.03 -17.48
CA LEU D 449 -8.95 4.65 -16.99
C LEU D 449 -8.50 3.73 -18.15
N ASN D 450 -9.07 3.94 -19.35
CA ASN D 450 -8.77 3.19 -20.56
C ASN D 450 -7.35 3.44 -21.05
N HIS D 451 -6.82 4.65 -20.81
CA HIS D 451 -5.49 5.09 -21.24
C HIS D 451 -5.36 5.13 -22.75
N VAL D 452 -6.49 5.40 -23.45
CA VAL D 452 -6.56 5.48 -24.90
C VAL D 452 -7.76 6.35 -25.31
N SER D 453 -7.62 7.05 -26.45
CA SER D 453 -8.72 7.87 -26.97
C SER D 453 -9.77 6.96 -27.60
N TYR D 454 -11.04 7.41 -27.58
CA TYR D 454 -12.13 6.61 -28.15
C TYR D 454 -12.01 6.44 -29.68
N GLY D 455 -12.13 5.20 -30.14
CA GLY D 455 -12.09 4.88 -31.55
C GLY D 455 -10.72 4.67 -32.16
N ARG D 456 -9.66 5.00 -31.41
CA ARG D 456 -8.25 4.88 -31.84
C ARG D 456 -7.96 3.58 -32.62
N LEU D 457 -8.41 2.42 -32.13
CA LEU D 457 -8.13 1.15 -32.79
C LEU D 457 -9.22 0.68 -33.76
N THR D 458 -10.40 1.31 -33.75
CA THR D 458 -11.50 0.83 -34.59
C THR D 458 -11.97 1.73 -35.74
N PHE D 459 -11.54 3.01 -35.84
CA PHE D 459 -11.99 3.88 -36.93
C PHE D 459 -11.63 3.34 -38.33
N LYS D 460 -10.38 2.91 -38.55
CA LYS D 460 -9.95 2.36 -39.84
C LYS D 460 -10.64 1.02 -40.11
N TYR D 461 -10.89 0.21 -39.06
CA TYR D 461 -11.58 -1.07 -39.17
C TYR D 461 -13.06 -0.87 -39.57
N GLU D 462 -13.72 0.15 -39.00
CA GLU D 462 -15.11 0.48 -39.29
C GLU D 462 -15.22 0.95 -40.73
N ARG D 463 -14.33 1.88 -41.12
CA ARG D 463 -14.22 2.46 -42.45
C ARG D 463 -14.07 1.34 -43.50
N ASP D 464 -13.13 0.40 -43.30
CA ASP D 464 -12.96 -0.72 -44.22
C ASP D 464 -14.22 -1.59 -44.28
N SER D 465 -14.86 -1.88 -43.14
CA SER D 465 -16.09 -2.69 -43.12
C SER D 465 -17.24 -2.03 -43.91
N ASN D 466 -17.39 -0.69 -43.82
CA ASN D 466 -18.41 0.06 -44.54
C ASN D 466 -18.20 -0.03 -46.05
N TYR D 467 -16.94 0.09 -46.50
CA TYR D 467 -16.64 0.01 -47.93
C TYR D 467 -16.86 -1.43 -48.45
N HIS D 468 -16.58 -2.43 -47.61
CA HIS D 468 -16.81 -3.84 -47.93
C HIS D 468 -18.30 -4.15 -48.02
N LEU D 469 -19.11 -3.48 -47.19
CA LEU D 469 -20.56 -3.58 -47.16
C LEU D 469 -21.12 -3.02 -48.47
N LEU D 470 -20.68 -1.82 -48.87
CA LEU D 470 -21.13 -1.17 -50.10
C LEU D 470 -20.68 -1.97 -51.33
N MET D 471 -19.48 -2.56 -51.28
CA MET D 471 -18.96 -3.40 -52.37
C MET D 471 -19.77 -4.69 -52.52
N SER D 472 -20.24 -5.23 -51.40
CA SER D 472 -21.05 -6.44 -51.39
C SER D 472 -22.42 -6.17 -52.01
N VAL D 473 -23.00 -5.00 -51.74
CA VAL D 473 -24.29 -4.61 -52.30
C VAL D 473 -24.13 -4.41 -53.80
N GLN D 474 -23.05 -3.73 -54.23
CA GLN D 474 -22.77 -3.47 -55.63
C GLN D 474 -22.58 -4.78 -56.42
N GLU D 475 -21.78 -5.71 -55.89
CA GLU D 475 -21.53 -6.97 -56.57
C GLU D 475 -22.79 -7.83 -56.65
N SER D 476 -23.60 -7.82 -55.60
CA SER D 476 -24.83 -8.62 -55.57
C SER D 476 -25.86 -8.08 -56.56
N LEU D 477 -25.92 -6.76 -56.74
CA LEU D 477 -26.86 -6.14 -57.67
C LEU D 477 -26.38 -6.29 -59.10
N GLU D 478 -25.07 -6.17 -59.35
CA GLU D 478 -24.55 -6.35 -60.70
C GLU D 478 -24.77 -7.80 -61.18
N ARG D 479 -24.68 -8.77 -60.24
CA ARG D 479 -24.89 -10.20 -60.46
C ARG D 479 -26.36 -10.52 -60.73
N LYS D 480 -27.28 -9.74 -60.14
CA LYS D 480 -28.72 -9.92 -60.29
C LYS D 480 -29.26 -9.22 -61.54
N PHE D 481 -28.79 -8.01 -61.86
CA PHE D 481 -29.32 -7.26 -62.99
C PHE D 481 -28.43 -7.26 -64.24
N GLY D 482 -27.28 -7.90 -64.20
CA GLY D 482 -26.40 -7.97 -65.37
C GLY D 482 -25.62 -6.71 -65.69
N LYS D 483 -24.86 -6.77 -66.81
CA LYS D 483 -23.95 -5.73 -67.28
C LYS D 483 -24.55 -4.76 -68.30
N HIS D 484 -25.78 -4.99 -68.78
CA HIS D 484 -26.39 -4.07 -69.77
C HIS D 484 -26.64 -2.74 -69.08
N GLY D 485 -26.16 -1.67 -69.68
CA GLY D 485 -26.25 -0.37 -69.04
C GLY D 485 -25.11 -0.08 -68.08
N GLY D 486 -24.22 -1.05 -67.88
CA GLY D 486 -23.05 -0.90 -67.05
C GLY D 486 -23.13 -1.27 -65.59
N THR D 487 -22.05 -0.92 -64.89
CA THR D 487 -21.75 -1.02 -63.48
C THR D 487 -22.79 -0.26 -62.65
N ILE D 488 -23.11 -0.75 -61.44
CA ILE D 488 -24.05 -0.06 -60.55
C ILE D 488 -23.26 0.41 -59.32
N PRO D 489 -22.60 1.58 -59.40
CA PRO D 489 -21.74 2.03 -58.28
C PRO D 489 -22.50 2.31 -57.00
N ILE D 490 -22.08 1.68 -55.90
CA ILE D 490 -22.65 1.92 -54.58
C ILE D 490 -21.59 2.65 -53.79
N VAL D 491 -21.74 3.98 -53.68
CA VAL D 491 -20.76 4.83 -53.01
C VAL D 491 -21.40 5.59 -51.83
N PRO D 492 -20.59 6.05 -50.86
CA PRO D 492 -21.16 6.82 -49.75
C PRO D 492 -21.70 8.17 -50.20
N THR D 493 -22.73 8.67 -49.50
CA THR D 493 -23.24 10.02 -49.78
C THR D 493 -22.16 11.06 -49.39
N ALA D 494 -22.31 12.32 -49.81
CA ALA D 494 -21.35 13.37 -49.44
C ALA D 494 -21.26 13.53 -47.91
N GLU D 495 -22.38 13.33 -47.21
CA GLU D 495 -22.47 13.43 -45.75
C GLU D 495 -21.78 12.25 -45.07
N PHE D 496 -21.99 11.03 -45.60
CA PHE D 496 -21.35 9.83 -45.05
C PHE D 496 -19.85 9.87 -45.27
N GLN D 497 -19.40 10.34 -46.43
CA GLN D 497 -17.98 10.47 -46.72
C GLN D 497 -17.31 11.43 -45.74
N ASP D 498 -17.97 12.53 -45.41
CA ASP D 498 -17.47 13.52 -44.47
C ASP D 498 -17.38 12.96 -43.04
N ARG D 499 -18.35 12.10 -42.67
CA ARG D 499 -18.39 11.42 -41.37
C ARG D 499 -17.21 10.45 -41.28
N ILE D 500 -16.96 9.68 -42.35
CA ILE D 500 -15.87 8.72 -42.42
C ILE D 500 -14.50 9.42 -42.35
N SER D 501 -14.32 10.49 -43.15
CA SER D 501 -13.05 11.21 -43.22
C SER D 501 -12.72 11.97 -41.93
N GLY D 502 -13.73 12.58 -41.31
CA GLY D 502 -13.50 13.34 -40.09
C GLY D 502 -13.72 12.58 -38.80
N ALA D 503 -13.86 11.23 -38.88
CA ALA D 503 -14.09 10.38 -37.70
C ALA D 503 -13.02 10.58 -36.62
N SER D 504 -13.44 11.07 -35.47
CA SER D 504 -12.55 11.30 -34.33
C SER D 504 -13.30 11.03 -33.01
N GLU D 505 -12.59 11.10 -31.86
CA GLU D 505 -13.12 10.83 -30.54
C GLU D 505 -14.45 11.56 -30.24
N LYS D 506 -14.58 12.85 -30.60
CA LYS D 506 -15.78 13.63 -30.32
C LYS D 506 -17.06 12.97 -30.84
N ASP D 507 -16.98 12.24 -31.97
CA ASP D 507 -18.14 11.57 -32.55
C ASP D 507 -18.63 10.43 -31.67
N ILE D 508 -17.71 9.70 -31.03
CA ILE D 508 -18.08 8.62 -30.12
C ILE D 508 -18.59 9.20 -28.79
N VAL D 509 -18.00 10.31 -28.32
CA VAL D 509 -18.44 10.98 -27.10
C VAL D 509 -19.87 11.49 -27.29
N HIS D 510 -20.15 12.13 -28.44
CA HIS D 510 -21.47 12.66 -28.79
C HIS D 510 -22.50 11.54 -28.92
N SER D 511 -22.09 10.38 -29.44
CA SER D 511 -22.95 9.22 -29.59
C SER D 511 -23.35 8.66 -28.21
N GLY D 512 -22.39 8.58 -27.29
CA GLY D 512 -22.64 8.10 -25.95
C GLY D 512 -23.51 9.06 -25.14
N LEU D 513 -23.39 10.37 -25.42
CA LEU D 513 -24.20 11.39 -24.77
C LEU D 513 -25.63 11.29 -25.31
N ALA D 514 -25.79 11.17 -26.65
CA ALA D 514 -27.10 11.03 -27.29
C ALA D 514 -27.82 9.79 -26.83
N TYR D 515 -27.09 8.67 -26.69
CA TYR D 515 -27.66 7.40 -26.22
C TYR D 515 -28.13 7.56 -24.78
N THR D 516 -27.32 8.24 -23.95
CA THR D 516 -27.65 8.50 -22.55
C THR D 516 -28.93 9.34 -22.48
N MET D 517 -28.99 10.49 -23.15
CA MET D 517 -30.18 11.36 -23.13
C MET D 517 -31.44 10.67 -23.66
N GLU D 518 -31.30 9.76 -24.62
CA GLU D 518 -32.43 9.01 -25.18
C GLU D 518 -32.94 7.98 -24.18
N ARG D 519 -32.03 7.21 -23.57
CA ARG D 519 -32.38 6.18 -22.62
C ARG D 519 -33.00 6.80 -21.35
N SER D 520 -32.45 7.93 -20.88
CA SER D 520 -32.94 8.61 -19.69
C SER D 520 -34.27 9.29 -19.93
N ALA D 521 -34.53 9.78 -21.16
CA ALA D 521 -35.82 10.39 -21.46
C ALA D 521 -36.92 9.33 -21.38
N ARG D 522 -36.67 8.14 -21.93
CA ARG D 522 -37.65 7.05 -21.90
C ARG D 522 -37.87 6.59 -20.46
N GLN D 523 -36.81 6.56 -19.64
CA GLN D 523 -36.91 6.18 -18.24
C GLN D 523 -37.79 7.17 -17.48
N ILE D 524 -37.60 8.48 -17.72
CA ILE D 524 -38.39 9.53 -17.08
C ILE D 524 -39.85 9.47 -17.56
N MET D 525 -40.08 9.21 -18.85
CA MET D 525 -41.44 9.08 -19.38
C MET D 525 -42.15 7.89 -18.72
N ARG D 526 -41.44 6.77 -18.56
CA ARG D 526 -42.02 5.58 -17.93
C ARG D 526 -42.30 5.81 -16.44
N THR D 527 -41.45 6.57 -15.75
CA THR D 527 -41.67 6.90 -14.34
C THR D 527 -42.89 7.82 -14.19
N ALA D 528 -43.03 8.80 -15.11
CA ALA D 528 -44.16 9.72 -15.10
C ALA D 528 -45.46 8.99 -15.40
N MET D 529 -45.43 7.96 -16.27
CA MET D 529 -46.63 7.19 -16.58
C MET D 529 -46.97 6.21 -15.44
N LYS D 530 -45.96 5.66 -14.77
CA LYS D 530 -46.12 4.73 -13.64
C LYS D 530 -46.82 5.42 -12.46
N TYR D 531 -46.45 6.67 -12.17
CA TYR D 531 -47.04 7.40 -11.05
C TYR D 531 -48.10 8.43 -11.47
N ASN D 532 -48.54 8.41 -12.74
CA ASN D 532 -49.55 9.32 -13.31
C ASN D 532 -49.22 10.79 -13.02
N LEU D 533 -47.98 11.19 -13.37
CA LEU D 533 -47.47 12.53 -13.15
C LEU D 533 -47.66 13.49 -14.35
N GLY D 534 -48.02 12.95 -15.52
CA GLY D 534 -48.29 13.75 -16.71
C GLY D 534 -47.13 14.61 -17.16
N LEU D 535 -47.33 15.94 -17.18
CA LEU D 535 -46.27 16.88 -17.58
C LEU D 535 -45.35 17.29 -16.41
N ASP D 536 -45.50 16.65 -15.23
CA ASP D 536 -44.63 16.94 -14.09
C ASP D 536 -43.38 16.09 -14.25
N LEU D 537 -42.55 16.46 -15.22
CA LEU D 537 -41.31 15.73 -15.51
C LEU D 537 -40.27 15.91 -14.41
N ARG D 538 -40.33 17.02 -13.64
CA ARG D 538 -39.36 17.24 -12.56
C ARG D 538 -39.54 16.22 -11.46
N THR D 539 -40.78 15.99 -11.02
CA THR D 539 -41.07 14.98 -10.00
C THR D 539 -40.72 13.59 -10.52
N ALA D 540 -41.00 13.31 -11.81
CA ALA D 540 -40.68 12.05 -12.45
C ALA D 540 -39.16 11.81 -12.48
N ALA D 541 -38.37 12.87 -12.68
CA ALA D 541 -36.92 12.75 -12.71
C ALA D 541 -36.38 12.53 -11.29
N TYR D 542 -36.92 13.21 -10.29
CA TYR D 542 -36.49 13.03 -8.90
C TYR D 542 -36.88 11.64 -8.39
N VAL D 543 -38.10 11.18 -8.69
CA VAL D 543 -38.57 9.86 -8.30
C VAL D 543 -37.69 8.78 -8.99
N ASN D 544 -37.33 9.00 -10.26
CA ASN D 544 -36.49 8.09 -11.02
C ASN D 544 -35.11 7.97 -10.36
N ALA D 545 -34.55 9.12 -9.93
CA ALA D 545 -33.26 9.16 -9.28
C ALA D 545 -33.30 8.48 -7.90
N ILE D 546 -34.34 8.75 -7.09
CA ILE D 546 -34.48 8.17 -5.77
C ILE D 546 -34.70 6.64 -5.85
N GLU D 547 -35.47 6.17 -6.84
CA GLU D 547 -35.68 4.73 -7.03
C GLU D 547 -34.36 4.00 -7.30
N LYS D 548 -33.49 4.61 -8.13
CA LYS D 548 -32.19 4.04 -8.46
C LYS D 548 -31.25 4.04 -7.28
N VAL D 549 -31.15 5.15 -6.54
CA VAL D 549 -30.27 5.24 -5.38
C VAL D 549 -30.75 4.28 -4.29
N PHE D 550 -32.07 4.18 -4.08
CA PHE D 550 -32.64 3.26 -3.11
C PHE D 550 -32.27 1.82 -3.42
N ARG D 551 -32.41 1.38 -4.67
CA ARG D 551 -32.12 0.01 -5.06
C ARG D 551 -30.66 -0.38 -4.81
N VAL D 552 -29.73 0.57 -4.98
CA VAL D 552 -28.31 0.28 -4.72
C VAL D 552 -28.10 -0.01 -3.23
N TYR D 553 -28.65 0.85 -2.34
CA TYR D 553 -28.54 0.65 -0.89
C TYR D 553 -29.25 -0.63 -0.45
N ASN D 554 -30.46 -0.85 -0.95
CA ASN D 554 -31.27 -1.99 -0.57
C ASN D 554 -30.62 -3.32 -0.98
N GLU D 555 -30.13 -3.44 -2.22
CA GLU D 555 -29.56 -4.70 -2.68
C GLU D 555 -28.12 -4.91 -2.18
N ALA D 556 -27.49 -3.90 -1.54
CA ALA D 556 -26.16 -4.06 -0.99
C ALA D 556 -26.16 -4.47 0.50
N GLY D 557 -27.23 -4.13 1.22
CA GLY D 557 -27.29 -4.28 2.67
C GLY D 557 -26.89 -2.94 3.31
N VAL D 558 -27.43 -2.57 4.49
CA VAL D 558 -27.10 -1.23 5.04
C VAL D 558 -26.35 -1.34 6.43
N THR D 559 -25.83 -2.53 6.75
CA THR D 559 -25.05 -2.74 7.98
C THR D 559 -24.05 -3.87 7.66
N PHE D 560 -22.75 -3.59 7.88
CA PHE D 560 -21.68 -4.54 7.56
C PHE D 560 -21.49 -5.57 8.66
N GLU E 64 -22.24 -32.93 -7.99
CA GLU E 64 -21.00 -32.25 -7.64
C GLU E 64 -20.54 -32.51 -6.19
N ASP E 65 -21.39 -33.15 -5.35
CA ASP E 65 -21.02 -33.54 -3.98
C ASP E 65 -20.49 -35.00 -3.92
N ASP E 66 -20.77 -35.79 -4.97
CA ASP E 66 -20.45 -37.21 -5.15
C ASP E 66 -18.95 -37.47 -5.25
N PRO E 67 -18.41 -38.34 -4.37
CA PRO E 67 -16.97 -38.68 -4.47
C PRO E 67 -16.60 -39.36 -5.78
N ASN E 68 -17.54 -40.08 -6.41
CA ASN E 68 -17.29 -40.73 -7.70
C ASN E 68 -17.11 -39.71 -8.83
N PHE E 69 -17.73 -38.53 -8.71
CA PHE E 69 -17.56 -37.47 -9.69
C PHE E 69 -16.13 -36.87 -9.56
N PHE E 70 -15.57 -36.82 -8.34
CA PHE E 70 -14.21 -36.32 -8.13
C PHE E 70 -13.21 -37.27 -8.76
N LYS E 71 -13.42 -38.58 -8.61
CA LYS E 71 -12.56 -39.59 -9.21
C LYS E 71 -12.62 -39.51 -10.75
N MET E 72 -13.80 -39.17 -11.29
CA MET E 72 -14.04 -39.00 -12.72
C MET E 72 -13.15 -37.88 -13.25
N VAL E 73 -13.19 -36.69 -12.63
CA VAL E 73 -12.40 -35.51 -13.03
C VAL E 73 -10.90 -35.84 -12.98
N GLU E 74 -10.46 -36.56 -11.93
CA GLU E 74 -9.06 -36.96 -11.78
C GLU E 74 -8.66 -37.91 -12.93
N GLY E 75 -9.54 -38.85 -13.26
CA GLY E 75 -9.32 -39.79 -14.35
C GLY E 75 -9.28 -39.12 -15.70
N PHE E 76 -10.10 -38.07 -15.90
CA PHE E 76 -10.10 -37.32 -17.16
C PHE E 76 -8.77 -36.58 -17.31
N PHE E 77 -8.22 -36.01 -16.22
CA PHE E 77 -6.92 -35.36 -16.25
C PHE E 77 -5.84 -36.38 -16.58
N ASP E 78 -5.79 -37.52 -15.86
CA ASP E 78 -4.78 -38.56 -16.07
C ASP E 78 -4.80 -39.06 -17.52
N ARG E 79 -5.98 -39.25 -18.09
CA ARG E 79 -6.11 -39.71 -19.47
C ARG E 79 -5.54 -38.67 -20.43
N GLY E 80 -5.91 -37.41 -20.24
CA GLY E 80 -5.44 -36.30 -21.07
C GLY E 80 -3.96 -36.03 -20.96
N ALA E 81 -3.41 -36.11 -19.75
CA ALA E 81 -1.99 -35.86 -19.48
C ALA E 81 -1.09 -36.92 -20.11
N SER E 82 -1.55 -38.18 -20.16
CA SER E 82 -0.76 -39.24 -20.78
C SER E 82 -0.76 -39.12 -22.32
N ILE E 83 -1.81 -38.54 -22.90
CA ILE E 83 -1.93 -38.36 -24.34
C ILE E 83 -1.04 -37.19 -24.81
N VAL E 84 -1.03 -36.07 -24.07
CA VAL E 84 -0.24 -34.90 -24.47
C VAL E 84 1.26 -35.12 -24.22
N GLU E 85 1.62 -35.91 -23.21
CA GLU E 85 3.02 -36.13 -22.80
C GLU E 85 3.98 -36.41 -23.96
N ASP E 86 3.65 -37.36 -24.85
CA ASP E 86 4.51 -37.72 -25.97
C ASP E 86 4.67 -36.59 -26.99
N LYS E 87 3.59 -35.86 -27.30
CA LYS E 87 3.66 -34.77 -28.26
C LYS E 87 4.34 -33.52 -27.67
N LEU E 88 4.27 -33.31 -26.33
CA LEU E 88 4.87 -32.13 -25.68
C LEU E 88 6.39 -32.15 -25.72
N VAL E 89 7.01 -33.33 -25.59
CA VAL E 89 8.48 -33.44 -25.61
C VAL E 89 9.00 -33.16 -27.02
N GLU E 90 8.28 -33.67 -28.04
CA GLU E 90 8.62 -33.50 -29.44
C GLU E 90 8.47 -32.03 -29.88
N ASP E 91 7.48 -31.31 -29.31
CA ASP E 91 7.28 -29.90 -29.67
C ASP E 91 8.18 -28.92 -28.88
N LEU E 92 9.00 -29.40 -27.92
CA LEU E 92 9.86 -28.52 -27.14
C LEU E 92 11.10 -28.11 -27.95
N LYS E 93 11.41 -26.80 -27.97
CA LYS E 93 12.56 -26.27 -28.71
C LYS E 93 13.68 -25.76 -27.78
N THR E 94 13.67 -26.16 -26.49
CA THR E 94 14.67 -25.69 -25.53
C THR E 94 16.01 -26.41 -25.71
N ARG E 95 17.11 -25.78 -25.27
CA ARG E 95 18.45 -26.35 -25.38
C ARG E 95 18.71 -27.33 -24.23
N GLU E 96 17.99 -28.46 -24.22
CA GLU E 96 18.09 -29.50 -23.21
C GLU E 96 18.28 -30.88 -23.85
N THR E 97 18.71 -31.87 -23.07
CA THR E 97 18.81 -33.24 -23.58
C THR E 97 17.37 -33.82 -23.63
N GLU E 98 17.16 -34.91 -24.39
CA GLU E 98 15.83 -35.49 -24.52
C GLU E 98 15.29 -36.03 -23.19
N GLU E 99 16.18 -36.53 -22.32
CA GLU E 99 15.78 -37.05 -21.00
C GLU E 99 15.39 -35.90 -20.05
N GLN E 100 16.00 -34.72 -20.22
CA GLN E 100 15.73 -33.52 -19.42
C GLN E 100 14.42 -32.85 -19.88
N LYS E 101 14.15 -32.88 -21.20
CA LYS E 101 12.92 -32.34 -21.78
C LYS E 101 11.71 -33.16 -21.32
N ARG E 102 11.87 -34.48 -21.17
CA ARG E 102 10.84 -35.40 -20.70
C ARG E 102 10.54 -35.15 -19.20
N ASN E 103 11.59 -34.81 -18.40
CA ASN E 103 11.49 -34.48 -16.98
C ASN E 103 10.71 -33.17 -16.77
N ARG E 104 10.87 -32.21 -17.69
CA ARG E 104 10.19 -30.92 -17.64
C ARG E 104 8.70 -31.10 -17.90
N VAL E 105 8.35 -31.93 -18.90
CA VAL E 105 6.96 -32.19 -19.25
C VAL E 105 6.23 -32.91 -18.12
N ARG E 106 6.79 -34.03 -17.63
CA ARG E 106 6.16 -34.77 -16.53
C ARG E 106 6.13 -33.95 -15.26
N GLY E 107 7.20 -33.19 -15.01
CA GLY E 107 7.28 -32.31 -13.85
C GLY E 107 6.19 -31.26 -13.84
N ILE E 108 5.95 -30.61 -15.00
CA ILE E 108 4.92 -29.59 -15.10
C ILE E 108 3.52 -30.21 -14.99
N LEU E 109 3.30 -31.40 -15.57
CA LEU E 109 2.01 -32.08 -15.46
C LEU E 109 1.73 -32.49 -14.00
N ARG E 110 2.79 -32.81 -13.22
CA ARG E 110 2.68 -33.15 -11.81
C ARG E 110 2.34 -31.94 -10.95
N ILE E 111 2.76 -30.73 -11.37
CA ILE E 111 2.47 -29.48 -10.68
C ILE E 111 1.03 -29.05 -10.94
N ILE E 112 0.57 -29.20 -12.19
CA ILE E 112 -0.78 -28.82 -12.62
C ILE E 112 -1.86 -29.62 -11.91
N LYS E 113 -1.71 -30.95 -11.83
CA LYS E 113 -2.74 -31.83 -11.25
C LYS E 113 -3.27 -31.42 -9.85
N PRO E 114 -2.46 -31.29 -8.76
CA PRO E 114 -3.07 -30.95 -7.45
C PRO E 114 -3.35 -29.46 -7.24
N CYS E 115 -4.22 -29.17 -6.28
CA CYS E 115 -4.55 -27.80 -5.91
C CYS E 115 -3.35 -27.17 -5.25
N ASN E 116 -3.01 -25.95 -5.65
CA ASN E 116 -1.88 -25.25 -5.05
C ASN E 116 -2.18 -24.84 -3.62
N HIS E 117 -3.38 -24.30 -3.36
CA HIS E 117 -3.74 -23.81 -2.03
C HIS E 117 -5.14 -24.20 -1.60
N VAL E 118 -5.31 -24.59 -0.33
CA VAL E 118 -6.62 -24.90 0.24
C VAL E 118 -6.68 -24.19 1.57
N LEU E 119 -7.69 -23.36 1.79
CA LEU E 119 -7.85 -22.67 3.07
C LEU E 119 -9.05 -23.23 3.81
N SER E 120 -8.86 -23.68 5.05
CA SER E 120 -9.93 -24.17 5.93
C SER E 120 -10.19 -23.11 6.99
N LEU E 121 -11.46 -22.77 7.20
CA LEU E 121 -11.86 -21.71 8.12
C LEU E 121 -12.83 -22.19 9.17
N SER E 122 -12.74 -21.54 10.34
CA SER E 122 -13.62 -21.68 11.47
C SER E 122 -13.95 -20.26 11.89
N PHE E 123 -15.22 -19.83 11.80
CA PHE E 123 -15.55 -18.46 12.14
C PHE E 123 -16.86 -18.36 12.92
N PRO E 124 -16.93 -17.44 13.88
CA PRO E 124 -18.15 -17.34 14.69
C PRO E 124 -19.25 -16.54 14.05
N ILE E 125 -20.49 -16.86 14.43
CA ILE E 125 -21.71 -16.21 13.96
C ILE E 125 -22.67 -16.14 15.14
N ARG E 126 -23.28 -14.97 15.39
CA ARG E 126 -24.29 -14.87 16.44
C ARG E 126 -25.64 -15.03 15.77
N ARG E 127 -26.37 -16.08 16.14
CA ARG E 127 -27.70 -16.35 15.58
C ARG E 127 -28.69 -15.26 16.00
N ASP E 128 -29.84 -15.17 15.31
CA ASP E 128 -30.87 -14.19 15.65
C ASP E 128 -31.44 -14.41 17.06
N ASP E 129 -31.35 -15.65 17.60
CA ASP E 129 -31.84 -15.91 18.96
C ASP E 129 -30.80 -15.53 20.06
N GLY E 130 -29.60 -15.15 19.66
CA GLY E 130 -28.55 -14.74 20.59
C GLY E 130 -27.44 -15.75 20.77
N SER E 131 -27.72 -17.03 20.50
CA SER E 131 -26.73 -18.10 20.66
C SER E 131 -25.62 -18.02 19.61
N TRP E 132 -24.41 -18.47 19.96
CA TRP E 132 -23.28 -18.45 19.04
C TRP E 132 -23.16 -19.75 18.27
N GLU E 133 -22.60 -19.69 17.07
CA GLU E 133 -22.39 -20.87 16.26
C GLU E 133 -21.08 -20.75 15.51
N VAL E 134 -20.30 -21.83 15.53
CA VAL E 134 -19.04 -21.87 14.82
C VAL E 134 -19.29 -22.48 13.45
N ILE E 135 -19.00 -21.72 12.39
CA ILE E 135 -19.22 -22.15 11.01
C ILE E 135 -17.90 -22.62 10.41
N GLU E 136 -17.93 -23.77 9.72
CA GLU E 136 -16.78 -24.35 9.07
C GLU E 136 -16.90 -24.10 7.56
N GLY E 137 -15.82 -23.64 6.94
CA GLY E 137 -15.80 -23.34 5.52
C GLY E 137 -14.45 -23.58 4.89
N TYR E 138 -14.40 -23.69 3.56
CA TYR E 138 -13.13 -23.93 2.85
C TYR E 138 -13.13 -23.30 1.48
N ARG E 139 -11.95 -22.98 0.96
CA ARG E 139 -11.81 -22.51 -0.42
C ARG E 139 -10.51 -23.05 -1.00
N ALA E 140 -10.60 -23.75 -2.12
CA ALA E 140 -9.42 -24.26 -2.79
C ALA E 140 -9.15 -23.47 -4.04
N GLN E 141 -7.89 -23.13 -4.28
CA GLN E 141 -7.42 -22.49 -5.50
C GLN E 141 -6.56 -23.51 -6.17
N HIS E 142 -7.05 -24.12 -7.24
CA HIS E 142 -6.33 -25.16 -7.95
C HIS E 142 -5.12 -24.62 -8.67
N SER E 143 -5.28 -23.49 -9.35
CA SER E 143 -4.19 -22.96 -10.16
C SER E 143 -4.08 -21.44 -10.11
N GLN E 144 -2.84 -20.94 -10.26
CA GLN E 144 -2.53 -19.51 -10.36
C GLN E 144 -1.76 -19.18 -11.66
N HIS E 145 -1.67 -20.14 -12.63
CA HIS E 145 -1.03 -19.88 -13.93
C HIS E 145 -1.68 -18.64 -14.61
N ARG E 146 -2.98 -18.42 -14.31
CA ARG E 146 -3.82 -17.29 -14.67
C ARG E 146 -4.39 -16.72 -13.38
N THR E 147 -4.17 -15.43 -13.11
CA THR E 147 -4.77 -14.77 -11.96
C THR E 147 -5.74 -13.69 -12.48
N PRO E 148 -6.87 -13.45 -11.80
CA PRO E 148 -7.31 -14.08 -10.55
C PRO E 148 -7.83 -15.50 -10.71
N CYS E 149 -8.05 -16.19 -9.59
CA CYS E 149 -8.72 -17.48 -9.60
C CYS E 149 -10.23 -17.19 -9.79
N LYS E 150 -11.02 -18.21 -10.13
CA LYS E 150 -12.45 -18.03 -10.35
C LYS E 150 -13.19 -19.29 -9.93
N GLY E 151 -14.32 -19.12 -9.26
CA GLY E 151 -15.10 -20.28 -8.84
C GLY E 151 -16.19 -19.98 -7.85
N GLY E 152 -17.25 -20.77 -7.92
CA GLY E 152 -18.40 -20.60 -7.08
C GLY E 152 -18.24 -20.91 -5.60
N ILE E 153 -19.28 -20.59 -4.83
CA ILE E 153 -19.36 -20.82 -3.40
C ILE E 153 -20.61 -21.64 -3.14
N ARG E 154 -20.44 -22.80 -2.51
CA ARG E 154 -21.57 -23.67 -2.20
C ARG E 154 -21.91 -23.61 -0.72
N TYR E 155 -23.19 -23.42 -0.37
CA TYR E 155 -23.64 -23.48 1.00
C TYR E 155 -24.37 -24.81 1.15
N SER E 156 -23.70 -25.83 1.70
CA SER E 156 -24.31 -27.14 1.85
C SER E 156 -23.65 -27.94 2.96
N THR E 157 -24.42 -28.74 3.71
CA THR E 157 -23.83 -29.62 4.73
C THR E 157 -23.07 -30.80 4.08
N ASP E 158 -23.26 -31.04 2.75
CA ASP E 158 -22.61 -32.11 2.01
C ASP E 158 -21.27 -31.67 1.39
N VAL E 159 -20.79 -30.43 1.66
CA VAL E 159 -19.50 -29.99 1.13
C VAL E 159 -18.37 -30.67 1.89
N SER E 160 -17.20 -30.77 1.26
CA SER E 160 -16.00 -31.36 1.83
C SER E 160 -14.76 -30.76 1.16
N VAL E 161 -13.57 -30.92 1.77
CA VAL E 161 -12.33 -30.41 1.19
C VAL E 161 -12.07 -31.08 -0.17
N ASP E 162 -12.34 -32.39 -0.27
CA ASP E 162 -12.17 -33.15 -1.51
C ASP E 162 -13.07 -32.63 -2.62
N GLU E 163 -14.29 -32.19 -2.29
CA GLU E 163 -15.22 -31.64 -3.26
C GLU E 163 -14.69 -30.32 -3.81
N VAL E 164 -14.30 -29.45 -2.91
CA VAL E 164 -13.80 -28.12 -3.18
C VAL E 164 -12.50 -28.22 -3.99
N LYS E 165 -11.66 -29.24 -3.76
CA LYS E 165 -10.43 -29.44 -4.52
C LYS E 165 -10.71 -29.95 -5.93
N ALA E 166 -11.60 -30.95 -6.08
CA ALA E 166 -11.93 -31.52 -7.39
C ALA E 166 -12.66 -30.52 -8.27
N LEU E 167 -13.62 -29.75 -7.69
CA LEU E 167 -14.37 -28.77 -8.46
C LEU E 167 -13.48 -27.57 -8.83
N ALA E 168 -12.45 -27.26 -8.02
CA ALA E 168 -11.51 -26.20 -8.37
C ALA E 168 -10.69 -26.62 -9.57
N SER E 169 -10.26 -27.90 -9.61
CA SER E 169 -9.48 -28.41 -10.73
C SER E 169 -10.35 -28.41 -11.98
N LEU E 170 -11.62 -28.86 -11.87
CA LEU E 170 -12.58 -28.85 -12.99
C LEU E 170 -12.72 -27.44 -13.58
N MET E 171 -12.78 -26.41 -12.72
CA MET E 171 -12.91 -25.02 -13.13
C MET E 171 -11.65 -24.53 -13.85
N THR E 172 -10.45 -25.06 -13.50
CA THR E 172 -9.22 -24.67 -14.21
C THR E 172 -9.32 -25.10 -15.66
N TYR E 173 -9.72 -26.36 -15.91
CA TYR E 173 -9.81 -26.93 -17.25
C TYR E 173 -10.99 -26.35 -18.01
N LYS E 174 -12.11 -26.04 -17.33
CA LYS E 174 -13.26 -25.42 -17.99
C LYS E 174 -12.91 -24.01 -18.44
N CYS E 175 -12.24 -23.22 -17.59
CA CYS E 175 -11.81 -21.87 -17.97
C CYS E 175 -10.85 -21.92 -19.17
N ALA E 176 -9.94 -22.91 -19.22
CA ALA E 176 -8.98 -23.04 -20.31
C ALA E 176 -9.64 -23.38 -21.65
N VAL E 177 -10.64 -24.30 -21.69
CA VAL E 177 -11.25 -24.66 -22.98
C VAL E 177 -11.98 -23.46 -23.63
N VAL E 178 -12.52 -22.53 -22.83
CA VAL E 178 -13.25 -21.38 -23.39
C VAL E 178 -12.43 -20.08 -23.32
N ASP E 179 -11.08 -20.19 -23.12
CA ASP E 179 -10.12 -19.08 -23.11
C ASP E 179 -10.47 -17.97 -22.11
N VAL E 180 -10.96 -18.36 -20.94
CA VAL E 180 -11.25 -17.44 -19.85
C VAL E 180 -9.98 -17.41 -19.00
N PRO E 181 -9.31 -16.25 -18.88
CA PRO E 181 -7.99 -16.19 -18.22
C PRO E 181 -8.00 -16.26 -16.68
N PHE E 182 -8.58 -17.32 -16.13
CA PHE E 182 -8.62 -17.52 -14.70
C PHE E 182 -8.19 -18.93 -14.32
N GLY E 183 -7.49 -19.06 -13.21
CA GLY E 183 -7.21 -20.36 -12.64
C GLY E 183 -8.45 -20.81 -11.88
N GLY E 184 -8.65 -22.11 -11.70
CA GLY E 184 -9.83 -22.62 -11.02
C GLY E 184 -9.84 -22.49 -9.52
N ALA E 185 -11.01 -22.29 -8.95
CA ALA E 185 -11.20 -22.17 -7.52
C ALA E 185 -12.61 -22.65 -7.12
N LYS E 186 -12.81 -23.01 -5.84
CA LYS E 186 -14.12 -23.45 -5.38
C LYS E 186 -14.21 -23.30 -3.87
N ALA E 187 -15.33 -22.76 -3.37
CA ALA E 187 -15.53 -22.60 -1.92
C ALA E 187 -16.77 -23.37 -1.44
N GLY E 188 -16.77 -23.74 -0.18
CA GLY E 188 -17.88 -24.44 0.43
C GLY E 188 -18.02 -24.04 1.88
N VAL E 189 -19.25 -23.75 2.32
CA VAL E 189 -19.53 -23.42 3.71
C VAL E 189 -20.46 -24.51 4.19
N LYS E 190 -20.04 -25.26 5.22
CA LYS E 190 -20.78 -26.42 5.70
C LYS E 190 -22.02 -26.04 6.54
N ILE E 191 -23.07 -25.52 5.88
CA ILE E 191 -24.36 -25.16 6.49
C ILE E 191 -25.52 -25.48 5.54
N ASN E 192 -26.70 -25.76 6.07
CA ASN E 192 -27.89 -25.96 5.24
C ASN E 192 -28.63 -24.63 5.23
N PRO E 193 -28.63 -23.91 4.10
CA PRO E 193 -29.25 -22.57 4.07
C PRO E 193 -30.72 -22.52 4.49
N LYS E 194 -31.46 -23.63 4.36
CA LYS E 194 -32.86 -23.64 4.78
C LYS E 194 -33.01 -23.43 6.30
N ASN E 195 -31.97 -23.76 7.09
CA ASN E 195 -32.02 -23.61 8.55
C ASN E 195 -31.66 -22.21 9.05
N TYR E 196 -31.44 -21.25 8.14
CA TYR E 196 -31.02 -19.90 8.55
C TYR E 196 -31.92 -18.83 7.98
N THR E 197 -32.07 -17.74 8.73
CA THR E 197 -32.82 -16.59 8.27
C THR E 197 -31.97 -15.79 7.27
N ASP E 198 -32.56 -14.83 6.54
CA ASP E 198 -31.79 -14.01 5.61
C ASP E 198 -30.73 -13.19 6.34
N ASN E 199 -31.01 -12.76 7.57
CA ASN E 199 -30.09 -11.99 8.39
C ASN E 199 -28.89 -12.85 8.80
N GLU E 200 -29.13 -14.13 9.15
CA GLU E 200 -28.07 -15.06 9.50
C GLU E 200 -27.24 -15.44 8.28
N LEU E 201 -27.89 -15.59 7.11
CA LEU E 201 -27.17 -15.89 5.86
C LEU E 201 -26.28 -14.73 5.45
N GLU E 202 -26.70 -13.48 5.75
CA GLU E 202 -25.91 -12.30 5.47
C GLU E 202 -24.69 -12.25 6.39
N LYS E 203 -24.89 -12.56 7.68
CA LYS E 203 -23.81 -12.60 8.66
C LYS E 203 -22.76 -13.63 8.26
N ILE E 204 -23.19 -14.84 7.84
CA ILE E 204 -22.29 -15.91 7.42
C ILE E 204 -21.51 -15.45 6.18
N THR E 205 -22.20 -14.87 5.20
CA THR E 205 -21.60 -14.42 3.94
C THR E 205 -20.56 -13.31 4.16
N ARG E 206 -20.88 -12.30 4.97
CA ARG E 206 -19.99 -11.20 5.23
C ARG E 206 -18.77 -11.63 6.04
N ARG E 207 -18.94 -12.49 7.07
CA ARG E 207 -17.80 -12.95 7.86
C ARG E 207 -16.90 -13.88 7.04
N PHE E 208 -17.49 -14.77 6.22
CA PHE E 208 -16.72 -15.65 5.34
C PHE E 208 -15.90 -14.83 4.35
N THR E 209 -16.50 -13.76 3.80
CA THR E 209 -15.80 -12.85 2.89
C THR E 209 -14.57 -12.23 3.56
N MET E 210 -14.72 -11.78 4.83
CA MET E 210 -13.67 -11.16 5.61
C MET E 210 -12.50 -12.11 5.83
N GLU E 211 -12.79 -13.38 6.17
CA GLU E 211 -11.76 -14.35 6.45
C GLU E 211 -11.03 -14.77 5.17
N LEU E 212 -11.73 -14.81 4.03
CA LEU E 212 -11.09 -15.13 2.76
C LEU E 212 -10.19 -13.98 2.33
N ALA E 213 -10.64 -12.72 2.47
CA ALA E 213 -9.91 -11.53 2.04
C ALA E 213 -8.60 -11.35 2.79
N LYS E 214 -8.60 -11.63 4.10
CA LYS E 214 -7.40 -11.50 4.91
C LYS E 214 -6.31 -12.53 4.55
N LYS E 215 -6.68 -13.63 3.87
CA LYS E 215 -5.75 -14.67 3.51
C LYS E 215 -5.52 -14.83 2.00
N GLY E 216 -5.93 -13.85 1.19
CA GLY E 216 -5.73 -13.91 -0.26
C GLY E 216 -6.62 -14.91 -0.98
N PHE E 217 -7.84 -15.09 -0.49
CA PHE E 217 -8.79 -16.00 -1.12
C PHE E 217 -10.02 -15.26 -1.70
N ILE E 218 -9.93 -13.92 -1.84
CA ILE E 218 -10.91 -13.06 -2.50
C ILE E 218 -10.24 -11.70 -2.78
N GLY E 219 -10.42 -11.22 -3.99
CA GLY E 219 -9.88 -9.95 -4.46
C GLY E 219 -10.03 -9.87 -5.96
N PRO E 220 -10.20 -8.67 -6.52
CA PRO E 220 -10.39 -8.55 -7.99
C PRO E 220 -9.23 -9.12 -8.82
N GLY E 221 -8.02 -9.08 -8.30
CA GLY E 221 -6.86 -9.64 -9.00
C GLY E 221 -6.29 -10.88 -8.36
N VAL E 222 -6.97 -11.43 -7.35
CA VAL E 222 -6.51 -12.59 -6.62
C VAL E 222 -7.45 -13.81 -6.78
N ASP E 223 -8.74 -13.65 -6.46
CA ASP E 223 -9.72 -14.72 -6.51
C ASP E 223 -11.11 -14.10 -6.59
N VAL E 224 -11.85 -14.41 -7.64
CA VAL E 224 -13.16 -13.82 -7.86
C VAL E 224 -14.25 -14.89 -7.75
N PRO E 225 -14.93 -14.99 -6.59
CA PRO E 225 -15.95 -16.01 -6.41
C PRO E 225 -17.22 -15.75 -7.23
N ALA E 226 -18.16 -16.69 -7.16
CA ALA E 226 -19.41 -16.64 -7.92
C ALA E 226 -20.50 -17.44 -7.20
N PRO E 227 -21.77 -17.30 -7.62
CA PRO E 227 -22.81 -18.10 -6.97
C PRO E 227 -22.84 -19.55 -7.49
N ASP E 228 -23.69 -20.35 -6.89
CA ASP E 228 -23.89 -21.76 -7.16
C ASP E 228 -25.40 -22.03 -7.22
N MET E 229 -25.82 -23.31 -7.30
CA MET E 229 -27.25 -23.64 -7.20
C MET E 229 -27.76 -23.34 -5.78
N SER E 230 -26.89 -23.45 -4.75
CA SER E 230 -27.19 -23.20 -3.35
C SER E 230 -27.07 -21.73 -2.94
N THR E 231 -26.39 -20.90 -3.74
CA THR E 231 -26.24 -19.48 -3.45
C THR E 231 -26.77 -18.62 -4.61
N GLY E 232 -27.04 -17.35 -4.35
CA GLY E 232 -27.61 -16.46 -5.36
C GLY E 232 -26.99 -15.08 -5.42
N GLU E 233 -27.61 -14.19 -6.20
CA GLU E 233 -27.14 -12.82 -6.43
C GLU E 233 -27.14 -11.93 -5.17
N ARG E 234 -28.04 -12.17 -4.21
CA ARG E 234 -28.05 -11.35 -2.99
C ARG E 234 -26.81 -11.64 -2.16
N GLU E 235 -26.38 -12.91 -2.09
CA GLU E 235 -25.18 -13.27 -1.36
C GLU E 235 -23.93 -12.70 -2.03
N MET E 236 -23.90 -12.67 -3.36
CA MET E 236 -22.79 -12.11 -4.10
C MET E 236 -22.68 -10.60 -3.85
N SER E 237 -23.81 -9.93 -3.73
CA SER E 237 -23.89 -8.51 -3.45
C SER E 237 -23.29 -8.20 -2.07
N TRP E 238 -23.56 -9.07 -1.09
CA TRP E 238 -23.04 -8.94 0.28
C TRP E 238 -21.52 -9.15 0.29
N ILE E 239 -21.02 -10.09 -0.53
CA ILE E 239 -19.59 -10.34 -0.64
C ILE E 239 -18.88 -9.06 -1.17
N ALA E 240 -19.38 -8.50 -2.27
CA ALA E 240 -18.81 -7.31 -2.88
C ALA E 240 -18.90 -6.13 -1.93
N ASP E 241 -20.03 -5.99 -1.22
CA ASP E 241 -20.22 -4.88 -0.30
C ASP E 241 -19.29 -4.99 0.91
N THR E 242 -19.05 -6.20 1.40
CA THR E 242 -18.16 -6.42 2.55
C THR E 242 -16.72 -6.13 2.13
N TYR E 243 -16.31 -6.64 0.98
CA TYR E 243 -14.96 -6.43 0.49
C TYR E 243 -14.69 -4.95 0.22
N ALA E 244 -15.59 -4.26 -0.50
CA ALA E 244 -15.42 -2.85 -0.85
C ALA E 244 -15.48 -1.91 0.37
N SER E 245 -16.09 -2.33 1.48
CA SER E 245 -16.20 -1.47 2.64
C SER E 245 -15.04 -1.63 3.65
N THR E 246 -14.28 -2.72 3.55
CA THR E 246 -13.23 -2.98 4.53
C THR E 246 -11.84 -3.17 3.82
N ILE E 247 -11.41 -4.44 3.51
CA ILE E 247 -10.12 -4.80 2.94
C ILE E 247 -9.86 -4.08 1.61
N GLY E 248 -10.84 -4.09 0.71
CA GLY E 248 -10.68 -3.44 -0.59
C GLY E 248 -11.24 -2.05 -0.68
N HIS E 249 -11.25 -1.27 0.41
CA HIS E 249 -11.79 0.09 0.38
C HIS E 249 -10.99 1.01 -0.54
N TYR E 250 -9.66 0.85 -0.58
CA TYR E 250 -8.83 1.71 -1.42
C TYR E 250 -8.70 1.20 -2.89
N ASP E 251 -9.40 0.13 -3.25
CA ASP E 251 -9.35 -0.46 -4.59
C ASP E 251 -10.45 0.09 -5.49
N ILE E 252 -10.06 0.73 -6.61
CA ILE E 252 -11.02 1.24 -7.60
C ILE E 252 -11.84 0.08 -8.23
N ASN E 253 -11.30 -1.15 -8.23
CA ASN E 253 -11.92 -2.33 -8.79
C ASN E 253 -12.51 -3.25 -7.73
N ALA E 254 -12.80 -2.74 -6.51
CA ALA E 254 -13.30 -3.56 -5.42
C ALA E 254 -14.56 -4.35 -5.79
N HIS E 255 -15.46 -3.76 -6.58
CA HIS E 255 -16.69 -4.46 -6.95
C HIS E 255 -16.46 -5.59 -7.97
N ALA E 256 -15.24 -5.74 -8.51
CA ALA E 256 -14.91 -6.87 -9.38
C ALA E 256 -14.40 -8.10 -8.57
N CYS E 257 -14.48 -8.05 -7.21
CA CYS E 257 -14.03 -9.15 -6.37
C CYS E 257 -14.96 -10.36 -6.43
N VAL E 258 -16.12 -10.26 -7.07
CA VAL E 258 -17.08 -11.35 -7.15
C VAL E 258 -18.02 -11.15 -8.36
N THR E 259 -18.52 -12.25 -8.94
CA THR E 259 -19.46 -12.16 -10.07
C THR E 259 -20.84 -12.77 -9.63
N GLY E 260 -21.83 -12.73 -10.51
CA GLY E 260 -23.18 -13.16 -10.19
C GLY E 260 -23.93 -12.11 -9.39
N LYS E 261 -23.45 -10.86 -9.38
CA LYS E 261 -24.05 -9.75 -8.65
C LYS E 261 -25.34 -9.25 -9.29
N PRO E 262 -26.25 -8.62 -8.53
CA PRO E 262 -27.43 -8.00 -9.14
C PRO E 262 -27.01 -6.83 -10.03
N ILE E 263 -27.88 -6.45 -11.00
CA ILE E 263 -27.56 -5.35 -11.93
C ILE E 263 -27.28 -4.04 -11.15
N SER E 264 -28.02 -3.76 -10.07
CA SER E 264 -27.80 -2.54 -9.29
C SER E 264 -26.45 -2.51 -8.58
N GLN E 265 -25.73 -3.64 -8.50
CA GLN E 265 -24.44 -3.73 -7.81
C GLN E 265 -23.26 -3.98 -8.73
N GLY E 266 -23.45 -3.83 -10.04
CA GLY E 266 -22.38 -4.09 -11.00
C GLY E 266 -22.50 -5.40 -11.76
N GLY E 267 -23.66 -6.02 -11.70
CA GLY E 267 -23.92 -7.27 -12.42
C GLY E 267 -24.02 -7.04 -13.91
N ILE E 268 -23.97 -8.13 -14.68
CA ILE E 268 -24.02 -8.01 -16.13
C ILE E 268 -25.34 -8.52 -16.71
N HIS E 269 -25.80 -7.85 -17.76
CA HIS E 269 -27.02 -8.24 -18.43
C HIS E 269 -26.70 -9.46 -19.30
N GLY E 270 -27.57 -10.44 -19.27
CA GLY E 270 -27.38 -11.67 -20.03
C GLY E 270 -26.79 -12.80 -19.22
N ARG E 271 -26.76 -12.67 -17.89
CA ARG E 271 -26.22 -13.65 -16.97
C ARG E 271 -27.21 -14.79 -16.71
N ILE E 272 -28.52 -14.49 -16.61
CA ILE E 272 -29.49 -15.54 -16.29
C ILE E 272 -29.64 -16.57 -17.43
N SER E 273 -29.54 -16.19 -18.71
CA SER E 273 -29.68 -17.15 -19.82
C SER E 273 -28.33 -17.59 -20.43
N ALA E 274 -27.21 -17.27 -19.79
CA ALA E 274 -25.87 -17.54 -20.30
C ALA E 274 -25.60 -19.02 -20.61
N THR E 275 -26.00 -19.93 -19.71
CA THR E 275 -25.72 -21.35 -19.88
C THR E 275 -26.48 -21.91 -21.06
N GLY E 276 -27.76 -21.56 -21.17
CA GLY E 276 -28.65 -22.00 -22.23
C GLY E 276 -28.20 -21.52 -23.60
N ARG E 277 -27.79 -20.25 -23.71
CA ARG E 277 -27.29 -19.71 -24.97
C ARG E 277 -26.04 -20.43 -25.41
N GLY E 278 -25.17 -20.76 -24.46
CA GLY E 278 -23.93 -21.47 -24.71
C GLY E 278 -24.17 -22.90 -25.14
N VAL E 279 -25.21 -23.55 -24.58
CA VAL E 279 -25.55 -24.93 -24.95
C VAL E 279 -25.99 -24.94 -26.43
N PHE E 280 -26.82 -23.96 -26.83
CA PHE E 280 -27.25 -23.82 -28.22
C PHE E 280 -26.03 -23.59 -29.12
N HIS E 281 -25.19 -22.61 -28.77
CA HIS E 281 -24.03 -22.27 -29.61
C HIS E 281 -23.07 -23.45 -29.76
N GLY E 282 -22.89 -24.22 -28.69
CA GLY E 282 -22.03 -25.39 -28.74
C GLY E 282 -22.55 -26.44 -29.69
N ILE E 283 -23.88 -26.66 -29.69
CA ILE E 283 -24.50 -27.63 -30.60
C ILE E 283 -24.36 -27.12 -32.04
N GLU E 284 -24.77 -25.87 -32.29
CA GLU E 284 -24.72 -25.16 -33.57
C GLU E 284 -23.35 -25.23 -34.25
N ASN E 285 -22.28 -25.10 -33.48
CA ASN E 285 -20.93 -25.09 -34.04
C ASN E 285 -20.50 -26.46 -34.56
N PHE E 286 -21.02 -27.55 -33.97
CA PHE E 286 -20.71 -28.89 -34.46
C PHE E 286 -21.72 -29.30 -35.55
N ILE E 287 -22.98 -28.85 -35.44
CA ILE E 287 -24.02 -29.16 -36.41
C ILE E 287 -23.79 -28.42 -37.75
N ASN E 288 -23.11 -27.26 -37.75
CA ASN E 288 -22.77 -26.55 -39.00
C ASN E 288 -21.47 -27.08 -39.64
N GLU E 289 -20.81 -28.09 -39.03
CA GLU E 289 -19.57 -28.64 -39.55
C GLU E 289 -19.87 -29.91 -40.32
N ALA E 290 -19.81 -29.84 -41.66
CA ALA E 290 -20.14 -30.96 -42.56
C ALA E 290 -19.24 -32.19 -42.38
N SER E 291 -17.99 -31.99 -41.93
CA SER E 291 -17.07 -33.10 -41.72
C SER E 291 -17.59 -34.01 -40.61
N TYR E 292 -17.97 -33.42 -39.47
CA TYR E 292 -18.49 -34.18 -38.33
C TYR E 292 -19.87 -34.73 -38.61
N MET E 293 -20.70 -33.98 -39.36
CA MET E 293 -22.05 -34.41 -39.65
C MET E 293 -22.07 -35.55 -40.66
N SER E 294 -21.11 -35.61 -41.61
CA SER E 294 -21.08 -36.73 -42.58
C SER E 294 -20.76 -38.04 -41.86
N ILE E 295 -19.93 -38.00 -40.81
CA ILE E 295 -19.59 -39.17 -40.00
C ILE E 295 -20.83 -39.68 -39.24
N LEU E 296 -21.74 -38.80 -38.85
CA LEU E 296 -22.97 -39.20 -38.17
C LEU E 296 -24.14 -39.49 -39.15
N GLY E 297 -23.89 -39.41 -40.46
CA GLY E 297 -24.88 -39.66 -41.49
C GLY E 297 -25.95 -38.58 -41.60
N MET E 298 -25.60 -37.35 -41.19
CA MET E 298 -26.55 -36.24 -41.21
C MET E 298 -26.10 -35.06 -42.09
N THR E 299 -27.05 -34.20 -42.48
CA THR E 299 -26.76 -32.99 -43.22
C THR E 299 -26.43 -31.86 -42.24
N PRO E 300 -25.63 -30.85 -42.63
CA PRO E 300 -25.35 -29.74 -41.70
C PRO E 300 -26.55 -28.83 -41.50
N GLY E 301 -26.55 -28.10 -40.39
CA GLY E 301 -27.63 -27.18 -40.07
C GLY E 301 -28.72 -27.74 -39.18
N PHE E 302 -29.56 -26.84 -38.63
CA PHE E 302 -30.65 -27.26 -37.75
C PHE E 302 -31.95 -27.63 -38.48
N GLY E 303 -32.04 -27.31 -39.76
CA GLY E 303 -33.22 -27.65 -40.55
C GLY E 303 -33.36 -29.15 -40.68
N ASP E 304 -34.58 -29.66 -40.51
CA ASP E 304 -34.89 -31.09 -40.57
C ASP E 304 -34.22 -31.89 -39.45
N LYS E 305 -33.89 -31.24 -38.33
CA LYS E 305 -33.30 -31.93 -37.18
C LYS E 305 -34.33 -32.08 -36.09
N THR E 306 -34.28 -33.19 -35.35
CA THR E 306 -35.19 -33.40 -34.23
C THR E 306 -34.38 -33.47 -32.95
N PHE E 307 -34.96 -33.00 -31.84
CA PHE E 307 -34.25 -33.03 -30.57
C PHE E 307 -35.18 -33.34 -29.40
N ALA E 308 -34.59 -33.86 -28.33
CA ALA E 308 -35.28 -34.18 -27.11
C ALA E 308 -34.52 -33.60 -25.93
N VAL E 309 -35.20 -33.01 -24.96
CA VAL E 309 -34.53 -32.40 -23.80
C VAL E 309 -34.93 -33.09 -22.51
N GLN E 310 -33.94 -33.62 -21.75
CA GLN E 310 -34.23 -34.27 -20.46
C GLN E 310 -33.89 -33.31 -19.32
N GLY E 311 -34.91 -32.72 -18.72
CA GLY E 311 -34.73 -31.74 -17.66
C GLY E 311 -35.27 -30.41 -18.13
N PHE E 312 -36.42 -29.97 -17.62
CA PHE E 312 -37.06 -28.75 -18.09
C PHE E 312 -36.88 -27.56 -17.13
N GLY E 313 -35.64 -27.26 -16.77
CA GLY E 313 -35.31 -26.12 -15.92
C GLY E 313 -34.91 -24.90 -16.75
N ASN E 314 -34.05 -24.01 -16.22
CA ASN E 314 -33.65 -22.82 -16.99
C ASN E 314 -32.75 -23.17 -18.18
N VAL E 315 -31.97 -24.25 -18.09
CA VAL E 315 -31.09 -24.66 -19.17
C VAL E 315 -31.89 -25.40 -20.25
N GLY E 316 -32.71 -26.35 -19.83
CA GLY E 316 -33.52 -27.16 -20.74
C GLY E 316 -34.51 -26.35 -21.56
N LEU E 317 -35.22 -25.41 -20.91
CA LEU E 317 -36.18 -24.52 -21.56
C LEU E 317 -35.47 -23.62 -22.58
N HIS E 318 -34.39 -22.95 -22.15
CA HIS E 318 -33.66 -22.03 -23.00
C HIS E 318 -33.09 -22.76 -24.22
N SER E 319 -32.48 -23.94 -24.01
CA SER E 319 -31.96 -24.73 -25.11
C SER E 319 -33.07 -25.09 -26.11
N MET E 320 -34.25 -25.48 -25.61
CA MET E 320 -35.40 -25.81 -26.44
C MET E 320 -35.83 -24.59 -27.26
N ARG E 321 -35.96 -23.43 -26.59
CA ARG E 321 -36.37 -22.16 -27.16
C ARG E 321 -35.47 -21.72 -28.32
N TYR E 322 -34.14 -21.78 -28.14
CA TYR E 322 -33.20 -21.34 -29.17
C TYR E 322 -33.06 -22.36 -30.30
N LEU E 323 -33.13 -23.67 -29.98
CA LEU E 323 -33.01 -24.70 -31.02
C LEU E 323 -34.22 -24.65 -31.96
N HIS E 324 -35.41 -24.46 -31.42
CA HIS E 324 -36.66 -24.33 -32.17
C HIS E 324 -36.60 -23.12 -33.09
N ARG E 325 -36.06 -22.01 -32.59
CA ARG E 325 -35.92 -20.75 -33.32
C ARG E 325 -35.08 -20.93 -34.61
N PHE E 326 -34.19 -21.95 -34.64
CA PHE E 326 -33.34 -22.17 -35.81
C PHE E 326 -33.79 -23.34 -36.70
N GLY E 327 -35.01 -23.83 -36.51
CA GLY E 327 -35.55 -24.88 -37.37
C GLY E 327 -35.60 -26.28 -36.81
N ALA E 328 -34.95 -26.52 -35.66
CA ALA E 328 -34.96 -27.85 -35.06
C ALA E 328 -36.32 -28.11 -34.41
N LYS E 329 -36.84 -29.32 -34.57
CA LYS E 329 -38.14 -29.71 -34.05
C LYS E 329 -38.03 -30.50 -32.75
N CYS E 330 -38.65 -30.01 -31.66
CA CYS E 330 -38.61 -30.73 -30.39
C CYS E 330 -39.62 -31.86 -30.40
N VAL E 331 -39.15 -33.11 -30.36
CA VAL E 331 -40.04 -34.26 -30.41
C VAL E 331 -40.41 -34.75 -29.00
N ALA E 332 -39.57 -34.48 -27.97
CA ALA E 332 -39.88 -34.94 -26.62
C ALA E 332 -39.25 -34.09 -25.52
N VAL E 333 -39.94 -33.93 -24.40
CA VAL E 333 -39.44 -33.18 -23.24
C VAL E 333 -39.63 -34.04 -21.99
N GLY E 334 -38.53 -34.27 -21.29
CA GLY E 334 -38.52 -35.06 -20.06
C GLY E 334 -38.44 -34.16 -18.84
N GLU E 335 -39.09 -34.57 -17.78
CA GLU E 335 -39.12 -33.82 -16.53
C GLU E 335 -38.91 -34.78 -15.34
N SER E 336 -38.68 -34.25 -14.14
CA SER E 336 -38.53 -35.09 -12.93
C SER E 336 -39.77 -35.97 -12.70
N ASP E 337 -40.95 -35.43 -13.05
CA ASP E 337 -42.21 -36.14 -12.95
C ASP E 337 -42.77 -36.41 -14.36
N GLY E 338 -42.40 -37.56 -14.92
CA GLY E 338 -42.88 -37.96 -16.24
C GLY E 338 -42.32 -37.19 -17.43
N SER E 339 -42.73 -37.59 -18.63
CA SER E 339 -42.26 -36.98 -19.87
C SER E 339 -43.38 -36.88 -20.93
N ILE E 340 -43.23 -35.95 -21.90
CA ILE E 340 -44.21 -35.81 -22.96
C ILE E 340 -43.55 -36.02 -24.33
N TRP E 341 -44.36 -36.38 -25.35
CA TRP E 341 -43.81 -36.70 -26.66
C TRP E 341 -44.79 -36.39 -27.80
N ASN E 342 -44.27 -35.83 -28.90
CA ASN E 342 -45.02 -35.54 -30.11
C ASN E 342 -44.07 -35.54 -31.29
N PRO E 343 -44.18 -36.51 -32.20
CA PRO E 343 -43.25 -36.55 -33.34
C PRO E 343 -43.44 -35.38 -34.32
N ASP E 344 -44.62 -34.75 -34.31
CA ASP E 344 -44.87 -33.59 -35.17
C ASP E 344 -44.26 -32.28 -34.60
N GLY E 345 -43.89 -32.28 -33.32
CA GLY E 345 -43.28 -31.11 -32.70
C GLY E 345 -43.98 -30.58 -31.47
N ILE E 346 -43.21 -29.97 -30.57
CA ILE E 346 -43.72 -29.35 -29.35
C ILE E 346 -43.25 -27.90 -29.33
N ASP E 347 -44.18 -26.95 -29.22
CA ASP E 347 -43.82 -25.52 -29.21
C ASP E 347 -43.29 -25.12 -27.83
N PRO E 348 -42.10 -24.50 -27.79
CA PRO E 348 -41.52 -24.12 -26.49
C PRO E 348 -42.28 -23.03 -25.76
N LYS E 349 -42.88 -22.07 -26.50
CA LYS E 349 -43.65 -21.01 -25.86
C LYS E 349 -44.94 -21.56 -25.28
N GLU E 350 -45.60 -22.48 -25.99
CA GLU E 350 -46.83 -23.11 -25.52
C GLU E 350 -46.57 -24.01 -24.31
N LEU E 351 -45.43 -24.70 -24.30
CA LEU E 351 -45.07 -25.60 -23.20
C LEU E 351 -44.64 -24.82 -21.97
N GLU E 352 -43.93 -23.70 -22.15
CA GLU E 352 -43.49 -22.87 -21.04
C GLU E 352 -44.70 -22.20 -20.37
N ASP E 353 -45.66 -21.74 -21.17
CA ASP E 353 -46.87 -21.11 -20.63
C ASP E 353 -47.72 -22.13 -19.87
N PHE E 354 -47.76 -23.39 -20.34
CA PHE E 354 -48.52 -24.45 -19.68
C PHE E 354 -47.90 -24.77 -18.31
N LYS E 355 -46.56 -24.87 -18.25
CA LYS E 355 -45.83 -25.18 -17.01
C LYS E 355 -45.94 -24.03 -16.01
N LEU E 356 -46.02 -22.78 -16.48
CA LEU E 356 -46.13 -21.62 -15.59
C LEU E 356 -47.51 -21.54 -14.92
N GLN E 357 -48.55 -22.15 -15.51
CA GLN E 357 -49.88 -22.11 -14.90
C GLN E 357 -50.29 -23.44 -14.24
N HIS E 358 -49.53 -24.53 -14.44
CA HIS E 358 -49.89 -25.82 -13.83
C HIS E 358 -48.75 -26.45 -13.00
N GLY E 359 -47.56 -25.86 -13.00
CA GLY E 359 -46.42 -26.38 -12.26
C GLY E 359 -45.69 -27.54 -12.89
N THR E 360 -46.31 -28.18 -13.89
CA THR E 360 -45.72 -29.33 -14.56
C THR E 360 -46.08 -29.36 -16.07
N ILE E 361 -45.32 -30.13 -16.85
CA ILE E 361 -45.61 -30.29 -18.28
C ILE E 361 -46.64 -31.42 -18.53
N LEU E 362 -46.98 -32.23 -17.51
CA LEU E 362 -47.93 -33.34 -17.63
C LEU E 362 -49.33 -32.84 -17.93
N GLY E 363 -49.93 -33.42 -18.96
CA GLY E 363 -51.27 -33.05 -19.40
C GLY E 363 -51.29 -32.04 -20.51
N PHE E 364 -50.12 -31.76 -21.14
CA PHE E 364 -50.00 -30.81 -22.25
C PHE E 364 -50.86 -31.29 -23.41
N PRO E 365 -51.79 -30.46 -23.90
CA PRO E 365 -52.74 -30.92 -24.92
C PRO E 365 -52.11 -31.35 -26.25
N LYS E 366 -51.04 -30.69 -26.69
CA LYS E 366 -50.42 -31.02 -27.96
C LYS E 366 -49.22 -31.96 -27.79
N ALA E 367 -49.36 -33.00 -26.93
CA ALA E 367 -48.32 -34.01 -26.66
C ALA E 367 -48.89 -35.21 -25.89
N LYS E 368 -48.23 -36.37 -25.99
CA LYS E 368 -48.67 -37.60 -25.33
C LYS E 368 -47.80 -37.94 -24.12
N ILE E 369 -48.40 -38.41 -23.02
CA ILE E 369 -47.67 -38.74 -21.80
C ILE E 369 -46.95 -40.10 -21.93
N ILE E 374 -36.83 -39.52 -21.60
CA ILE E 374 -36.88 -39.46 -23.06
C ILE E 374 -35.52 -39.82 -23.71
N LEU E 375 -34.57 -40.39 -22.94
CA LEU E 375 -33.23 -40.71 -23.41
C LEU E 375 -33.20 -41.72 -24.59
N GLU E 376 -34.23 -42.58 -24.69
CA GLU E 376 -34.27 -43.57 -25.76
C GLU E 376 -35.27 -43.20 -26.88
N VAL E 377 -35.78 -41.95 -26.90
CA VAL E 377 -36.71 -41.47 -27.91
C VAL E 377 -35.99 -41.27 -29.24
N ASP E 378 -36.65 -41.61 -30.35
CA ASP E 378 -36.07 -41.43 -31.67
C ASP E 378 -35.94 -39.94 -31.99
N CYS E 379 -34.71 -39.46 -32.01
CA CYS E 379 -34.38 -38.06 -32.32
C CYS E 379 -32.94 -37.98 -32.87
N ASP E 380 -32.51 -36.78 -33.31
CA ASP E 380 -31.16 -36.60 -33.80
C ASP E 380 -30.27 -36.10 -32.68
N ILE E 381 -30.76 -35.14 -31.89
CA ILE E 381 -30.00 -34.54 -30.78
C ILE E 381 -30.66 -34.84 -29.44
N LEU E 382 -29.91 -35.41 -28.50
CA LEU E 382 -30.40 -35.66 -27.16
C LEU E 382 -29.72 -34.67 -26.23
N ILE E 383 -30.50 -33.90 -25.44
CA ILE E 383 -29.92 -32.90 -24.56
C ILE E 383 -30.21 -33.18 -23.09
N PRO E 384 -29.29 -33.88 -22.40
CA PRO E 384 -29.45 -34.03 -20.95
C PRO E 384 -29.19 -32.69 -20.30
N ALA E 385 -30.24 -31.99 -19.86
CA ALA E 385 -30.08 -30.66 -19.27
C ALA E 385 -30.32 -30.64 -17.76
N ALA E 386 -30.30 -31.81 -17.09
CA ALA E 386 -30.49 -31.89 -15.64
C ALA E 386 -29.27 -32.54 -14.99
N SER E 387 -28.85 -32.00 -13.83
CA SER E 387 -27.66 -32.50 -13.15
C SER E 387 -27.91 -33.83 -12.42
N GLU E 388 -27.92 -34.92 -13.18
CA GLU E 388 -28.10 -36.26 -12.64
C GLU E 388 -27.49 -37.30 -13.60
N LYS E 389 -27.16 -38.48 -13.08
CA LYS E 389 -26.63 -39.56 -13.91
C LYS E 389 -27.75 -40.11 -14.78
N GLN E 390 -27.65 -39.91 -16.09
CA GLN E 390 -28.71 -40.34 -16.99
C GLN E 390 -28.24 -41.42 -17.95
N LEU E 391 -27.09 -41.21 -18.60
CA LEU E 391 -26.58 -42.16 -19.57
C LEU E 391 -25.54 -43.07 -18.94
N THR E 392 -25.91 -44.34 -18.78
CA THR E 392 -25.11 -45.39 -18.17
C THR E 392 -24.87 -46.54 -19.19
N LYS E 393 -24.08 -47.56 -18.83
CA LYS E 393 -23.77 -48.70 -19.69
C LYS E 393 -25.04 -49.53 -20.04
N SER E 394 -26.10 -49.45 -19.23
CA SER E 394 -27.32 -50.21 -19.49
C SER E 394 -28.21 -49.56 -20.56
N ASN E 395 -28.35 -48.22 -20.58
CA ASN E 395 -29.22 -47.57 -21.56
C ASN E 395 -28.46 -46.93 -22.73
N ALA E 396 -27.12 -46.85 -22.67
CA ALA E 396 -26.34 -46.28 -23.78
C ALA E 396 -26.56 -47.03 -25.12
N PRO E 397 -26.67 -48.38 -25.18
CA PRO E 397 -26.93 -49.04 -26.48
C PRO E 397 -28.36 -48.80 -27.01
N ARG E 398 -29.29 -48.31 -26.17
CA ARG E 398 -30.66 -48.03 -26.60
C ARG E 398 -30.88 -46.56 -27.05
N VAL E 399 -29.84 -45.71 -26.97
CA VAL E 399 -29.95 -44.32 -27.37
C VAL E 399 -30.08 -44.26 -28.90
N LYS E 400 -31.10 -43.53 -29.40
CA LYS E 400 -31.31 -43.41 -30.84
C LYS E 400 -30.77 -42.09 -31.43
N ALA E 401 -30.31 -41.16 -30.59
CA ALA E 401 -29.77 -39.89 -31.05
C ALA E 401 -28.33 -40.05 -31.55
N LYS E 402 -27.95 -39.23 -32.53
CA LYS E 402 -26.59 -39.24 -33.05
C LYS E 402 -25.69 -38.22 -32.33
N ILE E 403 -26.28 -37.19 -31.72
CA ILE E 403 -25.54 -36.18 -30.97
C ILE E 403 -26.07 -36.12 -29.54
N ILE E 404 -25.19 -36.18 -28.55
CA ILE E 404 -25.58 -36.05 -27.15
C ILE E 404 -24.94 -34.78 -26.63
N ALA E 405 -25.75 -33.77 -26.40
CA ALA E 405 -25.32 -32.47 -25.94
C ALA E 405 -25.46 -32.34 -24.44
N GLU E 406 -24.37 -32.59 -23.70
CA GLU E 406 -24.40 -32.50 -22.23
C GLU E 406 -24.59 -31.05 -21.75
N GLY E 407 -25.84 -30.67 -21.50
CA GLY E 407 -26.15 -29.34 -21.01
C GLY E 407 -26.01 -29.18 -19.50
N ALA E 408 -25.50 -30.21 -18.81
CA ALA E 408 -25.30 -30.23 -17.35
C ALA E 408 -24.03 -31.03 -17.00
N ASN E 409 -23.52 -30.94 -15.75
CA ASN E 409 -22.30 -31.65 -15.37
C ASN E 409 -22.55 -33.12 -15.08
N GLY E 410 -21.71 -33.97 -15.69
CA GLY E 410 -21.70 -35.42 -15.54
C GLY E 410 -22.95 -36.22 -15.83
N PRO E 411 -23.67 -35.99 -16.96
CA PRO E 411 -24.84 -36.83 -17.25
C PRO E 411 -24.48 -38.18 -17.90
N THR E 412 -23.23 -38.36 -18.35
CA THR E 412 -22.81 -39.58 -19.02
C THR E 412 -21.64 -40.23 -18.28
N THR E 413 -21.76 -41.52 -17.95
CA THR E 413 -20.69 -42.25 -17.26
C THR E 413 -19.56 -42.62 -18.25
N PRO E 414 -18.32 -42.86 -17.78
CA PRO E 414 -17.24 -43.26 -18.70
C PRO E 414 -17.56 -44.54 -19.50
N GLU E 415 -18.35 -45.46 -18.94
CA GLU E 415 -18.75 -46.68 -19.64
C GLU E 415 -19.72 -46.36 -20.79
N ALA E 416 -20.61 -45.37 -20.60
CA ALA E 416 -21.52 -44.97 -21.65
C ALA E 416 -20.76 -44.25 -22.76
N ASP E 417 -19.73 -43.44 -22.41
CA ASP E 417 -18.86 -42.76 -23.38
C ASP E 417 -18.23 -43.77 -24.35
N LYS E 418 -17.74 -44.91 -23.81
CA LYS E 418 -17.13 -45.98 -24.58
C LYS E 418 -18.13 -46.58 -25.58
N ILE E 419 -19.38 -46.81 -25.13
CA ILE E 419 -20.43 -47.35 -25.98
C ILE E 419 -20.77 -46.35 -27.09
N PHE E 420 -20.89 -45.06 -26.76
CA PHE E 420 -21.19 -44.03 -27.76
C PHE E 420 -20.09 -43.93 -28.82
N LEU E 421 -18.81 -44.09 -28.42
CA LEU E 421 -17.71 -44.05 -29.37
C LEU E 421 -17.77 -45.25 -30.32
N GLU E 422 -18.16 -46.43 -29.80
CA GLU E 422 -18.31 -47.63 -30.61
C GLU E 422 -19.50 -47.52 -31.57
N ARG E 423 -20.55 -46.81 -31.17
CA ARG E 423 -21.77 -46.64 -31.96
C ARG E 423 -21.75 -45.40 -32.87
N ASN E 424 -20.62 -44.65 -32.90
CA ASN E 424 -20.46 -43.43 -33.69
C ASN E 424 -21.52 -42.39 -33.30
N ILE E 425 -21.59 -42.12 -32.01
CA ILE E 425 -22.47 -41.12 -31.43
C ILE E 425 -21.58 -40.03 -30.88
N MET E 426 -21.79 -38.79 -31.32
CA MET E 426 -20.96 -37.69 -30.88
C MET E 426 -21.44 -37.09 -29.57
N VAL E 427 -20.62 -37.13 -28.53
CA VAL E 427 -20.96 -36.53 -27.25
C VAL E 427 -20.24 -35.19 -27.11
N ILE E 428 -20.99 -34.07 -27.12
CA ILE E 428 -20.41 -32.73 -26.93
C ILE E 428 -20.29 -32.56 -25.41
N PRO E 429 -19.04 -32.46 -24.89
CA PRO E 429 -18.85 -32.51 -23.43
C PRO E 429 -19.25 -31.29 -22.62
N ASP E 430 -19.68 -31.56 -21.39
CA ASP E 430 -20.08 -30.58 -20.36
C ASP E 430 -18.97 -29.57 -20.07
N LEU E 431 -17.70 -30.00 -20.16
CA LEU E 431 -16.55 -29.11 -19.93
C LEU E 431 -16.57 -27.92 -20.89
N TYR E 432 -17.08 -28.12 -22.11
CA TYR E 432 -17.18 -27.07 -23.09
C TYR E 432 -18.60 -26.50 -23.15
N LEU E 433 -19.62 -27.37 -23.34
CA LEU E 433 -21.00 -26.99 -23.58
C LEU E 433 -21.68 -26.33 -22.40
N ASN E 434 -21.29 -26.67 -21.19
CA ASN E 434 -21.86 -26.11 -19.99
C ASN E 434 -20.91 -25.03 -19.44
N ALA E 435 -20.30 -24.22 -20.33
CA ALA E 435 -19.35 -23.19 -19.90
C ALA E 435 -19.75 -21.77 -20.30
N GLY E 436 -21.01 -21.56 -20.69
CA GLY E 436 -21.49 -20.23 -21.04
C GLY E 436 -21.63 -19.30 -19.84
N GLY E 437 -22.00 -19.85 -18.70
CA GLY E 437 -22.13 -19.09 -17.47
C GLY E 437 -20.79 -18.55 -17.01
N VAL E 438 -19.74 -19.38 -17.15
CA VAL E 438 -18.36 -19.02 -16.80
C VAL E 438 -17.87 -17.92 -17.76
N THR E 439 -18.19 -18.05 -19.06
CA THR E 439 -17.83 -17.06 -20.08
C THR E 439 -18.44 -15.69 -19.73
N VAL E 440 -19.71 -15.66 -19.35
CA VAL E 440 -20.37 -14.41 -18.99
C VAL E 440 -19.84 -13.87 -17.64
N SER E 441 -19.34 -14.74 -16.74
CA SER E 441 -18.73 -14.33 -15.46
C SER E 441 -17.46 -13.52 -15.71
N TYR E 442 -16.67 -13.94 -16.70
CA TYR E 442 -15.47 -13.25 -17.14
C TYR E 442 -15.87 -11.84 -17.65
N PHE E 443 -16.95 -11.76 -18.42
CA PHE E 443 -17.46 -10.51 -18.97
C PHE E 443 -17.97 -9.58 -17.88
N GLU E 444 -18.55 -10.14 -16.80
CA GLU E 444 -19.01 -9.32 -15.69
C GLU E 444 -17.83 -8.71 -14.96
N TRP E 445 -16.77 -9.50 -14.75
CA TRP E 445 -15.52 -9.05 -14.13
C TRP E 445 -14.90 -7.95 -15.00
N LEU E 446 -14.89 -8.13 -16.32
CA LEU E 446 -14.39 -7.13 -17.27
C LEU E 446 -15.23 -5.86 -17.21
N LYS E 447 -16.56 -5.98 -17.14
CA LYS E 447 -17.48 -4.85 -17.03
C LYS E 447 -17.16 -4.02 -15.79
N ASN E 448 -16.88 -4.67 -14.66
CA ASN E 448 -16.54 -3.96 -13.42
C ASN E 448 -15.16 -3.30 -13.52
N LEU E 449 -14.23 -3.88 -14.26
CA LEU E 449 -12.91 -3.29 -14.50
C LEU E 449 -13.07 -2.05 -15.41
N ASN E 450 -13.90 -2.18 -16.46
CA ASN E 450 -14.20 -1.12 -17.42
C ASN E 450 -14.93 0.06 -16.79
N HIS E 451 -15.76 -0.22 -15.76
CA HIS E 451 -16.59 0.77 -15.06
C HIS E 451 -17.62 1.40 -15.97
N VAL E 452 -18.11 0.64 -16.96
CA VAL E 452 -19.08 1.09 -17.94
C VAL E 452 -19.80 -0.13 -18.51
N SER E 453 -21.07 0.04 -18.88
CA SER E 453 -21.81 -1.04 -19.52
C SER E 453 -21.36 -1.20 -20.97
N TYR E 454 -21.45 -2.42 -21.52
CA TYR E 454 -21.03 -2.66 -22.89
C TYR E 454 -21.92 -1.92 -23.90
N GLY E 455 -21.27 -1.24 -24.85
CA GLY E 455 -21.96 -0.53 -25.92
C GLY E 455 -22.43 0.87 -25.61
N ARG E 456 -22.36 1.29 -24.35
CA ARG E 456 -22.79 2.61 -23.88
C ARG E 456 -22.38 3.78 -24.80
N LEU E 457 -21.14 3.80 -25.29
CA LEU E 457 -20.67 4.89 -26.14
C LEU E 457 -20.76 4.62 -27.64
N THR E 458 -21.05 3.37 -28.04
CA THR E 458 -21.03 3.03 -29.47
C THR E 458 -22.36 2.64 -30.11
N PHE E 459 -23.43 2.38 -29.35
CA PHE E 459 -24.71 1.99 -29.93
C PHE E 459 -25.28 3.05 -30.89
N LYS E 460 -25.31 4.31 -30.45
CA LYS E 460 -25.83 5.43 -31.24
C LYS E 460 -24.92 5.66 -32.47
N TYR E 461 -23.60 5.50 -32.29
CA TYR E 461 -22.63 5.65 -33.37
C TYR E 461 -22.87 4.59 -34.47
N GLU E 462 -23.10 3.35 -34.05
CA GLU E 462 -23.33 2.24 -34.96
C GLU E 462 -24.66 2.44 -35.70
N ARG E 463 -25.70 2.90 -34.98
CA ARG E 463 -27.02 3.18 -35.55
C ARG E 463 -26.92 4.22 -36.66
N ASP E 464 -26.18 5.32 -36.43
CA ASP E 464 -26.04 6.37 -37.43
C ASP E 464 -25.28 5.87 -38.65
N SER E 465 -24.26 5.02 -38.43
CA SER E 465 -23.50 4.46 -39.54
C SER E 465 -24.37 3.55 -40.41
N ASN E 466 -25.24 2.75 -39.77
CA ASN E 466 -26.15 1.85 -40.46
C ASN E 466 -27.14 2.63 -41.32
N TYR E 467 -27.67 3.74 -40.79
CA TYR E 467 -28.60 4.58 -41.53
C TYR E 467 -27.90 5.26 -42.71
N HIS E 468 -26.66 5.70 -42.49
CA HIS E 468 -25.84 6.32 -43.54
C HIS E 468 -25.53 5.32 -44.65
N LEU E 469 -25.32 4.04 -44.30
CA LEU E 469 -25.06 2.99 -45.28
C LEU E 469 -26.28 2.72 -46.13
N LEU E 470 -27.48 2.65 -45.50
CA LEU E 470 -28.73 2.42 -46.21
C LEU E 470 -29.05 3.62 -47.10
N MET E 471 -28.77 4.84 -46.61
CA MET E 471 -28.99 6.08 -47.39
C MET E 471 -28.06 6.13 -48.60
N SER E 472 -26.84 5.61 -48.46
CA SER E 472 -25.87 5.56 -49.54
C SER E 472 -26.31 4.60 -50.64
N VAL E 473 -26.91 3.46 -50.25
CA VAL E 473 -27.41 2.47 -51.21
C VAL E 473 -28.60 3.09 -51.96
N GLN E 474 -29.51 3.75 -51.22
CA GLN E 474 -30.69 4.40 -51.80
C GLN E 474 -30.30 5.49 -52.80
N GLU E 475 -29.38 6.38 -52.42
CA GLU E 475 -28.95 7.46 -53.29
C GLU E 475 -28.23 6.96 -54.52
N SER E 476 -27.40 5.92 -54.37
CA SER E 476 -26.67 5.35 -55.49
C SER E 476 -27.63 4.71 -56.50
N LEU E 477 -28.66 4.01 -56.01
CA LEU E 477 -29.63 3.36 -56.89
C LEU E 477 -30.54 4.39 -57.57
N GLU E 478 -30.95 5.44 -56.85
CA GLU E 478 -31.78 6.50 -57.47
C GLU E 478 -30.98 7.23 -58.57
N ARG E 479 -29.68 7.37 -58.39
CA ARG E 479 -28.78 7.99 -59.35
C ARG E 479 -28.61 7.10 -60.58
N LYS E 480 -28.53 5.78 -60.37
CA LYS E 480 -28.34 4.81 -61.45
C LYS E 480 -29.61 4.59 -62.27
N PHE E 481 -30.78 4.54 -61.63
CA PHE E 481 -32.03 4.28 -62.34
C PHE E 481 -32.87 5.52 -62.63
N GLY E 482 -32.42 6.69 -62.20
CA GLY E 482 -33.06 7.96 -62.48
C GLY E 482 -34.33 8.25 -61.74
N LYS E 483 -34.95 9.38 -62.12
CA LYS E 483 -36.23 9.94 -61.68
C LYS E 483 -37.39 9.07 -62.17
N HIS E 484 -37.28 8.58 -63.44
CA HIS E 484 -38.25 7.65 -64.02
C HIS E 484 -38.06 6.32 -63.31
N GLY E 485 -39.08 5.90 -62.58
CA GLY E 485 -39.05 4.74 -61.71
C GLY E 485 -39.40 5.22 -60.31
N GLY E 486 -38.69 6.24 -59.85
CA GLY E 486 -39.01 6.91 -58.60
C GLY E 486 -38.07 6.72 -57.44
N THR E 487 -38.60 6.88 -56.24
CA THR E 487 -37.82 6.74 -55.02
C THR E 487 -37.65 5.25 -54.72
N ILE E 488 -36.45 4.85 -54.30
CA ILE E 488 -36.18 3.47 -53.92
C ILE E 488 -35.86 3.46 -52.44
N PRO E 489 -36.86 3.42 -51.57
CA PRO E 489 -36.57 3.46 -50.13
C PRO E 489 -35.79 2.25 -49.62
N ILE E 490 -34.65 2.51 -48.99
CA ILE E 490 -33.84 1.44 -48.40
C ILE E 490 -33.96 1.63 -46.90
N VAL E 491 -34.80 0.82 -46.27
CA VAL E 491 -35.08 0.90 -44.83
C VAL E 491 -34.73 -0.42 -44.13
N PRO E 492 -34.47 -0.38 -42.81
CA PRO E 492 -34.15 -1.62 -42.10
C PRO E 492 -35.32 -2.58 -42.03
N THR E 493 -35.05 -3.90 -41.95
CA THR E 493 -36.11 -4.88 -41.78
C THR E 493 -36.79 -4.69 -40.41
N ALA E 494 -37.95 -5.31 -40.18
CA ALA E 494 -38.63 -5.19 -38.87
C ALA E 494 -37.73 -5.73 -37.74
N GLU E 495 -36.95 -6.78 -38.03
CA GLU E 495 -36.03 -7.40 -37.09
C GLU E 495 -34.84 -6.50 -36.81
N PHE E 496 -34.27 -5.86 -37.85
CA PHE E 496 -33.13 -4.96 -37.69
C PHE E 496 -33.55 -3.71 -36.92
N GLN E 497 -34.75 -3.19 -37.20
CA GLN E 497 -35.24 -2.00 -36.51
C GLN E 497 -35.40 -2.29 -35.01
N ASP E 498 -35.92 -3.50 -34.67
CA ASP E 498 -36.08 -3.92 -33.28
C ASP E 498 -34.73 -4.02 -32.58
N ARG E 499 -33.70 -4.56 -33.29
CA ARG E 499 -32.34 -4.71 -32.79
C ARG E 499 -31.74 -3.34 -32.51
N ILE E 500 -31.96 -2.37 -33.41
CA ILE E 500 -31.45 -1.00 -33.25
C ILE E 500 -32.15 -0.29 -32.07
N SER E 501 -33.47 -0.40 -31.98
CA SER E 501 -34.25 0.26 -30.92
C SER E 501 -34.00 -0.31 -29.53
N GLY E 502 -33.89 -1.64 -29.43
CA GLY E 502 -33.66 -2.28 -28.14
C GLY E 502 -32.21 -2.59 -27.83
N ALA E 503 -31.26 -1.99 -28.58
CA ALA E 503 -29.83 -2.22 -28.41
C ALA E 503 -29.38 -1.95 -26.99
N SER E 504 -28.93 -3.00 -26.31
CA SER E 504 -28.45 -2.88 -24.94
C SER E 504 -27.27 -3.85 -24.68
N GLU E 505 -26.67 -3.79 -23.49
CA GLU E 505 -25.54 -4.60 -23.08
C GLU E 505 -25.69 -6.10 -23.37
N LYS E 506 -26.88 -6.69 -23.11
CA LYS E 506 -27.09 -8.12 -23.33
C LYS E 506 -26.75 -8.57 -24.75
N ASP E 507 -26.95 -7.70 -25.76
CA ASP E 507 -26.67 -8.02 -27.16
C ASP E 507 -25.16 -8.19 -27.39
N ILE E 508 -24.33 -7.40 -26.70
CA ILE E 508 -22.89 -7.52 -26.83
C ILE E 508 -22.37 -8.71 -25.99
N VAL E 509 -22.99 -9.00 -24.85
CA VAL E 509 -22.61 -10.15 -24.03
C VAL E 509 -22.93 -11.45 -24.79
N HIS E 510 -24.09 -11.49 -25.46
CA HIS E 510 -24.51 -12.63 -26.27
C HIS E 510 -23.51 -12.83 -27.44
N SER E 511 -22.98 -11.73 -27.99
CA SER E 511 -22.00 -11.73 -29.06
C SER E 511 -20.69 -12.34 -28.57
N GLY E 512 -20.22 -11.88 -27.42
CA GLY E 512 -18.98 -12.34 -26.80
C GLY E 512 -19.02 -13.82 -26.49
N LEU E 513 -20.19 -14.30 -26.07
CA LEU E 513 -20.44 -15.69 -25.75
C LEU E 513 -20.48 -16.53 -27.01
N ALA E 514 -21.18 -16.06 -28.07
CA ALA E 514 -21.27 -16.82 -29.32
C ALA E 514 -19.90 -16.96 -29.96
N TYR E 515 -19.08 -15.90 -29.92
CA TYR E 515 -17.74 -15.92 -30.50
C TYR E 515 -16.84 -16.87 -29.72
N THR E 516 -16.95 -16.88 -28.39
CA THR E 516 -16.18 -17.74 -27.49
C THR E 516 -16.47 -19.22 -27.77
N MET E 517 -17.76 -19.58 -27.89
CA MET E 517 -18.15 -20.96 -28.14
C MET E 517 -17.66 -21.41 -29.51
N GLU E 518 -17.74 -20.51 -30.53
CA GLU E 518 -17.35 -20.74 -31.92
C GLU E 518 -15.86 -21.01 -32.03
N ARG E 519 -15.07 -20.19 -31.34
CA ARG E 519 -13.63 -20.32 -31.36
C ARG E 519 -13.17 -21.56 -30.60
N SER E 520 -13.83 -21.88 -29.49
CA SER E 520 -13.49 -23.05 -28.70
C SER E 520 -13.90 -24.34 -29.40
N ALA E 521 -14.99 -24.31 -30.19
CA ALA E 521 -15.40 -25.50 -30.93
C ALA E 521 -14.34 -25.87 -31.95
N ARG E 522 -13.78 -24.86 -32.65
CA ARG E 522 -12.74 -25.06 -33.66
C ARG E 522 -11.42 -25.52 -33.01
N GLN E 523 -11.12 -25.01 -31.83
CA GLN E 523 -9.95 -25.42 -31.08
C GLN E 523 -10.05 -26.87 -30.66
N ILE E 524 -11.24 -27.30 -30.17
CA ILE E 524 -11.47 -28.69 -29.76
C ILE E 524 -11.40 -29.62 -30.98
N MET E 525 -11.94 -29.17 -32.13
CA MET E 525 -11.91 -29.96 -33.35
C MET E 525 -10.46 -30.16 -33.81
N ARG E 526 -9.64 -29.10 -33.73
CA ARG E 526 -8.23 -29.18 -34.11
C ARG E 526 -7.43 -30.07 -33.16
N THR E 527 -7.78 -30.06 -31.87
CA THR E 527 -7.11 -30.91 -30.88
C THR E 527 -7.48 -32.38 -31.13
N ALA E 528 -8.76 -32.65 -31.46
CA ALA E 528 -9.23 -34.01 -31.74
C ALA E 528 -8.58 -34.55 -33.02
N MET E 529 -8.35 -33.69 -34.01
CA MET E 529 -7.71 -34.11 -35.26
C MET E 529 -6.20 -34.32 -35.06
N LYS E 530 -5.57 -33.48 -34.23
CA LYS E 530 -4.15 -33.55 -33.92
C LYS E 530 -3.80 -34.89 -33.22
N TYR E 531 -4.66 -35.34 -32.30
CA TYR E 531 -4.40 -36.58 -31.56
C TYR E 531 -5.19 -37.78 -32.06
N ASN E 532 -5.90 -37.66 -33.20
CA ASN E 532 -6.72 -38.72 -33.80
C ASN E 532 -7.73 -39.29 -32.80
N LEU E 533 -8.52 -38.40 -32.19
CA LEU E 533 -9.53 -38.75 -31.20
C LEU E 533 -10.94 -38.96 -31.80
N GLY E 534 -11.16 -38.52 -33.04
CA GLY E 534 -12.44 -38.67 -33.72
C GLY E 534 -13.61 -38.01 -33.01
N LEU E 535 -14.61 -38.81 -32.63
CA LEU E 535 -15.77 -38.31 -31.91
C LEU E 535 -15.57 -38.26 -30.39
N ASP E 536 -14.35 -38.50 -29.88
CA ASP E 536 -14.08 -38.43 -28.45
C ASP E 536 -13.77 -36.98 -28.13
N LEU E 537 -14.81 -36.14 -28.16
CA LEU E 537 -14.66 -34.72 -27.89
C LEU E 537 -14.35 -34.43 -26.42
N ARG E 538 -14.73 -35.32 -25.48
CA ARG E 538 -14.43 -35.09 -24.06
C ARG E 538 -12.93 -35.12 -23.82
N THR E 539 -12.25 -36.16 -24.35
CA THR E 539 -10.80 -36.27 -24.22
C THR E 539 -10.12 -35.10 -24.95
N ALA E 540 -10.66 -34.68 -26.11
CA ALA E 540 -10.12 -33.56 -26.85
C ALA E 540 -10.26 -32.26 -26.07
N ALA E 541 -11.34 -32.08 -25.32
CA ALA E 541 -11.54 -30.88 -24.53
C ALA E 541 -10.57 -30.88 -23.33
N TYR E 542 -10.37 -32.04 -22.68
CA TYR E 542 -9.41 -32.12 -21.56
C TYR E 542 -7.97 -31.93 -22.06
N VAL E 543 -7.61 -32.56 -23.19
CA VAL E 543 -6.29 -32.43 -23.80
C VAL E 543 -6.06 -30.96 -24.22
N ASN E 544 -7.09 -30.30 -24.76
CA ASN E 544 -7.01 -28.90 -25.15
C ASN E 544 -6.73 -28.02 -23.95
N ALA E 545 -7.41 -28.31 -22.81
CA ALA E 545 -7.22 -27.55 -21.58
C ALA E 545 -5.82 -27.77 -20.99
N ILE E 546 -5.35 -29.03 -20.96
CA ILE E 546 -4.04 -29.37 -20.41
C ILE E 546 -2.92 -28.78 -21.27
N GLU E 547 -3.08 -28.77 -22.60
CA GLU E 547 -2.09 -28.16 -23.49
C GLU E 547 -1.93 -26.67 -23.21
N LYS E 548 -3.04 -25.97 -23.00
CA LYS E 548 -3.02 -24.53 -22.71
C LYS E 548 -2.41 -24.23 -21.36
N VAL E 549 -2.77 -24.99 -20.30
CA VAL E 549 -2.22 -24.76 -18.97
C VAL E 549 -0.72 -25.08 -18.97
N PHE E 550 -0.31 -26.17 -19.66
CA PHE E 550 1.10 -26.56 -19.78
C PHE E 550 1.91 -25.46 -20.43
N ARG E 551 1.43 -24.89 -21.54
CA ARG E 551 2.15 -23.86 -22.28
C ARG E 551 2.39 -22.60 -21.43
N VAL E 552 1.45 -22.25 -20.53
CA VAL E 552 1.62 -21.07 -19.67
C VAL E 552 2.79 -21.33 -18.71
N TYR E 553 2.84 -22.51 -18.05
CA TYR E 553 3.93 -22.88 -17.13
C TYR E 553 5.26 -23.00 -17.87
N ASN E 554 5.26 -23.68 -19.01
CA ASN E 554 6.46 -23.93 -19.78
C ASN E 554 7.09 -22.63 -20.31
N GLU E 555 6.29 -21.72 -20.88
CA GLU E 555 6.84 -20.46 -21.42
C GLU E 555 7.07 -19.38 -20.34
N ALA E 556 6.73 -19.65 -19.07
CA ALA E 556 6.99 -18.69 -18.00
C ALA E 556 8.30 -19.03 -17.30
N ALA F 61 28.65 -4.56 -32.49
CA ALA F 61 27.95 -3.33 -32.16
C ALA F 61 27.01 -2.90 -33.31
N ASP F 62 25.98 -2.13 -32.96
CA ASP F 62 24.95 -1.56 -33.83
C ASP F 62 25.18 -0.05 -34.05
N ARG F 63 24.40 0.58 -34.94
CA ARG F 63 24.43 2.04 -35.06
C ARG F 63 23.89 2.68 -33.75
N GLU F 64 22.98 1.98 -33.03
CA GLU F 64 22.44 2.46 -31.77
C GLU F 64 23.48 2.43 -30.62
N ASP F 65 24.64 1.79 -30.82
CA ASP F 65 25.72 1.77 -29.83
C ASP F 65 26.74 2.90 -30.07
N ASP F 66 26.76 3.47 -31.28
CA ASP F 66 27.67 4.50 -31.77
C ASP F 66 27.50 5.84 -31.05
N PRO F 67 28.59 6.39 -30.45
CA PRO F 67 28.50 7.71 -29.81
C PRO F 67 28.13 8.83 -30.79
N ASN F 68 28.47 8.70 -32.07
CA ASN F 68 28.10 9.71 -33.07
C ASN F 68 26.58 9.73 -33.33
N PHE F 69 25.90 8.59 -33.15
CA PHE F 69 24.45 8.54 -33.27
C PHE F 69 23.80 9.30 -32.10
N PHE F 70 24.41 9.27 -30.91
CA PHE F 70 23.88 10.01 -29.74
C PHE F 70 23.99 11.50 -29.96
N LYS F 71 25.13 11.96 -30.53
CA LYS F 71 25.34 13.35 -30.86
C LYS F 71 24.32 13.81 -31.91
N MET F 72 23.97 12.92 -32.87
CA MET F 72 22.99 13.15 -33.90
C MET F 72 21.64 13.43 -33.28
N VAL F 73 21.14 12.57 -32.35
CA VAL F 73 19.85 12.73 -31.68
C VAL F 73 19.82 14.06 -30.91
N GLU F 74 20.92 14.41 -30.24
CA GLU F 74 21.03 15.67 -29.49
C GLU F 74 20.93 16.86 -30.46
N GLY F 75 21.60 16.76 -31.60
CA GLY F 75 21.58 17.78 -32.63
C GLY F 75 20.20 17.94 -33.27
N PHE F 76 19.46 16.84 -33.42
CA PHE F 76 18.11 16.89 -33.97
C PHE F 76 17.19 17.61 -33.01
N PHE F 77 17.35 17.38 -31.68
CA PHE F 77 16.57 18.09 -30.69
C PHE F 77 16.91 19.57 -30.72
N ASP F 78 18.20 19.94 -30.68
CA ASP F 78 18.64 21.33 -30.71
C ASP F 78 18.11 22.08 -31.93
N ARG F 79 18.12 21.42 -33.09
CA ARG F 79 17.62 22.03 -34.33
C ARG F 79 16.12 22.28 -34.22
N GLY F 80 15.36 21.27 -33.77
CA GLY F 80 13.92 21.38 -33.61
C GLY F 80 13.48 22.37 -32.57
N ALA F 81 14.20 22.43 -31.43
CA ALA F 81 13.90 23.32 -30.31
C ALA F 81 14.10 24.79 -30.70
N SER F 82 15.09 25.10 -31.54
CA SER F 82 15.33 26.48 -31.97
C SER F 82 14.26 26.94 -32.97
N ILE F 83 13.67 26.01 -33.74
CA ILE F 83 12.64 26.32 -34.72
C ILE F 83 11.29 26.58 -34.02
N VAL F 84 10.93 25.76 -33.02
CA VAL F 84 9.65 25.93 -32.32
C VAL F 84 9.66 27.12 -31.36
N GLU F 85 10.82 27.47 -30.80
CA GLU F 85 10.98 28.53 -29.80
C GLU F 85 10.25 29.83 -30.15
N ASP F 86 10.43 30.36 -31.35
CA ASP F 86 9.79 31.61 -31.76
C ASP F 86 8.27 31.50 -31.87
N LYS F 87 7.76 30.37 -32.36
CA LYS F 87 6.31 30.18 -32.49
C LYS F 87 5.64 29.87 -31.15
N LEU F 88 6.37 29.28 -30.19
CA LEU F 88 5.81 28.92 -28.89
C LEU F 88 5.50 30.14 -28.02
N VAL F 89 6.33 31.20 -28.10
CA VAL F 89 6.12 32.41 -27.32
C VAL F 89 4.85 33.15 -27.79
N GLU F 90 4.56 33.12 -29.10
CA GLU F 90 3.37 33.75 -29.65
C GLU F 90 2.09 33.05 -29.18
N ASP F 91 2.11 31.71 -29.10
CA ASP F 91 0.95 30.94 -28.67
C ASP F 91 0.74 30.97 -27.16
N GLN F 100 9.50 37.59 -20.03
CA GLN F 100 9.12 36.50 -19.12
C GLN F 100 8.57 35.29 -19.91
N LYS F 101 7.94 35.53 -21.07
CA LYS F 101 7.35 34.49 -21.90
C LYS F 101 8.42 33.65 -22.60
N ARG F 102 9.57 34.25 -22.96
CA ARG F 102 10.66 33.50 -23.58
C ARG F 102 11.43 32.67 -22.54
N ASN F 103 11.37 33.06 -21.24
CA ASN F 103 12.02 32.32 -20.15
C ASN F 103 11.32 31.00 -19.89
N ARG F 104 9.98 30.98 -20.02
CA ARG F 104 9.19 29.78 -19.80
C ARG F 104 9.43 28.77 -20.92
N VAL F 105 9.46 29.25 -22.18
CA VAL F 105 9.67 28.41 -23.35
C VAL F 105 11.09 27.81 -23.31
N ARG F 106 12.12 28.65 -23.16
CA ARG F 106 13.51 28.16 -23.10
C ARG F 106 13.72 27.27 -21.89
N GLY F 107 13.13 27.64 -20.77
CA GLY F 107 13.21 26.86 -19.53
C GLY F 107 12.64 25.48 -19.68
N ILE F 108 11.47 25.36 -20.33
CA ILE F 108 10.82 24.06 -20.54
C ILE F 108 11.63 23.23 -21.55
N LEU F 109 12.16 23.85 -22.60
CA LEU F 109 12.98 23.14 -23.58
C LEU F 109 14.27 22.61 -22.92
N ARG F 110 14.81 23.34 -21.94
CA ARG F 110 16.01 22.92 -21.18
C ARG F 110 15.71 21.75 -20.24
N ILE F 111 14.48 21.63 -19.76
CA ILE F 111 14.04 20.53 -18.89
C ILE F 111 13.82 19.26 -19.71
N ILE F 112 13.22 19.41 -20.90
CA ILE F 112 12.89 18.31 -21.79
C ILE F 112 14.14 17.59 -22.27
N LYS F 113 15.15 18.33 -22.73
CA LYS F 113 16.35 17.77 -23.33
C LYS F 113 17.05 16.66 -22.51
N PRO F 114 17.52 16.84 -21.25
CA PRO F 114 18.23 15.74 -20.57
C PRO F 114 17.31 14.69 -19.95
N CYS F 115 17.89 13.51 -19.67
CA CYS F 115 17.17 12.42 -19.01
C CYS F 115 16.93 12.82 -17.58
N ASN F 116 15.72 12.61 -17.09
CA ASN F 116 15.38 12.93 -15.71
C ASN F 116 16.07 11.97 -14.74
N HIS F 117 16.05 10.65 -15.03
CA HIS F 117 16.60 9.65 -14.14
C HIS F 117 17.43 8.60 -14.84
N VAL F 118 18.56 8.22 -14.26
CA VAL F 118 19.39 7.13 -14.77
C VAL F 118 19.76 6.24 -13.60
N LEU F 119 19.47 4.95 -13.68
CA LEU F 119 19.82 4.02 -12.60
C LEU F 119 20.94 3.10 -13.07
N SER F 120 22.04 3.01 -12.31
CA SER F 120 23.16 2.12 -12.58
C SER F 120 23.12 1.00 -11.56
N LEU F 121 23.23 -0.24 -12.02
CA LEU F 121 23.13 -1.42 -11.18
C LEU F 121 24.33 -2.31 -11.26
N SER F 122 24.58 -3.00 -10.16
CA SER F 122 25.59 -4.03 -9.99
C SER F 122 24.87 -5.16 -9.27
N PHE F 123 24.75 -6.33 -9.90
CA PHE F 123 24.01 -7.43 -9.26
C PHE F 123 24.70 -8.76 -9.47
N PRO F 124 24.65 -9.64 -8.46
CA PRO F 124 25.32 -10.93 -8.60
C PRO F 124 24.50 -11.97 -9.35
N ILE F 125 25.21 -12.92 -9.96
CA ILE F 125 24.66 -14.04 -10.69
C ILE F 125 25.53 -15.25 -10.43
N ARG F 126 24.92 -16.41 -10.15
CA ARG F 126 25.70 -17.64 -9.99
C ARG F 126 25.68 -18.37 -11.32
N ARG F 127 26.85 -18.53 -11.95
CA ARG F 127 26.96 -19.22 -13.23
C ARG F 127 26.63 -20.71 -13.07
N ASP F 128 26.37 -21.41 -14.19
CA ASP F 128 26.07 -22.84 -14.15
C ASP F 128 27.26 -23.67 -13.63
N ASP F 129 28.50 -23.14 -13.71
CA ASP F 129 29.67 -23.86 -13.17
C ASP F 129 29.86 -23.63 -11.65
N GLY F 130 29.05 -22.77 -11.03
CA GLY F 130 29.12 -22.51 -9.61
C GLY F 130 29.74 -21.18 -9.24
N SER F 131 30.58 -20.63 -10.11
CA SER F 131 31.26 -19.37 -9.85
C SER F 131 30.31 -18.18 -9.89
N TRP F 132 30.59 -17.13 -9.11
CA TRP F 132 29.77 -15.92 -9.10
C TRP F 132 30.29 -14.89 -10.10
N GLU F 133 29.38 -14.06 -10.60
CA GLU F 133 29.73 -13.01 -11.53
C GLU F 133 28.91 -11.77 -11.23
N VAL F 134 29.57 -10.61 -11.24
CA VAL F 134 28.91 -9.35 -11.00
C VAL F 134 28.53 -8.76 -12.35
N ILE F 135 27.24 -8.54 -12.56
CA ILE F 135 26.71 -7.99 -13.81
C ILE F 135 26.42 -6.50 -13.65
N GLU F 136 26.82 -5.70 -14.63
CA GLU F 136 26.62 -4.27 -14.64
C GLU F 136 25.47 -3.96 -15.62
N GLY F 137 24.53 -3.14 -15.18
CA GLY F 137 23.37 -2.77 -15.98
C GLY F 137 22.89 -1.36 -15.71
N TYR F 138 22.09 -0.79 -16.60
CA TYR F 138 21.58 0.57 -16.43
C TYR F 138 20.23 0.74 -17.07
N ARG F 139 19.45 1.70 -16.60
CA ARG F 139 18.19 2.06 -17.24
C ARG F 139 17.96 3.55 -17.08
N ALA F 140 17.75 4.24 -18.20
CA ALA F 140 17.46 5.66 -18.18
C ALA F 140 16.02 5.92 -18.52
N GLN F 141 15.40 6.83 -17.80
CA GLN F 141 14.06 7.31 -18.06
C GLN F 141 14.22 8.75 -18.46
N HIS F 142 14.02 9.05 -19.73
CA HIS F 142 14.23 10.40 -20.24
C HIS F 142 13.14 11.34 -19.77
N SER F 143 11.89 10.90 -19.82
CA SER F 143 10.79 11.80 -19.52
C SER F 143 9.66 11.11 -18.79
N GLN F 144 9.01 11.85 -17.91
CA GLN F 144 7.83 11.39 -17.21
C GLN F 144 6.62 12.30 -17.52
N HIS F 145 6.68 13.19 -18.55
CA HIS F 145 5.53 14.02 -18.95
C HIS F 145 4.31 13.12 -19.27
N ARG F 146 4.58 11.87 -19.71
CA ARG F 146 3.66 10.78 -19.94
C ARG F 146 4.17 9.59 -19.15
N THR F 147 3.36 9.00 -18.27
CA THR F 147 3.74 7.79 -17.55
C THR F 147 2.78 6.66 -17.99
N PRO F 148 3.25 5.41 -18.09
CA PRO F 148 4.61 4.93 -17.77
C PRO F 148 5.65 5.30 -18.82
N CYS F 149 6.90 5.05 -18.47
CA CYS F 149 7.98 5.17 -19.43
C CYS F 149 7.95 3.89 -20.27
N LYS F 150 8.58 3.93 -21.45
CA LYS F 150 8.57 2.78 -22.35
C LYS F 150 9.89 2.69 -23.05
N GLY F 151 10.41 1.48 -23.20
CA GLY F 151 11.68 1.31 -23.88
C GLY F 151 12.31 -0.06 -23.74
N GLY F 152 13.04 -0.47 -24.76
CA GLY F 152 13.67 -1.78 -24.79
C GLY F 152 14.82 -2.01 -23.84
N ILE F 153 15.27 -3.25 -23.80
CA ILE F 153 16.40 -3.70 -22.99
C ILE F 153 17.41 -4.35 -23.91
N ARG F 154 18.64 -3.84 -23.92
CA ARG F 154 19.69 -4.41 -24.77
C ARG F 154 20.67 -5.20 -23.94
N TYR F 155 21.02 -6.42 -24.39
CA TYR F 155 22.05 -7.24 -23.76
C TYR F 155 23.24 -7.17 -24.68
N SER F 156 24.23 -6.33 -24.36
CA SER F 156 25.41 -6.16 -25.21
C SER F 156 26.58 -5.62 -24.43
N THR F 157 27.82 -6.08 -24.74
CA THR F 157 29.00 -5.52 -24.08
C THR F 157 29.29 -4.08 -24.59
N ASP F 158 28.64 -3.66 -25.70
CA ASP F 158 28.81 -2.33 -26.27
C ASP F 158 27.84 -1.30 -25.69
N VAL F 159 27.03 -1.66 -24.67
CA VAL F 159 26.11 -0.69 -24.06
C VAL F 159 26.90 0.27 -23.18
N SER F 160 26.33 1.46 -22.93
CA SER F 160 26.92 2.48 -22.09
C SER F 160 25.81 3.38 -21.51
N VAL F 161 26.12 4.19 -20.47
CA VAL F 161 25.13 5.09 -19.88
C VAL F 161 24.69 6.13 -20.94
N ASP F 162 25.64 6.62 -21.74
CA ASP F 162 25.33 7.58 -22.79
C ASP F 162 24.40 7.01 -23.84
N GLU F 163 24.52 5.69 -24.15
CA GLU F 163 23.66 5.03 -25.12
C GLU F 163 22.23 4.97 -24.61
N VAL F 164 22.10 4.51 -23.38
CA VAL F 164 20.85 4.32 -22.71
C VAL F 164 20.15 5.68 -22.52
N LYS F 165 20.91 6.78 -22.31
CA LYS F 165 20.33 8.12 -22.20
C LYS F 165 19.85 8.64 -23.55
N ALA F 166 20.66 8.50 -24.60
CA ALA F 166 20.29 9.00 -25.92
C ALA F 166 19.13 8.21 -26.53
N LEU F 167 19.12 6.88 -26.37
CA LEU F 167 18.04 6.06 -26.90
C LEU F 167 16.74 6.26 -26.11
N ALA F 168 16.83 6.64 -24.83
CA ALA F 168 15.64 6.97 -24.03
C ALA F 168 15.03 8.27 -24.56
N SER F 169 15.89 9.27 -24.88
CA SER F 169 15.40 10.54 -25.41
C SER F 169 14.77 10.30 -26.79
N LEU F 170 15.41 9.47 -27.65
CA LEU F 170 14.86 9.13 -28.96
C LEU F 170 13.45 8.51 -28.83
N MET F 171 13.24 7.66 -27.81
CA MET F 171 11.96 7.01 -27.56
C MET F 171 10.88 8.04 -27.11
N THR F 172 11.25 9.12 -26.40
CA THR F 172 10.29 10.16 -26.01
C THR F 172 9.73 10.85 -27.28
N TYR F 173 10.62 11.15 -28.22
CA TYR F 173 10.22 11.86 -29.43
C TYR F 173 9.52 10.90 -30.39
N LYS F 174 9.96 9.63 -30.47
CA LYS F 174 9.32 8.64 -31.34
C LYS F 174 7.89 8.40 -30.87
N CYS F 175 7.68 8.24 -29.54
CA CYS F 175 6.33 8.03 -28.99
C CYS F 175 5.44 9.24 -29.25
N ALA F 176 5.98 10.46 -29.15
CA ALA F 176 5.21 11.68 -29.38
C ALA F 176 4.74 11.78 -30.83
N VAL F 177 5.58 11.44 -31.84
CA VAL F 177 5.12 11.55 -33.24
C VAL F 177 3.98 10.55 -33.51
N VAL F 178 3.96 9.37 -32.85
CA VAL F 178 2.89 8.41 -33.12
C VAL F 178 1.79 8.44 -32.03
N ASP F 179 1.72 9.52 -31.22
CA ASP F 179 0.71 9.76 -30.20
C ASP F 179 0.57 8.59 -29.22
N VAL F 180 1.70 7.98 -28.86
CA VAL F 180 1.77 6.90 -27.89
C VAL F 180 2.09 7.58 -26.56
N PRO F 181 1.18 7.46 -25.56
CA PRO F 181 1.32 8.23 -24.31
C PRO F 181 2.36 7.70 -23.32
N PHE F 182 3.61 7.58 -23.76
CA PHE F 182 4.68 7.13 -22.89
C PHE F 182 5.89 8.04 -22.99
N GLY F 183 6.53 8.24 -21.85
CA GLY F 183 7.83 8.90 -21.83
C GLY F 183 8.87 7.88 -22.29
N GLY F 184 10.01 8.36 -22.77
CA GLY F 184 11.05 7.47 -23.27
C GLY F 184 11.89 6.83 -22.18
N ALA F 185 12.32 5.60 -22.42
CA ALA F 185 13.20 4.87 -21.51
C ALA F 185 14.06 3.84 -22.28
N LYS F 186 15.20 3.43 -21.70
CA LYS F 186 16.06 2.45 -22.36
C LYS F 186 16.95 1.77 -21.33
N ALA F 187 17.10 0.44 -21.42
CA ALA F 187 17.97 -0.30 -20.51
C ALA F 187 19.07 -1.04 -21.26
N GLY F 188 20.18 -1.30 -20.56
CA GLY F 188 21.29 -2.02 -21.12
C GLY F 188 21.97 -2.85 -20.06
N VAL F 189 22.28 -4.11 -20.38
CA VAL F 189 22.99 -5.00 -19.47
C VAL F 189 24.27 -5.34 -20.16
N LYS F 190 25.41 -4.98 -19.56
CA LYS F 190 26.71 -5.14 -20.20
C LYS F 190 27.23 -6.59 -20.21
N ILE F 191 26.61 -7.44 -21.04
CA ILE F 191 27.00 -8.85 -21.22
C ILE F 191 26.83 -9.24 -22.69
N ASN F 192 27.62 -10.21 -23.16
CA ASN F 192 27.48 -10.74 -24.51
C ASN F 192 26.64 -11.99 -24.38
N PRO F 193 25.39 -11.98 -24.84
CA PRO F 193 24.51 -13.15 -24.65
C PRO F 193 25.05 -14.47 -25.21
N LYS F 194 25.95 -14.43 -26.20
CA LYS F 194 26.54 -15.65 -26.75
C LYS F 194 27.38 -16.40 -25.70
N ASN F 195 27.90 -15.70 -24.68
CA ASN F 195 28.72 -16.32 -23.64
C ASN F 195 27.90 -16.93 -22.50
N TYR F 196 26.57 -16.95 -22.59
CA TYR F 196 25.75 -17.48 -21.50
C TYR F 196 24.77 -18.52 -21.97
N THR F 197 24.46 -19.45 -21.07
CA THR F 197 23.44 -20.47 -21.34
C THR F 197 22.05 -19.85 -21.16
N ASP F 198 20.98 -20.54 -21.59
CA ASP F 198 19.62 -20.01 -21.40
C ASP F 198 19.28 -19.89 -19.90
N ASN F 199 19.82 -20.78 -19.07
CA ASN F 199 19.61 -20.77 -17.63
C ASN F 199 20.26 -19.53 -17.01
N GLU F 200 21.48 -19.18 -17.47
CA GLU F 200 22.20 -18.01 -16.99
C GLU F 200 21.52 -16.73 -17.49
N LEU F 201 21.00 -16.73 -18.73
CA LEU F 201 20.28 -15.57 -19.26
C LEU F 201 18.97 -15.34 -18.49
N GLU F 202 18.33 -16.42 -18.00
CA GLU F 202 17.12 -16.31 -17.20
C GLU F 202 17.45 -15.71 -15.84
N LYS F 203 18.56 -16.17 -15.22
CA LYS F 203 19.02 -15.64 -13.93
C LYS F 203 19.31 -14.15 -14.02
N ILE F 204 20.01 -13.72 -15.09
CA ILE F 204 20.34 -12.32 -15.32
C ILE F 204 19.06 -11.49 -15.48
N THR F 205 18.13 -11.98 -16.30
CA THR F 205 16.87 -11.31 -16.57
C THR F 205 16.00 -11.13 -15.32
N ARG F 206 15.86 -12.21 -14.52
CA ARG F 206 15.03 -12.17 -13.33
C ARG F 206 15.64 -11.28 -12.24
N ARG F 207 16.98 -11.32 -12.06
CA ARG F 207 17.61 -10.47 -11.05
C ARG F 207 17.59 -9.00 -11.46
N PHE F 208 17.82 -8.72 -12.76
CA PHE F 208 17.75 -7.36 -13.28
C PHE F 208 16.35 -6.79 -13.09
N THR F 209 15.31 -7.61 -13.33
CA THR F 209 13.92 -7.21 -13.12
C THR F 209 13.67 -6.81 -11.66
N MET F 210 14.22 -7.60 -10.71
CA MET F 210 14.08 -7.35 -9.28
C MET F 210 14.71 -6.03 -8.86
N GLU F 211 15.91 -5.74 -9.37
CA GLU F 211 16.62 -4.52 -9.02
C GLU F 211 15.96 -3.28 -9.62
N LEU F 212 15.38 -3.42 -10.83
CA LEU F 212 14.67 -2.30 -11.45
C LEU F 212 13.38 -2.00 -10.69
N ALA F 213 12.64 -3.06 -10.30
CA ALA F 213 11.35 -2.93 -9.63
C ALA F 213 11.46 -2.27 -8.28
N LYS F 214 12.51 -2.57 -7.53
CA LYS F 214 12.72 -1.99 -6.20
C LYS F 214 13.03 -0.48 -6.27
N LYS F 215 13.45 0.03 -7.43
CA LYS F 215 13.80 1.44 -7.58
C LYS F 215 12.87 2.22 -8.53
N GLY F 216 11.72 1.66 -8.88
CA GLY F 216 10.77 2.34 -9.76
C GLY F 216 11.16 2.38 -11.22
N PHE F 217 11.93 1.40 -11.69
CA PHE F 217 12.36 1.34 -13.07
C PHE F 217 11.70 0.20 -13.86
N ILE F 218 10.59 -0.36 -13.33
CA ILE F 218 9.71 -1.33 -13.98
C ILE F 218 8.42 -1.39 -13.16
N GLY F 219 7.30 -1.35 -13.87
CA GLY F 219 5.97 -1.38 -13.30
C GLY F 219 4.96 -1.00 -14.34
N PRO F 220 3.75 -1.55 -14.24
CA PRO F 220 2.71 -1.25 -15.25
C PRO F 220 2.45 0.24 -15.47
N GLY F 221 2.46 1.03 -14.41
CA GLY F 221 2.23 2.46 -14.51
C GLY F 221 3.46 3.32 -14.30
N VAL F 222 4.64 2.70 -14.23
CA VAL F 222 5.88 3.38 -13.97
C VAL F 222 6.84 3.30 -15.17
N ASP F 223 7.18 2.09 -15.63
CA ASP F 223 8.12 1.88 -16.70
C ASP F 223 7.86 0.51 -17.29
N VAL F 224 7.55 0.45 -18.58
CA VAL F 224 7.21 -0.79 -19.24
C VAL F 224 8.28 -1.14 -20.28
N PRO F 225 9.21 -2.04 -19.93
CA PRO F 225 10.26 -2.40 -20.87
C PRO F 225 9.77 -3.23 -22.06
N ALA F 226 10.68 -3.53 -22.99
CA ALA F 226 10.38 -4.27 -24.20
C ALA F 226 11.64 -4.98 -24.70
N PRO F 227 11.51 -5.91 -25.67
CA PRO F 227 12.71 -6.55 -26.21
C PRO F 227 13.44 -5.65 -27.21
N ASP F 228 14.58 -6.12 -27.66
CA ASP F 228 15.48 -5.46 -28.60
C ASP F 228 15.91 -6.49 -29.66
N MET F 229 16.89 -6.14 -30.53
CA MET F 229 17.44 -7.13 -31.46
C MET F 229 18.26 -8.18 -30.68
N SER F 230 18.85 -7.79 -29.52
CA SER F 230 19.64 -8.65 -28.65
C SER F 230 18.81 -9.45 -27.64
N THR F 231 17.54 -9.07 -27.42
CA THR F 231 16.65 -9.78 -26.49
C THR F 231 15.35 -10.24 -27.23
N GLY F 232 14.63 -11.19 -26.65
CA GLY F 232 13.41 -11.73 -27.26
C GLY F 232 12.24 -11.92 -26.33
N GLU F 233 11.17 -12.59 -26.82
CA GLU F 233 9.92 -12.83 -26.08
C GLU F 233 10.08 -13.73 -24.85
N ARG F 234 11.06 -14.66 -24.85
CA ARG F 234 11.28 -15.51 -23.69
C ARG F 234 11.79 -14.68 -22.51
N GLU F 235 12.68 -13.71 -22.78
CA GLU F 235 13.20 -12.84 -21.74
C GLU F 235 12.11 -11.93 -21.19
N MET F 236 11.22 -11.45 -22.06
CA MET F 236 10.10 -10.60 -21.64
C MET F 236 9.15 -11.38 -20.73
N SER F 237 8.93 -12.66 -21.03
CA SER F 237 8.11 -13.56 -20.25
C SER F 237 8.68 -13.74 -18.83
N TRP F 238 10.00 -13.83 -18.72
CA TRP F 238 10.69 -13.98 -17.45
C TRP F 238 10.57 -12.69 -16.63
N ILE F 239 10.64 -11.52 -17.29
CA ILE F 239 10.47 -10.23 -16.63
C ILE F 239 9.06 -10.14 -16.01
N ALA F 240 8.02 -10.43 -16.81
CA ALA F 240 6.64 -10.38 -16.35
C ALA F 240 6.40 -11.39 -15.24
N ASP F 241 6.97 -12.59 -15.37
CA ASP F 241 6.79 -13.63 -14.37
C ASP F 241 7.46 -13.27 -13.05
N THR F 242 8.63 -12.65 -13.11
CA THR F 242 9.36 -12.26 -11.90
C THR F 242 8.64 -11.13 -11.22
N TYR F 243 8.19 -10.14 -11.98
CA TYR F 243 7.50 -8.98 -11.42
C TYR F 243 6.18 -9.41 -10.78
N ALA F 244 5.36 -10.21 -11.48
CA ALA F 244 4.07 -10.65 -10.96
C ALA F 244 4.18 -11.60 -9.77
N SER F 245 5.31 -12.29 -9.61
CA SER F 245 5.51 -13.23 -8.51
C SER F 245 6.02 -12.57 -7.25
N THR F 246 6.78 -11.47 -7.37
CA THR F 246 7.40 -10.86 -6.22
C THR F 246 6.79 -9.42 -5.95
N ILE F 247 7.44 -8.31 -6.40
CA ILE F 247 7.07 -6.91 -6.18
C ILE F 247 5.64 -6.57 -6.60
N GLY F 248 5.22 -7.00 -7.78
CA GLY F 248 3.88 -6.70 -8.27
C GLY F 248 2.86 -7.78 -8.05
N HIS F 249 3.00 -8.58 -6.97
CA HIS F 249 2.06 -9.66 -6.70
C HIS F 249 0.62 -9.12 -6.45
N TYR F 250 0.51 -7.98 -5.76
CA TYR F 250 -0.81 -7.41 -5.45
C TYR F 250 -1.38 -6.52 -6.57
N ASP F 251 -0.70 -6.43 -7.73
CA ASP F 251 -1.14 -5.59 -8.85
C ASP F 251 -1.95 -6.40 -9.85
N ILE F 252 -3.21 -6.01 -10.08
CA ILE F 252 -4.08 -6.65 -11.06
C ILE F 252 -3.49 -6.51 -12.50
N ASN F 253 -2.68 -5.47 -12.74
CA ASN F 253 -2.05 -5.20 -14.03
C ASN F 253 -0.56 -5.60 -14.06
N ALA F 254 -0.12 -6.51 -13.20
CA ALA F 254 1.29 -6.93 -13.12
C ALA F 254 1.85 -7.41 -14.45
N HIS F 255 1.04 -8.12 -15.25
CA HIS F 255 1.53 -8.60 -16.54
C HIS F 255 1.67 -7.49 -17.59
N ALA F 256 1.23 -6.25 -17.27
CA ALA F 256 1.40 -5.11 -18.16
C ALA F 256 2.72 -4.35 -17.89
N CYS F 257 3.59 -4.88 -17.02
CA CYS F 257 4.87 -4.26 -16.70
C CYS F 257 5.86 -4.34 -17.86
N VAL F 258 5.62 -5.20 -18.87
CA VAL F 258 6.55 -5.40 -19.98
C VAL F 258 5.79 -5.81 -21.24
N THR F 259 6.30 -5.41 -22.44
CA THR F 259 5.69 -5.81 -23.70
C THR F 259 6.67 -6.74 -24.48
N GLY F 260 6.25 -7.23 -25.65
CA GLY F 260 7.01 -8.21 -26.41
C GLY F 260 6.89 -9.61 -25.84
N LYS F 261 5.86 -9.86 -25.03
CA LYS F 261 5.64 -11.15 -24.38
C LYS F 261 5.07 -12.19 -25.33
N PRO F 262 5.27 -13.49 -25.07
CA PRO F 262 4.61 -14.52 -25.91
C PRO F 262 3.08 -14.46 -25.76
N ILE F 263 2.31 -14.96 -26.74
CA ILE F 263 0.84 -14.94 -26.68
C ILE F 263 0.33 -15.65 -25.40
N SER F 264 0.97 -16.77 -25.02
CA SER F 264 0.56 -17.50 -23.82
C SER F 264 0.76 -16.71 -22.52
N GLN F 265 1.51 -15.60 -22.55
CA GLN F 265 1.80 -14.80 -21.36
C GLN F 265 1.18 -13.40 -21.40
N GLY F 266 0.24 -13.15 -22.32
CA GLY F 266 -0.38 -11.83 -22.43
C GLY F 266 0.11 -10.98 -23.58
N GLY F 267 0.81 -11.62 -24.53
CA GLY F 267 1.30 -10.94 -25.71
C GLY F 267 0.18 -10.59 -26.66
N ILE F 268 0.47 -9.72 -27.64
CA ILE F 268 -0.55 -9.31 -28.59
C ILE F 268 -0.30 -9.90 -29.98
N HIS F 269 -1.40 -10.21 -30.68
CA HIS F 269 -1.33 -10.73 -32.04
C HIS F 269 -1.02 -9.56 -32.96
N GLY F 270 -0.05 -9.73 -33.84
CA GLY F 270 0.35 -8.67 -34.75
C GLY F 270 1.56 -7.90 -34.27
N ARG F 271 2.33 -8.49 -33.38
CA ARG F 271 3.54 -7.90 -32.86
C ARG F 271 4.76 -8.23 -33.74
N ILE F 272 4.82 -9.45 -34.32
CA ILE F 272 5.97 -9.90 -35.11
C ILE F 272 6.28 -8.99 -36.31
N SER F 273 5.26 -8.65 -37.09
CA SER F 273 5.46 -7.83 -38.27
C SER F 273 5.17 -6.35 -38.03
N ALA F 274 4.90 -5.93 -36.78
CA ALA F 274 4.53 -4.56 -36.47
C ALA F 274 5.48 -3.51 -37.08
N THR F 275 6.78 -3.76 -37.01
CA THR F 275 7.79 -2.83 -37.50
C THR F 275 7.77 -2.79 -39.03
N GLY F 276 7.69 -3.97 -39.65
CA GLY F 276 7.62 -4.11 -41.10
C GLY F 276 6.38 -3.48 -41.70
N ARG F 277 5.23 -3.71 -41.08
CA ARG F 277 3.97 -3.12 -41.56
C ARG F 277 3.98 -1.60 -41.38
N GLY F 278 4.64 -1.10 -40.32
CA GLY F 278 4.78 0.33 -40.08
C GLY F 278 5.61 0.99 -41.16
N VAL F 279 6.66 0.29 -41.63
CA VAL F 279 7.50 0.81 -42.70
C VAL F 279 6.68 0.89 -43.99
N PHE F 280 5.88 -0.15 -44.28
CA PHE F 280 5.04 -0.15 -45.47
C PHE F 280 4.00 0.97 -45.39
N HIS F 281 3.31 1.11 -44.25
CA HIS F 281 2.28 2.13 -44.11
C HIS F 281 2.86 3.53 -44.16
N GLY F 282 4.03 3.73 -43.56
CA GLY F 282 4.69 5.02 -43.58
C GLY F 282 5.05 5.46 -44.97
N ILE F 283 5.62 4.53 -45.78
CA ILE F 283 5.99 4.78 -47.18
C ILE F 283 4.73 5.04 -47.99
N GLU F 284 3.70 4.21 -47.79
CA GLU F 284 2.43 4.30 -48.50
C GLU F 284 1.75 5.64 -48.31
N ASN F 285 1.82 6.20 -47.11
CA ASN F 285 1.18 7.48 -46.80
C ASN F 285 1.82 8.65 -47.56
N PHE F 286 3.13 8.58 -47.87
CA PHE F 286 3.78 9.65 -48.63
C PHE F 286 3.73 9.36 -50.13
N ILE F 287 3.89 8.08 -50.52
CA ILE F 287 3.85 7.64 -51.91
C ILE F 287 2.49 7.90 -52.55
N ASN F 288 1.41 7.99 -51.74
CA ASN F 288 0.07 8.24 -52.28
C ASN F 288 -0.39 9.70 -52.08
N GLU F 289 0.53 10.59 -51.74
CA GLU F 289 0.30 12.03 -51.63
C GLU F 289 0.88 12.67 -52.89
N ALA F 290 0.02 13.09 -53.82
CA ALA F 290 0.43 13.64 -55.11
C ALA F 290 1.26 14.93 -54.99
N SER F 291 1.08 15.70 -53.91
CA SER F 291 1.83 16.94 -53.73
C SER F 291 3.32 16.64 -53.55
N TYR F 292 3.64 15.67 -52.69
CA TYR F 292 5.01 15.28 -52.42
C TYR F 292 5.62 14.52 -53.60
N MET F 293 4.79 13.72 -54.29
CA MET F 293 5.27 12.93 -55.42
C MET F 293 5.53 13.80 -56.64
N SER F 294 4.76 14.89 -56.85
CA SER F 294 5.01 15.76 -58.01
C SER F 294 6.38 16.47 -57.86
N ILE F 295 6.77 16.79 -56.61
CA ILE F 295 8.06 17.41 -56.33
C ILE F 295 9.22 16.45 -56.66
N LEU F 296 9.01 15.14 -56.50
CA LEU F 296 10.02 14.13 -56.82
C LEU F 296 9.94 13.64 -58.29
N GLY F 297 9.02 14.20 -59.08
CA GLY F 297 8.81 13.84 -60.48
C GLY F 297 8.18 12.48 -60.68
N MET F 298 7.42 12.00 -59.68
CA MET F 298 6.82 10.68 -59.75
C MET F 298 5.29 10.71 -59.64
N THR F 299 4.65 9.63 -60.09
CA THR F 299 3.20 9.46 -59.99
C THR F 299 2.88 8.82 -58.64
N PRO F 300 1.68 9.07 -58.07
CA PRO F 300 1.36 8.45 -56.77
C PRO F 300 1.10 6.95 -56.92
N GLY F 301 1.27 6.22 -55.82
CA GLY F 301 1.03 4.78 -55.80
C GLY F 301 2.27 3.92 -55.94
N PHE F 302 2.13 2.64 -55.61
CA PHE F 302 3.23 1.66 -55.69
C PHE F 302 3.36 1.00 -57.08
N GLY F 303 2.38 1.19 -57.96
CA GLY F 303 2.45 0.64 -59.30
C GLY F 303 3.54 1.31 -60.10
N ASP F 304 4.31 0.51 -60.84
CA ASP F 304 5.43 0.96 -61.66
C ASP F 304 6.56 1.60 -60.84
N LYS F 305 6.67 1.22 -59.57
CA LYS F 305 7.74 1.69 -58.69
C LYS F 305 8.77 0.61 -58.47
N THR F 306 10.04 0.98 -58.33
CA THR F 306 11.09 0.02 -58.04
C THR F 306 11.69 0.32 -56.67
N PHE F 307 12.13 -0.72 -55.96
CA PHE F 307 12.71 -0.50 -54.65
C PHE F 307 13.87 -1.45 -54.36
N ALA F 308 14.74 -1.02 -53.46
CA ALA F 308 15.89 -1.80 -53.03
C ALA F 308 15.94 -1.81 -51.51
N VAL F 309 16.25 -2.96 -50.90
CA VAL F 309 16.27 -3.07 -49.45
C VAL F 309 17.67 -3.43 -48.95
N GLN F 310 18.26 -2.61 -48.08
CA GLN F 310 19.58 -2.90 -47.53
C GLN F 310 19.45 -3.45 -46.12
N GLY F 311 19.68 -4.73 -45.95
CA GLY F 311 19.52 -5.39 -44.66
C GLY F 311 18.35 -6.34 -44.74
N PHE F 312 18.63 -7.66 -44.81
CA PHE F 312 17.57 -8.64 -45.00
C PHE F 312 17.24 -9.41 -43.71
N GLY F 313 16.99 -8.66 -42.64
CA GLY F 313 16.56 -9.25 -41.39
C GLY F 313 15.05 -9.42 -41.42
N ASN F 314 14.37 -9.14 -40.28
CA ASN F 314 12.92 -9.29 -40.23
C ASN F 314 12.22 -8.07 -40.78
N VAL F 315 12.79 -6.87 -40.58
CA VAL F 315 12.19 -5.63 -41.08
C VAL F 315 12.32 -5.56 -42.60
N GLY F 316 13.49 -5.90 -43.11
CA GLY F 316 13.75 -5.87 -44.53
C GLY F 316 12.92 -6.88 -45.29
N LEU F 317 12.77 -8.10 -44.74
CA LEU F 317 11.98 -9.16 -45.36
C LEU F 317 10.51 -8.75 -45.40
N HIS F 318 9.98 -8.25 -44.27
CA HIS F 318 8.58 -7.85 -44.21
C HIS F 318 8.30 -6.69 -45.15
N SER F 319 9.14 -5.65 -45.15
CA SER F 319 8.95 -4.51 -46.05
C SER F 319 9.01 -4.94 -47.51
N MET F 320 9.90 -5.90 -47.85
CA MET F 320 10.02 -6.41 -49.22
C MET F 320 8.72 -7.08 -49.65
N ARG F 321 8.17 -7.94 -48.78
CA ARG F 321 6.96 -8.70 -49.02
C ARG F 321 5.72 -7.81 -49.14
N TYR F 322 5.66 -6.70 -48.38
CA TYR F 322 4.50 -5.82 -48.40
C TYR F 322 4.49 -4.88 -49.61
N LEU F 323 5.66 -4.35 -50.02
CA LEU F 323 5.70 -3.48 -51.20
C LEU F 323 5.42 -4.29 -52.46
N HIS F 324 5.98 -5.52 -52.55
CA HIS F 324 5.79 -6.40 -53.69
C HIS F 324 4.31 -6.72 -53.88
N ARG F 325 3.60 -6.96 -52.77
CA ARG F 325 2.17 -7.26 -52.74
C ARG F 325 1.32 -6.12 -53.36
N PHE F 326 1.84 -4.89 -53.34
CA PHE F 326 1.12 -3.72 -53.85
C PHE F 326 1.63 -3.23 -55.20
N GLY F 327 2.40 -4.04 -55.93
CA GLY F 327 2.85 -3.68 -57.26
C GLY F 327 4.28 -3.18 -57.40
N ALA F 328 4.96 -2.87 -56.29
CA ALA F 328 6.34 -2.40 -56.37
C ALA F 328 7.27 -3.55 -56.69
N LYS F 329 8.25 -3.30 -57.57
CA LYS F 329 9.19 -4.31 -58.00
C LYS F 329 10.52 -4.20 -57.25
N CYS F 330 10.95 -5.28 -56.57
CA CYS F 330 12.22 -5.26 -55.86
C CYS F 330 13.35 -5.52 -56.85
N VAL F 331 14.20 -4.52 -57.07
CA VAL F 331 15.29 -4.64 -58.03
C VAL F 331 16.60 -5.11 -57.36
N ALA F 332 16.77 -4.89 -56.03
CA ALA F 332 18.00 -5.30 -55.36
C ALA F 332 17.80 -5.54 -53.87
N VAL F 333 18.52 -6.54 -53.32
CA VAL F 333 18.49 -6.83 -51.90
C VAL F 333 19.93 -6.92 -51.39
N GLY F 334 20.24 -6.13 -50.39
CA GLY F 334 21.56 -6.09 -49.78
C GLY F 334 21.57 -6.83 -48.46
N GLU F 335 22.70 -7.45 -48.15
CA GLU F 335 22.89 -8.20 -46.93
C GLU F 335 24.26 -7.89 -46.31
N SER F 336 24.51 -8.34 -45.05
CA SER F 336 25.82 -8.12 -44.41
C SER F 336 26.95 -8.77 -45.24
N ASP F 337 26.66 -9.88 -45.91
CA ASP F 337 27.60 -10.58 -46.79
C ASP F 337 27.13 -10.47 -48.23
N GLY F 338 27.56 -9.42 -48.94
CA GLY F 338 27.20 -9.23 -50.33
C GLY F 338 25.77 -8.82 -50.62
N SER F 339 25.46 -8.61 -51.91
CA SER F 339 24.14 -8.20 -52.34
C SER F 339 23.73 -8.87 -53.67
N ILE F 340 22.42 -8.93 -53.93
CA ILE F 340 21.92 -9.50 -55.19
C ILE F 340 21.14 -8.42 -55.97
N TRP F 341 21.05 -8.58 -57.31
CA TRP F 341 20.38 -7.59 -58.14
C TRP F 341 19.74 -8.20 -59.38
N ASN F 342 18.53 -7.73 -59.72
CA ASN F 342 17.80 -8.13 -60.90
C ASN F 342 16.85 -7.01 -61.30
N PRO F 343 17.10 -6.34 -62.43
CA PRO F 343 16.23 -5.23 -62.84
C PRO F 343 14.82 -5.68 -63.22
N ASP F 344 14.63 -6.97 -63.56
CA ASP F 344 13.31 -7.49 -63.88
C ASP F 344 12.49 -7.84 -62.61
N GLY F 345 13.13 -7.91 -61.45
CA GLY F 345 12.44 -8.19 -60.20
C GLY F 345 12.93 -9.39 -59.44
N ILE F 346 12.78 -9.34 -58.10
CA ILE F 346 13.15 -10.43 -57.19
C ILE F 346 11.94 -10.79 -56.36
N ASP F 347 11.52 -12.05 -56.38
CA ASP F 347 10.35 -12.49 -55.61
C ASP F 347 10.70 -12.66 -54.13
N PRO F 348 9.92 -12.04 -53.23
CA PRO F 348 10.23 -12.13 -51.80
C PRO F 348 10.04 -13.53 -51.23
N LYS F 349 9.04 -14.27 -51.71
CA LYS F 349 8.79 -15.63 -51.20
C LYS F 349 9.91 -16.56 -51.66
N GLU F 350 10.37 -16.42 -52.91
CA GLU F 350 11.45 -17.24 -53.44
C GLU F 350 12.78 -16.93 -52.76
N LEU F 351 13.02 -15.66 -52.43
CA LEU F 351 14.25 -15.22 -51.77
C LEU F 351 14.27 -15.64 -50.29
N GLU F 352 13.10 -15.57 -49.62
CA GLU F 352 13.00 -15.96 -48.22
C GLU F 352 13.23 -17.46 -48.07
N ASP F 353 12.66 -18.26 -48.99
CA ASP F 353 12.82 -19.71 -48.97
C ASP F 353 14.26 -20.12 -49.26
N PHE F 354 14.97 -19.36 -50.12
CA PHE F 354 16.36 -19.63 -50.45
C PHE F 354 17.24 -19.36 -49.23
N LYS F 355 17.01 -18.24 -48.53
CA LYS F 355 17.79 -17.87 -47.34
C LYS F 355 17.54 -18.84 -46.18
N LEU F 356 16.32 -19.39 -46.07
CA LEU F 356 16.00 -20.32 -45.00
C LEU F 356 16.69 -21.68 -45.18
N GLN F 357 17.08 -22.05 -46.41
CA GLN F 357 17.75 -23.33 -46.64
C GLN F 357 19.26 -23.18 -46.90
N HIS F 358 19.78 -21.96 -47.08
CA HIS F 358 21.21 -21.77 -47.33
C HIS F 358 21.90 -20.78 -46.36
N GLY F 359 21.14 -20.11 -45.51
CA GLY F 359 21.67 -19.15 -44.56
C GLY F 359 22.00 -17.78 -45.13
N THR F 360 22.05 -17.66 -46.46
CA THR F 360 22.38 -16.40 -47.12
C THR F 360 21.60 -16.23 -48.44
N ILE F 361 21.54 -15.00 -48.94
CA ILE F 361 20.89 -14.74 -50.23
C ILE F 361 21.87 -14.92 -51.41
N LEU F 362 23.18 -15.10 -51.15
CA LEU F 362 24.20 -15.26 -52.17
C LEU F 362 24.01 -16.56 -52.93
N GLY F 363 24.02 -16.45 -54.25
CA GLY F 363 23.83 -17.60 -55.13
C GLY F 363 22.39 -17.80 -55.58
N PHE F 364 21.51 -16.81 -55.33
CA PHE F 364 20.09 -16.87 -55.72
C PHE F 364 20.00 -16.98 -57.24
N PRO F 365 19.32 -18.02 -57.74
CA PRO F 365 19.29 -18.26 -59.20
C PRO F 365 18.69 -17.13 -60.03
N LYS F 366 17.65 -16.46 -59.54
CA LYS F 366 17.00 -15.41 -60.30
C LYS F 366 17.52 -14.01 -59.94
N ALA F 367 18.87 -13.87 -59.78
CA ALA F 367 19.53 -12.60 -59.44
C ALA F 367 21.05 -12.69 -59.66
N LYS F 368 21.72 -11.53 -59.84
CA LYS F 368 23.16 -11.44 -60.05
C LYS F 368 23.88 -10.94 -58.78
N ILE F 369 25.04 -11.51 -58.45
CA ILE F 369 25.81 -11.13 -57.26
C ILE F 369 26.59 -9.82 -57.47
N TYR F 370 26.59 -8.95 -56.42
CA TYR F 370 27.33 -7.70 -56.39
C TYR F 370 28.08 -7.58 -55.06
N GLU F 371 29.37 -7.22 -55.09
CA GLU F 371 30.18 -7.09 -53.88
C GLU F 371 30.10 -5.67 -53.35
N GLY F 372 29.17 -5.46 -52.44
CA GLY F 372 28.94 -4.15 -51.87
C GLY F 372 27.46 -3.88 -51.63
N SER F 373 27.15 -2.73 -51.07
CA SER F 373 25.77 -2.38 -50.74
C SER F 373 24.95 -2.00 -51.99
N ILE F 374 23.61 -2.03 -51.87
CA ILE F 374 22.73 -1.66 -52.98
C ILE F 374 22.27 -0.19 -52.90
N LEU F 375 22.90 0.65 -52.06
CA LEU F 375 22.53 2.04 -51.84
C LEU F 375 22.61 2.90 -53.11
N GLU F 376 23.46 2.54 -54.07
CA GLU F 376 23.59 3.31 -55.30
C GLU F 376 22.88 2.66 -56.51
N VAL F 377 22.08 1.62 -56.29
CA VAL F 377 21.36 0.92 -57.34
C VAL F 377 20.22 1.81 -57.88
N ASP F 378 20.00 1.77 -59.20
CA ASP F 378 18.94 2.55 -59.81
C ASP F 378 17.58 2.01 -59.38
N CYS F 379 16.89 2.77 -58.54
CA CYS F 379 15.56 2.43 -58.04
C CYS F 379 14.79 3.73 -57.68
N ASP F 380 13.51 3.61 -57.30
CA ASP F 380 12.73 4.77 -56.88
C ASP F 380 12.78 4.91 -55.37
N ILE F 381 12.64 3.80 -54.65
CA ILE F 381 12.64 3.78 -53.19
C ILE F 381 13.82 3.00 -52.64
N LEU F 382 14.62 3.60 -51.77
CA LEU F 382 15.73 2.91 -51.12
C LEU F 382 15.35 2.70 -49.67
N ILE F 383 15.41 1.46 -49.18
CA ILE F 383 15.01 1.16 -47.82
C ILE F 383 16.16 0.62 -46.98
N PRO F 384 16.88 1.50 -46.26
CA PRO F 384 17.89 1.03 -45.31
C PRO F 384 17.17 0.36 -44.15
N ALA F 385 17.21 -0.98 -44.10
CA ALA F 385 16.52 -1.77 -43.08
C ALA F 385 17.47 -2.43 -42.08
N ALA F 386 18.70 -1.94 -41.97
CA ALA F 386 19.66 -2.49 -41.02
C ALA F 386 20.23 -1.38 -40.16
N SER F 387 20.39 -1.63 -38.85
CA SER F 387 20.86 -0.61 -37.92
C SER F 387 22.37 -0.39 -38.04
N GLU F 388 22.78 0.37 -39.05
CA GLU F 388 24.18 0.73 -39.30
C GLU F 388 24.26 2.02 -40.10
N LYS F 389 25.39 2.72 -40.03
CA LYS F 389 25.58 3.95 -40.80
C LYS F 389 25.78 3.57 -42.25
N GLN F 390 24.84 3.93 -43.12
CA GLN F 390 24.90 3.54 -44.53
C GLN F 390 25.05 4.75 -45.44
N LEU F 391 24.21 5.77 -45.26
CA LEU F 391 24.24 6.95 -46.10
C LEU F 391 25.04 8.07 -45.44
N THR F 392 26.20 8.35 -46.04
CA THR F 392 27.17 9.35 -45.60
C THR F 392 27.37 10.42 -46.70
N LYS F 393 28.16 11.47 -46.43
CA LYS F 393 28.45 12.53 -47.40
C LYS F 393 29.19 12.02 -48.64
N SER F 394 29.87 10.87 -48.56
CA SER F 394 30.61 10.34 -49.71
C SER F 394 29.71 9.62 -50.71
N ASN F 395 28.70 8.85 -50.25
CA ASN F 395 27.84 8.11 -51.18
C ASN F 395 26.48 8.77 -51.40
N ALA F 396 26.10 9.80 -50.62
CA ALA F 396 24.82 10.49 -50.80
C ALA F 396 24.66 11.09 -52.21
N PRO F 397 25.70 11.70 -52.86
CA PRO F 397 25.50 12.20 -54.24
C PRO F 397 25.37 11.09 -55.30
N ARG F 398 25.72 9.84 -54.96
CA ARG F 398 25.59 8.72 -55.89
C ARG F 398 24.26 7.95 -55.73
N VAL F 399 23.39 8.35 -54.80
CA VAL F 399 22.12 7.69 -54.59
C VAL F 399 21.19 8.00 -55.77
N LYS F 400 20.60 6.98 -56.38
CA LYS F 400 19.72 7.18 -57.52
C LYS F 400 18.22 7.14 -57.15
N ALA F 401 17.89 6.80 -55.89
CA ALA F 401 16.50 6.75 -55.45
C ALA F 401 15.96 8.14 -55.14
N LYS F 402 14.65 8.33 -55.32
CA LYS F 402 14.01 9.61 -55.01
C LYS F 402 13.43 9.61 -53.58
N ILE F 403 13.17 8.42 -53.00
CA ILE F 403 12.64 8.28 -51.65
C ILE F 403 13.58 7.40 -50.85
N ILE F 404 13.97 7.84 -49.65
CA ILE F 404 14.78 7.03 -48.76
C ILE F 404 13.96 6.77 -47.52
N ALA F 405 13.53 5.52 -47.37
CA ALA F 405 12.67 5.07 -46.28
C ALA F 405 13.47 4.43 -45.16
N GLU F 406 13.71 5.15 -44.06
CA GLU F 406 14.50 4.64 -42.95
C GLU F 406 13.79 3.58 -42.10
N GLY F 407 14.00 2.31 -42.43
CA GLY F 407 13.46 1.19 -41.67
C GLY F 407 14.24 0.84 -40.41
N ALA F 408 15.35 1.52 -40.16
CA ALA F 408 16.15 1.31 -38.95
C ALA F 408 16.53 2.67 -38.34
N ASN F 409 17.05 2.71 -37.10
CA ASN F 409 17.46 3.95 -36.46
C ASN F 409 18.86 4.41 -36.94
N GLY F 410 18.95 5.66 -37.33
CA GLY F 410 20.17 6.33 -37.77
C GLY F 410 20.94 5.82 -38.97
N PRO F 411 20.30 5.46 -40.10
CA PRO F 411 21.08 5.02 -41.27
C PRO F 411 21.63 6.17 -42.12
N THR F 412 21.20 7.42 -41.87
CA THR F 412 21.64 8.57 -42.65
C THR F 412 22.29 9.61 -41.75
N THR F 413 23.50 10.06 -42.09
CA THR F 413 24.20 11.10 -41.32
C THR F 413 23.63 12.48 -41.62
N PRO F 414 23.81 13.48 -40.71
CA PRO F 414 23.29 14.82 -41.00
C PRO F 414 23.86 15.44 -42.28
N GLU F 415 25.09 15.09 -42.66
CA GLU F 415 25.71 15.59 -43.88
C GLU F 415 25.02 15.00 -45.11
N ALA F 416 24.60 13.73 -45.04
CA ALA F 416 23.88 13.09 -46.14
C ALA F 416 22.48 13.68 -46.26
N ASP F 417 21.81 14.01 -45.13
CA ASP F 417 20.50 14.66 -45.12
C ASP F 417 20.54 15.97 -45.92
N LYS F 418 21.59 16.77 -45.71
CA LYS F 418 21.79 18.04 -46.39
C LYS F 418 21.93 17.85 -47.90
N ILE F 419 22.69 16.82 -48.33
CA ILE F 419 22.87 16.50 -49.74
C ILE F 419 21.54 16.06 -50.35
N PHE F 420 20.77 15.21 -49.65
CA PHE F 420 19.47 14.75 -50.13
C PHE F 420 18.50 15.92 -50.30
N LEU F 421 18.53 16.91 -49.39
CA LEU F 421 17.66 18.08 -49.50
C LEU F 421 18.04 18.94 -50.71
N GLU F 422 19.34 19.03 -51.01
CA GLU F 422 19.83 19.77 -52.17
C GLU F 422 19.48 19.04 -53.48
N ARG F 423 19.43 17.70 -53.45
CA ARG F 423 19.13 16.88 -54.63
C ARG F 423 17.63 16.56 -54.80
N ASN F 424 16.76 17.11 -53.92
CA ASN F 424 15.31 16.87 -53.92
C ASN F 424 15.01 15.39 -53.77
N ILE F 425 15.59 14.79 -52.73
CA ILE F 425 15.38 13.40 -52.37
C ILE F 425 14.66 13.41 -51.05
N MET F 426 13.49 12.76 -50.98
CA MET F 426 12.70 12.75 -49.76
C MET F 426 13.13 11.66 -48.81
N VAL F 427 13.58 12.03 -47.60
CA VAL F 427 13.95 11.04 -46.60
C VAL F 427 12.83 10.92 -45.56
N ILE F 428 12.15 9.76 -45.50
CA ILE F 428 11.10 9.50 -44.52
C ILE F 428 11.84 9.06 -43.25
N PRO F 429 11.82 9.88 -42.19
CA PRO F 429 12.68 9.61 -41.03
C PRO F 429 12.27 8.45 -40.14
N ASP F 430 13.29 7.87 -39.49
CA ASP F 430 13.22 6.75 -38.56
C ASP F 430 12.31 7.05 -37.35
N LEU F 431 12.29 8.31 -36.89
CA LEU F 431 11.44 8.75 -35.79
C LEU F 431 9.97 8.42 -36.04
N TYR F 432 9.57 8.44 -37.33
CA TYR F 432 8.23 8.13 -37.77
C TYR F 432 8.15 6.69 -38.34
N LEU F 433 8.98 6.38 -39.35
CA LEU F 433 8.91 5.12 -40.09
C LEU F 433 9.23 3.88 -39.27
N ASN F 434 10.12 4.01 -38.27
CA ASN F 434 10.49 2.88 -37.42
C ASN F 434 9.64 2.87 -36.11
N ALA F 435 8.42 3.44 -36.12
CA ALA F 435 7.61 3.50 -34.89
C ALA F 435 6.41 2.52 -34.88
N GLY F 436 6.44 1.51 -35.75
CA GLY F 436 5.37 0.50 -35.83
C GLY F 436 5.38 -0.47 -34.68
N GLY F 437 6.57 -0.85 -34.24
CA GLY F 437 6.72 -1.76 -33.11
C GLY F 437 6.35 -1.08 -31.81
N VAL F 438 6.69 0.22 -31.69
CA VAL F 438 6.38 1.09 -30.54
C VAL F 438 4.85 1.29 -30.44
N THR F 439 4.16 1.39 -31.58
CA THR F 439 2.72 1.57 -31.64
C THR F 439 1.98 0.31 -31.17
N VAL F 440 2.40 -0.87 -31.66
CA VAL F 440 1.77 -2.13 -31.25
C VAL F 440 2.20 -2.50 -29.79
N SER F 441 3.31 -1.91 -29.29
CA SER F 441 3.71 -2.07 -27.88
C SER F 441 2.65 -1.46 -26.98
N TYR F 442 2.19 -0.27 -27.35
CA TYR F 442 1.16 0.48 -26.66
C TYR F 442 -0.13 -0.36 -26.61
N PHE F 443 -0.49 -0.98 -27.73
CA PHE F 443 -1.67 -1.83 -27.83
C PHE F 443 -1.53 -3.09 -26.98
N GLU F 444 -0.32 -3.66 -26.84
CA GLU F 444 -0.12 -4.84 -25.98
C GLU F 444 -0.31 -4.46 -24.52
N TRP F 445 0.21 -3.29 -24.11
CA TRP F 445 0.07 -2.76 -22.75
C TRP F 445 -1.41 -2.51 -22.48
N LEU F 446 -2.13 -1.93 -23.46
CA LEU F 446 -3.57 -1.69 -23.34
C LEU F 446 -4.33 -3.01 -23.22
N LYS F 447 -3.97 -4.03 -24.01
CA LYS F 447 -4.57 -5.35 -23.97
C LYS F 447 -4.45 -5.96 -22.58
N ASN F 448 -3.27 -5.81 -21.94
CA ASN F 448 -3.08 -6.34 -20.59
C ASN F 448 -3.88 -5.55 -19.54
N LEU F 449 -4.07 -4.26 -19.75
CA LEU F 449 -4.89 -3.43 -18.87
C LEU F 449 -6.37 -3.83 -19.02
N ASN F 450 -6.80 -4.05 -20.29
CA ASN F 450 -8.17 -4.46 -20.63
C ASN F 450 -8.50 -5.85 -20.12
N HIS F 451 -7.48 -6.74 -20.04
CA HIS F 451 -7.61 -8.13 -19.60
C HIS F 451 -8.48 -8.96 -20.55
N VAL F 452 -8.50 -8.58 -21.84
CA VAL F 452 -9.29 -9.23 -22.87
C VAL F 452 -8.64 -8.97 -24.23
N SER F 453 -8.79 -9.93 -25.15
CA SER F 453 -8.26 -9.76 -26.50
C SER F 453 -9.15 -8.78 -27.28
N TYR F 454 -8.58 -8.05 -28.24
CA TYR F 454 -9.34 -7.08 -29.02
C TYR F 454 -10.41 -7.73 -29.87
N GLY F 455 -11.62 -7.19 -29.78
CA GLY F 455 -12.75 -7.64 -30.57
C GLY F 455 -13.54 -8.81 -30.03
N ARG F 456 -13.02 -9.52 -29.03
CA ARG F 456 -13.64 -10.69 -28.39
C ARG F 456 -15.18 -10.56 -28.21
N LEU F 457 -15.68 -9.41 -27.72
CA LEU F 457 -17.11 -9.24 -27.50
C LEU F 457 -17.87 -8.55 -28.63
N THR F 458 -17.16 -7.99 -29.62
CA THR F 458 -17.85 -7.22 -30.69
C THR F 458 -17.78 -7.82 -32.10
N PHE F 459 -16.94 -8.83 -32.38
CA PHE F 459 -16.86 -9.41 -33.73
C PHE F 459 -18.19 -10.01 -34.19
N LYS F 460 -18.84 -10.83 -33.36
CA LYS F 460 -20.11 -11.46 -33.67
C LYS F 460 -21.21 -10.38 -33.78
N TYR F 461 -21.16 -9.32 -32.95
CA TYR F 461 -22.11 -8.22 -33.00
C TYR F 461 -21.99 -7.49 -34.34
N GLU F 462 -20.75 -7.23 -34.79
CA GLU F 462 -20.49 -6.53 -36.05
C GLU F 462 -20.97 -7.37 -37.23
N ARG F 463 -20.71 -8.68 -37.19
CA ARG F 463 -21.12 -9.64 -38.20
C ARG F 463 -22.64 -9.64 -38.37
N ASP F 464 -23.40 -9.67 -37.25
CA ASP F 464 -24.85 -9.68 -37.32
C ASP F 464 -25.38 -8.37 -37.87
N SER F 465 -24.75 -7.24 -37.54
CA SER F 465 -25.18 -5.94 -38.05
C SER F 465 -24.99 -5.86 -39.57
N ASN F 466 -23.87 -6.41 -40.06
CA ASN F 466 -23.55 -6.44 -41.48
C ASN F 466 -24.58 -7.26 -42.24
N TYR F 467 -24.95 -8.42 -41.69
CA TYR F 467 -25.95 -9.28 -42.32
C TYR F 467 -27.32 -8.63 -42.31
N HIS F 468 -27.67 -7.96 -41.22
CA HIS F 468 -28.93 -7.23 -41.08
C HIS F 468 -29.01 -6.08 -42.09
N LEU F 469 -27.87 -5.42 -42.38
CA LEU F 469 -27.81 -4.33 -43.36
C LEU F 469 -28.03 -4.88 -44.76
N LEU F 470 -27.39 -6.01 -45.10
CA LEU F 470 -27.55 -6.62 -46.40
C LEU F 470 -28.99 -7.15 -46.57
N MET F 471 -29.57 -7.70 -45.51
CA MET F 471 -30.95 -8.19 -45.52
C MET F 471 -31.93 -7.04 -45.69
N SER F 472 -31.62 -5.87 -45.13
CA SER F 472 -32.46 -4.68 -45.24
C SER F 472 -32.46 -4.16 -46.67
N VAL F 473 -31.30 -4.21 -47.35
CA VAL F 473 -31.19 -3.79 -48.74
C VAL F 473 -31.98 -4.75 -49.62
N GLN F 474 -31.83 -6.06 -49.37
CA GLN F 474 -32.54 -7.10 -50.12
C GLN F 474 -34.05 -6.96 -49.99
N GLU F 475 -34.55 -6.80 -48.76
CA GLU F 475 -35.99 -6.68 -48.52
C GLU F 475 -36.56 -5.41 -49.13
N SER F 476 -35.82 -4.31 -49.03
CA SER F 476 -36.27 -3.04 -49.59
C SER F 476 -36.38 -3.12 -51.11
N LEU F 477 -35.41 -3.77 -51.76
CA LEU F 477 -35.41 -3.90 -53.22
C LEU F 477 -36.47 -4.87 -53.68
N GLU F 478 -36.69 -5.97 -52.95
CA GLU F 478 -37.74 -6.93 -53.33
C GLU F 478 -39.13 -6.27 -53.21
N ARG F 479 -39.30 -5.37 -52.24
CA ARG F 479 -40.52 -4.62 -52.02
C ARG F 479 -40.75 -3.60 -53.17
N LYS F 480 -39.67 -2.96 -53.63
CA LYS F 480 -39.73 -1.95 -54.68
C LYS F 480 -39.94 -2.56 -56.07
N PHE F 481 -39.27 -3.68 -56.37
CA PHE F 481 -39.35 -4.29 -57.71
C PHE F 481 -40.26 -5.54 -57.75
N ILE F 488 -33.82 -11.00 -55.03
CA ILE F 488 -32.61 -10.19 -55.23
C ILE F 488 -31.62 -10.47 -54.09
N PRO F 489 -30.85 -11.57 -54.16
CA PRO F 489 -29.94 -11.89 -53.05
C PRO F 489 -28.82 -10.88 -52.84
N ILE F 490 -28.73 -10.33 -51.63
CA ILE F 490 -27.66 -9.40 -51.30
C ILE F 490 -26.75 -10.14 -50.31
N VAL F 491 -25.61 -10.64 -50.80
CA VAL F 491 -24.68 -11.42 -49.99
C VAL F 491 -23.28 -10.77 -49.97
N PRO F 492 -22.44 -11.08 -48.96
CA PRO F 492 -21.10 -10.49 -48.92
C PRO F 492 -20.21 -11.00 -50.05
N THR F 493 -19.22 -10.19 -50.46
CA THR F 493 -18.25 -10.63 -51.45
C THR F 493 -17.39 -11.77 -50.86
N ALA F 494 -16.63 -12.50 -51.70
CA ALA F 494 -15.76 -13.56 -51.20
C ALA F 494 -14.72 -13.01 -50.20
N GLU F 495 -14.25 -11.78 -50.44
CA GLU F 495 -13.27 -11.10 -49.60
C GLU F 495 -13.89 -10.67 -48.28
N PHE F 496 -15.12 -10.14 -48.31
CA PHE F 496 -15.82 -9.71 -47.10
C PHE F 496 -16.17 -10.93 -46.24
N GLN F 497 -16.60 -12.02 -46.86
CA GLN F 497 -16.93 -13.23 -46.12
C GLN F 497 -15.70 -13.78 -45.40
N ASP F 498 -14.54 -13.73 -46.05
CA ASP F 498 -13.29 -14.19 -45.45
C ASP F 498 -12.87 -13.31 -44.27
N ARG F 499 -13.12 -11.98 -44.38
CA ARG F 499 -12.82 -11.02 -43.33
C ARG F 499 -13.70 -11.31 -42.12
N ILE F 500 -14.99 -11.58 -42.35
CA ILE F 500 -15.95 -11.88 -41.29
C ILE F 500 -15.60 -13.21 -40.60
N SER F 501 -15.34 -14.27 -41.37
CA SER F 501 -15.05 -15.59 -40.83
C SER F 501 -13.72 -15.66 -40.06
N GLY F 502 -12.69 -15.01 -40.58
CA GLY F 502 -11.37 -15.04 -39.96
C GLY F 502 -11.09 -13.90 -39.00
N ALA F 503 -12.12 -13.11 -38.65
CA ALA F 503 -11.97 -11.96 -37.77
C ALA F 503 -11.34 -12.31 -36.44
N SER F 504 -10.16 -11.75 -36.17
CA SER F 504 -9.46 -11.99 -34.92
C SER F 504 -8.70 -10.71 -34.48
N GLU F 505 -8.08 -10.74 -33.28
CA GLU F 505 -7.33 -9.62 -32.70
C GLU F 505 -6.36 -8.93 -33.68
N LYS F 506 -5.57 -9.70 -34.46
CA LYS F 506 -4.58 -9.13 -35.37
C LYS F 506 -5.18 -8.10 -36.34
N ASP F 507 -6.45 -8.29 -36.74
CA ASP F 507 -7.12 -7.37 -37.67
C ASP F 507 -7.36 -6.00 -37.03
N ILE F 508 -7.66 -5.96 -35.73
CA ILE F 508 -7.86 -4.71 -35.02
C ILE F 508 -6.50 -4.03 -34.75
N VAL F 509 -5.46 -4.83 -34.45
CA VAL F 509 -4.12 -4.29 -34.22
C VAL F 509 -3.59 -3.68 -35.52
N HIS F 510 -3.78 -4.38 -36.64
CA HIS F 510 -3.36 -3.89 -37.95
C HIS F 510 -4.07 -2.60 -38.31
N SER F 511 -5.39 -2.52 -38.08
CA SER F 511 -6.15 -1.30 -38.35
C SER F 511 -5.65 -0.16 -37.44
N GLY F 512 -5.40 -0.46 -36.17
CA GLY F 512 -4.89 0.50 -35.21
C GLY F 512 -3.51 1.03 -35.58
N LEU F 513 -2.67 0.18 -36.19
CA LEU F 513 -1.32 0.57 -36.61
C LEU F 513 -1.42 1.41 -37.86
N ALA F 514 -2.27 0.99 -38.84
CA ALA F 514 -2.45 1.72 -40.08
C ALA F 514 -3.04 3.10 -39.80
N TYR F 515 -3.98 3.19 -38.86
CA TYR F 515 -4.59 4.47 -38.50
C TYR F 515 -3.57 5.40 -37.86
N THR F 516 -2.72 4.86 -36.97
CA THR F 516 -1.71 5.64 -36.29
C THR F 516 -0.71 6.19 -37.29
N MET F 517 -0.22 5.33 -38.21
CA MET F 517 0.75 5.74 -39.23
C MET F 517 0.19 6.80 -40.16
N GLU F 518 -1.09 6.71 -40.49
CA GLU F 518 -1.77 7.64 -41.38
C GLU F 518 -1.99 8.99 -40.69
N ARG F 519 -2.44 8.98 -39.43
CA ARG F 519 -2.67 10.21 -38.68
C ARG F 519 -1.37 10.96 -38.43
N SER F 520 -0.29 10.22 -38.11
CA SER F 520 1.03 10.80 -37.84
C SER F 520 1.67 11.33 -39.10
N ALA F 521 1.44 10.69 -40.27
CA ALA F 521 1.99 11.19 -41.53
C ALA F 521 1.39 12.54 -41.84
N ARG F 522 0.05 12.68 -41.69
CA ARG F 522 -0.63 13.95 -41.96
C ARG F 522 -0.19 15.04 -40.97
N GLN F 523 0.08 14.67 -39.71
CA GLN F 523 0.58 15.60 -38.70
C GLN F 523 1.96 16.11 -39.09
N ILE F 524 2.84 15.21 -39.56
CA ILE F 524 4.20 15.57 -40.00
C ILE F 524 4.13 16.45 -41.27
N MET F 525 3.23 16.13 -42.21
CA MET F 525 3.07 16.93 -43.42
C MET F 525 2.61 18.35 -43.06
N ARG F 526 1.66 18.46 -42.12
CA ARG F 526 1.14 19.76 -41.68
C ARG F 526 2.22 20.56 -40.93
N THR F 527 3.09 19.87 -40.17
CA THR F 527 4.18 20.56 -39.46
C THR F 527 5.20 21.08 -40.47
N ALA F 528 5.50 20.27 -41.51
CA ALA F 528 6.46 20.67 -42.54
C ALA F 528 5.92 21.86 -43.35
N MET F 529 4.61 21.91 -43.57
CA MET F 529 4.00 23.02 -44.31
C MET F 529 3.92 24.28 -43.43
N LYS F 530 3.66 24.12 -42.12
CA LYS F 530 3.57 25.21 -41.15
C LYS F 530 4.92 25.94 -41.01
N TYR F 531 6.03 25.19 -40.99
CA TYR F 531 7.36 25.78 -40.85
C TYR F 531 8.14 25.89 -42.16
N ASN F 532 7.49 25.62 -43.32
CA ASN F 532 8.12 25.72 -44.64
C ASN F 532 9.41 24.86 -44.71
N LEU F 533 9.30 23.59 -44.33
CA LEU F 533 10.42 22.65 -44.30
C LEU F 533 10.55 21.79 -45.57
N GLY F 534 9.54 21.79 -46.44
CA GLY F 534 9.56 21.03 -47.69
C GLY F 534 9.80 19.55 -47.54
N LEU F 535 10.90 19.02 -48.12
CA LEU F 535 11.24 17.61 -48.02
C LEU F 535 12.04 17.26 -46.76
N ASP F 536 12.22 18.22 -45.84
CA ASP F 536 12.93 17.97 -44.60
C ASP F 536 11.94 17.39 -43.61
N LEU F 537 11.52 16.14 -43.84
CA LEU F 537 10.57 15.46 -42.98
C LEU F 537 11.14 15.11 -41.61
N ARG F 538 12.48 14.95 -41.50
CA ARG F 538 13.10 14.63 -40.22
C ARG F 538 12.93 15.79 -39.25
N THR F 539 13.22 17.02 -39.69
CA THR F 539 13.06 18.19 -38.84
C THR F 539 11.57 18.38 -38.49
N ALA F 540 10.67 18.12 -39.45
CA ALA F 540 9.24 18.22 -39.21
C ALA F 540 8.81 17.22 -38.12
N ALA F 541 9.35 15.99 -38.16
CA ALA F 541 8.99 14.98 -37.17
C ALA F 541 9.52 15.35 -35.78
N TYR F 542 10.75 15.90 -35.70
CA TYR F 542 11.31 16.32 -34.42
C TYR F 542 10.56 17.52 -33.87
N VAL F 543 10.23 18.51 -34.72
CA VAL F 543 9.48 19.69 -34.32
C VAL F 543 8.08 19.27 -33.84
N ASN F 544 7.45 18.31 -34.52
CA ASN F 544 6.14 17.79 -34.16
C ASN F 544 6.19 17.15 -32.77
N ALA F 545 7.25 16.39 -32.49
CA ALA F 545 7.44 15.72 -31.22
C ALA F 545 7.70 16.72 -30.09
N ILE F 546 8.57 17.73 -30.34
CA ILE F 546 8.91 18.73 -29.34
C ILE F 546 7.70 19.63 -29.03
N GLU F 547 6.86 19.95 -30.02
CA GLU F 547 5.66 20.73 -29.80
C GLU F 547 4.71 20.01 -28.83
N LYS F 548 4.54 18.70 -29.03
CA LYS F 548 3.67 17.89 -28.19
C LYS F 548 4.21 17.75 -26.77
N VAL F 549 5.52 17.46 -26.61
CA VAL F 549 6.10 17.32 -25.27
C VAL F 549 6.06 18.66 -24.53
N PHE F 550 6.35 19.77 -25.24
CA PHE F 550 6.30 21.11 -24.66
C PHE F 550 4.92 21.43 -24.11
N ARG F 551 3.86 21.14 -24.89
CA ARG F 551 2.49 21.46 -24.50
C ARG F 551 2.08 20.71 -23.22
N VAL F 552 2.57 19.48 -23.03
CA VAL F 552 2.23 18.72 -21.83
C VAL F 552 2.83 19.42 -20.59
N TYR F 553 4.12 19.82 -20.64
CA TYR F 553 4.78 20.53 -19.55
C TYR F 553 4.15 21.89 -19.30
N ASN F 554 3.92 22.65 -20.38
CA ASN F 554 3.37 24.00 -20.30
C ASN F 554 1.97 24.02 -19.70
N GLU F 555 1.07 23.13 -20.14
CA GLU F 555 -0.30 23.14 -19.64
C GLU F 555 -0.44 22.41 -18.28
N ALA F 556 0.63 21.78 -17.76
CA ALA F 556 0.60 21.14 -16.45
C ALA F 556 1.09 22.08 -15.33
N GLY F 557 1.86 23.11 -15.67
CA GLY F 557 2.42 24.03 -14.70
C GLY F 557 3.75 23.54 -14.15
PB ADP G . 2.43 -8.12 30.64
O1B ADP G . 1.99 -7.86 32.07
O2B ADP G . 3.89 -7.78 30.41
O3B ADP G . 2.06 -9.50 30.15
PA ADP G . 0.52 -5.88 30.10
O1A ADP G . 0.75 -5.37 31.47
O2A ADP G . 0.50 -4.94 28.96
O3A ADP G . 1.55 -7.07 29.78
O5' ADP G . -0.86 -6.69 30.18
C5' ADP G . -1.43 -7.33 29.01
C4' ADP G . -2.54 -8.23 29.50
O4' ADP G . -2.81 -9.25 28.51
C3' ADP G . -2.25 -8.97 30.80
O3' ADP G . -3.42 -9.09 31.62
C2' ADP G . -1.73 -10.33 30.32
O2' ADP G . -1.91 -11.36 31.28
C1' ADP G . -2.59 -10.53 29.07
N9 ADP G . -1.97 -11.37 28.05
C8 ADP G . -0.64 -11.49 27.76
N7 ADP G . -0.38 -12.36 26.81
C5 ADP G . -1.62 -12.85 26.46
C6 ADP G . -2.03 -13.81 25.51
N6 ADP G . -1.20 -14.50 24.74
N1 ADP G . -3.36 -14.07 25.41
C2 ADP G . -4.21 -13.40 26.20
N3 ADP G . -3.94 -12.47 27.12
C4 ADP G . -2.62 -12.25 27.21
PB ADP H . 11.11 15.87 24.95
O1B ADP H . 12.29 16.66 25.51
O2B ADP H . 10.95 14.53 25.63
O3B ADP H . 9.83 16.67 24.90
PA ADP H . 12.83 15.86 22.52
O1A ADP H . 14.01 15.97 23.40
O2A ADP H . 12.85 14.89 21.40
O3A ADP H . 11.53 15.59 23.40
O5' ADP H . 12.54 17.33 21.98
C5' ADP H . 11.46 17.59 21.08
C4' ADP H . 11.28 19.08 20.99
O4' ADP H . 9.95 19.39 20.53
C3' ADP H . 11.45 19.83 22.32
O3' ADP H . 12.07 21.10 22.08
C2' ADP H . 10.00 19.96 22.82
O2' ADP H . 9.81 21.07 23.69
C1' ADP H . 9.24 20.14 21.50
N9 ADP H . 7.87 19.66 21.54
C8 ADP H . 7.36 18.60 22.26
N7 ADP H . 6.08 18.42 22.11
C5 ADP H . 5.70 19.42 21.23
C6 ADP H . 4.46 19.79 20.68
N6 ADP H . 3.31 19.16 20.95
N1 ADP H . 4.43 20.85 19.84
C2 ADP H . 5.56 21.49 19.58
N3 ADP H . 6.79 21.25 20.03
C4 ADP H . 6.80 20.19 20.86
PB ADP I . 25.03 -5.07 18.30
O1B ADP I . 24.42 -3.97 19.17
O2B ADP I . 25.85 -4.52 17.16
O3B ADP I . 25.77 -6.10 19.13
PA ADP I . 23.24 -7.38 17.75
O1A ADP I . 23.58 -7.93 19.08
O2A ADP I . 21.81 -7.36 17.33
O3A ADP I . 23.82 -5.90 17.62
O5' ADP I . 24.13 -8.18 16.69
C5' ADP I . 24.01 -7.91 15.28
C4' ADP I . 25.19 -8.54 14.57
O4' ADP I . 25.39 -7.89 13.30
C3' ADP I . 26.53 -8.44 15.31
O3' ADP I . 27.31 -9.61 15.14
C2' ADP I . 27.17 -7.20 14.68
O2' ADP I . 28.59 -7.21 14.77
C1' ADP I . 26.67 -7.30 13.24
N9 ADP I . 26.57 -6.02 12.56
C8 ADP I . 26.25 -4.80 13.11
N7 ADP I . 26.25 -3.81 12.24
C5 ADP I . 26.60 -4.41 11.05
C6 ADP I . 26.80 -3.91 9.75
N6 ADP I . 26.67 -2.62 9.42
N1 ADP I . 27.14 -4.78 8.78
C2 ADP I . 27.29 -6.07 9.09
N3 ADP I . 27.13 -6.66 10.29
C4 ADP I . 26.79 -5.77 11.22
PB ADP J . -26.07 1.51 -17.59
O1B ADP J . -26.45 2.69 -16.72
O2B ADP J . -25.10 1.86 -18.70
O3B ADP J . -27.28 0.73 -18.10
PA ADP J . -25.53 -1.09 -16.20
O1A ADP J . -24.23 -1.61 -15.72
O2A ADP J . -26.22 -1.79 -17.31
O3A ADP J . -25.34 0.45 -16.59
O5' ADP J . -26.58 -1.00 -15.01
C5' ADP J . -26.22 -0.39 -13.76
C4' ADP J . -27.50 -0.15 -12.98
O4' ADP J . -27.27 0.89 -12.00
C3' ADP J . -28.69 0.32 -13.81
O3' ADP J . -29.91 -0.25 -13.31
C2' ADP J . -28.65 1.84 -13.65
O2' ADP J . -29.92 2.46 -13.83
C1' ADP J . -28.14 1.98 -12.22
N9 ADP J . -27.40 3.21 -11.97
C8 ADP J . -26.62 3.91 -12.84
N7 ADP J . -26.10 5.01 -12.33
C5 ADP J . -26.58 5.03 -11.04
C6 ADP J . -26.42 5.94 -9.97
N6 ADP J . -25.70 7.07 -10.06
N1 ADP J . -27.05 5.67 -8.81
C2 ADP J . -27.79 4.56 -8.73
N3 ADP J . -28.01 3.64 -9.66
C4 ADP J . -27.38 3.93 -10.80
PB ADP K . -8.10 -15.00 -26.23
O1B ADP K . -8.36 -16.22 -25.38
O2B ADP K . -9.23 -13.99 -26.18
O3B ADP K . -7.68 -15.34 -27.64
PA ADP K . -5.36 -13.83 -26.18
O1A ADP K . -4.83 -12.77 -25.30
O2A ADP K . -5.46 -13.59 -27.64
O3A ADP K . -6.78 -14.28 -25.61
O5' ADP K . -4.51 -15.18 -26.01
C5' ADP K . -4.17 -15.66 -24.70
C4' ADP K . -3.65 -17.07 -24.85
O4' ADP K . -3.79 -17.77 -23.60
C3' ADP K . -4.36 -17.93 -25.90
O3' ADP K . -3.46 -18.77 -26.59
C2' ADP K . -5.38 -18.70 -25.07
O2' ADP K . -5.72 -19.95 -25.65
C1' ADP K . -4.63 -18.90 -23.76
N9 ADP K . -5.49 -19.03 -22.59
C8 ADP K . -6.70 -18.43 -22.38
N7 ADP K . -7.27 -18.76 -21.24
C5 ADP K . -6.36 -19.63 -20.66
C6 ADP K . -6.38 -20.34 -19.45
N6 ADP K . -7.38 -20.30 -18.57
N1 ADP K . -5.32 -21.14 -19.18
C2 ADP K . -4.32 -21.21 -20.06
N3 ADP K . -4.20 -20.59 -21.23
C4 ADP K . -5.26 -19.80 -21.48
PB ADP L . -4.72 10.43 -29.48
O1B ADP L . -3.21 10.52 -29.55
O2B ADP L . -5.24 9.02 -29.64
O3B ADP L . -5.42 11.41 -30.38
PA ADP L . -6.14 12.08 -27.42
O1A ADP L . -6.60 11.68 -26.07
O2A ADP L . -7.14 12.44 -28.44
O3A ADP L . -5.17 10.95 -28.02
O5' ADP L . -5.13 13.30 -27.30
C5' ADP L . -4.00 13.27 -26.40
C4' ADP L . -3.11 14.44 -26.75
O4' ADP L . -1.76 14.20 -26.28
C3' ADP L . -2.98 14.74 -28.24
O3' ADP L . -2.92 16.15 -28.44
C2' ADP L . -1.70 13.98 -28.62
O2' ADP L . -1.09 14.53 -29.79
C1' ADP L . -0.86 14.21 -27.36
N9 ADP L . 0.13 13.17 -27.13
C8 ADP L . 0.06 11.84 -27.43
N7 ADP L . 1.12 11.15 -27.11
C5 ADP L . 1.98 12.09 -26.57
C6 ADP L . 3.29 12.02 -26.07
N6 ADP L . 4.01 10.90 -26.03
N1 ADP L . 3.86 13.15 -25.60
C2 ADP L . 3.16 14.29 -25.66
N3 ADP L . 1.92 14.49 -26.12
C4 ADP L . 1.38 13.35 -26.56
#